data_6EOR
#
_entry.id   6EOR
#
_cell.length_a   119.357
_cell.length_b   117.212
_cell.length_c   163.396
_cell.angle_alpha   90.00
_cell.angle_beta   105.57
_cell.angle_gamma   90.00
#
_symmetry.space_group_name_H-M   'P 1 21 1'
#
loop_
_entity.id
_entity.type
_entity.pdbx_description
1 polymer 'Dipeptidyl peptidase 9'
2 non-polymer (2~{S})-2-azanyl-4-[4-[bis(4-fluorophenyl)methyl]piperazin-1-yl]-1-(1,3-dihydroisoindol-2-yl)butane-1,4-dione
3 water water
#
_entity_poly.entity_id   1
_entity_poly.type   'polypeptide(L)'
_entity_poly.pdbx_seq_one_letter_code
;MATTGTPTADRGDAAATDDPAARFQVQKHSWDGLRSIIHGSRKYSGLIVNKAPHDFQFVQKTDESGPHSHRLYYLGMPYG
SRENSLLYSEIPKKVRKEALLLLSWKQMLDHFQATPHHGVYSREEELLRERKRLGVFGITSYDFHSESGLFLFQASNSLF
HCRDGGKNGFMVSPMKPLEIKTQCSGPRMDPKICPADPAFFSFINNSDLWVANIETGEERRLTFCHQGLSNVLDDPKSAG
VATFVIQEEFDRFTGYWWCPTASWEGSEGLKTLRILYEEVDESEVEVIHVPSPALEERKTDSYRYPRTGSKNPKIALKLA
EFQTDSQGKIVSTQEKELVQPFSSLFPKVEYIARAGWTRDGKYAWAMFLDRPQQWLQLVLLPPALFIPSTENEEQRLASA
RAVPRNVQPYVVYEEVTNVWINVHDIFYPFPQSEGEDELCFLRANECKTGFCHLYKVTAVLKSQGYDWSEPFSPGEDEFK
CPIKEEIALTSGEWEVLARHGSKIWVNEETKLVYFQGTKDTPLEHHLYVVSYEAAGEIVRLTTPGFSHSCSMSQNFDMFV
SHYSSVSTPPCVHVYKLSGPDDDPLHKQPRFWASMMEAASCPPDYVPPEIFHFHTRSDVRLYGMIYKPHALQPGKKHPTV
LFVYGGPQVQLVNNSFKGIKYLRLNTLASLGYAVVVIDGRGSCQRGLRFEGALKNQMGQVEIEDQVEGLQFVAEKYGFID
LSRVAIHGWSYGGFLSLMGLIHKPQVFKVAIAGAPVTVWMAYDTGYTERYMDVPENNQHGYEAGSVALHVEKLPNEPNRL
LILHGFLDENVHFFHTNFLVSQLIRAGKPYQLQIYPNERHSIRCPESGEHYEVTLLHFLQEYLHHHHHH
;
_entity_poly.pdbx_strand_id   A,B,C,D
#
# COMPACT_ATOMS: atom_id res chain seq x y z
N ALA A 21 53.84 72.04 -9.22
CA ALA A 21 53.23 70.75 -8.77
C ALA A 21 53.60 70.46 -7.31
N ALA A 22 52.72 70.85 -6.38
CA ALA A 22 52.86 70.54 -4.93
C ALA A 22 52.14 69.25 -4.46
N ARG A 23 51.41 68.59 -5.37
CA ARG A 23 50.75 67.32 -5.07
C ARG A 23 51.76 66.17 -4.95
N PHE A 24 51.68 65.43 -3.86
CA PHE A 24 52.49 64.25 -3.62
C PHE A 24 51.95 63.06 -4.43
N GLN A 25 52.85 62.38 -5.14
CA GLN A 25 52.50 61.18 -5.91
C GLN A 25 53.09 59.93 -5.22
N VAL A 26 52.29 58.87 -5.09
CA VAL A 26 52.77 57.62 -4.48
C VAL A 26 53.70 56.92 -5.47
N GLN A 27 54.66 56.14 -4.97
CA GLN A 27 55.45 55.23 -5.82
C GLN A 27 54.52 54.21 -6.46
N LYS A 28 54.52 54.15 -7.80
CA LYS A 28 53.79 53.11 -8.53
C LYS A 28 54.62 51.84 -8.58
N HIS A 29 54.27 50.89 -7.71
CA HIS A 29 54.87 49.56 -7.68
C HIS A 29 54.16 48.59 -8.64
N SER A 30 54.90 47.57 -9.09
CA SER A 30 54.33 46.45 -9.84
C SER A 30 53.52 45.56 -8.89
N TRP A 31 52.79 44.61 -9.44
CA TRP A 31 51.95 43.71 -8.64
C TRP A 31 52.78 42.83 -7.69
N ASP A 32 53.94 42.34 -8.15
CA ASP A 32 54.85 41.61 -7.26
C ASP A 32 55.42 42.52 -6.17
N GLY A 33 55.67 43.78 -6.52
CA GLY A 33 56.05 44.81 -5.55
C GLY A 33 55.03 45.07 -4.46
N LEU A 34 53.78 45.29 -4.87
CA LEU A 34 52.68 45.46 -3.92
C LEU A 34 52.47 44.21 -3.04
N ARG A 35 52.55 43.04 -3.64
CA ARG A 35 52.39 41.78 -2.89
C ARG A 35 53.42 41.63 -1.77
N SER A 36 54.65 42.05 -2.04
CA SER A 36 55.73 41.98 -1.04
C SER A 36 55.59 43.04 0.06
N ILE A 37 55.13 44.24 -0.30
CA ILE A 37 54.80 45.29 0.68
C ILE A 37 53.74 44.83 1.70
N ILE A 38 52.66 44.20 1.21
CA ILE A 38 51.61 43.67 2.09
C ILE A 38 52.18 42.50 2.92
N HIS A 39 52.89 41.60 2.25
CA HIS A 39 53.49 40.44 2.92
C HIS A 39 54.51 40.85 3.99
N GLY A 40 55.22 41.95 3.73
CA GLY A 40 56.18 42.51 4.68
C GLY A 40 55.53 43.09 5.93
N SER A 41 54.40 43.77 5.76
CA SER A 41 53.72 44.42 6.88
C SER A 41 53.16 43.43 7.92
N ARG A 42 52.66 42.30 7.43
CA ARG A 42 52.00 41.28 8.26
C ARG A 42 52.96 40.29 8.94
N LYS A 43 54.25 40.32 8.58
CA LYS A 43 55.24 39.39 9.13
C LYS A 43 55.65 39.75 10.56
N ALA A 52 44.88 37.00 22.92
CA ALA A 52 45.17 37.50 24.26
C ALA A 52 44.26 36.85 25.31
N PRO A 53 44.65 36.89 26.60
CA PRO A 53 43.85 36.27 27.66
C PRO A 53 42.39 36.74 27.76
N HIS A 54 41.48 35.78 27.89
CA HIS A 54 40.05 36.07 28.01
C HIS A 54 39.29 34.91 28.68
N ASP A 55 38.04 35.19 29.06
CA ASP A 55 37.16 34.25 29.76
C ASP A 55 37.75 33.81 31.09
N PHE A 56 37.93 34.77 31.99
CA PHE A 56 38.63 34.53 33.26
C PHE A 56 37.77 33.84 34.31
N GLN A 57 38.42 33.06 35.16
CA GLN A 57 37.78 32.46 36.33
C GLN A 57 38.71 32.56 37.53
N PHE A 58 38.31 33.37 38.51
CA PHE A 58 39.06 33.52 39.75
C PHE A 58 38.65 32.45 40.76
N VAL A 59 39.58 31.55 41.08
CA VAL A 59 39.38 30.56 42.14
C VAL A 59 40.44 30.73 43.22
N GLN A 60 39.96 30.80 44.46
CA GLN A 60 40.79 31.02 45.64
C GLN A 60 41.22 29.69 46.24
N LYS A 61 42.32 29.71 46.99
CA LYS A 61 42.88 28.52 47.64
C LYS A 61 42.76 28.60 49.17
N SER A 65 47.60 26.61 53.15
CA SER A 65 48.07 27.88 52.61
C SER A 65 49.57 27.85 52.22
N GLY A 66 49.81 27.62 50.93
CA GLY A 66 51.16 27.71 50.33
C GLY A 66 51.44 29.11 49.78
N PRO A 67 52.25 29.23 48.72
CA PRO A 67 52.65 30.54 48.21
C PRO A 67 51.59 31.26 47.35
N HIS A 68 50.70 30.50 46.71
CA HIS A 68 49.74 31.04 45.74
C HIS A 68 48.38 31.26 46.38
N SER A 69 47.85 32.49 46.26
CA SER A 69 46.55 32.86 46.85
C SER A 69 45.37 32.42 45.98
N HIS A 70 45.42 32.78 44.70
CA HIS A 70 44.39 32.43 43.72
C HIS A 70 44.95 31.58 42.60
N ARG A 71 44.05 31.12 41.73
CA ARG A 71 44.41 30.63 40.41
C ARG A 71 43.48 31.28 39.39
N LEU A 72 44.07 31.88 38.35
CA LEU A 72 43.30 32.42 37.23
C LEU A 72 43.29 31.41 36.09
N TYR A 73 42.13 30.82 35.83
CA TYR A 73 41.93 30.01 34.64
C TYR A 73 41.45 30.93 33.51
N TYR A 74 41.85 30.63 32.28
CA TYR A 74 41.46 31.46 31.13
C TYR A 74 41.75 30.80 29.78
N LEU A 75 41.18 31.41 28.74
CA LEU A 75 41.48 31.03 27.36
C LEU A 75 42.54 31.97 26.80
N GLY A 76 43.47 31.41 26.04
CA GLY A 76 44.58 32.16 25.49
C GLY A 76 45.35 31.45 24.40
N MET A 77 45.95 32.24 23.51
CA MET A 77 46.66 31.75 22.33
C MET A 77 48.13 32.20 22.40
N PRO A 78 49.06 31.32 22.84
CA PRO A 78 50.49 31.68 22.89
C PRO A 78 51.19 31.76 21.52
N TYR A 79 52.42 32.28 21.51
CA TYR A 79 53.17 32.60 20.27
C TYR A 79 53.25 31.43 19.29
N ARG A 82 49.85 29.57 18.18
CA ARG A 82 49.43 28.46 17.33
C ARG A 82 47.91 28.22 17.34
N GLU A 83 47.34 27.92 18.51
CA GLU A 83 45.87 27.90 18.70
C GLU A 83 45.41 28.21 20.13
N ASN A 84 44.17 28.70 20.24
CA ASN A 84 43.56 29.05 21.53
C ASN A 84 43.27 27.79 22.35
N SER A 85 43.42 27.89 23.67
CA SER A 85 43.32 26.71 24.54
C SER A 85 43.16 27.08 26.02
N LEU A 86 42.79 26.10 26.82
CA LEU A 86 42.57 26.29 28.27
C LEU A 86 43.90 26.42 29.02
N LEU A 87 44.11 27.56 29.67
CA LEU A 87 45.35 27.87 30.38
C LEU A 87 45.07 28.32 31.80
N TYR A 88 46.14 28.42 32.60
CA TYR A 88 46.06 29.03 33.93
C TYR A 88 47.36 29.73 34.36
N SER A 89 47.21 30.68 35.28
CA SER A 89 48.34 31.31 35.95
C SER A 89 48.19 31.09 37.45
N GLU A 90 49.31 31.25 38.17
CA GLU A 90 49.36 31.09 39.63
C GLU A 90 49.62 32.44 40.27
N ILE A 91 48.61 32.98 40.95
CA ILE A 91 48.71 34.31 41.56
C ILE A 91 49.45 34.18 42.90
N PRO A 92 50.69 34.73 43.00
CA PRO A 92 51.52 34.49 44.17
C PRO A 92 51.31 35.54 45.27
N LYS A 93 52.21 35.57 46.26
CA LYS A 93 52.32 36.66 47.24
C LYS A 93 53.79 37.08 47.41
N LEU A 101 57.28 41.36 38.15
CA LEU A 101 56.55 40.09 38.36
C LEU A 101 55.54 39.79 37.23
N LEU A 102 55.88 38.83 36.38
CA LEU A 102 55.06 38.41 35.25
C LEU A 102 54.61 36.98 35.50
N LEU A 103 53.32 36.71 35.30
CA LEU A 103 52.76 35.38 35.54
C LEU A 103 52.95 34.47 34.33
N SER A 104 53.27 33.20 34.58
CA SER A 104 53.44 32.19 33.54
C SER A 104 52.09 31.64 33.08
N TRP A 105 51.97 31.42 31.77
CA TRP A 105 50.79 30.80 31.19
C TRP A 105 51.00 29.29 31.21
N LYS A 106 50.40 28.64 32.22
CA LYS A 106 50.53 27.19 32.41
C LYS A 106 49.52 26.45 31.54
N GLN A 107 49.98 25.42 30.84
CA GLN A 107 49.10 24.57 30.03
C GLN A 107 48.25 23.66 30.93
N MET A 108 46.94 23.69 30.72
CA MET A 108 45.97 22.90 31.50
C MET A 108 45.61 21.58 30.81
N LEU A 109 45.69 21.53 29.47
CA LEU A 109 45.42 20.31 28.70
C LEU A 109 46.68 19.77 28.02
N ASP A 110 46.79 18.44 27.93
CA ASP A 110 48.04 17.74 27.58
C ASP A 110 48.08 17.34 26.11
N HIS A 111 48.88 18.07 25.34
CA HIS A 111 49.10 17.82 23.89
C HIS A 111 47.76 17.68 23.15
N PHE A 112 46.90 18.67 23.35
CA PHE A 112 45.50 18.63 22.92
C PHE A 112 45.26 19.49 21.68
N GLN A 113 44.87 18.85 20.58
CA GLN A 113 44.49 19.52 19.34
C GLN A 113 42.97 19.73 19.35
N ALA A 114 42.55 20.92 19.78
CA ALA A 114 41.14 21.29 19.87
C ALA A 114 40.51 21.57 18.51
N THR A 115 41.31 22.10 17.59
CA THR A 115 40.85 22.41 16.23
C THR A 115 40.79 21.14 15.36
N PRO A 116 39.79 21.02 14.45
CA PRO A 116 39.68 19.85 13.55
C PRO A 116 40.74 19.74 12.44
N HIS A 117 40.51 18.86 11.47
CA HIS A 117 41.41 18.68 10.30
C HIS A 117 41.51 19.98 9.49
N HIS A 118 42.75 20.50 9.35
CA HIS A 118 43.05 21.89 8.96
C HIS A 118 42.34 22.85 9.94
N GLY A 119 41.07 23.15 9.68
CA GLY A 119 40.20 23.81 10.65
C GLY A 119 38.74 23.67 10.25
N VAL A 120 38.38 22.50 9.73
CA VAL A 120 37.06 22.29 9.14
C VAL A 120 36.06 21.96 10.25
N TYR A 121 35.39 22.99 10.75
CA TYR A 121 34.31 22.83 11.71
C TYR A 121 33.06 22.26 11.04
N SER A 122 32.14 21.72 11.85
CA SER A 122 30.86 21.24 11.34
C SER A 122 30.05 22.39 10.74
N ARG A 123 28.98 22.06 10.03
CA ARG A 123 28.19 23.08 9.35
C ARG A 123 27.55 24.08 10.32
N GLU A 124 27.05 23.58 11.45
CA GLU A 124 26.41 24.43 12.45
C GLU A 124 27.40 25.20 13.32
N GLU A 125 28.49 24.55 13.70
CA GLU A 125 29.50 25.18 14.55
C GLU A 125 30.22 26.36 13.85
N GLU A 126 30.52 26.22 12.56
CA GLU A 126 31.15 27.31 11.80
C GLU A 126 30.21 28.51 11.60
N LEU A 127 28.90 28.25 11.53
CA LEU A 127 27.91 29.33 11.53
C LEU A 127 27.73 29.97 12.91
N LEU A 128 27.82 29.15 13.96
CA LEU A 128 27.94 29.65 15.34
C LEU A 128 29.20 30.51 15.49
N ARG A 129 30.29 30.13 14.83
CA ARG A 129 31.54 30.91 14.80
C ARG A 129 31.45 32.23 13.99
N GLU A 130 30.64 32.24 12.93
CA GLU A 130 30.38 33.49 12.17
C GLU A 130 29.46 34.48 12.91
N ARG A 131 28.50 33.98 13.68
CA ARG A 131 27.57 34.84 14.44
C ARG A 131 28.26 35.64 15.54
N LYS A 132 29.17 34.99 16.25
CA LYS A 132 30.00 35.64 17.28
C LYS A 132 31.24 36.34 16.69
N ARG A 133 31.46 36.20 15.38
CA ARG A 133 32.69 36.62 14.69
C ARG A 133 33.97 36.04 15.29
N LEU A 134 33.92 34.77 15.67
CA LEU A 134 35.04 34.07 16.24
C LEU A 134 35.94 33.59 15.13
N GLY A 135 37.01 34.34 14.88
CA GLY A 135 38.02 34.00 13.89
C GLY A 135 39.33 33.55 14.52
N VAL A 136 39.22 32.58 15.44
CA VAL A 136 40.38 31.94 16.09
C VAL A 136 40.09 30.45 16.21
N PHE A 137 41.09 29.62 15.93
CA PHE A 137 40.96 28.16 15.97
C PHE A 137 41.26 27.64 17.39
N GLY A 138 40.54 26.59 17.80
CA GLY A 138 40.65 26.02 19.15
C GLY A 138 39.44 26.29 20.04
N ILE A 139 39.65 26.22 21.35
CA ILE A 139 38.55 26.27 22.34
C ILE A 139 38.06 27.71 22.52
N THR A 140 36.92 28.03 21.92
CA THR A 140 36.40 29.40 21.88
C THR A 140 35.69 29.78 23.19
N SER A 141 35.08 28.80 23.85
CA SER A 141 34.42 29.01 25.15
C SER A 141 34.45 27.75 26.01
N TYR A 142 34.12 27.92 27.28
CA TYR A 142 34.02 26.81 28.23
C TYR A 142 33.05 27.09 29.37
N ASP A 143 32.37 26.04 29.81
CA ASP A 143 31.51 26.12 30.98
C ASP A 143 32.27 25.59 32.18
N PHE A 144 31.95 26.13 33.35
CA PHE A 144 32.72 25.90 34.56
C PHE A 144 31.79 25.89 35.78
N HIS A 145 32.12 25.05 36.74
CA HIS A 145 31.35 24.88 37.97
C HIS A 145 32.34 24.98 39.14
N SER A 146 32.32 26.12 39.84
CA SER A 146 33.38 26.46 40.81
C SER A 146 33.45 25.59 42.07
N GLU A 147 32.33 24.97 42.45
CA GLU A 147 32.26 24.10 43.62
C GLU A 147 33.04 22.79 43.39
N SER A 148 32.77 22.15 42.24
CA SER A 148 33.35 20.84 41.88
C SER A 148 34.67 20.94 41.12
N GLY A 149 34.86 22.02 40.36
CA GLY A 149 36.04 22.20 39.51
C GLY A 149 35.89 21.60 38.12
N LEU A 150 34.64 21.49 37.65
CA LEU A 150 34.30 20.85 36.38
C LEU A 150 34.42 21.87 35.25
N PHE A 151 35.17 21.53 34.21
CA PHE A 151 35.28 22.31 32.97
C PHE A 151 34.66 21.50 31.86
N LEU A 152 33.81 22.14 31.05
CA LEU A 152 33.07 21.50 29.96
C LEU A 152 33.16 22.36 28.72
N PHE A 153 33.52 21.76 27.59
CA PHE A 153 33.82 22.52 26.37
C PHE A 153 33.78 21.67 25.09
N GLN A 154 33.53 22.32 23.96
CA GLN A 154 33.58 21.67 22.64
C GLN A 154 35.02 21.62 22.15
N ALA A 155 35.35 20.56 21.39
CA ALA A 155 36.66 20.41 20.73
C ALA A 155 36.61 19.28 19.72
N SER A 156 37.02 19.55 18.48
CA SER A 156 36.84 18.63 17.34
C SER A 156 35.35 18.26 17.20
N ASN A 157 35.01 16.98 17.08
CA ASN A 157 33.60 16.57 17.02
C ASN A 157 32.95 16.71 18.38
N SER A 158 33.41 15.90 19.33
CA SER A 158 32.72 15.69 20.60
C SER A 158 32.96 16.82 21.63
N LEU A 159 32.27 16.69 22.75
CA LEU A 159 32.51 17.48 23.95
C LEU A 159 33.64 16.86 24.74
N PHE A 160 34.27 17.69 25.57
CA PHE A 160 35.37 17.27 26.44
C PHE A 160 35.16 17.84 27.84
N HIS A 161 35.82 17.21 28.81
CA HIS A 161 35.86 17.74 30.18
C HIS A 161 37.15 17.38 30.91
N CYS A 162 37.43 18.14 31.97
CA CYS A 162 38.54 17.84 32.88
C CYS A 162 38.26 18.50 34.23
N ARG A 163 38.69 17.84 35.29
CA ARG A 163 38.39 18.24 36.66
C ARG A 163 39.64 18.88 37.29
N ASP A 164 39.45 20.02 37.95
CA ASP A 164 40.55 20.73 38.62
C ASP A 164 40.07 21.76 39.64
N GLY A 165 40.70 21.75 40.82
CA GLY A 165 40.40 22.71 41.88
C GLY A 165 39.36 22.17 42.85
N GLY A 166 39.37 22.71 44.06
CA GLY A 166 38.42 22.32 45.10
C GLY A 166 38.66 20.94 45.68
N LYS A 167 37.67 20.05 45.51
CA LYS A 167 37.66 18.72 46.15
C LYS A 167 38.50 17.67 45.41
N ASN A 168 38.76 17.89 44.11
CA ASN A 168 39.64 17.02 43.34
C ASN A 168 41.10 17.26 43.70
N GLY A 169 41.55 18.51 43.52
CA GLY A 169 42.94 18.92 43.78
C GLY A 169 43.54 19.64 42.58
N PHE A 170 44.41 20.60 42.85
CA PHE A 170 45.02 21.42 41.79
C PHE A 170 46.13 20.67 41.04
N MET A 171 46.03 20.61 39.71
CA MET A 171 47.06 20.05 38.87
C MET A 171 48.27 20.99 38.87
N VAL A 172 49.45 20.41 38.68
CA VAL A 172 50.67 21.19 38.38
C VAL A 172 51.32 20.72 37.06
N SER A 173 50.53 20.03 36.23
CA SER A 173 50.96 19.56 34.92
C SER A 173 49.74 19.51 33.98
N PRO A 174 49.95 19.62 32.65
CA PRO A 174 48.85 19.41 31.70
C PRO A 174 48.07 18.12 31.97
N MET A 175 46.75 18.22 32.05
CA MET A 175 45.87 17.07 32.29
C MET A 175 45.38 16.46 30.97
N LYS A 176 45.17 15.16 30.98
CA LYS A 176 44.53 14.46 29.86
C LYS A 176 43.04 14.87 29.84
N PRO A 177 42.56 15.49 28.72
CA PRO A 177 41.15 15.89 28.66
C PRO A 177 40.26 14.72 28.27
N LEU A 178 39.29 14.41 29.12
CA LEU A 178 38.46 13.20 28.96
C LEU A 178 37.35 13.41 27.93
N GLU A 179 37.15 12.44 27.04
CA GLU A 179 36.00 12.47 26.14
C GLU A 179 34.72 12.03 26.85
N ILE A 180 33.60 12.54 26.38
CA ILE A 180 32.26 12.12 26.79
C ILE A 180 31.62 11.53 25.54
N LYS A 181 31.27 10.25 25.61
CA LYS A 181 30.68 9.54 24.48
C LYS A 181 29.22 9.94 24.26
N THR A 182 28.74 9.64 23.07
CA THR A 182 27.33 9.83 22.71
C THR A 182 26.93 8.82 21.65
N GLN A 183 25.66 8.46 21.65
CA GLN A 183 25.06 7.71 20.56
C GLN A 183 24.08 8.59 19.76
N CYS A 184 24.17 9.91 19.97
CA CYS A 184 23.61 10.91 19.05
C CYS A 184 24.50 10.95 17.81
N SER A 185 23.90 11.12 16.64
CA SER A 185 24.64 11.06 15.38
C SER A 185 25.47 12.33 15.12
N GLY A 186 24.80 13.46 14.99
CA GLY A 186 25.44 14.72 14.57
C GLY A 186 26.22 15.45 15.65
N PRO A 187 26.50 16.75 15.45
CA PRO A 187 27.20 17.53 16.48
C PRO A 187 26.36 17.87 17.72
N ARG A 188 27.06 18.02 18.85
CA ARG A 188 26.45 18.38 20.13
C ARG A 188 26.81 19.81 20.50
N MET A 189 25.83 20.70 20.35
CA MET A 189 26.04 22.14 20.45
C MET A 189 25.67 22.65 21.84
N ASP A 190 26.30 23.76 22.24
CA ASP A 190 25.86 24.58 23.37
C ASP A 190 25.86 23.82 24.72
N PRO A 191 27.00 23.21 25.08
CA PRO A 191 27.06 22.49 26.35
C PRO A 191 27.01 23.41 27.56
N LYS A 192 26.27 22.99 28.59
CA LYS A 192 26.20 23.71 29.87
C LYS A 192 26.03 22.72 31.02
N ILE A 193 26.85 22.86 32.05
CA ILE A 193 26.76 22.02 33.24
C ILE A 193 25.50 22.43 33.99
N CYS A 194 24.84 21.47 34.63
CA CYS A 194 23.70 21.76 35.48
C CYS A 194 24.22 22.45 36.76
N PRO A 195 23.78 23.70 37.01
CA PRO A 195 24.24 24.42 38.21
C PRO A 195 23.85 23.74 39.53
N ALA A 196 22.65 23.17 39.60
CA ALA A 196 22.17 22.49 40.81
C ALA A 196 22.85 21.14 41.09
N ASP A 197 23.37 20.48 40.04
CA ASP A 197 24.02 19.16 40.17
C ASP A 197 25.10 18.96 39.09
N PRO A 198 26.40 18.98 39.48
CA PRO A 198 27.49 18.87 38.49
C PRO A 198 27.60 17.53 37.73
N ALA A 199 26.92 16.48 38.20
CA ALA A 199 26.82 15.21 37.48
C ALA A 199 26.16 15.36 36.10
N PHE A 200 25.23 16.31 35.99
CA PHE A 200 24.44 16.52 34.76
C PHE A 200 24.90 17.69 33.92
N PHE A 201 24.74 17.55 32.61
CA PHE A 201 24.93 18.64 31.67
C PHE A 201 23.90 18.51 30.53
N SER A 202 23.83 19.55 29.71
CA SER A 202 22.84 19.64 28.62
C SER A 202 23.52 20.02 27.32
N PHE A 203 22.86 19.70 26.21
CA PHE A 203 23.33 20.11 24.88
C PHE A 203 22.19 20.05 23.86
N ILE A 204 22.37 20.75 22.74
CA ILE A 204 21.46 20.63 21.60
C ILE A 204 22.03 19.57 20.67
N ASN A 205 21.15 18.72 20.17
CA ASN A 205 21.49 17.74 19.16
C ASN A 205 20.28 17.60 18.24
N ASN A 206 20.49 17.88 16.96
CA ASN A 206 19.42 17.90 15.94
C ASN A 206 18.18 18.72 16.35
N SER A 207 18.45 19.97 16.72
CA SER A 207 17.43 20.97 17.08
C SER A 207 16.51 20.59 18.28
N ASP A 208 17.03 19.79 19.20
CA ASP A 208 16.29 19.38 20.40
C ASP A 208 17.16 19.42 21.64
N LEU A 209 16.52 19.63 22.79
CA LEU A 209 17.23 19.68 24.07
C LEU A 209 17.59 18.27 24.54
N TRP A 210 18.86 18.03 24.83
CA TRP A 210 19.32 16.78 25.44
C TRP A 210 19.87 17.02 26.84
N VAL A 211 19.94 15.95 27.62
CA VAL A 211 20.56 15.94 28.95
C VAL A 211 21.33 14.65 29.11
N ALA A 212 22.55 14.75 29.64
CA ALA A 212 23.42 13.62 29.86
C ALA A 212 24.01 13.65 31.25
N ASN A 213 24.71 12.58 31.62
CA ASN A 213 25.33 12.43 32.95
C ASN A 213 26.77 12.00 32.76
N ILE A 214 27.72 12.86 33.13
CA ILE A 214 29.16 12.55 32.96
C ILE A 214 29.57 11.26 33.68
N GLU A 215 29.08 11.07 34.90
CA GLU A 215 29.56 9.99 35.77
C GLU A 215 29.09 8.62 35.29
N THR A 216 27.76 8.48 35.10
CA THR A 216 27.15 7.23 34.65
C THR A 216 27.16 7.03 33.13
N GLY A 217 27.45 8.09 32.38
CA GLY A 217 27.44 8.04 30.91
C GLY A 217 26.07 7.98 30.26
N GLU A 218 25.00 8.25 31.03
CA GLU A 218 23.63 8.15 30.53
C GLU A 218 23.24 9.40 29.72
N GLU A 219 22.45 9.18 28.67
CA GLU A 219 21.86 10.26 27.89
C GLU A 219 20.35 10.17 27.97
N ARG A 220 19.68 11.28 27.70
CA ARG A 220 18.22 11.33 27.62
C ARG A 220 17.77 12.58 26.88
N ARG A 221 17.02 12.38 25.80
CA ARG A 221 16.39 13.45 25.03
C ARG A 221 15.15 13.97 25.77
N LEU A 222 14.94 15.30 25.76
CA LEU A 222 13.80 15.97 26.45
C LEU A 222 12.74 16.65 25.55
N THR A 223 13.11 17.08 24.35
CA THR A 223 12.16 17.62 23.36
C THR A 223 12.18 16.79 22.09
N PHE A 224 11.05 16.83 21.37
CA PHE A 224 10.87 16.03 20.14
C PHE A 224 10.24 16.86 19.02
N CYS A 225 10.82 18.04 18.80
CA CYS A 225 10.40 18.94 17.71
C CYS A 225 10.93 18.49 16.33
N HIS A 226 12.16 17.99 16.28
CA HIS A 226 12.81 17.61 15.03
C HIS A 226 12.70 16.10 14.83
N GLN A 227 12.22 15.67 13.65
CA GLN A 227 12.17 14.24 13.27
C GLN A 227 13.56 13.62 13.21
N ASN A 231 14.29 17.43 8.50
CA ASN A 231 14.04 17.57 7.07
C ASN A 231 13.99 19.05 6.63
N VAL A 232 14.36 19.30 5.37
CA VAL A 232 14.60 20.67 4.83
C VAL A 232 13.52 21.75 5.07
N LEU A 233 12.37 21.69 4.41
CA LEU A 233 11.21 22.52 4.75
C LEU A 233 10.31 21.69 5.65
N ASP A 234 10.39 20.36 5.48
CA ASP A 234 9.40 19.42 6.06
C ASP A 234 9.48 19.31 7.58
N ASP A 235 10.59 19.75 8.16
CA ASP A 235 10.76 19.80 9.60
C ASP A 235 11.18 21.22 10.03
N PRO A 236 10.19 22.10 10.28
CA PRO A 236 10.42 23.47 10.76
C PRO A 236 10.53 23.62 12.28
N LYS A 237 10.13 22.59 13.02
CA LYS A 237 10.01 22.65 14.47
C LYS A 237 11.39 22.57 15.10
N SER A 238 11.58 23.25 16.23
CA SER A 238 12.90 23.23 16.89
C SER A 238 12.80 23.75 18.30
N ALA A 239 13.54 23.12 19.22
CA ALA A 239 13.52 23.47 20.63
C ALA A 239 14.94 23.65 21.16
N GLY A 240 15.12 24.65 22.02
CA GLY A 240 16.41 24.97 22.64
C GLY A 240 17.33 25.83 21.81
N VAL A 241 16.88 26.20 20.60
CA VAL A 241 17.71 26.88 19.60
C VAL A 241 17.40 28.37 19.61
N ALA A 242 18.39 29.18 19.26
CA ALA A 242 18.19 30.57 18.89
C ALA A 242 18.28 30.63 17.39
N THR A 243 17.22 31.13 16.74
CA THR A 243 17.14 31.15 15.27
C THR A 243 18.00 32.26 14.69
N PHE A 244 18.17 32.27 13.37
CA PHE A 244 19.12 33.18 12.69
C PHE A 244 19.12 34.64 13.24
N VAL A 245 17.96 35.31 13.14
CA VAL A 245 17.86 36.75 13.46
C VAL A 245 18.23 37.04 14.92
N ILE A 246 17.91 36.10 15.80
CA ILE A 246 18.17 36.24 17.22
C ILE A 246 19.69 36.21 17.44
N GLN A 247 20.38 35.30 16.77
CA GLN A 247 21.84 35.22 16.85
C GLN A 247 22.54 36.44 16.24
N GLU A 248 22.19 36.72 14.99
CA GLU A 248 22.77 37.83 14.17
C GLU A 248 22.46 39.23 14.71
N GLU A 249 21.19 39.50 15.02
CA GLU A 249 20.71 40.85 15.32
C GLU A 249 20.43 41.14 16.79
N PHE A 250 20.23 40.11 17.60
CA PHE A 250 19.93 40.30 19.03
C PHE A 250 21.00 39.78 20.01
N ASP A 251 22.03 39.11 19.49
CA ASP A 251 23.14 38.59 20.30
C ASP A 251 22.69 37.69 21.46
N ARG A 252 21.82 36.74 21.13
CA ARG A 252 21.46 35.62 21.98
C ARG A 252 21.84 34.37 21.19
N PHE A 253 22.81 33.62 21.70
CA PHE A 253 23.33 32.43 21.00
C PHE A 253 22.83 31.11 21.63
N THR A 254 22.10 31.21 22.74
CA THR A 254 21.44 30.06 23.36
C THR A 254 19.93 30.26 23.43
N GLY A 255 19.21 29.15 23.53
CA GLY A 255 17.75 29.17 23.65
C GLY A 255 17.25 28.22 24.71
N TYR A 256 18.08 27.99 25.73
CA TYR A 256 17.69 27.18 26.87
C TYR A 256 18.51 27.59 28.08
N TRP A 257 17.93 27.38 29.26
CA TRP A 257 18.44 27.91 30.52
C TRP A 257 18.15 26.93 31.67
N TRP A 258 19.20 26.39 32.29
CA TRP A 258 19.05 25.54 33.48
C TRP A 258 18.42 26.31 34.62
N CYS A 259 17.68 25.61 35.48
CA CYS A 259 17.24 26.19 36.75
C CYS A 259 18.44 26.11 37.68
N PRO A 260 18.71 27.18 38.48
CA PRO A 260 19.84 27.12 39.42
C PRO A 260 19.64 26.16 40.60
N THR A 261 18.39 25.93 40.99
CA THR A 261 18.05 25.09 42.14
C THR A 261 17.26 23.85 41.74
N ALA A 262 17.20 22.90 42.66
CA ALA A 262 16.45 21.65 42.50
C ALA A 262 15.38 21.50 43.59
N SER A 263 14.15 21.17 43.19
CA SER A 263 13.06 20.86 44.12
C SER A 263 12.87 19.34 44.24
N TRP A 264 12.16 18.92 45.30
CA TRP A 264 11.99 17.49 45.65
C TRP A 264 10.49 17.14 45.81
N GLU A 265 9.75 17.05 44.71
CA GLU A 265 8.29 16.81 44.75
C GLU A 265 7.87 15.40 45.22
N GLY A 266 6.99 15.34 46.22
CA GLY A 266 6.29 14.11 46.60
C GLY A 266 7.12 13.03 47.25
N LEU A 270 12.63 11.70 45.13
CA LEU A 270 13.34 12.08 43.92
C LEU A 270 13.73 13.57 43.88
N LYS A 271 14.65 13.88 42.98
CA LYS A 271 15.22 15.23 42.82
C LYS A 271 14.91 15.73 41.40
N THR A 272 14.19 16.85 41.29
CA THR A 272 13.81 17.40 39.98
C THR A 272 14.67 18.61 39.55
N LEU A 273 15.04 18.61 38.27
CA LEU A 273 15.85 19.66 37.67
C LEU A 273 15.08 20.18 36.48
N ARG A 274 14.84 21.50 36.44
CA ARG A 274 14.09 22.12 35.35
C ARG A 274 15.02 22.81 34.33
N ILE A 275 14.54 22.92 33.09
CA ILE A 275 15.20 23.72 32.05
C ILE A 275 14.16 24.57 31.30
N LEU A 276 14.34 25.89 31.37
CA LEU A 276 13.56 26.81 30.54
C LEU A 276 14.11 26.74 29.13
N TYR A 277 13.25 26.82 28.12
CA TYR A 277 13.69 26.82 26.73
C TYR A 277 12.68 27.43 25.78
N GLU A 278 13.19 28.04 24.72
CA GLU A 278 12.37 28.61 23.66
C GLU A 278 12.05 27.50 22.67
N GLU A 279 10.76 27.26 22.41
CA GLU A 279 10.32 26.49 21.24
C GLU A 279 10.16 27.42 20.05
N VAL A 280 10.44 26.89 18.87
CA VAL A 280 10.52 27.67 17.65
C VAL A 280 9.85 26.91 16.52
N ASP A 281 9.21 27.67 15.63
CA ASP A 281 8.44 27.15 14.51
C ASP A 281 8.69 28.10 13.31
N GLU A 282 9.60 27.69 12.43
CA GLU A 282 10.05 28.52 11.27
C GLU A 282 9.31 28.25 9.94
N SER A 283 8.06 27.79 10.01
CA SER A 283 7.32 27.27 8.84
C SER A 283 6.94 28.35 7.84
N GLU A 284 6.38 29.44 8.36
CA GLU A 284 5.93 30.58 7.57
C GLU A 284 7.05 31.61 7.28
N VAL A 285 8.28 31.27 7.66
CA VAL A 285 9.45 32.12 7.36
C VAL A 285 10.04 31.69 6.02
N GLU A 286 10.26 32.67 5.15
CA GLU A 286 10.74 32.43 3.79
C GLU A 286 12.10 31.77 3.75
N VAL A 287 12.26 30.80 2.86
CA VAL A 287 13.52 30.08 2.66
C VAL A 287 14.39 30.82 1.62
N ILE A 288 15.70 30.86 1.86
CA ILE A 288 16.69 31.35 0.87
C ILE A 288 17.90 30.42 0.80
N HIS A 289 18.42 30.23 -0.41
CA HIS A 289 19.52 29.30 -0.65
C HIS A 289 20.84 30.06 -0.76
N VAL A 290 21.84 29.63 -0.01
CA VAL A 290 23.16 30.25 -0.02
C VAL A 290 24.21 29.18 -0.32
N PRO A 291 25.17 29.46 -1.24
CA PRO A 291 26.16 28.45 -1.64
C PRO A 291 26.92 27.78 -0.48
N SER A 292 27.15 26.48 -0.60
CA SER A 292 27.96 25.75 0.35
C SER A 292 29.43 26.11 0.16
N PRO A 293 30.23 26.08 1.24
CA PRO A 293 31.71 26.11 1.10
C PRO A 293 32.27 24.91 0.33
N ALA A 294 31.53 23.80 0.29
CA ALA A 294 31.80 22.70 -0.63
C ALA A 294 31.49 23.17 -2.05
N LEU A 295 32.45 23.89 -2.62
CA LEU A 295 32.31 24.52 -3.93
C LEU A 295 32.30 23.44 -4.99
N GLU A 296 33.22 22.50 -4.83
CA GLU A 296 33.24 21.28 -5.65
C GLU A 296 31.89 20.49 -5.67
N GLU A 297 31.20 20.43 -4.52
CA GLU A 297 29.83 19.86 -4.44
C GLU A 297 28.82 20.62 -5.33
N ARG A 298 29.02 21.92 -5.49
CA ARG A 298 28.10 22.78 -6.24
C ARG A 298 26.69 22.79 -5.64
N LYS A 299 26.60 22.69 -4.32
CA LYS A 299 25.32 22.70 -3.63
C LYS A 299 25.18 23.95 -2.77
N THR A 300 23.97 24.15 -2.25
CA THR A 300 23.61 25.26 -1.37
C THR A 300 22.95 24.73 -0.09
N ASP A 301 22.70 25.65 0.83
CA ASP A 301 21.92 25.39 2.04
C ASP A 301 20.64 26.24 2.08
N SER A 302 19.53 25.60 2.46
CA SER A 302 18.32 26.28 2.86
C SER A 302 18.57 27.02 4.18
N TYR A 303 18.00 28.22 4.29
CA TYR A 303 18.08 29.05 5.49
C TYR A 303 16.73 29.68 5.67
N ARG A 304 16.20 29.65 6.88
CA ARG A 304 15.00 30.42 7.20
C ARG A 304 15.40 31.88 7.46
N TYR A 305 15.45 32.67 6.39
CA TYR A 305 15.85 34.09 6.44
C TYR A 305 14.62 35.01 6.40
N PRO A 306 14.30 35.65 7.53
CA PRO A 306 13.21 36.62 7.49
C PRO A 306 13.66 37.90 6.82
N ARG A 307 12.98 38.30 5.75
CA ARG A 307 13.11 39.64 5.20
C ARG A 307 12.40 40.62 6.10
N THR A 308 12.87 41.86 6.09
CA THR A 308 12.08 42.98 6.59
C THR A 308 10.65 42.89 6.04
N GLY A 309 9.67 42.95 6.93
CA GLY A 309 8.27 42.86 6.55
C GLY A 309 7.73 41.43 6.65
N SER A 310 8.49 40.47 6.14
CA SER A 310 8.11 39.07 6.19
C SER A 310 8.04 38.55 7.63
N LYS A 311 7.52 37.34 7.78
CA LYS A 311 7.20 36.79 9.09
C LYS A 311 8.43 36.26 9.84
N ASN A 312 8.55 36.65 11.11
CA ASN A 312 9.51 36.03 12.04
C ASN A 312 8.92 34.71 12.54
N PRO A 313 9.79 33.77 12.97
CA PRO A 313 9.30 32.49 13.48
C PRO A 313 8.28 32.63 14.62
N LYS A 314 7.35 31.68 14.71
CA LYS A 314 6.40 31.61 15.83
C LYS A 314 7.14 31.02 17.04
N ILE A 315 6.98 31.68 18.19
CA ILE A 315 7.80 31.40 19.39
C ILE A 315 6.98 31.09 20.64
N ALA A 316 7.60 30.34 21.54
CA ALA A 316 7.05 30.10 22.86
C ALA A 316 8.15 29.66 23.83
N LEU A 317 7.91 29.86 25.13
CA LEU A 317 8.74 29.31 26.19
C LEU A 317 8.05 28.08 26.76
N LYS A 318 8.86 27.07 27.06
CA LYS A 318 8.37 25.80 27.56
C LYS A 318 9.32 25.37 28.67
N LEU A 319 8.82 24.59 29.62
CA LEU A 319 9.65 23.97 30.64
C LEU A 319 9.96 22.52 30.28
N ALA A 320 11.13 22.06 30.71
CA ALA A 320 11.51 20.66 30.60
C ALA A 320 12.00 20.22 31.96
N GLU A 321 11.16 19.46 32.67
CA GLU A 321 11.54 18.89 33.98
C GLU A 321 12.09 17.49 33.78
N PHE A 322 12.88 17.04 34.75
CA PHE A 322 13.22 15.63 34.88
C PHE A 322 13.68 15.29 36.28
N GLN A 323 13.31 14.10 36.75
CA GLN A 323 13.63 13.63 38.10
C GLN A 323 14.81 12.68 38.09
N THR A 324 15.58 12.66 39.19
CA THR A 324 16.71 11.75 39.39
C THR A 324 16.73 11.15 40.82
N ASP A 325 17.47 10.05 40.96
CA ASP A 325 17.59 9.31 42.23
C ASP A 325 19.02 9.43 42.80
N SER A 326 19.34 8.66 43.85
CA SER A 326 20.67 8.67 44.47
C SER A 326 21.80 8.14 43.55
N GLN A 327 21.51 7.11 42.75
CA GLN A 327 22.46 6.60 41.74
C GLN A 327 22.73 7.59 40.59
N GLY A 328 21.84 8.56 40.42
CA GLY A 328 21.97 9.60 39.40
C GLY A 328 21.26 9.28 38.10
N LYS A 329 20.33 8.31 38.13
CA LYS A 329 19.59 7.91 36.93
C LYS A 329 18.37 8.80 36.73
N ILE A 330 18.09 9.12 35.47
CA ILE A 330 16.90 9.88 35.09
C ILE A 330 15.70 8.95 35.18
N VAL A 331 14.80 9.24 36.12
CA VAL A 331 13.60 8.43 36.37
C VAL A 331 12.53 8.77 35.33
N SER A 332 12.06 10.00 35.36
CA SER A 332 10.99 10.48 34.48
C SER A 332 11.38 11.81 33.88
N THR A 333 10.74 12.15 32.75
CA THR A 333 10.96 13.40 32.03
C THR A 333 9.61 13.97 31.59
N GLN A 334 9.49 15.29 31.58
CA GLN A 334 8.23 15.94 31.20
C GLN A 334 8.42 17.24 30.43
N GLU A 335 7.79 17.31 29.26
CA GLU A 335 7.51 18.59 28.62
C GLU A 335 6.42 19.30 29.43
N LYS A 336 6.59 20.60 29.64
CA LYS A 336 5.55 21.46 30.17
C LYS A 336 5.42 22.71 29.30
N GLU A 337 4.20 23.22 29.23
CA GLU A 337 3.89 24.42 28.48
C GLU A 337 3.05 25.36 29.34
N LEU A 338 2.92 26.60 28.88
CA LEU A 338 2.16 27.61 29.60
C LEU A 338 0.66 27.28 29.56
N VAL A 339 -0.02 27.48 30.69
CA VAL A 339 -1.43 27.11 30.85
C VAL A 339 -2.24 27.61 29.66
N GLN A 340 -2.08 28.90 29.39
CA GLN A 340 -2.59 29.50 28.17
C GLN A 340 -1.45 29.64 27.17
N PRO A 341 -1.77 29.70 25.85
CA PRO A 341 -0.71 29.81 24.86
C PRO A 341 0.12 31.09 25.01
N PHE A 342 1.41 30.99 24.71
CA PHE A 342 2.33 32.14 24.77
C PHE A 342 1.80 33.32 23.94
N SER A 343 1.26 33.02 22.76
CA SER A 343 0.75 34.05 21.85
C SER A 343 -0.48 34.83 22.37
N SER A 344 -1.20 34.30 23.37
CA SER A 344 -2.36 34.99 23.97
C SER A 344 -2.07 35.64 25.33
N LEU A 345 -1.18 35.05 26.13
CA LEU A 345 -0.72 35.69 27.38
C LEU A 345 0.07 36.97 27.12
N PHE A 346 0.83 36.96 26.04
CA PHE A 346 1.65 38.09 25.64
C PHE A 346 1.44 38.38 24.17
N PRO A 347 0.29 39.01 23.82
CA PRO A 347 0.08 39.43 22.44
C PRO A 347 1.00 40.61 22.08
N LYS A 348 1.30 40.74 20.79
CA LYS A 348 2.19 41.79 20.27
C LYS A 348 3.67 41.66 20.67
N VAL A 349 4.09 40.46 21.10
CA VAL A 349 5.48 40.15 21.41
C VAL A 349 6.03 39.36 20.23
N GLU A 350 7.14 39.83 19.67
CA GLU A 350 7.73 39.26 18.46
C GLU A 350 9.07 38.52 18.72
N TYR A 351 9.94 39.07 19.56
CA TYR A 351 11.25 38.48 19.85
C TYR A 351 11.44 38.28 21.36
N ILE A 352 11.92 37.11 21.75
CA ILE A 352 12.43 36.89 23.10
C ILE A 352 13.88 37.30 23.02
N ALA A 353 14.20 38.47 23.56
CA ALA A 353 15.55 38.99 23.58
C ALA A 353 16.45 38.14 24.47
N ARG A 354 16.08 38.00 25.74
CA ARG A 354 16.89 37.34 26.77
C ARG A 354 16.00 36.51 27.65
N ALA A 355 16.62 35.62 28.43
CA ALA A 355 15.92 34.90 29.48
C ALA A 355 16.87 34.26 30.48
N GLY A 356 16.30 33.83 31.59
CA GLY A 356 17.05 33.15 32.65
C GLY A 356 16.15 32.85 33.83
N TRP A 357 16.79 32.66 34.98
CA TRP A 357 16.09 32.48 36.26
C TRP A 357 16.53 33.51 37.30
N THR A 358 15.79 33.55 38.41
CA THR A 358 16.23 34.20 39.63
C THR A 358 17.13 33.20 40.37
N ARG A 359 17.98 33.70 41.27
CA ARG A 359 18.95 32.83 41.97
C ARG A 359 18.32 31.74 42.85
N ASP A 360 17.14 32.00 43.39
CA ASP A 360 16.38 30.99 44.16
C ASP A 360 15.65 29.91 43.32
N GLY A 361 15.47 30.15 42.02
CA GLY A 361 14.65 29.29 41.17
C GLY A 361 13.15 29.48 41.34
N LYS A 362 12.75 30.54 42.04
CA LYS A 362 11.35 30.84 42.32
C LYS A 362 10.67 31.44 41.09
N TYR A 363 11.46 32.06 40.21
CA TYR A 363 10.95 32.57 38.95
C TYR A 363 11.93 32.33 37.81
N ALA A 364 11.40 31.91 36.66
CA ALA A 364 12.08 32.08 35.36
C ALA A 364 11.76 33.50 34.89
N TRP A 365 12.54 34.04 33.96
CA TRP A 365 12.24 35.36 33.41
C TRP A 365 12.56 35.46 31.93
N ALA A 366 12.15 36.55 31.32
CA ALA A 366 12.50 36.84 29.93
C ALA A 366 12.37 38.34 29.61
N MET A 367 13.16 38.80 28.63
CA MET A 367 12.94 40.10 27.99
C MET A 367 12.14 39.91 26.69
N PHE A 368 11.00 40.58 26.60
CA PHE A 368 10.13 40.53 25.42
C PHE A 368 10.26 41.81 24.62
N LEU A 369 10.28 41.70 23.29
CA LEU A 369 10.23 42.87 22.39
C LEU A 369 9.07 42.81 21.41
N ASP A 370 8.51 43.99 21.08
CA ASP A 370 7.48 44.09 20.03
C ASP A 370 8.14 44.15 18.65
N ARG A 371 7.34 44.03 17.59
CA ARG A 371 7.90 44.00 16.22
C ARG A 371 8.67 45.27 15.82
N PRO A 372 8.13 46.48 16.14
CA PRO A 372 8.93 47.70 15.95
C PRO A 372 10.09 47.94 16.94
N GLN A 373 10.24 47.07 17.94
CA GLN A 373 11.33 47.16 18.90
C GLN A 373 11.36 48.54 19.55
N GLN A 374 10.20 49.00 20.01
CA GLN A 374 10.08 50.24 20.79
C GLN A 374 9.40 50.06 22.16
N TRP A 375 9.10 48.81 22.51
CA TRP A 375 8.33 48.44 23.68
C TRP A 375 8.97 47.17 24.19
N LEU A 376 9.79 47.29 25.25
CA LEU A 376 10.40 46.12 25.91
C LEU A 376 9.72 45.84 27.25
N GLN A 377 9.61 44.56 27.60
CA GLN A 377 9.04 44.12 28.89
C GLN A 377 9.90 43.05 29.56
N LEU A 378 9.96 43.11 30.88
CA LEU A 378 10.59 42.09 31.71
C LEU A 378 9.49 41.38 32.48
N VAL A 379 9.47 40.05 32.39
CA VAL A 379 8.39 39.24 32.95
C VAL A 379 8.95 38.12 33.82
N LEU A 380 8.30 37.85 34.94
CA LEU A 380 8.54 36.64 35.73
C LEU A 380 7.52 35.61 35.30
N LEU A 381 8.01 34.41 34.99
CA LEU A 381 7.17 33.24 34.68
C LEU A 381 7.41 32.18 35.76
N PRO A 382 6.53 32.13 36.78
CA PRO A 382 6.72 31.09 37.82
C PRO A 382 6.47 29.67 37.27
N PRO A 383 7.26 28.67 37.73
CA PRO A 383 7.12 27.27 37.28
C PRO A 383 5.70 26.68 37.35
N ALA A 384 4.95 27.02 38.41
CA ALA A 384 3.55 26.55 38.55
C ALA A 384 2.60 27.00 37.43
N LEU A 385 2.96 28.07 36.71
CA LEU A 385 2.26 28.48 35.48
C LEU A 385 2.47 27.54 34.28
N PHE A 386 3.34 26.53 34.42
CA PHE A 386 3.57 25.54 33.37
C PHE A 386 2.96 24.17 33.72
N ILE A 387 2.04 23.69 32.87
CA ILE A 387 1.36 22.39 33.03
C ILE A 387 1.85 21.39 31.97
N PRO A 388 1.88 20.08 32.28
CA PRO A 388 2.40 19.10 31.31
C PRO A 388 1.66 19.09 29.97
N SER A 389 2.39 19.23 28.87
CA SER A 389 1.81 19.24 27.52
C SER A 389 1.18 17.89 27.22
N THR A 390 -0.12 17.89 26.90
CA THR A 390 -0.88 16.66 26.66
C THR A 390 -1.74 16.79 25.40
N GLU A 391 -2.06 15.62 24.85
CA GLU A 391 -2.86 15.47 23.64
C GLU A 391 -4.34 15.87 23.77
N ASN A 392 -4.97 15.52 24.90
CA ASN A 392 -6.43 15.56 25.05
C ASN A 392 -6.96 16.92 25.48
N GLU A 393 -8.15 17.26 25.00
CA GLU A 393 -8.88 18.46 25.46
C GLU A 393 -9.37 18.28 26.90
N GLU A 394 -9.84 17.07 27.23
CA GLU A 394 -10.27 16.74 28.59
C GLU A 394 -9.13 16.79 29.63
N GLN A 395 -7.92 16.40 29.21
CA GLN A 395 -6.75 16.41 30.11
C GLN A 395 -6.18 17.81 30.35
N ARG A 396 -6.14 18.63 29.30
CA ARG A 396 -5.45 19.93 29.34
C ARG A 396 -6.13 20.96 30.26
N LEU A 397 -7.41 20.77 30.55
CA LEU A 397 -8.16 21.63 31.49
C LEU A 397 -8.11 21.11 32.94
N ALA A 398 -7.86 19.81 33.12
CA ALA A 398 -7.72 19.22 34.46
C ALA A 398 -6.50 19.77 35.19
N SER A 399 -5.35 19.73 34.51
CA SER A 399 -4.09 20.33 35.01
C SER A 399 -4.13 21.87 35.07
N ALA A 400 -4.88 22.49 34.16
CA ALA A 400 -5.17 23.94 34.19
C ALA A 400 -5.95 24.36 35.43
N ARG A 401 -7.09 23.71 35.65
CA ARG A 401 -7.87 23.86 36.89
C ARG A 401 -7.02 23.71 38.15
N ALA A 402 -6.11 22.74 38.11
CA ALA A 402 -5.18 22.47 39.21
C ALA A 402 -4.16 23.59 39.47
N VAL A 403 -3.89 24.44 38.47
CA VAL A 403 -3.00 25.60 38.67
C VAL A 403 -3.70 26.64 39.57
N PRO A 404 -3.03 27.10 40.66
CA PRO A 404 -3.57 28.12 41.56
C PRO A 404 -4.02 29.42 40.87
N ARG A 405 -5.02 30.09 41.44
CA ARG A 405 -5.45 31.43 40.97
C ARG A 405 -4.41 32.52 41.28
N ASN A 406 -3.61 32.32 42.33
CA ASN A 406 -2.60 33.29 42.76
C ASN A 406 -1.40 33.35 41.81
N VAL A 407 -1.09 32.23 41.16
CA VAL A 407 0.03 32.12 40.22
C VAL A 407 -0.31 32.88 38.95
N GLN A 408 0.64 33.67 38.47
CA GLN A 408 0.47 34.45 37.24
C GLN A 408 1.80 34.96 36.69
N PRO A 409 1.78 35.49 35.45
CA PRO A 409 2.91 36.27 34.97
C PRO A 409 2.89 37.71 35.52
N TYR A 410 3.96 38.07 36.23
CA TYR A 410 4.17 39.44 36.73
C TYR A 410 5.11 40.21 35.79
N VAL A 411 4.56 41.16 35.02
CA VAL A 411 5.40 42.05 34.19
C VAL A 411 6.07 43.08 35.12
N VAL A 412 7.32 42.81 35.45
CA VAL A 412 8.11 43.60 36.37
C VAL A 412 8.45 45.00 35.82
N TYR A 413 9.22 45.04 34.72
CA TYR A 413 9.74 46.29 34.14
C TYR A 413 9.31 46.48 32.68
N GLU A 414 9.20 47.73 32.26
CA GLU A 414 8.76 48.06 30.90
C GLU A 414 9.43 49.35 30.42
N GLU A 415 10.31 49.21 29.42
CA GLU A 415 11.03 50.32 28.80
C GLU A 415 10.33 50.71 27.49
N VAL A 416 10.16 52.02 27.28
CA VAL A 416 9.45 52.55 26.11
C VAL A 416 10.25 53.69 25.50
N THR A 417 10.16 53.86 24.18
CA THR A 417 10.91 54.90 23.45
C THR A 417 10.27 55.25 22.09
N ASN A 418 10.74 56.35 21.50
CA ASN A 418 10.40 56.74 20.13
C ASN A 418 11.53 56.45 19.12
N VAL A 419 12.70 56.04 19.62
CA VAL A 419 13.85 55.75 18.77
C VAL A 419 13.81 54.24 18.50
N TRP A 420 14.30 53.46 19.48
CA TRP A 420 14.30 52.01 19.44
C TRP A 420 14.93 51.49 20.70
N ILE A 421 14.54 50.28 21.06
CA ILE A 421 15.18 49.53 22.14
C ILE A 421 16.47 48.87 21.68
N ASN A 422 17.56 49.20 22.35
CA ASN A 422 18.76 48.38 22.33
C ASN A 422 18.66 47.35 23.44
N VAL A 423 18.95 46.10 23.15
CA VAL A 423 18.85 45.04 24.16
C VAL A 423 20.06 45.09 25.12
N HIS A 424 19.84 45.61 26.33
CA HIS A 424 20.87 45.69 27.37
C HIS A 424 20.86 44.44 28.24
N ASP A 425 22.05 43.89 28.48
CA ASP A 425 22.20 42.59 29.11
C ASP A 425 21.90 42.61 30.60
N ILE A 426 22.10 43.77 31.24
CA ILE A 426 22.15 43.87 32.70
C ILE A 426 20.78 43.74 33.39
N PHE A 427 20.64 42.65 34.16
CA PHE A 427 19.43 42.37 34.95
C PHE A 427 19.80 41.47 36.14
N TYR A 428 19.97 42.06 37.31
CA TYR A 428 20.40 41.33 38.51
C TYR A 428 19.28 41.34 39.57
N PRO A 429 18.52 40.23 39.68
CA PRO A 429 17.50 40.17 40.71
C PRO A 429 18.12 39.81 42.07
N PHE A 430 17.81 40.59 43.11
CA PHE A 430 18.19 40.20 44.47
C PHE A 430 17.17 39.19 45.00
N PRO A 431 17.57 38.39 46.00
CA PRO A 431 16.61 37.45 46.59
C PRO A 431 15.58 38.20 47.44
N GLN A 432 14.44 37.55 47.68
CA GLN A 432 13.26 38.19 48.28
C GLN A 432 13.12 37.92 49.78
N LEU A 439 9.78 42.17 44.62
CA LEU A 439 11.06 41.84 43.98
C LEU A 439 11.97 43.06 43.72
N CYS A 440 13.17 43.01 44.29
CA CYS A 440 14.23 44.01 44.09
C CYS A 440 15.23 43.55 43.00
N PHE A 441 15.64 44.46 42.12
CA PHE A 441 16.60 44.13 41.05
C PHE A 441 17.33 45.34 40.42
N LEU A 442 18.55 45.11 39.93
CA LEU A 442 19.32 46.11 39.17
C LEU A 442 19.10 45.95 37.69
N ARG A 443 18.87 47.06 37.01
CA ARG A 443 18.60 47.06 35.58
C ARG A 443 19.31 48.26 34.93
N ALA A 444 19.85 48.02 33.73
CA ALA A 444 20.37 49.07 32.86
C ALA A 444 19.22 49.62 32.04
N ASN A 445 19.26 50.91 31.71
CA ASN A 445 18.15 51.57 31.03
C ASN A 445 18.59 52.86 30.33
N GLU A 446 18.41 52.87 29.01
CA GLU A 446 18.77 53.99 28.14
C GLU A 446 17.57 54.88 27.79
N CYS A 447 16.38 54.29 27.67
CA CYS A 447 15.17 55.03 27.26
C CYS A 447 14.76 56.21 28.15
N LYS A 448 14.91 56.03 29.46
CA LYS A 448 14.46 57.00 30.45
C LYS A 448 15.05 58.39 30.20
N THR A 449 16.38 58.50 30.25
CA THR A 449 17.11 59.76 30.04
C THR A 449 17.61 59.98 28.62
N GLY A 450 17.79 58.88 27.88
CA GLY A 450 18.53 58.89 26.62
C GLY A 450 19.96 58.39 26.78
N PHE A 451 20.29 57.86 27.96
CA PHE A 451 21.62 57.33 28.25
C PHE A 451 21.54 56.09 29.15
N CYS A 452 22.26 55.04 28.78
CA CYS A 452 22.24 53.78 29.52
C CYS A 452 22.84 53.92 30.91
N HIS A 453 21.99 53.84 31.92
CA HIS A 453 22.38 53.95 33.33
C HIS A 453 21.78 52.84 34.17
N LEU A 454 22.42 52.54 35.29
CA LEU A 454 21.87 51.61 36.28
C LEU A 454 20.78 52.27 37.15
N TYR A 455 19.65 51.60 37.25
CA TYR A 455 18.61 51.94 38.22
C TYR A 455 18.43 50.75 39.13
N LYS A 456 18.13 51.02 40.40
CA LYS A 456 17.63 50.01 41.34
C LYS A 456 16.12 50.10 41.32
N VAL A 457 15.44 48.96 41.23
CA VAL A 457 13.97 48.95 41.09
C VAL A 457 13.36 47.90 42.03
N THR A 458 12.25 48.29 42.65
CA THR A 458 11.43 47.38 43.45
C THR A 458 10.06 47.28 42.78
N ALA A 459 9.65 46.06 42.43
CA ALA A 459 8.32 45.82 41.86
C ALA A 459 7.38 45.11 42.87
N VAL A 460 6.10 45.45 42.78
CA VAL A 460 5.05 44.91 43.65
C VAL A 460 4.40 43.72 42.96
N LEU A 461 4.54 42.56 43.59
CA LEU A 461 3.96 41.32 43.08
C LEU A 461 2.64 41.10 43.79
N LYS A 462 1.62 41.81 43.31
CA LYS A 462 0.28 41.69 43.83
C LYS A 462 -0.48 40.72 42.92
N SER A 463 -1.00 39.63 43.49
CA SER A 463 -1.79 38.63 42.74
C SER A 463 -3.28 39.01 42.55
N GLN A 464 -3.64 39.43 41.35
CA GLN A 464 -5.05 39.73 40.99
C GLN A 464 -6.03 38.54 41.07
N GLY A 465 -5.53 37.32 40.86
CA GLY A 465 -6.38 36.11 40.83
C GLY A 465 -6.99 35.90 39.45
N TYR A 466 -6.82 34.69 38.89
CA TYR A 466 -7.24 34.40 37.50
C TYR A 466 -7.89 33.03 37.34
N ASP A 467 -8.97 32.98 36.57
CA ASP A 467 -9.59 31.73 36.15
C ASP A 467 -8.71 31.08 35.07
N TRP A 468 -7.74 30.28 35.51
CA TRP A 468 -6.79 29.65 34.56
C TRP A 468 -7.36 28.52 33.70
N SER A 469 -8.50 27.95 34.11
CA SER A 469 -9.20 26.96 33.30
C SER A 469 -9.82 27.57 32.03
N GLU A 470 -10.64 28.60 32.21
CA GLU A 470 -11.35 29.27 31.10
C GLU A 470 -10.40 30.19 30.32
N PRO A 471 -10.54 30.25 28.97
CA PRO A 471 -9.57 30.92 28.08
C PRO A 471 -9.51 32.44 28.30
N PHE A 472 -8.29 32.96 28.44
CA PHE A 472 -8.07 34.34 28.88
C PHE A 472 -7.23 35.18 27.90
N SER A 473 -7.85 36.22 27.35
CA SER A 473 -7.16 37.29 26.61
C SER A 473 -7.07 38.55 27.47
N PRO A 474 -5.86 39.08 27.69
CA PRO A 474 -5.64 40.21 28.60
C PRO A 474 -5.97 41.58 27.99
N GLY A 475 -6.12 42.58 28.86
CA GLY A 475 -6.21 43.99 28.46
C GLY A 475 -4.84 44.55 28.16
N GLU A 476 -4.74 45.88 28.05
CA GLU A 476 -3.49 46.53 27.62
C GLU A 476 -2.30 46.29 28.57
N ASP A 477 -2.49 46.61 29.86
CA ASP A 477 -1.44 46.46 30.88
C ASP A 477 -1.87 45.45 31.95
N GLU A 478 -2.31 44.28 31.51
CA GLU A 478 -2.94 43.30 32.38
C GLU A 478 -2.03 42.75 33.48
N PHE A 479 -0.73 42.69 33.20
CA PHE A 479 0.24 42.09 34.12
C PHE A 479 1.26 43.05 34.73
N LYS A 480 1.24 44.33 34.35
CA LYS A 480 2.28 45.26 34.80
C LYS A 480 2.29 45.39 36.33
N CYS A 481 3.47 45.24 36.92
CA CYS A 481 3.64 45.38 38.36
C CYS A 481 3.64 46.86 38.73
N PRO A 482 3.12 47.20 39.92
CA PRO A 482 3.41 48.52 40.46
C PRO A 482 4.90 48.66 40.77
N ILE A 483 5.51 49.71 40.25
CA ILE A 483 6.90 50.03 40.56
C ILE A 483 6.87 50.77 41.89
N LYS A 484 7.31 50.11 42.95
CA LYS A 484 7.32 50.72 44.29
C LYS A 484 8.32 51.88 44.36
N GLU A 485 9.59 51.59 44.06
CA GLU A 485 10.60 52.64 43.87
C GLU A 485 11.53 52.35 42.69
N GLU A 486 12.19 53.41 42.24
CA GLU A 486 13.13 53.37 41.13
C GLU A 486 14.20 54.44 41.43
N ILE A 487 15.39 53.99 41.84
CA ILE A 487 16.47 54.90 42.19
C ILE A 487 17.49 54.96 41.06
N ALA A 488 17.85 56.19 40.65
CA ALA A 488 18.94 56.41 39.70
C ALA A 488 20.28 56.24 40.38
N LEU A 489 20.94 55.12 40.10
CA LEU A 489 22.25 54.81 40.68
C LEU A 489 23.36 55.55 39.95
N THR A 490 23.18 55.70 38.64
CA THR A 490 24.05 56.52 37.81
C THR A 490 23.23 57.52 36.99
N SER A 491 23.89 58.62 36.63
CA SER A 491 23.25 59.71 35.88
C SER A 491 24.33 60.50 35.13
N GLY A 492 23.97 61.02 33.96
CA GLY A 492 24.82 61.97 33.24
C GLY A 492 24.79 61.86 31.73
N GLU A 493 25.58 62.72 31.09
CA GLU A 493 25.76 62.72 29.63
C GLU A 493 26.86 61.70 29.26
N TRP A 494 26.63 60.45 29.58
CA TRP A 494 27.60 59.37 29.37
C TRP A 494 26.88 58.04 29.61
N GLU A 495 27.52 56.93 29.27
CA GLU A 495 26.83 55.64 29.32
C GLU A 495 27.52 54.49 30.05
N VAL A 496 26.69 53.70 30.72
CA VAL A 496 27.08 52.42 31.28
C VAL A 496 27.06 51.40 30.16
N LEU A 497 28.10 50.59 30.08
CA LEU A 497 28.20 49.57 29.07
C LEU A 497 27.37 48.36 29.47
N ALA A 498 26.43 47.97 28.62
CA ALA A 498 25.52 46.85 28.90
C ALA A 498 25.29 45.87 27.74
N ARG A 499 26.04 46.03 26.65
CA ARG A 499 25.85 45.24 25.43
C ARG A 499 27.19 44.60 25.08
N HIS A 500 27.17 43.71 24.09
CA HIS A 500 28.39 43.04 23.57
C HIS A 500 29.29 42.43 24.66
N GLY A 501 28.67 41.80 25.65
CA GLY A 501 29.39 41.13 26.72
C GLY A 501 29.82 42.00 27.89
N SER A 502 29.46 43.28 27.88
CA SER A 502 29.60 44.12 29.07
C SER A 502 28.56 43.67 30.10
N LYS A 503 28.93 43.84 31.36
CA LYS A 503 28.18 43.27 32.47
C LYS A 503 28.53 43.97 33.77
N ILE A 504 27.63 43.88 34.74
CA ILE A 504 27.91 44.31 36.11
C ILE A 504 28.32 43.10 36.97
N TRP A 505 29.09 43.39 38.02
CA TRP A 505 29.42 42.42 39.07
C TRP A 505 28.92 43.03 40.37
N VAL A 506 27.94 42.38 40.99
CA VAL A 506 27.27 42.88 42.18
C VAL A 506 27.84 42.16 43.40
N ASN A 507 28.35 42.92 44.38
CA ASN A 507 28.79 42.37 45.68
C ASN A 507 27.74 42.69 46.72
N GLU A 508 27.11 41.64 47.23
CA GLU A 508 26.00 41.78 48.17
C GLU A 508 26.40 42.13 49.61
N GLU A 509 27.59 41.72 50.04
CA GLU A 509 28.08 42.02 51.38
C GLU A 509 28.27 43.53 51.56
N THR A 510 28.99 44.15 50.61
CA THR A 510 29.36 45.57 50.65
C THR A 510 28.28 46.55 50.18
N LYS A 511 27.26 46.01 49.52
CA LYS A 511 26.18 46.77 48.86
C LYS A 511 26.68 47.63 47.67
N LEU A 512 27.75 47.16 47.01
CA LEU A 512 28.34 47.85 45.86
C LEU A 512 28.10 47.08 44.58
N VAL A 513 27.83 47.80 43.50
CA VAL A 513 27.74 47.22 42.16
C VAL A 513 28.87 47.79 41.32
N TYR A 514 29.65 46.90 40.72
CA TYR A 514 30.79 47.27 39.91
C TYR A 514 30.36 47.27 38.45
N PHE A 515 30.79 48.27 37.69
CA PHE A 515 30.41 48.40 36.27
C PHE A 515 31.43 49.16 35.39
N GLN A 516 31.33 48.95 34.08
CA GLN A 516 32.17 49.67 33.13
C GLN A 516 31.38 50.80 32.43
N GLY A 517 32.10 51.87 32.10
CA GLY A 517 31.45 53.08 31.59
C GLY A 517 32.37 54.09 30.95
N THR A 518 31.72 55.07 30.34
CA THR A 518 32.38 56.14 29.59
C THR A 518 32.35 57.47 30.35
N LYS A 519 32.21 57.42 31.67
CA LYS A 519 31.99 58.60 32.50
C LYS A 519 33.07 59.67 32.27
N ASP A 520 34.33 59.27 32.21
CA ASP A 520 35.42 60.20 31.91
C ASP A 520 35.41 60.72 30.48
N THR A 521 35.11 59.84 29.52
CA THR A 521 35.21 60.16 28.10
C THR A 521 34.67 59.02 27.23
N PRO A 522 34.00 59.35 26.09
CA PRO A 522 33.51 58.32 25.14
C PRO A 522 34.62 57.48 24.52
N LEU A 523 35.81 58.07 24.43
CA LEU A 523 36.98 57.43 23.89
C LEU A 523 37.58 56.33 24.77
N GLU A 524 37.13 56.20 26.02
CA GLU A 524 37.78 55.27 26.95
C GLU A 524 36.77 54.50 27.80
N HIS A 525 36.91 53.18 27.84
CA HIS A 525 36.15 52.37 28.78
C HIS A 525 36.88 52.34 30.10
N HIS A 526 36.14 52.48 31.20
CA HIS A 526 36.72 52.40 32.55
C HIS A 526 35.86 51.66 33.54
N LEU A 527 36.52 51.10 34.55
CA LEU A 527 35.87 50.37 35.61
C LEU A 527 35.44 51.36 36.71
N TYR A 528 34.18 51.29 37.14
CA TYR A 528 33.62 52.13 38.21
C TYR A 528 32.93 51.28 39.27
N VAL A 529 33.10 51.69 40.52
CA VAL A 529 32.38 51.07 41.64
C VAL A 529 31.38 52.10 42.14
N VAL A 530 30.17 51.64 42.45
CA VAL A 530 29.15 52.48 43.09
C VAL A 530 28.33 51.61 44.04
N SER A 531 27.78 52.24 45.08
CA SER A 531 26.89 51.55 46.00
C SER A 531 25.50 51.55 45.39
N TYR A 532 24.82 50.41 45.50
CA TYR A 532 23.40 50.36 45.15
C TYR A 532 22.49 50.62 46.36
N GLU A 533 23.06 50.63 47.56
CA GLU A 533 22.35 51.01 48.79
C GLU A 533 22.15 52.52 48.82
N ALA A 534 23.27 53.25 48.74
CA ALA A 534 23.28 54.71 48.67
C ALA A 534 23.89 55.08 47.32
N ALA A 535 23.04 55.55 46.41
CA ALA A 535 23.51 56.07 45.12
C ALA A 535 24.30 57.36 45.35
N GLY A 536 25.62 57.22 45.45
CA GLY A 536 26.47 58.34 45.84
C GLY A 536 27.73 58.45 45.01
N GLU A 537 28.88 58.47 45.70
CA GLU A 537 30.16 58.62 45.05
C GLU A 537 30.56 57.37 44.24
N ILE A 538 30.59 57.54 42.93
CA ILE A 538 31.17 56.60 42.01
C ILE A 538 32.69 56.80 42.08
N VAL A 539 33.43 55.70 42.18
CA VAL A 539 34.89 55.74 42.18
C VAL A 539 35.38 55.01 40.93
N ARG A 540 36.20 55.69 40.13
CA ARG A 540 36.88 55.09 39.00
C ARG A 540 38.04 54.25 39.51
N LEU A 541 38.25 53.08 38.92
CA LEU A 541 39.29 52.12 39.35
C LEU A 541 40.40 51.79 38.35
N THR A 542 40.19 52.13 37.09
CA THR A 542 41.17 51.88 36.04
C THR A 542 41.85 53.21 35.77
N THR A 543 43.15 53.17 35.44
CA THR A 543 43.93 54.40 35.31
C THR A 543 43.65 55.08 33.96
N PRO A 544 43.51 56.43 33.98
CA PRO A 544 43.16 57.22 32.78
C PRO A 544 44.23 57.15 31.68
N GLY A 545 43.86 57.58 30.49
CA GLY A 545 44.73 57.52 29.32
C GLY A 545 44.62 56.23 28.50
N PHE A 546 43.85 55.28 28.98
CA PHE A 546 43.67 53.98 28.30
C PHE A 546 42.19 53.60 28.29
N SER A 547 41.86 52.64 27.43
CA SER A 547 40.54 52.00 27.40
C SER A 547 40.69 50.58 27.95
N HIS A 548 39.85 50.22 28.91
CA HIS A 548 39.99 48.96 29.65
C HIS A 548 38.82 48.01 29.42
N SER A 549 39.13 46.73 29.22
CA SER A 549 38.14 45.65 29.23
C SER A 549 38.45 44.73 30.42
N CYS A 550 37.59 44.76 31.43
CA CYS A 550 37.86 44.14 32.73
C CYS A 550 36.93 42.99 33.06
N SER A 551 37.39 42.18 34.01
CA SER A 551 36.62 41.08 34.57
C SER A 551 37.00 40.90 36.04
N MET A 552 35.98 40.70 36.88
CA MET A 552 36.11 40.74 38.33
C MET A 552 36.13 39.34 38.93
N SER A 553 36.81 39.21 40.07
CA SER A 553 36.71 38.02 40.92
C SER A 553 35.33 37.92 41.56
N GLN A 554 34.85 36.69 41.76
CA GLN A 554 33.61 36.45 42.52
C GLN A 554 33.76 36.84 44.01
N ASN A 555 35.00 36.77 44.52
CA ASN A 555 35.34 37.26 45.88
C ASN A 555 35.56 38.77 45.97
N PHE A 556 35.61 39.47 44.83
CA PHE A 556 35.82 40.94 44.75
C PHE A 556 37.12 41.45 45.42
N ASP A 557 38.18 40.63 45.34
CA ASP A 557 39.50 40.96 45.91
C ASP A 557 40.53 41.33 44.83
N MET A 558 40.63 40.50 43.78
CA MET A 558 41.43 40.78 42.59
C MET A 558 40.50 41.23 41.44
N PHE A 559 41.09 41.81 40.39
CA PHE A 559 40.44 41.92 39.07
C PHE A 559 41.46 42.02 37.94
N VAL A 560 41.09 41.54 36.76
CA VAL A 560 41.93 41.65 35.56
C VAL A 560 41.48 42.85 34.71
N SER A 561 42.43 43.48 34.05
CA SER A 561 42.14 44.52 33.06
C SER A 561 42.99 44.36 31.79
N HIS A 562 42.32 44.01 30.69
CA HIS A 562 42.91 44.00 29.35
C HIS A 562 42.76 45.40 28.77
N TYR A 563 43.87 46.13 28.65
CA TYR A 563 43.81 47.53 28.25
C TYR A 563 44.91 47.97 27.30
N SER A 564 44.62 49.06 26.59
CA SER A 564 45.45 49.56 25.49
C SER A 564 45.18 51.05 25.23
N SER A 565 45.87 51.63 24.24
CA SER A 565 45.64 53.00 23.78
C SER A 565 46.05 53.12 22.33
N VAL A 566 45.80 54.28 21.74
CA VAL A 566 46.11 54.54 20.33
C VAL A 566 47.61 54.43 20.05
N SER A 567 48.40 54.91 20.99
CA SER A 567 49.87 54.93 20.91
C SER A 567 50.60 53.70 21.50
N THR A 568 49.90 52.91 22.32
CA THR A 568 50.52 51.77 23.03
C THR A 568 49.76 50.47 22.75
N PRO A 569 50.49 49.35 22.49
CA PRO A 569 49.81 48.05 22.34
C PRO A 569 49.05 47.59 23.60
N PRO A 570 48.33 46.46 23.50
CA PRO A 570 47.61 45.97 24.68
C PRO A 570 48.46 45.35 25.79
N CYS A 571 48.00 45.53 27.02
CA CYS A 571 48.50 44.82 28.20
C CYS A 571 47.32 44.21 28.96
N VAL A 572 47.59 43.13 29.68
CA VAL A 572 46.61 42.47 30.57
C VAL A 572 47.21 42.37 31.97
N HIS A 573 46.69 43.16 32.89
CA HIS A 573 47.23 43.30 34.24
C HIS A 573 46.22 42.88 35.28
N VAL A 574 46.71 42.24 36.35
CA VAL A 574 45.91 41.82 37.49
C VAL A 574 46.12 42.82 38.62
N TYR A 575 45.03 43.46 39.07
CA TYR A 575 45.03 44.46 40.13
C TYR A 575 44.30 43.93 41.37
N LYS A 576 44.94 44.05 42.53
CA LYS A 576 44.35 43.67 43.81
C LYS A 576 43.68 44.89 44.45
N LEU A 577 42.42 44.73 44.84
CA LEU A 577 41.74 45.74 45.66
C LEU A 577 42.20 45.66 47.10
N SER A 578 42.97 46.65 47.53
CA SER A 578 43.48 46.77 48.89
C SER A 578 42.97 48.06 49.55
N GLY A 579 43.09 48.11 50.86
CA GLY A 579 42.51 49.18 51.67
C GLY A 579 41.64 48.54 52.75
N PRO A 580 41.56 49.17 53.94
CA PRO A 580 40.76 48.57 55.01
C PRO A 580 39.27 48.40 54.68
N ASP A 581 38.59 47.54 55.42
CA ASP A 581 37.17 47.22 55.18
C ASP A 581 36.17 48.17 55.89
N ASP A 582 36.67 49.26 56.44
CA ASP A 582 35.83 50.32 57.03
C ASP A 582 34.92 50.98 55.98
N ASP A 583 35.47 51.32 54.82
CA ASP A 583 34.73 51.93 53.69
C ASP A 583 35.06 51.19 52.39
N PRO A 584 34.26 50.16 52.02
CA PRO A 584 34.64 49.25 50.91
C PRO A 584 34.63 49.90 49.52
N LEU A 585 33.85 50.97 49.36
CA LEU A 585 33.85 51.78 48.15
C LEU A 585 35.25 52.24 47.74
N HIS A 586 36.06 52.66 48.71
CA HIS A 586 37.32 53.37 48.44
C HIS A 586 38.59 52.51 48.61
N LYS A 587 38.53 51.26 48.17
CA LYS A 587 39.71 50.39 48.18
C LYS A 587 40.55 50.65 46.94
N GLN A 588 41.82 50.98 47.12
CA GLN A 588 42.70 51.31 46.00
C GLN A 588 43.00 50.08 45.13
N PRO A 589 43.00 50.25 43.80
CA PRO A 589 43.42 49.17 42.92
C PRO A 589 44.95 49.11 42.91
N ARG A 590 45.47 48.24 43.76
CA ARG A 590 46.91 48.03 43.90
C ARG A 590 47.32 47.13 42.72
N PHE A 591 48.28 47.58 41.90
CA PHE A 591 48.83 46.75 40.83
C PHE A 591 49.52 45.54 41.45
N TRP A 592 49.08 44.34 41.08
CA TRP A 592 49.63 43.11 41.68
C TRP A 592 50.62 42.43 40.73
N ALA A 593 50.11 41.96 39.59
CA ALA A 593 50.88 41.17 38.63
C ALA A 593 50.49 41.53 37.20
N SER A 594 51.26 40.99 36.24
CA SER A 594 51.04 41.24 34.82
C SER A 594 50.95 39.91 34.05
N MET A 595 49.95 39.82 33.18
CA MET A 595 49.75 38.63 32.35
C MET A 595 50.38 38.79 30.97
N MET A 596 50.42 40.03 30.47
CA MET A 596 50.90 40.33 29.12
C MET A 596 51.41 41.75 29.05
N GLU A 597 52.44 41.98 28.22
CA GLU A 597 53.10 43.29 28.07
C GLU A 597 53.44 43.54 26.58
N ALA A 598 53.14 44.76 26.10
CA ALA A 598 53.51 45.21 24.75
C ALA A 598 52.90 44.33 23.65
N ASP A 604 58.02 51.42 10.96
CA ASP A 604 56.97 50.42 10.74
C ASP A 604 55.56 50.99 11.00
N TYR A 605 55.27 51.36 12.25
CA TYR A 605 53.92 51.78 12.69
C TYR A 605 53.95 53.10 13.44
N VAL A 606 53.49 54.16 12.79
CA VAL A 606 53.12 55.42 13.47
C VAL A 606 51.63 55.35 13.80
N PRO A 607 51.26 55.47 15.11
CA PRO A 607 49.82 55.39 15.39
C PRO A 607 49.03 56.61 14.94
N PRO A 608 47.69 56.49 14.89
CA PRO A 608 46.96 57.66 14.44
C PRO A 608 46.75 58.65 15.58
N GLU A 609 46.19 59.80 15.24
CA GLU A 609 45.95 60.86 16.22
C GLU A 609 44.45 61.11 16.36
N ILE A 610 43.93 61.01 17.58
CA ILE A 610 42.52 61.33 17.78
C ILE A 610 42.38 62.85 17.85
N PHE A 611 41.32 63.33 17.22
CA PHE A 611 40.96 64.73 17.15
C PHE A 611 39.46 64.86 17.21
N HIS A 612 38.97 66.09 17.33
CA HIS A 612 37.53 66.33 17.37
C HIS A 612 37.18 67.66 16.75
N PHE A 613 35.97 67.72 16.18
CA PHE A 613 35.44 68.93 15.55
C PHE A 613 33.94 69.05 15.79
N HIS A 614 33.39 70.21 15.40
CA HIS A 614 31.96 70.51 15.55
C HIS A 614 31.28 70.79 14.21
N THR A 615 29.98 70.54 14.19
CA THR A 615 29.14 70.72 12.99
C THR A 615 28.47 72.09 13.00
N ARG A 616 27.84 72.45 11.88
CA ARG A 616 26.96 73.63 11.82
C ARG A 616 25.70 73.44 12.69
N SER A 617 25.35 72.17 12.97
CA SER A 617 24.31 71.81 13.94
C SER A 617 24.76 71.75 15.41
N ASP A 618 25.98 72.19 15.71
CA ASP A 618 26.46 72.39 17.09
C ASP A 618 26.54 71.08 17.90
N VAL A 619 27.41 70.16 17.47
CA VAL A 619 27.68 68.91 18.21
C VAL A 619 29.07 68.30 17.91
N ARG A 620 29.71 67.74 18.94
CA ARG A 620 31.02 67.11 18.81
C ARG A 620 30.92 65.82 18.00
N LEU A 621 31.75 65.74 16.96
CA LEU A 621 32.05 64.49 16.29
C LEU A 621 33.54 64.26 16.49
N TYR A 622 33.92 63.00 16.73
CA TYR A 622 35.33 62.61 16.89
C TYR A 622 35.86 62.00 15.60
N GLY A 623 37.17 62.03 15.45
CA GLY A 623 37.81 61.50 14.26
C GLY A 623 39.18 60.97 14.55
N MET A 624 39.78 60.39 13.53
CA MET A 624 41.13 59.86 13.62
C MET A 624 41.85 60.18 12.33
N ILE A 625 43.15 60.39 12.45
CA ILE A 625 43.98 60.64 11.30
C ILE A 625 45.22 59.78 11.39
N TYR A 626 45.47 59.06 10.31
CA TYR A 626 46.68 58.30 10.17
C TYR A 626 47.52 59.21 9.31
N LYS A 627 48.63 59.65 9.87
CA LYS A 627 49.48 60.62 9.24
C LYS A 627 50.38 59.96 8.22
N PRO A 628 50.50 60.58 7.01
CA PRO A 628 51.43 60.01 6.04
C PRO A 628 52.87 59.96 6.56
N HIS A 629 53.48 58.78 6.45
CA HIS A 629 54.79 58.53 7.04
C HIS A 629 55.83 59.38 6.34
N ALA A 630 56.71 60.01 7.12
CA ALA A 630 57.71 60.93 6.60
C ALA A 630 57.06 62.04 5.78
N LEU A 631 56.23 62.84 6.45
CA LEU A 631 55.45 63.91 5.83
C LEU A 631 56.24 65.21 5.70
N GLN A 632 56.26 65.78 4.49
CA GLN A 632 56.81 67.12 4.23
C GLN A 632 55.70 68.18 4.24
N PRO A 633 55.75 69.16 5.18
CA PRO A 633 54.77 70.24 5.11
C PRO A 633 54.80 70.94 3.76
N GLY A 634 53.62 71.28 3.25
CA GLY A 634 53.50 71.94 1.95
C GLY A 634 53.03 71.03 0.84
N LYS A 635 53.36 69.74 0.95
CA LYS A 635 52.88 68.71 0.03
C LYS A 635 51.46 68.31 0.44
N LYS A 636 50.61 68.05 -0.56
CA LYS A 636 49.24 67.59 -0.35
C LYS A 636 49.15 66.13 -0.80
N HIS A 637 48.58 65.27 0.05
CA HIS A 637 48.57 63.83 -0.18
C HIS A 637 47.19 63.30 -0.58
N PRO A 638 47.14 62.16 -1.29
CA PRO A 638 45.85 61.53 -1.61
C PRO A 638 45.24 60.85 -0.36
N THR A 639 43.94 61.02 -0.16
CA THR A 639 43.30 60.71 1.11
C THR A 639 42.32 59.53 1.00
N VAL A 640 42.57 58.49 1.78
CA VAL A 640 41.62 57.37 1.93
C VAL A 640 40.74 57.64 3.15
N LEU A 641 39.47 57.93 2.92
CA LEU A 641 38.51 58.09 4.01
C LEU A 641 37.99 56.71 4.40
N PHE A 642 38.29 56.27 5.63
CA PHE A 642 37.80 54.97 6.06
C PHE A 642 36.43 55.09 6.67
N VAL A 643 35.53 54.16 6.31
CA VAL A 643 34.15 54.26 6.73
C VAL A 643 33.51 52.96 7.18
N TYR A 644 32.59 53.15 8.12
CA TYR A 644 31.60 52.19 8.55
C TYR A 644 30.29 52.95 8.64
N GLY A 645 30.21 53.88 9.58
CA GLY A 645 29.10 54.82 9.73
C GLY A 645 27.74 54.36 10.18
N GLY A 646 27.61 53.07 10.47
CA GLY A 646 26.34 52.52 10.92
C GLY A 646 26.25 52.36 12.42
N PRO A 647 25.05 52.01 12.92
CA PRO A 647 24.84 51.85 14.34
C PRO A 647 25.51 50.60 14.88
N GLN A 648 25.65 50.58 16.20
CA GLN A 648 26.32 49.51 16.95
C GLN A 648 27.85 49.56 16.84
N VAL A 649 28.42 50.59 16.20
CA VAL A 649 29.87 50.68 16.02
C VAL A 649 30.43 52.09 16.31
N GLN A 650 31.58 52.10 16.99
CA GLN A 650 32.41 53.28 17.19
C GLN A 650 33.83 52.87 16.81
N LEU A 651 34.37 53.52 15.79
CA LEU A 651 35.75 53.26 15.34
C LEU A 651 36.76 54.19 15.97
N VAL A 652 36.29 55.36 16.40
CA VAL A 652 37.15 56.40 16.95
C VAL A 652 37.01 56.37 18.46
N ASN A 653 37.97 55.67 19.07
CA ASN A 653 38.18 55.67 20.52
C ASN A 653 39.66 55.47 20.82
N ASN A 654 40.04 55.66 22.09
CA ASN A 654 41.42 55.61 22.53
C ASN A 654 41.81 54.20 22.92
N SER A 655 42.07 53.39 21.90
CA SER A 655 42.54 52.02 22.06
C SER A 655 43.41 51.66 20.86
N PHE A 656 44.22 50.62 21.01
CA PHE A 656 45.17 50.24 19.97
C PHE A 656 44.45 49.76 18.71
N LYS A 657 44.75 50.41 17.59
CA LYS A 657 44.16 50.09 16.29
C LYS A 657 45.10 49.28 15.37
N GLY A 658 46.36 49.13 15.76
CA GLY A 658 47.38 48.50 14.91
C GLY A 658 47.17 47.06 14.46
N ILE A 659 46.30 46.32 15.15
CA ILE A 659 46.10 44.89 14.87
C ILE A 659 45.04 44.68 13.81
N LYS A 660 43.82 45.13 14.09
CA LYS A 660 42.69 44.99 13.17
C LYS A 660 42.82 45.92 11.96
N TYR A 661 43.22 47.17 12.22
CA TYR A 661 43.43 48.21 11.20
C TYR A 661 44.92 48.44 10.90
N LEU A 662 45.62 47.35 10.59
CA LEU A 662 47.01 47.41 10.11
C LEU A 662 47.10 47.99 8.70
N ARG A 663 46.20 47.57 7.82
CA ARG A 663 46.13 48.08 6.44
C ARG A 663 46.06 49.61 6.34
N LEU A 664 45.44 50.25 7.33
CA LEU A 664 45.38 51.71 7.39
C LEU A 664 46.74 52.34 7.63
N ASN A 665 47.58 51.66 8.40
CA ASN A 665 49.00 52.06 8.57
C ASN A 665 49.87 51.69 7.37
N THR A 666 49.57 50.60 6.69
CA THR A 666 50.24 50.28 5.43
C THR A 666 49.96 51.39 4.40
N LEU A 667 48.67 51.72 4.22
CA LEU A 667 48.26 52.88 3.40
C LEU A 667 49.09 54.11 3.76
N ALA A 668 49.19 54.38 5.06
CA ALA A 668 49.96 55.52 5.57
C ALA A 668 51.44 55.42 5.20
N SER A 669 52.01 54.22 5.34
CA SER A 669 53.41 53.97 4.99
C SER A 669 53.76 54.35 3.54
N LEU A 670 52.80 54.18 2.63
CA LEU A 670 53.01 54.46 1.19
C LEU A 670 52.77 55.91 0.77
N GLY A 671 52.16 56.72 1.63
CA GLY A 671 51.90 58.14 1.33
C GLY A 671 50.48 58.62 1.42
N TYR A 672 49.53 57.74 1.71
CA TYR A 672 48.13 58.11 1.82
C TYR A 672 47.80 58.75 3.17
N ALA A 673 46.98 59.79 3.15
CA ALA A 673 46.35 60.26 4.38
C ALA A 673 45.13 59.36 4.59
N VAL A 674 44.99 58.81 5.80
CA VAL A 674 43.83 57.96 6.11
C VAL A 674 43.04 58.63 7.23
N VAL A 675 41.75 58.82 7.01
CA VAL A 675 40.90 59.52 7.94
C VAL A 675 39.70 58.68 8.34
N VAL A 676 39.42 58.63 9.64
CA VAL A 676 38.25 57.93 10.16
C VAL A 676 37.38 58.93 10.90
N ILE A 677 36.07 58.85 10.70
CA ILE A 677 35.12 59.79 11.30
C ILE A 677 33.91 59.03 11.84
N ASP A 678 33.67 59.18 13.15
CA ASP A 678 32.44 58.70 13.78
C ASP A 678 31.36 59.77 13.66
N GLY A 679 30.55 59.65 12.61
CA GLY A 679 29.43 60.56 12.38
C GLY A 679 28.23 60.18 13.21
N ARG A 680 27.15 60.95 13.06
CA ARG A 680 25.90 60.68 13.77
C ARG A 680 25.31 59.33 13.38
N GLY A 681 24.92 58.54 14.37
CA GLY A 681 24.55 57.14 14.16
C GLY A 681 25.53 56.24 14.88
N SER A 682 26.79 56.62 14.86
CA SER A 682 27.87 56.01 15.65
C SER A 682 27.46 55.67 17.11
N CYS A 683 28.07 54.60 17.63
CA CYS A 683 27.80 54.11 19.00
C CYS A 683 28.45 54.98 20.11
N GLN A 684 28.16 54.61 21.35
CA GLN A 684 28.75 55.20 22.57
C GLN A 684 28.27 56.59 22.99
N ARG A 685 27.44 57.26 22.19
CA ARG A 685 27.05 58.65 22.47
C ARG A 685 25.59 58.81 22.91
N GLY A 686 24.98 57.73 23.40
CA GLY A 686 23.59 57.76 23.86
C GLY A 686 22.58 57.73 22.73
N LEU A 687 21.33 57.53 23.09
CA LEU A 687 20.27 57.18 22.15
C LEU A 687 20.00 58.21 21.04
N ARG A 688 19.94 59.50 21.39
CA ARG A 688 19.63 60.58 20.42
C ARG A 688 20.65 60.72 19.32
N PHE A 689 21.91 60.47 19.66
CA PHE A 689 23.00 60.51 18.70
C PHE A 689 22.86 59.38 17.68
N GLU A 690 22.47 58.21 18.17
CA GLU A 690 22.22 57.04 17.36
C GLU A 690 20.96 57.23 16.54
N GLY A 691 19.92 57.80 17.18
CA GLY A 691 18.62 58.05 16.57
C GLY A 691 18.55 58.96 15.35
N ALA A 692 19.57 59.77 15.15
CA ALA A 692 19.74 60.59 13.93
C ALA A 692 19.58 59.83 12.59
N LEU A 693 19.80 58.51 12.61
CA LEU A 693 19.60 57.61 11.46
C LEU A 693 18.17 57.12 11.25
N LYS A 694 17.35 57.18 12.30
CA LYS A 694 16.00 56.60 12.27
C LYS A 694 15.31 56.87 10.93
N ASN A 695 15.01 55.80 10.20
CA ASN A 695 14.32 55.85 8.90
C ASN A 695 14.94 56.79 7.85
N GLN A 696 16.27 56.95 7.90
CA GLN A 696 17.01 57.80 6.95
C GLN A 696 18.40 57.26 6.67
N MET A 697 18.57 55.94 6.65
CA MET A 697 19.91 55.38 6.47
C MET A 697 20.46 55.72 5.09
N GLY A 698 21.78 55.89 5.03
CA GLY A 698 22.46 56.48 3.87
C GLY A 698 22.05 57.88 3.45
N GLN A 699 21.75 58.75 4.42
CA GLN A 699 21.38 60.15 4.13
C GLN A 699 22.12 61.13 5.04
N VAL A 700 21.96 60.97 6.35
CA VAL A 700 22.64 61.82 7.35
C VAL A 700 24.15 61.57 7.43
N GLU A 701 24.59 60.36 7.08
CA GLU A 701 25.94 59.87 7.41
C GLU A 701 27.01 60.58 6.59
N ILE A 702 26.82 60.65 5.28
CA ILE A 702 27.80 61.22 4.36
C ILE A 702 28.08 62.71 4.60
N GLU A 703 27.06 63.44 5.02
CA GLU A 703 27.18 64.88 5.19
C GLU A 703 28.15 65.23 6.33
N ASP A 704 28.17 64.44 7.41
CA ASP A 704 29.21 64.64 8.44
C ASP A 704 30.52 63.87 8.19
N GLN A 705 30.53 63.02 7.17
CA GLN A 705 31.76 62.38 6.69
C GLN A 705 32.54 63.42 5.90
N VAL A 706 31.81 64.18 5.09
CA VAL A 706 32.37 65.30 4.33
C VAL A 706 32.77 66.47 5.25
N GLU A 707 31.93 66.77 6.25
CA GLU A 707 32.25 67.82 7.25
C GLU A 707 33.57 67.51 8.00
N GLY A 708 33.77 66.25 8.38
CA GLY A 708 35.02 65.80 9.01
C GLY A 708 36.25 65.80 8.12
N LEU A 709 36.04 65.70 6.81
CA LEU A 709 37.11 65.68 5.80
C LEU A 709 37.58 67.10 5.43
N GLN A 710 36.64 68.02 5.29
CA GLN A 710 36.93 69.45 5.12
C GLN A 710 37.62 70.01 6.37
N PHE A 711 37.15 69.61 7.56
CA PHE A 711 37.79 70.01 8.82
C PHE A 711 39.23 69.52 8.88
N VAL A 712 39.43 68.29 8.45
CA VAL A 712 40.75 67.69 8.44
C VAL A 712 41.64 68.46 7.48
N ALA A 713 41.09 68.89 6.36
CA ALA A 713 41.82 69.73 5.39
C ALA A 713 42.34 71.04 6.02
N GLU A 714 41.54 71.63 6.90
CA GLU A 714 41.90 72.89 7.58
C GLU A 714 42.87 72.70 8.78
N LYS A 715 42.59 71.73 9.65
CA LYS A 715 43.41 71.49 10.86
C LYS A 715 44.83 71.04 10.49
N TYR A 716 44.90 69.99 9.67
CA TYR A 716 46.17 69.39 9.22
C TYR A 716 46.51 69.96 7.85
N GLY A 717 47.78 70.04 7.52
CA GLY A 717 48.18 70.69 6.28
C GLY A 717 48.16 69.90 4.99
N PHE A 718 48.03 68.57 5.10
CA PHE A 718 48.40 67.64 4.00
C PHE A 718 47.36 66.89 3.18
N ILE A 719 46.09 67.23 3.31
CA ILE A 719 45.04 66.59 2.50
C ILE A 719 44.94 67.27 1.15
N ASP A 720 44.71 66.47 0.11
CA ASP A 720 44.37 66.95 -1.21
C ASP A 720 42.93 66.53 -1.41
N LEU A 721 42.02 67.50 -1.38
CA LEU A 721 40.59 67.22 -1.56
C LEU A 721 40.21 66.89 -3.00
N SER A 722 41.14 67.01 -3.95
CA SER A 722 40.94 66.54 -5.33
C SER A 722 41.20 65.03 -5.50
N ARG A 723 41.81 64.40 -4.50
CA ARG A 723 42.09 62.97 -4.53
C ARG A 723 41.63 62.26 -3.23
N VAL A 724 40.32 62.08 -3.09
CA VAL A 724 39.80 61.40 -1.91
C VAL A 724 39.08 60.14 -2.34
N ALA A 725 39.21 59.10 -1.51
CA ALA A 725 38.69 57.79 -1.80
C ALA A 725 37.94 57.26 -0.59
N ILE A 726 36.65 57.03 -0.75
CA ILE A 726 35.81 56.46 0.31
C ILE A 726 35.90 54.94 0.28
N HIS A 727 36.17 54.33 1.42
CA HIS A 727 36.26 52.87 1.48
C HIS A 727 35.79 52.31 2.81
N GLY A 728 35.02 51.24 2.75
CA GLY A 728 34.56 50.54 3.94
C GLY A 728 33.91 49.22 3.58
N TRP A 729 33.75 48.35 4.57
CA TRP A 729 33.07 47.07 4.38
C TRP A 729 31.74 47.07 5.07
N SER A 730 30.88 46.12 4.73
CA SER A 730 29.61 45.93 5.41
C SER A 730 28.72 47.20 5.28
N TYR A 731 28.36 47.85 6.40
CA TYR A 731 27.72 49.18 6.36
C TYR A 731 28.62 50.21 5.66
N GLY A 732 29.93 50.10 5.88
CA GLY A 732 30.91 50.98 5.27
C GLY A 732 30.85 50.96 3.77
N GLY A 733 30.66 49.77 3.21
CA GLY A 733 30.51 49.59 1.78
C GLY A 733 29.24 50.23 1.28
N PHE A 734 28.17 50.08 2.05
CA PHE A 734 26.93 50.79 1.80
C PHE A 734 27.15 52.31 1.72
N LEU A 735 27.85 52.86 2.70
CA LEU A 735 28.22 54.27 2.69
C LEU A 735 29.17 54.65 1.58
N SER A 736 30.12 53.77 1.25
CA SER A 736 31.01 54.04 0.13
C SER A 736 30.20 54.29 -1.14
N LEU A 737 29.31 53.35 -1.46
CA LEU A 737 28.39 53.50 -2.59
C LEU A 737 27.49 54.73 -2.42
N MET A 738 27.08 55.02 -1.19
CA MET A 738 26.26 56.21 -0.92
C MET A 738 27.01 57.56 -1.02
N GLY A 739 28.31 57.55 -0.71
CA GLY A 739 29.18 58.71 -0.90
C GLY A 739 29.35 59.11 -2.37
N LEU A 740 29.58 58.11 -3.21
CA LEU A 740 29.76 58.32 -4.66
C LEU A 740 28.45 58.70 -5.37
N ILE A 741 27.30 58.35 -4.79
CA ILE A 741 26.01 58.78 -5.33
C ILE A 741 25.81 60.27 -5.04
N HIS A 742 25.84 60.64 -3.76
CA HIS A 742 25.56 62.00 -3.34
C HIS A 742 26.70 63.01 -3.57
N LYS A 743 27.94 62.58 -3.34
CA LYS A 743 29.11 63.48 -3.42
C LYS A 743 30.22 63.03 -4.42
N PRO A 744 29.88 62.90 -5.72
CA PRO A 744 30.88 62.51 -6.75
C PRO A 744 32.01 63.54 -6.99
N GLN A 745 31.65 64.82 -6.84
CA GLN A 745 32.57 65.96 -6.67
C GLN A 745 33.68 65.76 -5.59
N VAL A 746 33.35 65.09 -4.49
CA VAL A 746 34.24 64.89 -3.34
C VAL A 746 35.04 63.59 -3.47
N PHE A 747 34.34 62.51 -3.81
CA PHE A 747 34.92 61.17 -3.84
C PHE A 747 35.21 60.69 -5.28
N LYS A 748 36.50 60.73 -5.66
CA LYS A 748 36.94 60.28 -6.99
C LYS A 748 36.73 58.77 -7.21
N VAL A 749 37.22 57.95 -6.29
CA VAL A 749 36.95 56.50 -6.33
C VAL A 749 36.25 55.99 -5.08
N ALA A 750 35.62 54.83 -5.19
CA ALA A 750 34.98 54.13 -4.09
C ALA A 750 35.27 52.64 -4.17
N ILE A 751 35.74 52.05 -3.07
CA ILE A 751 35.90 50.59 -2.92
C ILE A 751 34.87 50.13 -1.90
N ALA A 752 33.71 49.71 -2.39
CA ALA A 752 32.61 49.25 -1.53
C ALA A 752 32.66 47.74 -1.37
N GLY A 753 32.59 47.28 -0.12
CA GLY A 753 32.69 45.86 0.24
C GLY A 753 31.55 45.36 1.09
N ALA A 754 31.00 44.19 0.72
CA ALA A 754 29.75 43.65 1.29
C ALA A 754 28.63 44.65 1.62
N PRO A 755 28.31 45.55 0.67
CA PRO A 755 27.25 46.49 0.95
C PRO A 755 25.85 45.85 0.93
N VAL A 756 24.92 46.51 1.61
CA VAL A 756 23.50 46.27 1.41
C VAL A 756 23.10 47.30 0.36
N THR A 757 22.54 46.81 -0.74
CA THR A 757 22.06 47.62 -1.85
C THR A 757 20.54 47.77 -1.88
N VAL A 758 19.84 46.71 -1.54
CA VAL A 758 18.38 46.74 -1.31
C VAL A 758 18.08 46.46 0.17
N TRP A 759 17.49 47.43 0.86
CA TRP A 759 17.11 47.25 2.28
C TRP A 759 16.01 46.19 2.44
N MET A 760 15.09 46.14 1.47
CA MET A 760 14.09 45.07 1.35
C MET A 760 14.68 43.66 1.51
N ALA A 761 15.85 43.44 0.95
CA ALA A 761 16.50 42.13 0.97
C ALA A 761 17.27 41.82 2.27
N TYR A 762 17.42 42.78 3.17
CA TYR A 762 18.00 42.50 4.49
C TYR A 762 16.87 42.09 5.46
N ASP A 763 17.23 41.68 6.69
CA ASP A 763 16.27 41.04 7.61
C ASP A 763 15.36 41.92 8.48
N THR A 764 14.40 41.27 9.14
CA THR A 764 13.53 41.87 10.15
C THR A 764 14.26 42.59 11.27
N GLY A 765 15.06 41.85 12.01
CA GLY A 765 15.66 42.33 13.25
C GLY A 765 16.43 43.65 13.19
N TYR A 766 17.39 43.73 12.27
CA TYR A 766 18.18 44.93 12.06
C TYR A 766 17.34 46.04 11.41
N THR A 767 16.84 45.77 10.22
CA THR A 767 16.22 46.78 9.38
C THR A 767 15.05 47.47 10.06
N GLU A 768 14.15 46.67 10.65
CA GLU A 768 12.92 47.21 11.24
C GLU A 768 13.19 48.03 12.50
N ARG A 769 14.25 47.70 13.21
CA ARG A 769 14.72 48.47 14.36
C ARG A 769 15.10 49.92 13.99
N TYR A 770 15.72 50.09 12.83
CA TYR A 770 16.24 51.41 12.40
C TYR A 770 15.46 52.10 11.28
N MET A 771 14.84 51.32 10.40
CA MET A 771 14.20 51.85 9.21
C MET A 771 12.71 51.56 9.14
N ASP A 772 12.14 50.96 10.20
CA ASP A 772 10.72 50.58 10.22
C ASP A 772 10.47 49.42 9.24
N VAL A 773 9.21 49.04 9.11
CA VAL A 773 8.75 48.03 8.16
C VAL A 773 8.62 48.68 6.77
N PRO A 774 8.79 47.93 5.65
CA PRO A 774 8.73 48.60 4.33
C PRO A 774 7.45 49.38 4.10
N GLU A 775 6.32 48.74 4.36
CA GLU A 775 4.97 49.36 4.22
C GLU A 775 4.77 50.71 4.97
N ASN A 776 5.55 50.96 6.02
CA ASN A 776 5.52 52.22 6.78
C ASN A 776 6.54 53.30 6.35
N ASN A 777 7.60 52.89 5.66
CA ASN A 777 8.70 53.81 5.28
C ASN A 777 9.12 53.60 3.83
N GLN A 778 8.21 53.88 2.89
CA GLN A 778 8.47 53.80 1.44
C GLN A 778 9.65 54.68 0.99
N HIS A 779 9.61 55.94 1.44
CA HIS A 779 10.58 56.96 1.04
C HIS A 779 12.00 56.60 1.48
N GLY A 780 12.14 56.18 2.75
CA GLY A 780 13.46 55.87 3.33
C GLY A 780 14.11 54.61 2.79
N TYR A 781 13.32 53.56 2.59
CA TYR A 781 13.78 52.34 1.91
C TYR A 781 14.34 52.63 0.50
N GLU A 782 13.61 53.44 -0.27
CA GLU A 782 14.03 53.79 -1.62
C GLU A 782 15.16 54.83 -1.64
N ALA A 783 15.13 55.79 -0.72
CA ALA A 783 16.21 56.79 -0.62
C ALA A 783 17.55 56.16 -0.26
N GLY A 784 17.51 55.23 0.71
CA GLY A 784 18.71 54.55 1.23
C GLY A 784 19.17 53.25 0.56
N SER A 785 18.59 52.89 -0.58
CA SER A 785 18.93 51.64 -1.27
C SER A 785 19.74 51.98 -2.52
N VAL A 786 21.04 51.76 -2.46
CA VAL A 786 21.94 52.20 -3.54
C VAL A 786 21.60 51.62 -4.92
N ALA A 787 21.07 50.40 -4.97
CA ALA A 787 20.68 49.74 -6.23
C ALA A 787 19.57 50.46 -7.00
N LEU A 788 18.68 51.14 -6.28
CA LEU A 788 17.63 51.94 -6.91
C LEU A 788 18.05 53.34 -7.36
N HIS A 789 19.32 53.69 -7.18
CA HIS A 789 19.86 55.02 -7.55
C HIS A 789 21.16 54.89 -8.33
N VAL A 790 21.25 53.82 -9.10
CA VAL A 790 22.44 53.50 -9.89
C VAL A 790 22.61 54.50 -11.04
N GLU A 791 21.50 55.00 -11.59
CA GLU A 791 21.52 56.17 -12.52
C GLU A 791 22.44 57.33 -12.07
N LYS A 792 22.56 57.53 -10.75
CA LYS A 792 23.46 58.52 -10.15
C LYS A 792 24.91 58.05 -9.82
N LEU A 793 25.28 56.83 -10.23
CA LEU A 793 26.69 56.38 -10.14
C LEU A 793 27.43 56.91 -11.35
N PRO A 794 28.78 56.97 -11.30
CA PRO A 794 29.52 57.62 -12.40
C PRO A 794 29.44 56.94 -13.77
N ASN A 795 29.44 57.76 -14.81
CA ASN A 795 29.64 57.31 -16.21
C ASN A 795 31.11 57.09 -16.55
N GLU A 796 32.00 57.48 -15.64
CA GLU A 796 33.43 57.30 -15.80
C GLU A 796 33.80 55.93 -15.19
N PRO A 797 34.57 55.09 -15.91
CA PRO A 797 35.08 53.85 -15.32
C PRO A 797 36.24 54.09 -14.36
N ASN A 798 36.67 53.01 -13.70
CA ASN A 798 37.75 53.02 -12.67
C ASN A 798 37.48 53.91 -11.43
N ARG A 799 36.20 54.17 -11.16
CA ARG A 799 35.75 55.00 -10.05
C ARG A 799 34.94 54.25 -8.99
N LEU A 800 34.67 52.97 -9.23
CA LEU A 800 33.85 52.14 -8.34
C LEU A 800 34.37 50.72 -8.45
N LEU A 801 34.87 50.19 -7.34
CA LEU A 801 35.32 48.79 -7.24
C LEU A 801 34.41 48.11 -6.23
N ILE A 802 33.74 47.04 -6.65
CA ILE A 802 32.82 46.28 -5.79
C ILE A 802 33.56 45.03 -5.27
N LEU A 803 33.40 44.73 -3.99
CA LEU A 803 34.00 43.54 -3.36
C LEU A 803 32.89 42.79 -2.65
N HIS A 804 32.88 41.46 -2.75
CA HIS A 804 31.90 40.68 -2.01
C HIS A 804 32.32 39.22 -1.85
N GLY A 805 31.98 38.65 -0.69
CA GLY A 805 32.21 37.25 -0.36
C GLY A 805 31.07 36.40 -0.88
N PHE A 806 31.39 35.34 -1.62
CA PHE A 806 30.37 34.51 -2.28
C PHE A 806 29.55 33.65 -1.30
N LEU A 807 30.18 33.27 -0.20
CA LEU A 807 29.53 32.47 0.82
C LEU A 807 28.83 33.32 1.89
N ASP A 808 28.83 34.65 1.73
CA ASP A 808 28.28 35.57 2.73
C ASP A 808 26.84 35.15 3.04
N GLU A 809 26.62 34.73 4.29
CA GLU A 809 25.32 34.21 4.76
C GLU A 809 24.48 35.27 5.48
N ASN A 810 25.08 36.44 5.71
CA ASN A 810 24.50 37.54 6.49
C ASN A 810 23.96 38.55 5.50
N VAL A 811 24.89 39.18 4.78
CA VAL A 811 24.59 40.11 3.70
C VAL A 811 24.81 39.29 2.45
N HIS A 812 23.75 38.91 1.78
CA HIS A 812 23.85 37.92 0.71
C HIS A 812 24.47 38.52 -0.56
N PHE A 813 25.15 37.67 -1.34
CA PHE A 813 25.79 38.08 -2.59
C PHE A 813 24.79 38.77 -3.51
N PHE A 814 23.53 38.36 -3.42
CA PHE A 814 22.43 39.04 -4.09
C PHE A 814 22.55 40.57 -4.18
N HIS A 815 22.90 41.23 -3.07
CA HIS A 815 22.99 42.70 -3.04
C HIS A 815 23.92 43.23 -4.14
N THR A 816 25.11 42.63 -4.24
CA THR A 816 26.07 42.92 -5.32
C THR A 816 25.52 42.46 -6.65
N ASN A 817 25.02 41.23 -6.67
CA ASN A 817 24.43 40.65 -7.89
C ASN A 817 23.26 41.51 -8.41
N PHE A 818 22.54 42.15 -7.50
CA PHE A 818 21.49 43.09 -7.85
C PHE A 818 22.02 44.48 -8.23
N LEU A 819 23.07 44.92 -7.55
CA LEU A 819 23.76 46.16 -7.94
C LEU A 819 24.36 46.08 -9.35
N VAL A 820 25.02 44.97 -9.68
CA VAL A 820 25.61 44.80 -11.02
C VAL A 820 24.49 44.71 -12.05
N SER A 821 23.47 43.92 -11.75
CA SER A 821 22.28 43.81 -12.60
C SER A 821 21.81 45.21 -13.02
N GLN A 822 21.60 46.06 -12.01
CA GLN A 822 21.17 47.45 -12.19
C GLN A 822 22.18 48.38 -12.86
N LEU A 823 23.48 48.21 -12.52
CA LEU A 823 24.57 48.93 -13.19
C LEU A 823 24.61 48.69 -14.70
N ILE A 824 24.47 47.41 -15.08
CA ILE A 824 24.41 46.96 -16.48
C ILE A 824 23.20 47.55 -17.21
N ARG A 825 22.06 47.55 -16.53
CA ARG A 825 20.82 48.14 -17.05
C ARG A 825 20.97 49.64 -17.32
N ALA A 826 21.51 50.37 -16.34
CA ALA A 826 21.78 51.80 -16.48
C ALA A 826 22.97 52.13 -17.38
N GLY A 827 23.79 51.13 -17.72
CA GLY A 827 24.92 51.27 -18.66
C GLY A 827 26.18 51.81 -18.00
N LYS A 828 26.48 51.30 -16.81
CA LYS A 828 27.51 51.86 -15.94
C LYS A 828 28.71 50.94 -15.78
N PRO A 829 29.93 51.50 -15.83
CA PRO A 829 31.10 50.67 -15.64
C PRO A 829 31.27 50.27 -14.17
N TYR A 830 31.82 49.09 -13.93
CA TYR A 830 32.09 48.62 -12.59
C TYR A 830 33.29 47.70 -12.60
N GLN A 831 34.00 47.65 -11.50
CA GLN A 831 34.94 46.57 -11.23
C GLN A 831 34.37 45.75 -10.09
N LEU A 832 34.73 44.47 -10.05
CA LEU A 832 34.22 43.53 -9.06
C LEU A 832 35.33 42.57 -8.72
N GLN A 833 35.32 42.14 -7.47
CA GLN A 833 36.21 41.09 -6.97
C GLN A 833 35.39 40.20 -6.06
N ILE A 834 35.37 38.90 -6.38
CA ILE A 834 34.69 37.90 -5.55
C ILE A 834 35.69 37.17 -4.66
N TYR A 835 35.27 36.84 -3.45
CA TYR A 835 35.98 35.93 -2.59
C TYR A 835 35.12 34.66 -2.52
N PRO A 836 35.51 33.60 -3.28
CA PRO A 836 34.69 32.39 -3.37
C PRO A 836 34.59 31.55 -2.11
N ASN A 837 35.60 31.64 -1.24
CA ASN A 837 35.67 30.82 -0.02
C ASN A 837 35.39 31.61 1.26
N GLU A 838 34.84 32.82 1.12
CA GLU A 838 34.71 33.76 2.24
C GLU A 838 33.29 34.28 2.40
N ARG A 839 32.89 34.50 3.64
CA ARG A 839 31.55 34.96 3.97
C ARG A 839 31.62 36.47 4.23
N HIS A 840 30.92 37.00 5.23
CA HIS A 840 30.87 38.46 5.48
C HIS A 840 32.22 39.09 5.84
N SER A 841 33.01 38.37 6.64
CA SER A 841 34.39 38.75 6.96
C SER A 841 35.33 38.06 5.95
N ILE A 842 36.64 38.14 6.18
CA ILE A 842 37.62 37.43 5.34
C ILE A 842 38.65 36.76 6.24
N ARG A 843 38.52 35.44 6.42
CA ARG A 843 39.36 34.65 7.35
C ARG A 843 40.71 34.18 6.81
N CYS A 844 40.70 33.55 5.63
CA CYS A 844 41.92 32.96 5.06
C CYS A 844 42.93 34.06 4.67
N PRO A 845 44.17 33.96 5.20
CA PRO A 845 45.20 34.96 4.93
C PRO A 845 45.36 35.28 3.44
N GLU A 846 45.52 34.24 2.61
CA GLU A 846 45.71 34.35 1.16
C GLU A 846 44.71 35.30 0.52
N SER A 847 43.43 35.12 0.88
CA SER A 847 42.34 35.99 0.44
C SER A 847 42.55 37.42 0.92
N GLY A 848 42.73 37.58 2.23
CA GLY A 848 43.04 38.86 2.84
C GLY A 848 44.17 39.63 2.14
N GLU A 849 45.23 38.92 1.76
CA GLU A 849 46.38 39.58 1.10
C GLU A 849 46.00 40.09 -0.29
N HIS A 850 45.31 39.26 -1.06
CA HIS A 850 44.78 39.66 -2.37
C HIS A 850 43.88 40.90 -2.25
N TYR A 851 43.07 40.95 -1.21
CA TYR A 851 42.21 42.11 -0.95
C TYR A 851 43.06 43.35 -0.79
N GLU A 852 44.01 43.29 0.13
CA GLU A 852 44.89 44.44 0.42
C GLU A 852 45.77 44.82 -0.78
N VAL A 853 46.25 43.84 -1.53
CA VAL A 853 47.08 44.10 -2.72
C VAL A 853 46.24 44.78 -3.80
N THR A 854 45.02 44.28 -4.00
CA THR A 854 44.05 44.86 -4.95
C THR A 854 43.68 46.29 -4.54
N LEU A 855 43.61 46.55 -3.23
CA LEU A 855 43.28 47.87 -2.72
C LEU A 855 44.36 48.88 -3.07
N LEU A 856 45.61 48.54 -2.76
CA LEU A 856 46.77 49.38 -3.08
C LEU A 856 46.95 49.62 -4.58
N HIS A 857 46.68 48.60 -5.39
CA HIS A 857 46.69 48.75 -6.86
C HIS A 857 45.54 49.64 -7.37
N PHE A 858 44.33 49.48 -6.84
CA PHE A 858 43.21 50.34 -7.27
C PHE A 858 43.47 51.84 -7.02
N LEU A 859 43.95 52.16 -5.82
CA LEU A 859 44.24 53.56 -5.44
C LEU A 859 45.43 54.12 -6.21
N GLN A 860 46.46 53.29 -6.40
CA GLN A 860 47.68 53.65 -7.15
C GLN A 860 47.38 54.09 -8.57
N GLU A 861 46.65 53.25 -9.31
CA GLU A 861 46.38 53.49 -10.73
C GLU A 861 45.28 54.53 -10.97
N TYR A 862 44.29 54.57 -10.09
CA TYR A 862 43.01 55.24 -10.37
C TYR A 862 42.61 56.40 -9.45
N LEU A 863 43.17 56.52 -8.25
CA LEU A 863 42.91 57.70 -7.43
C LEU A 863 43.90 58.78 -7.84
N HIS A 864 43.59 59.48 -8.93
CA HIS A 864 44.49 60.49 -9.48
C HIS A 864 43.79 61.75 -9.99
N HIS A 865 44.56 62.82 -10.08
CA HIS A 865 44.11 64.15 -10.50
C HIS A 865 42.97 64.70 -9.64
N PRO B 20 57.97 53.19 -33.70
CA PRO B 20 57.88 54.50 -34.35
C PRO B 20 56.42 54.95 -34.59
N ALA B 21 56.21 55.87 -35.54
CA ALA B 21 54.86 56.24 -36.00
C ALA B 21 54.13 55.13 -36.81
N ALA B 22 54.78 53.97 -36.99
CA ALA B 22 54.17 52.80 -37.65
C ALA B 22 53.04 52.12 -36.84
N ARG B 23 53.11 52.18 -35.52
CA ARG B 23 52.08 51.60 -34.67
C ARG B 23 50.80 52.43 -34.74
N PHE B 24 49.72 51.80 -35.20
CA PHE B 24 48.40 52.42 -35.24
C PHE B 24 47.82 52.41 -33.82
N GLN B 25 47.39 53.59 -33.39
CA GLN B 25 46.80 53.77 -32.07
C GLN B 25 45.32 54.08 -32.27
N VAL B 26 44.45 53.27 -31.66
CA VAL B 26 43.01 53.47 -31.81
C VAL B 26 42.60 54.74 -31.03
N GLN B 27 41.64 55.48 -31.61
CA GLN B 27 41.01 56.62 -30.95
C GLN B 27 40.51 56.19 -29.57
N LYS B 28 40.94 56.91 -28.54
CA LYS B 28 40.51 56.65 -27.17
C LYS B 28 39.24 57.46 -26.89
N HIS B 29 38.13 56.74 -26.73
CA HIS B 29 36.82 57.33 -26.38
C HIS B 29 36.50 57.16 -24.90
N SER B 30 35.69 58.08 -24.38
CA SER B 30 35.07 57.92 -23.07
C SER B 30 34.12 56.73 -23.09
N TRP B 31 33.69 56.29 -21.90
CA TRP B 31 32.72 55.21 -21.75
C TRP B 31 31.38 55.61 -22.37
N ASP B 32 31.02 56.89 -22.25
CA ASP B 32 29.88 57.44 -22.97
C ASP B 32 30.08 57.29 -24.47
N GLY B 33 31.24 57.74 -24.95
CA GLY B 33 31.63 57.60 -26.37
C GLY B 33 31.51 56.19 -26.92
N LEU B 34 31.92 55.21 -26.13
CA LEU B 34 31.86 53.82 -26.54
C LEU B 34 30.42 53.30 -26.61
N ARG B 35 29.64 53.58 -25.56
CA ARG B 35 28.21 53.24 -25.53
C ARG B 35 27.46 53.73 -26.77
N SER B 36 27.73 54.98 -27.18
CA SER B 36 27.13 55.55 -28.39
C SER B 36 27.67 54.95 -29.68
N ILE B 37 28.95 54.56 -29.70
CA ILE B 37 29.49 53.79 -30.83
C ILE B 37 28.78 52.43 -30.92
N ILE B 38 28.66 51.74 -29.79
CA ILE B 38 28.01 50.44 -29.74
C ILE B 38 26.52 50.55 -30.06
N HIS B 39 25.87 51.58 -29.54
CA HIS B 39 24.45 51.84 -29.85
C HIS B 39 24.26 52.05 -31.34
N GLY B 40 25.17 52.82 -31.94
CA GLY B 40 25.20 53.03 -33.38
C GLY B 40 25.35 51.79 -34.25
N SER B 41 25.88 50.69 -33.68
CA SER B 41 26.04 49.43 -34.40
C SER B 41 24.71 48.79 -34.74
N ARG B 42 23.87 48.60 -33.73
CA ARG B 42 22.61 47.86 -33.90
C ARG B 42 21.46 48.77 -34.38
N LYS B 43 21.55 49.24 -35.62
CA LYS B 43 20.58 50.18 -36.19
C LYS B 43 20.85 50.43 -37.67
N LYS B 51 14.17 36.95 -37.22
CA LYS B 51 14.62 35.70 -37.83
C LYS B 51 14.04 35.52 -39.24
N ALA B 52 14.82 34.88 -40.11
CA ALA B 52 14.39 34.59 -41.48
C ALA B 52 13.40 33.43 -41.50
N PRO B 53 12.78 33.17 -42.67
CA PRO B 53 11.88 32.01 -42.74
C PRO B 53 12.59 30.67 -42.49
N HIS B 54 11.88 29.76 -41.84
CA HIS B 54 12.38 28.42 -41.56
C HIS B 54 11.23 27.46 -41.26
N ASP B 55 11.57 26.18 -41.14
CA ASP B 55 10.63 25.12 -40.80
C ASP B 55 9.51 25.02 -41.85
N PHE B 56 9.89 24.66 -43.06
CA PHE B 56 9.00 24.74 -44.23
C PHE B 56 8.07 23.53 -44.38
N GLN B 57 6.90 23.80 -44.97
CA GLN B 57 5.92 22.77 -45.29
C GLN B 57 5.26 23.07 -46.63
N PHE B 58 5.59 22.25 -47.64
CA PHE B 58 4.97 22.33 -48.96
C PHE B 58 3.67 21.55 -48.97
N VAL B 59 2.62 22.15 -49.52
CA VAL B 59 1.31 21.51 -49.65
C VAL B 59 0.72 21.81 -51.03
N GLN B 60 0.53 20.77 -51.84
CA GLN B 60 -0.07 20.90 -53.18
C GLN B 60 -1.55 21.28 -53.10
N LYS B 61 -1.97 22.15 -54.02
CA LYS B 61 -3.28 22.80 -53.96
C LYS B 61 -4.47 21.90 -54.37
N THR B 62 -4.20 20.83 -55.12
CA THR B 62 -5.24 19.89 -55.62
C THR B 62 -6.34 20.63 -56.38
N ASP B 63 -5.92 21.43 -57.37
CA ASP B 63 -6.83 22.19 -58.22
C ASP B 63 -6.14 22.40 -59.56
N GLU B 64 -6.72 21.84 -60.61
CA GLU B 64 -6.15 21.88 -61.96
C GLU B 64 -6.29 23.26 -62.61
N SER B 65 -7.43 23.92 -62.38
CA SER B 65 -7.76 25.20 -63.03
C SER B 65 -7.40 26.46 -62.23
N GLY B 66 -6.92 26.31 -60.98
CA GLY B 66 -6.60 27.45 -60.11
C GLY B 66 -5.25 28.10 -60.38
N PRO B 67 -5.05 29.34 -59.90
CA PRO B 67 -3.81 30.10 -60.14
C PRO B 67 -2.58 29.64 -59.37
N HIS B 68 -2.77 29.01 -58.20
CA HIS B 68 -1.66 28.56 -57.34
C HIS B 68 -1.40 27.05 -57.47
N SER B 69 -0.12 26.68 -57.59
CA SER B 69 0.31 25.26 -57.62
C SER B 69 0.53 24.69 -56.22
N HIS B 70 1.13 25.48 -55.35
CA HIS B 70 1.47 25.08 -53.98
C HIS B 70 1.09 26.15 -52.97
N ARG B 71 1.14 25.74 -51.69
CA ARG B 71 1.21 26.67 -50.56
C ARG B 71 2.38 26.27 -49.65
N LEU B 72 3.28 27.22 -49.43
CA LEU B 72 4.38 27.09 -48.46
C LEU B 72 3.88 27.58 -47.11
N TYR B 73 3.98 26.74 -46.09
CA TYR B 73 3.75 27.16 -44.70
C TYR B 73 5.10 27.25 -44.01
N TYR B 74 5.26 28.21 -43.10
CA TYR B 74 6.54 28.44 -42.41
C TYR B 74 6.40 29.35 -41.19
N LEU B 75 7.51 29.50 -40.45
CA LEU B 75 7.62 30.47 -39.34
C LEU B 75 8.47 31.69 -39.73
N GLY B 76 8.22 32.84 -39.09
CA GLY B 76 8.97 34.08 -39.37
C GLY B 76 8.48 35.32 -38.64
N MET B 77 9.19 36.44 -38.88
CA MET B 77 8.94 37.73 -38.21
C MET B 77 8.54 38.87 -39.19
N PRO B 78 8.12 40.04 -38.66
CA PRO B 78 7.99 41.29 -39.44
C PRO B 78 9.28 42.12 -39.41
N ARG B 82 9.35 41.35 -34.00
CA ARG B 82 8.32 41.15 -32.99
C ARG B 82 8.30 39.68 -32.51
N GLU B 83 7.34 38.88 -32.99
CA GLU B 83 7.21 37.46 -32.63
C GLU B 83 7.45 36.61 -33.86
N ASN B 84 7.99 35.41 -33.62
CA ASN B 84 8.17 34.43 -34.67
C ASN B 84 6.86 33.64 -34.79
N SER B 85 6.01 34.05 -35.73
CA SER B 85 4.65 33.52 -35.87
C SER B 85 4.49 32.60 -37.09
N LEU B 86 3.36 31.91 -37.16
CA LEU B 86 3.04 30.99 -38.29
C LEU B 86 2.56 31.75 -39.52
N LEU B 87 3.30 31.59 -40.61
CA LEU B 87 3.04 32.30 -41.86
C LEU B 87 2.82 31.32 -43.00
N TYR B 88 2.45 31.86 -44.16
CA TYR B 88 2.37 31.11 -45.41
C TYR B 88 2.53 32.01 -46.64
N SER B 89 3.01 31.42 -47.74
CA SER B 89 3.07 32.10 -49.03
C SER B 89 2.34 31.25 -50.08
N GLU B 90 1.93 31.90 -51.17
CA GLU B 90 1.29 31.23 -52.31
C GLU B 90 2.31 31.12 -53.41
N ILE B 91 2.39 29.96 -54.05
CA ILE B 91 3.25 29.76 -55.21
C ILE B 91 2.36 29.79 -56.45
N PRO B 92 2.53 30.81 -57.32
CA PRO B 92 1.74 30.86 -58.54
C PRO B 92 2.27 29.89 -59.61
N LYS B 93 1.42 29.60 -60.60
CA LYS B 93 1.79 28.79 -61.77
C LYS B 93 2.47 29.62 -62.87
N LYS B 94 2.06 30.88 -63.00
CA LYS B 94 2.64 31.82 -63.97
C LYS B 94 2.67 33.24 -63.39
N LEU B 101 10.06 38.74 -58.66
CA LEU B 101 8.84 38.14 -58.10
C LEU B 101 8.97 37.82 -56.60
N LEU B 102 8.52 38.75 -55.77
CA LEU B 102 8.44 38.54 -54.31
C LEU B 102 7.11 37.90 -54.00
N LEU B 103 7.13 36.90 -53.14
CA LEU B 103 5.92 36.27 -52.63
C LEU B 103 5.48 37.01 -51.38
N SER B 104 4.17 37.14 -51.20
CA SER B 104 3.59 37.78 -50.01
C SER B 104 3.69 36.83 -48.82
N TRP B 105 3.98 37.39 -47.65
CA TRP B 105 4.01 36.64 -46.39
C TRP B 105 2.64 36.77 -45.75
N LYS B 106 1.76 35.82 -46.03
CA LYS B 106 0.40 35.82 -45.51
C LYS B 106 0.43 35.25 -44.09
N GLN B 107 -0.25 35.90 -43.16
CA GLN B 107 -0.34 35.41 -41.79
C GLN B 107 -1.47 34.40 -41.62
N MET B 108 -1.19 33.32 -40.90
CA MET B 108 -2.19 32.29 -40.62
C MET B 108 -3.11 32.63 -39.45
N LEU B 109 -2.58 33.34 -38.46
CA LEU B 109 -3.29 33.61 -37.21
C LEU B 109 -3.82 35.05 -37.08
N ASP B 110 -4.96 35.18 -36.41
CA ASP B 110 -5.68 36.46 -36.26
C ASP B 110 -5.01 37.29 -35.14
N HIS B 111 -4.13 38.19 -35.57
CA HIS B 111 -3.23 38.96 -34.67
C HIS B 111 -2.40 38.04 -33.76
N PHE B 112 -2.97 37.64 -32.61
CA PHE B 112 -2.41 36.61 -31.71
C PHE B 112 -1.10 36.99 -30.98
N GLN B 113 -0.94 36.50 -29.76
CA GLN B 113 0.25 36.74 -28.94
C GLN B 113 0.84 35.42 -28.42
N ALA B 114 1.83 34.91 -29.15
CA ALA B 114 2.52 33.67 -28.80
C ALA B 114 3.42 33.80 -27.56
N THR B 115 3.98 34.99 -27.34
CA THR B 115 4.91 35.23 -26.25
C THR B 115 4.16 35.61 -24.97
N PRO B 116 4.54 35.01 -23.82
CA PRO B 116 4.01 35.47 -22.52
C PRO B 116 4.42 36.89 -22.14
N HIS B 117 3.54 37.58 -21.40
CA HIS B 117 3.70 39.02 -21.12
C HIS B 117 5.03 39.36 -20.44
N HIS B 118 5.72 40.37 -20.98
CA HIS B 118 7.11 40.74 -20.61
C HIS B 118 8.15 39.68 -21.04
N GLY B 119 7.78 38.78 -21.95
CA GLY B 119 8.70 37.78 -22.53
C GLY B 119 9.37 36.79 -21.57
N VAL B 120 8.63 36.33 -20.55
CA VAL B 120 9.17 35.39 -19.54
C VAL B 120 8.41 34.05 -19.60
N TYR B 121 9.13 33.00 -20.00
CA TYR B 121 8.60 31.63 -20.05
C TYR B 121 8.69 30.93 -18.68
N SER B 122 8.01 29.78 -18.56
CA SER B 122 8.05 28.96 -17.33
C SER B 122 9.40 28.21 -17.22
N ARG B 123 9.56 27.35 -16.22
CA ARG B 123 10.79 26.58 -16.06
C ARG B 123 11.10 25.74 -17.30
N GLU B 124 10.23 24.78 -17.56
CA GLU B 124 10.50 23.77 -18.59
C GLU B 124 10.55 24.33 -20.03
N GLU B 125 9.79 25.40 -20.29
CA GLU B 125 9.88 26.11 -21.57
C GLU B 125 11.22 26.83 -21.78
N GLU B 126 11.70 27.56 -20.76
CA GLU B 126 12.96 28.35 -20.88
C GLU B 126 14.22 27.49 -20.91
N LEU B 127 14.22 26.40 -20.13
CA LEU B 127 15.36 25.49 -20.06
C LEU B 127 15.34 24.46 -21.19
N LEU B 128 14.27 24.43 -21.99
CA LEU B 128 14.26 23.71 -23.27
C LEU B 128 14.77 24.62 -24.42
N ARG B 129 14.50 25.92 -24.32
CA ARG B 129 14.98 26.92 -25.31
C ARG B 129 16.50 27.14 -25.26
N GLU B 130 17.06 27.05 -24.05
CA GLU B 130 18.52 27.09 -23.85
C GLU B 130 19.27 25.90 -24.46
N ARG B 131 18.62 24.71 -24.46
CA ARG B 131 19.23 23.48 -25.01
C ARG B 131 19.28 23.49 -26.53
N LYS B 132 18.31 24.16 -27.15
CA LYS B 132 18.30 24.39 -28.60
C LYS B 132 18.99 25.71 -29.00
N ARG B 133 19.40 26.52 -28.02
CA ARG B 133 19.85 27.92 -28.22
C ARG B 133 18.80 28.73 -29.02
N LEU B 134 17.55 28.59 -28.60
CA LEU B 134 16.42 29.35 -29.15
C LEU B 134 16.33 30.70 -28.43
N GLY B 135 16.74 31.75 -29.14
CA GLY B 135 16.68 33.13 -28.61
C GLY B 135 15.74 34.01 -29.40
N VAL B 136 14.58 33.46 -29.76
CA VAL B 136 13.61 34.13 -30.63
C VAL B 136 12.25 34.07 -29.93
N PHE B 137 11.58 35.21 -29.82
CA PHE B 137 10.25 35.29 -29.20
C PHE B 137 9.21 34.49 -30.02
N GLY B 138 8.23 33.89 -29.34
CA GLY B 138 7.06 33.30 -30.00
C GLY B 138 7.16 31.83 -30.38
N ILE B 139 6.40 31.44 -31.41
CA ILE B 139 6.25 30.03 -31.82
C ILE B 139 7.55 29.49 -32.42
N THR B 140 8.26 28.65 -31.68
CA THR B 140 9.56 28.10 -32.11
C THR B 140 9.42 26.82 -32.97
N SER B 141 8.25 26.17 -32.88
CA SER B 141 8.00 24.91 -33.59
C SER B 141 6.52 24.55 -33.64
N TYR B 142 6.14 23.83 -34.69
CA TYR B 142 4.79 23.27 -34.84
C TYR B 142 4.82 21.86 -35.40
N ASP B 143 3.82 21.06 -35.03
CA ASP B 143 3.55 19.80 -35.71
C ASP B 143 2.50 20.07 -36.79
N PHE B 144 2.49 19.23 -37.82
CA PHE B 144 1.56 19.36 -38.94
C PHE B 144 1.20 17.97 -39.44
N HIS B 145 -0.06 17.79 -39.83
CA HIS B 145 -0.58 16.53 -40.37
C HIS B 145 -1.13 16.78 -41.78
N SER B 146 -0.40 16.32 -42.79
CA SER B 146 -0.67 16.69 -44.19
C SER B 146 -1.97 16.14 -44.81
N GLU B 147 -2.55 15.09 -44.22
CA GLU B 147 -3.87 14.59 -44.68
C GLU B 147 -5.00 15.57 -44.33
N SER B 148 -5.09 15.87 -43.03
CA SER B 148 -6.17 16.70 -42.46
C SER B 148 -5.90 18.21 -42.48
N GLY B 149 -4.66 18.60 -42.74
CA GLY B 149 -4.25 20.01 -42.66
C GLY B 149 -4.23 20.54 -41.23
N LEU B 150 -3.90 19.68 -40.27
CA LEU B 150 -4.04 19.98 -38.84
C LEU B 150 -2.72 20.49 -38.28
N PHE B 151 -2.73 21.72 -37.76
CA PHE B 151 -1.55 22.34 -37.14
C PHE B 151 -1.68 22.31 -35.63
N LEU B 152 -0.62 21.88 -34.96
CA LEU B 152 -0.56 21.84 -33.50
C LEU B 152 0.74 22.53 -33.08
N PHE B 153 0.65 23.44 -32.12
CA PHE B 153 1.80 24.21 -31.69
C PHE B 153 1.68 24.71 -30.26
N GLN B 154 2.81 24.71 -29.55
CA GLN B 154 2.88 25.21 -28.18
C GLN B 154 3.06 26.72 -28.21
N ALA B 155 1.95 27.45 -28.15
CA ALA B 155 1.97 28.91 -28.09
C ALA B 155 1.33 29.42 -26.80
N SER B 156 1.64 30.68 -26.48
CA SER B 156 1.20 31.32 -25.22
C SER B 156 1.79 30.52 -24.04
N ASN B 157 1.04 30.27 -22.98
CA ASN B 157 1.42 29.27 -21.99
C ASN B 157 0.43 28.11 -22.01
N SER B 158 0.18 27.58 -23.20
CA SER B 158 -0.76 26.49 -23.42
C SER B 158 -0.49 25.80 -24.77
N LEU B 159 -1.53 25.15 -25.33
CA LEU B 159 -1.50 24.57 -26.67
C LEU B 159 -2.62 25.16 -27.52
N PHE B 160 -2.37 25.24 -28.81
CA PHE B 160 -3.29 25.81 -29.79
C PHE B 160 -3.32 24.96 -31.03
N HIS B 161 -4.37 25.10 -31.82
CA HIS B 161 -4.47 24.42 -33.12
C HIS B 161 -5.33 25.19 -34.16
N CYS B 162 -5.06 24.89 -35.42
CA CYS B 162 -5.87 25.36 -36.53
C CYS B 162 -5.79 24.38 -37.69
N ARG B 163 -6.70 24.50 -38.64
CA ARG B 163 -6.75 23.62 -39.81
C ARG B 163 -6.54 24.40 -41.11
N ASP B 164 -5.76 23.80 -42.02
CA ASP B 164 -5.58 24.33 -43.38
C ASP B 164 -4.88 23.29 -44.26
N GLY B 169 -10.85 23.49 -46.22
CA GLY B 169 -10.29 24.00 -47.48
C GLY B 169 -8.98 24.74 -47.29
N PHE B 170 -8.73 25.73 -48.15
CA PHE B 170 -7.58 26.64 -48.05
C PHE B 170 -8.09 28.05 -47.78
N MET B 171 -7.73 28.61 -46.62
CA MET B 171 -8.15 29.96 -46.23
C MET B 171 -7.46 31.02 -47.07
N VAL B 172 -8.02 32.24 -47.06
CA VAL B 172 -7.36 33.40 -47.67
C VAL B 172 -6.90 34.34 -46.56
N SER B 173 -7.84 34.85 -45.79
CA SER B 173 -7.54 35.76 -44.67
C SER B 173 -7.41 35.00 -43.33
N PRO B 174 -6.70 35.58 -42.32
CA PRO B 174 -6.39 34.89 -41.06
C PRO B 174 -7.57 34.29 -40.29
N MET B 175 -7.26 33.43 -39.34
CA MET B 175 -8.24 32.71 -38.52
C MET B 175 -7.79 32.65 -37.06
N LYS B 176 -8.75 32.61 -36.14
CA LYS B 176 -8.45 32.54 -34.72
C LYS B 176 -8.07 31.09 -34.36
N PRO B 177 -6.84 30.87 -33.85
CA PRO B 177 -6.43 29.53 -33.45
C PRO B 177 -7.09 29.11 -32.14
N LEU B 178 -7.72 27.94 -32.12
CA LEU B 178 -8.50 27.49 -30.97
C LEU B 178 -7.55 27.00 -29.88
N GLU B 179 -7.77 27.43 -28.64
CA GLU B 179 -7.00 26.93 -27.48
C GLU B 179 -7.58 25.59 -27.04
N ILE B 180 -6.70 24.63 -26.80
CA ILE B 180 -7.08 23.29 -26.35
C ILE B 180 -7.13 23.29 -24.83
N LYS B 181 -8.27 22.89 -24.28
CA LYS B 181 -8.47 22.92 -22.82
C LYS B 181 -7.76 21.77 -22.14
N THR B 182 -7.57 21.89 -20.81
CA THR B 182 -6.91 20.87 -20.01
C THR B 182 -7.17 21.12 -18.53
N GLN B 183 -7.11 20.05 -17.74
CA GLN B 183 -7.17 20.14 -16.27
C GLN B 183 -5.83 19.86 -15.61
N CYS B 184 -4.77 19.68 -16.41
CA CYS B 184 -3.41 19.43 -15.89
C CYS B 184 -2.85 20.69 -15.23
N SER B 185 -2.02 20.50 -14.21
CA SER B 185 -1.53 21.61 -13.37
C SER B 185 -0.50 22.51 -14.09
N GLY B 186 0.63 21.92 -14.46
CA GLY B 186 1.76 22.66 -15.02
C GLY B 186 1.76 22.82 -16.54
N PRO B 187 2.92 23.17 -17.12
CA PRO B 187 3.13 23.23 -18.56
C PRO B 187 2.87 21.91 -19.31
N ARG B 188 2.32 22.02 -20.53
CA ARG B 188 2.14 20.89 -21.43
C ARG B 188 3.23 20.90 -22.51
N MET B 189 4.28 20.11 -22.29
CA MET B 189 5.47 20.10 -23.16
C MET B 189 5.35 19.13 -24.33
N ASP B 190 6.13 19.40 -25.37
CA ASP B 190 6.43 18.42 -26.43
C ASP B 190 5.19 17.91 -27.17
N PRO B 191 4.34 18.83 -27.65
CA PRO B 191 3.08 18.41 -28.26
C PRO B 191 3.31 17.76 -29.63
N LYS B 192 2.61 16.66 -29.89
CA LYS B 192 2.69 15.96 -31.18
C LYS B 192 1.34 15.38 -31.59
N ILE B 193 0.99 15.60 -32.86
CA ILE B 193 -0.19 14.98 -33.46
C ILE B 193 0.11 13.49 -33.61
N CYS B 194 -0.92 12.68 -33.40
CA CYS B 194 -0.84 11.24 -33.65
C CYS B 194 -0.96 10.99 -35.16
N PRO B 195 0.12 10.46 -35.81
CA PRO B 195 0.09 10.34 -37.27
C PRO B 195 -1.01 9.43 -37.80
N ALA B 196 -1.32 8.36 -37.07
CA ALA B 196 -2.38 7.42 -37.46
C ALA B 196 -3.80 8.00 -37.33
N ASP B 197 -3.97 8.97 -36.43
CA ASP B 197 -5.29 9.58 -36.18
C ASP B 197 -5.14 11.04 -35.71
N PRO B 198 -5.49 12.02 -36.60
CA PRO B 198 -5.43 13.44 -36.21
C PRO B 198 -6.54 13.90 -35.24
N ALA B 199 -7.43 12.97 -34.84
CA ALA B 199 -8.28 13.17 -33.67
C ALA B 199 -7.46 13.23 -32.37
N PHE B 200 -6.34 12.50 -32.31
CA PHE B 200 -5.50 12.40 -31.10
C PHE B 200 -4.22 13.20 -31.13
N PHE B 201 -3.67 13.43 -29.94
CA PHE B 201 -2.37 14.06 -29.76
C PHE B 201 -1.77 13.70 -28.39
N SER B 202 -0.54 14.18 -28.13
CA SER B 202 0.19 13.84 -26.90
C SER B 202 0.96 15.02 -26.30
N PHE B 203 1.41 14.84 -25.06
CA PHE B 203 2.23 15.83 -24.36
C PHE B 203 2.80 15.26 -23.06
N ILE B 204 3.90 15.85 -22.60
CA ILE B 204 4.45 15.56 -21.28
C ILE B 204 3.82 16.53 -20.29
N ASN B 205 3.57 16.03 -19.08
CA ASN B 205 3.03 16.85 -18.02
C ASN B 205 3.47 16.27 -16.68
N ASN B 206 4.31 17.02 -15.98
CA ASN B 206 5.00 16.56 -14.76
C ASN B 206 5.83 15.32 -15.08
N SER B 207 6.65 15.41 -16.12
CA SER B 207 7.46 14.30 -16.63
C SER B 207 6.75 12.92 -16.72
N ASP B 208 5.48 12.95 -17.17
CA ASP B 208 4.73 11.75 -17.58
C ASP B 208 4.06 11.99 -18.91
N LEU B 209 3.73 10.88 -19.57
CA LEU B 209 3.12 10.91 -20.90
C LEU B 209 1.61 11.02 -20.76
N TRP B 210 1.01 11.90 -21.54
CA TRP B 210 -0.44 12.08 -21.61
C TRP B 210 -0.91 12.02 -23.06
N VAL B 211 -2.16 11.60 -23.25
CA VAL B 211 -2.84 11.57 -24.56
C VAL B 211 -4.16 12.31 -24.43
N ALA B 212 -4.54 13.01 -25.49
CA ALA B 212 -5.77 13.81 -25.50
C ALA B 212 -6.40 13.81 -26.89
N ASN B 213 -7.58 14.42 -27.01
CA ASN B 213 -8.37 14.39 -28.25
C ASN B 213 -8.95 15.78 -28.56
N ILE B 214 -8.41 16.42 -29.61
CA ILE B 214 -8.84 17.78 -30.01
C ILE B 214 -10.32 17.91 -30.41
N GLU B 215 -10.95 16.83 -30.84
CA GLU B 215 -12.38 16.84 -31.14
C GLU B 215 -13.19 16.79 -29.83
N THR B 216 -13.07 15.69 -29.09
CA THR B 216 -13.89 15.45 -27.89
C THR B 216 -13.44 16.25 -26.65
N GLY B 217 -12.13 16.42 -26.49
CA GLY B 217 -11.55 17.14 -25.34
C GLY B 217 -11.16 16.26 -24.16
N GLU B 218 -11.30 14.95 -24.33
CA GLU B 218 -10.96 13.95 -23.30
C GLU B 218 -9.43 13.84 -23.16
N GLU B 219 -8.95 13.63 -21.94
CA GLU B 219 -7.52 13.55 -21.64
C GLU B 219 -7.19 12.37 -20.75
N ARG B 220 -6.30 11.49 -21.23
CA ARG B 220 -5.87 10.31 -20.47
C ARG B 220 -4.34 10.30 -20.24
N ARG B 221 -3.95 10.04 -19.00
CA ARG B 221 -2.53 9.88 -18.63
C ARG B 221 -2.12 8.44 -18.87
N LEU B 222 -0.97 8.24 -19.54
CA LEU B 222 -0.47 6.89 -19.87
C LEU B 222 0.57 6.35 -18.91
N THR B 223 1.56 7.17 -18.52
CA THR B 223 2.63 6.74 -17.59
C THR B 223 2.45 7.27 -16.18
N PHE B 224 3.05 6.58 -15.20
CA PHE B 224 2.90 6.91 -13.78
C PHE B 224 4.24 6.88 -13.05
N CYS B 225 5.21 7.62 -13.59
CA CYS B 225 6.56 7.70 -13.02
C CYS B 225 6.75 8.80 -11.96
N HIS B 226 5.84 9.77 -11.93
CA HIS B 226 6.04 11.03 -11.20
C HIS B 226 4.80 11.33 -10.35
N GLN B 227 4.99 12.20 -9.36
CA GLN B 227 3.90 12.71 -8.48
C GLN B 227 3.80 14.22 -8.63
N VAL B 232 10.97 16.68 -7.58
CA VAL B 232 12.40 16.93 -7.49
C VAL B 232 13.06 16.12 -6.36
N LEU B 233 14.21 15.52 -6.66
CA LEU B 233 14.97 14.68 -5.71
C LEU B 233 14.17 13.53 -5.14
N ASP B 234 12.95 13.81 -4.70
CA ASP B 234 12.05 12.77 -4.19
C ASP B 234 11.46 11.94 -5.33
N ASP B 235 11.28 12.59 -6.47
CA ASP B 235 10.71 11.96 -7.65
C ASP B 235 11.81 11.79 -8.70
N PRO B 236 12.60 10.68 -8.60
CA PRO B 236 13.67 10.55 -9.58
C PRO B 236 13.30 9.87 -10.90
N LYS B 237 12.07 9.36 -11.00
CA LYS B 237 11.62 8.65 -12.20
C LYS B 237 10.92 9.60 -13.15
N SER B 238 10.91 9.24 -14.42
CA SER B 238 10.32 10.05 -15.48
C SER B 238 10.11 9.23 -16.75
N ALA B 239 9.07 9.58 -17.50
CA ALA B 239 8.73 8.88 -18.73
C ALA B 239 8.34 9.86 -19.82
N GLY B 240 8.83 9.61 -21.04
CA GLY B 240 8.65 10.51 -22.19
C GLY B 240 9.65 11.66 -22.29
N VAL B 241 10.57 11.74 -21.33
CA VAL B 241 11.44 12.92 -21.15
C VAL B 241 12.88 12.61 -21.54
N ALA B 242 13.51 13.59 -22.18
CA ALA B 242 14.93 13.52 -22.53
C ALA B 242 15.69 14.26 -21.44
N THR B 243 16.53 13.53 -20.71
CA THR B 243 17.29 14.11 -19.59
C THR B 243 18.30 15.14 -20.06
N PHE B 244 18.84 15.90 -19.11
CA PHE B 244 19.77 17.03 -19.37
C PHE B 244 20.82 16.73 -20.45
N VAL B 245 21.64 15.72 -20.21
CA VAL B 245 22.78 15.38 -21.08
C VAL B 245 22.32 14.88 -22.46
N ILE B 246 21.15 14.26 -22.50
CA ILE B 246 20.54 13.85 -23.76
C ILE B 246 20.22 15.10 -24.60
N GLN B 247 19.72 16.14 -23.93
CA GLN B 247 19.42 17.40 -24.61
C GLN B 247 20.68 18.21 -24.91
N GLU B 248 21.49 18.47 -23.89
CA GLU B 248 22.70 19.33 -24.05
C GLU B 248 23.74 18.81 -25.05
N GLU B 249 24.02 17.51 -24.98
CA GLU B 249 25.19 16.93 -25.65
C GLU B 249 24.87 15.92 -26.76
N PHE B 250 23.62 15.49 -26.88
CA PHE B 250 23.21 14.49 -27.89
C PHE B 250 22.13 14.93 -28.87
N ASP B 251 21.71 16.18 -28.82
CA ASP B 251 20.67 16.74 -29.70
C ASP B 251 19.40 15.89 -29.77
N ARG B 252 18.91 15.45 -28.62
CA ARG B 252 17.58 14.86 -28.54
C ARG B 252 16.79 15.57 -27.46
N PHE B 253 15.55 15.90 -27.78
CA PHE B 253 14.68 16.70 -26.91
C PHE B 253 13.37 15.99 -26.56
N THR B 254 12.80 15.26 -27.52
CA THR B 254 11.64 14.40 -27.27
C THR B 254 12.11 13.06 -26.71
N GLY B 255 11.25 12.44 -25.91
CA GLY B 255 11.52 11.12 -25.33
C GLY B 255 10.40 10.13 -25.57
N TYR B 256 9.58 10.41 -26.57
CA TYR B 256 8.57 9.47 -27.02
C TYR B 256 8.41 9.58 -28.51
N TRP B 257 7.84 8.54 -29.09
CA TRP B 257 7.73 8.39 -30.54
C TRP B 257 6.45 7.62 -30.90
N TRP B 258 5.48 8.32 -31.48
CA TRP B 258 4.26 7.71 -32.00
C TRP B 258 4.56 6.60 -33.01
N CYS B 259 3.77 5.52 -32.94
CA CYS B 259 3.73 4.53 -34.00
C CYS B 259 2.96 5.16 -35.16
N PRO B 260 3.49 5.08 -36.39
CA PRO B 260 2.83 5.72 -37.54
C PRO B 260 1.52 5.08 -38.00
N THR B 261 1.31 3.82 -37.67
CA THR B 261 0.09 3.08 -38.04
C THR B 261 -0.64 2.60 -36.80
N ALA B 262 -1.95 2.38 -36.97
CA ALA B 262 -2.82 1.82 -35.94
C ALA B 262 -3.21 0.43 -36.38
N SER B 263 -3.18 -0.54 -35.44
CA SER B 263 -3.61 -1.91 -35.73
C SER B 263 -5.06 -2.16 -35.26
N TRP B 264 -5.90 -2.69 -36.16
CA TRP B 264 -7.27 -3.11 -35.85
C TRP B 264 -7.30 -4.57 -35.42
N LEU B 270 -12.53 -2.38 -32.24
CA LEU B 270 -11.69 -1.26 -31.81
C LEU B 270 -10.40 -1.15 -32.64
N LYS B 271 -9.70 -0.01 -32.50
CA LYS B 271 -8.35 0.17 -33.04
C LYS B 271 -7.40 0.58 -31.92
N THR B 272 -6.14 0.15 -32.02
CA THR B 272 -5.12 0.46 -31.00
C THR B 272 -3.98 1.34 -31.58
N LEU B 273 -3.38 2.14 -30.71
CA LEU B 273 -2.36 3.13 -31.06
C LEU B 273 -1.21 3.01 -30.09
N ARG B 274 -0.01 2.74 -30.59
CA ARG B 274 1.17 2.56 -29.75
C ARG B 274 1.99 3.86 -29.63
N ILE B 275 2.77 3.95 -28.54
CA ILE B 275 3.80 4.99 -28.34
C ILE B 275 5.07 4.37 -27.71
N LEU B 276 6.20 4.48 -28.41
CA LEU B 276 7.50 4.16 -27.84
C LEU B 276 7.90 5.30 -26.93
N TYR B 277 8.60 5.00 -25.82
CA TYR B 277 9.08 6.04 -24.89
C TYR B 277 10.22 5.60 -23.96
N GLU B 278 11.15 6.53 -23.69
CA GLU B 278 12.27 6.29 -22.78
C GLU B 278 11.75 6.49 -21.35
N GLU B 279 11.71 5.40 -20.57
CA GLU B 279 11.50 5.48 -19.12
C GLU B 279 12.87 5.73 -18.50
N VAL B 280 12.92 6.63 -17.52
CA VAL B 280 14.18 7.16 -17.04
C VAL B 280 14.17 7.33 -15.51
N ASP B 281 15.30 7.03 -14.88
CA ASP B 281 15.48 7.12 -13.43
C ASP B 281 16.82 7.80 -13.05
N GLU B 282 16.75 8.99 -12.44
CA GLU B 282 17.96 9.79 -12.10
C GLU B 282 18.40 9.74 -10.60
N SER B 283 18.03 8.68 -9.88
CA SER B 283 18.32 8.54 -8.44
C SER B 283 19.80 8.60 -8.08
N GLU B 284 20.61 7.81 -8.79
CA GLU B 284 22.04 7.68 -8.52
C GLU B 284 22.92 8.77 -9.20
N VAL B 285 22.27 9.70 -9.91
CA VAL B 285 22.97 10.78 -10.60
C VAL B 285 23.07 11.99 -9.68
N GLU B 286 24.27 12.55 -9.59
CA GLU B 286 24.57 13.65 -8.64
C GLU B 286 23.71 14.91 -8.87
N VAL B 287 23.26 15.50 -7.76
CA VAL B 287 22.45 16.70 -7.79
C VAL B 287 23.33 17.93 -7.54
N ILE B 288 23.06 19.00 -8.27
CA ILE B 288 23.73 20.28 -8.10
C ILE B 288 22.72 21.42 -8.15
N HIS B 289 23.05 22.52 -7.47
CA HIS B 289 22.14 23.67 -7.31
C HIS B 289 22.59 24.82 -8.18
N VAL B 290 21.68 25.33 -9.02
CA VAL B 290 21.95 26.50 -9.89
C VAL B 290 20.91 27.61 -9.62
N PRO B 291 21.35 28.88 -9.45
CA PRO B 291 20.47 30.06 -9.22
C PRO B 291 19.31 30.24 -10.19
N SER B 292 18.11 30.36 -9.63
CA SER B 292 16.90 30.71 -10.36
C SER B 292 17.02 32.12 -11.00
N PRO B 293 16.30 32.37 -12.12
CA PRO B 293 16.14 33.76 -12.64
C PRO B 293 15.43 34.76 -11.68
N ALA B 294 14.57 34.27 -10.80
CA ALA B 294 13.96 35.08 -9.75
C ALA B 294 15.00 35.44 -8.67
N LEU B 295 15.89 36.36 -9.03
CA LEU B 295 17.01 36.75 -8.17
C LEU B 295 16.51 37.31 -6.86
N GLU B 296 15.41 38.07 -6.96
CA GLU B 296 14.72 38.67 -5.81
C GLU B 296 14.27 37.60 -4.79
N GLU B 297 13.95 36.41 -5.30
CA GLU B 297 13.59 35.24 -4.50
C GLU B 297 14.79 34.48 -3.91
N ARG B 298 15.97 34.67 -4.50
CA ARG B 298 17.20 34.12 -3.95
C ARG B 298 17.19 32.60 -3.75
N LYS B 299 16.52 31.87 -4.63
CA LYS B 299 16.50 30.41 -4.55
C LYS B 299 17.28 29.83 -5.75
N THR B 300 17.88 28.65 -5.53
CA THR B 300 18.46 27.86 -6.62
C THR B 300 17.44 26.87 -7.14
N ASP B 301 17.82 26.15 -8.20
CA ASP B 301 17.10 24.98 -8.69
C ASP B 301 18.02 23.75 -8.66
N SER B 302 17.43 22.59 -8.35
CA SER B 302 18.17 21.33 -8.36
C SER B 302 18.10 20.72 -9.76
N TYR B 303 19.26 20.49 -10.36
CA TYR B 303 19.37 19.76 -11.62
C TYR B 303 19.92 18.40 -11.34
N ARG B 304 19.72 17.47 -12.27
CA ARG B 304 20.42 16.19 -12.26
C ARG B 304 21.54 16.37 -13.28
N TYR B 305 22.76 16.55 -12.78
CA TYR B 305 23.93 16.89 -13.60
C TYR B 305 25.03 15.87 -13.38
N PRO B 306 25.16 14.93 -14.32
CA PRO B 306 26.21 13.94 -14.14
C PRO B 306 27.56 14.52 -14.52
N ARG B 307 28.37 14.87 -13.54
CA ARG B 307 29.76 15.21 -13.83
C ARG B 307 30.49 13.99 -14.37
N THR B 308 31.37 14.23 -15.33
CA THR B 308 32.32 13.23 -15.88
C THR B 308 32.76 12.22 -14.85
N GLY B 309 32.65 10.95 -15.19
CA GLY B 309 32.96 9.87 -14.28
C GLY B 309 31.82 9.44 -13.37
N SER B 310 30.78 10.26 -13.21
CA SER B 310 29.63 9.89 -12.39
C SER B 310 28.58 9.14 -13.20
N LYS B 311 27.58 8.58 -12.52
CA LYS B 311 26.57 7.76 -13.17
C LYS B 311 25.69 8.63 -14.07
N ASN B 312 25.37 8.10 -15.26
CA ASN B 312 24.26 8.62 -16.05
C ASN B 312 22.98 7.93 -15.56
N PRO B 313 21.81 8.39 -16.01
CA PRO B 313 20.59 7.75 -15.49
C PRO B 313 20.36 6.30 -15.99
N LYS B 314 19.64 5.51 -15.20
CA LYS B 314 19.17 4.19 -15.63
C LYS B 314 18.00 4.44 -16.57
N ILE B 315 18.06 3.78 -17.74
CA ILE B 315 17.14 4.04 -18.85
C ILE B 315 16.53 2.74 -19.37
N ALA B 316 15.44 2.87 -20.12
CA ALA B 316 14.81 1.74 -20.82
C ALA B 316 13.75 2.22 -21.83
N LEU B 317 13.46 1.38 -22.83
CA LEU B 317 12.40 1.62 -23.79
C LEU B 317 11.16 0.84 -23.36
N LYS B 318 10.00 1.49 -23.51
CA LYS B 318 8.70 0.97 -23.05
C LYS B 318 7.63 1.39 -24.05
N LEU B 319 6.59 0.57 -24.24
CA LEU B 319 5.45 0.95 -25.06
C LEU B 319 4.26 1.40 -24.22
N ALA B 320 3.44 2.27 -24.81
CA ALA B 320 2.19 2.73 -24.20
C ALA B 320 1.09 2.55 -25.22
N GLU B 321 0.11 1.72 -24.89
CA GLU B 321 -0.96 1.34 -25.81
C GLU B 321 -2.27 1.90 -25.29
N PHE B 322 -3.18 2.21 -26.22
CA PHE B 322 -4.54 2.62 -25.85
C PHE B 322 -5.51 2.41 -27.01
N GLN B 323 -6.58 1.66 -26.76
CA GLN B 323 -7.62 1.40 -27.77
C GLN B 323 -8.63 2.54 -27.80
N THR B 324 -9.24 2.75 -28.99
CA THR B 324 -10.33 3.71 -29.15
C THR B 324 -11.43 3.05 -29.99
N ASP B 325 -12.61 3.70 -29.99
CA ASP B 325 -13.80 3.19 -30.70
C ASP B 325 -14.20 4.12 -31.85
N SER B 326 -15.28 3.80 -32.57
CA SER B 326 -15.76 4.61 -33.69
C SER B 326 -16.18 6.04 -33.32
N GLN B 327 -16.65 6.24 -32.09
CA GLN B 327 -17.04 7.57 -31.59
C GLN B 327 -15.89 8.34 -30.89
N GLY B 328 -14.67 7.83 -31.00
CA GLY B 328 -13.46 8.54 -30.59
C GLY B 328 -13.08 8.49 -29.11
N LYS B 329 -13.82 7.74 -28.30
CA LYS B 329 -13.51 7.63 -26.87
C LYS B 329 -12.36 6.66 -26.64
N ILE B 330 -11.52 6.96 -25.66
CA ILE B 330 -10.45 6.08 -25.23
C ILE B 330 -11.09 5.03 -24.32
N VAL B 331 -10.95 3.76 -24.70
CA VAL B 331 -11.61 2.63 -24.03
C VAL B 331 -10.73 2.08 -22.89
N SER B 332 -9.45 1.87 -23.18
CA SER B 332 -8.48 1.37 -22.19
C SER B 332 -7.08 1.87 -22.46
N THR B 333 -6.20 1.68 -21.49
CA THR B 333 -4.77 2.03 -21.58
C THR B 333 -3.93 0.94 -20.95
N GLN B 334 -2.64 0.94 -21.27
CA GLN B 334 -1.73 -0.12 -20.84
C GLN B 334 -0.25 0.25 -20.94
N GLU B 335 0.45 0.19 -19.81
CA GLU B 335 1.93 0.23 -19.81
C GLU B 335 2.45 -1.10 -20.36
N LYS B 336 3.55 -1.03 -21.09
CA LYS B 336 4.24 -2.22 -21.58
C LYS B 336 5.75 -2.07 -21.43
N GLU B 337 6.38 -3.12 -20.93
CA GLU B 337 7.83 -3.21 -20.77
C GLU B 337 8.37 -4.32 -21.66
N LEU B 338 9.67 -4.29 -21.92
CA LEU B 338 10.34 -5.39 -22.61
C LEU B 338 10.25 -6.67 -21.78
N VAL B 339 9.93 -7.79 -22.45
CA VAL B 339 9.77 -9.10 -21.81
C VAL B 339 11.00 -9.53 -20.99
N GLN B 340 12.19 -9.11 -21.43
CA GLN B 340 13.42 -9.26 -20.66
C GLN B 340 13.90 -7.84 -20.29
N PRO B 341 14.55 -7.67 -19.11
CA PRO B 341 14.97 -6.30 -18.74
C PRO B 341 15.96 -5.66 -19.69
N PHE B 342 15.85 -4.34 -19.82
CA PHE B 342 16.65 -3.55 -20.77
C PHE B 342 18.16 -3.70 -20.55
N SER B 343 18.59 -3.62 -19.30
CA SER B 343 20.00 -3.72 -18.94
C SER B 343 20.64 -5.11 -19.15
N SER B 344 19.82 -6.16 -19.30
CA SER B 344 20.30 -7.52 -19.62
C SER B 344 20.32 -7.84 -21.13
N LEU B 345 19.34 -7.30 -21.88
CA LEU B 345 19.27 -7.47 -23.34
C LEU B 345 20.38 -6.74 -24.08
N PHE B 346 20.50 -5.44 -23.79
CA PHE B 346 21.46 -4.57 -24.45
C PHE B 346 22.44 -4.02 -23.42
N PRO B 347 23.26 -4.90 -22.81
CA PRO B 347 24.21 -4.41 -21.81
C PRO B 347 25.31 -3.57 -22.45
N LYS B 348 25.99 -2.81 -21.60
CA LYS B 348 27.02 -1.83 -22.03
C LYS B 348 26.46 -0.61 -22.81
N VAL B 349 25.13 -0.48 -22.90
CA VAL B 349 24.48 0.67 -23.52
C VAL B 349 24.24 1.71 -22.42
N GLU B 350 24.67 2.94 -22.68
CA GLU B 350 24.58 4.02 -21.70
C GLU B 350 23.57 5.13 -22.08
N TYR B 351 23.53 5.52 -23.36
CA TYR B 351 22.64 6.59 -23.82
C TYR B 351 21.76 6.09 -24.96
N ILE B 352 20.47 6.40 -24.92
CA ILE B 352 19.59 6.20 -26.06
C ILE B 352 19.69 7.48 -26.85
N ALA B 353 20.42 7.44 -27.95
CA ALA B 353 20.70 8.62 -28.75
C ALA B 353 19.48 9.07 -29.57
N ARG B 354 18.94 8.20 -30.41
CA ARG B 354 17.74 8.50 -31.23
C ARG B 354 16.81 7.33 -31.23
N ALA B 355 15.56 7.59 -31.60
CA ALA B 355 14.59 6.51 -31.79
C ALA B 355 13.40 6.89 -32.68
N GLY B 356 12.65 5.86 -33.05
CA GLY B 356 11.45 6.00 -33.83
C GLY B 356 10.97 4.65 -34.33
N TRP B 357 10.15 4.68 -35.39
CA TRP B 357 9.58 3.47 -35.99
C TRP B 357 9.86 3.40 -37.47
N THR B 358 9.72 2.20 -38.04
CA THR B 358 9.62 2.02 -39.47
C THR B 358 8.25 2.58 -39.89
N ARG B 359 8.09 2.89 -41.17
CA ARG B 359 6.83 3.47 -41.63
C ARG B 359 5.65 2.51 -41.54
N ASP B 360 5.87 1.23 -41.90
CA ASP B 360 4.83 0.19 -41.75
C ASP B 360 4.26 0.03 -40.32
N GLY B 361 5.04 0.40 -39.31
CA GLY B 361 4.67 0.25 -37.89
C GLY B 361 5.13 -1.07 -37.31
N LYS B 362 5.84 -1.86 -38.13
CA LYS B 362 6.19 -3.23 -37.81
C LYS B 362 7.20 -3.25 -36.66
N TYR B 363 8.34 -2.60 -36.88
CA TYR B 363 9.41 -2.53 -35.89
C TYR B 363 9.57 -1.11 -35.38
N ALA B 364 9.71 -0.95 -34.06
CA ALA B 364 10.28 0.28 -33.51
C ALA B 364 11.80 0.22 -33.75
N TRP B 365 12.49 1.32 -33.47
CA TRP B 365 13.96 1.32 -33.55
C TRP B 365 14.61 2.33 -32.61
N ALA B 366 15.90 2.10 -32.36
CA ALA B 366 16.67 2.96 -31.50
C ALA B 366 18.13 2.94 -31.93
N MET B 367 18.84 4.05 -31.71
CA MET B 367 20.30 4.09 -31.82
C MET B 367 20.91 4.07 -30.39
N PHE B 368 21.73 3.07 -30.09
CA PHE B 368 22.35 2.90 -28.75
C PHE B 368 23.80 3.27 -28.78
N LEU B 369 24.31 3.80 -27.66
CA LEU B 369 25.74 4.17 -27.51
C LEU B 369 26.33 3.58 -26.22
N ASP B 370 27.61 3.18 -26.27
CA ASP B 370 28.31 2.74 -25.05
C ASP B 370 28.87 3.95 -24.32
N ARG B 371 29.23 3.77 -23.06
CA ARG B 371 29.63 4.89 -22.19
C ARG B 371 30.79 5.74 -22.75
N PRO B 372 31.86 5.08 -23.28
CA PRO B 372 32.94 5.82 -23.95
C PRO B 372 32.62 6.31 -25.37
N GLN B 373 31.39 6.10 -25.85
CA GLN B 373 30.91 6.67 -27.09
C GLN B 373 31.82 6.33 -28.27
N GLN B 374 32.11 5.03 -28.41
CA GLN B 374 32.92 4.50 -29.52
C GLN B 374 32.28 3.29 -30.25
N TRP B 375 31.00 3.08 -30.00
CA TRP B 375 30.29 1.88 -30.40
C TRP B 375 28.84 2.28 -30.42
N LEU B 376 28.24 2.19 -31.59
CA LEU B 376 26.86 2.61 -31.80
C LEU B 376 26.19 1.46 -32.47
N GLN B 377 24.92 1.21 -32.16
CA GLN B 377 24.13 0.22 -32.93
C GLN B 377 22.63 0.52 -33.06
N LEU B 378 22.08 0.20 -34.22
CA LEU B 378 20.67 0.43 -34.55
C LEU B 378 19.89 -0.85 -34.33
N VAL B 379 19.04 -0.89 -33.30
CA VAL B 379 18.29 -2.10 -32.95
C VAL B 379 16.82 -2.02 -33.36
N LEU B 380 16.32 -3.08 -34.00
CA LEU B 380 14.90 -3.22 -34.28
C LEU B 380 14.24 -3.85 -33.07
N LEU B 381 13.03 -3.37 -32.77
CA LEU B 381 12.24 -3.82 -31.63
C LEU B 381 10.79 -4.00 -32.07
N PRO B 382 10.37 -5.25 -32.33
CA PRO B 382 8.95 -5.49 -32.63
C PRO B 382 8.10 -5.35 -31.37
N PRO B 383 6.86 -4.81 -31.49
CA PRO B 383 5.91 -4.68 -30.38
C PRO B 383 5.67 -5.96 -29.60
N ALA B 384 5.58 -7.08 -30.31
CA ALA B 384 5.58 -8.43 -29.75
C ALA B 384 6.57 -8.65 -28.60
N LEU B 385 7.78 -8.13 -28.74
CA LEU B 385 8.81 -8.24 -27.71
C LEU B 385 8.45 -7.55 -26.38
N PHE B 386 7.54 -6.57 -26.41
CA PHE B 386 7.06 -5.87 -25.22
C PHE B 386 5.78 -6.52 -24.68
N ILE B 387 5.71 -6.70 -23.36
CA ILE B 387 4.54 -7.34 -22.70
C ILE B 387 3.91 -6.41 -21.65
N PRO B 388 2.62 -6.61 -21.33
CA PRO B 388 2.01 -5.83 -20.25
C PRO B 388 2.80 -5.95 -18.94
N SER B 389 3.19 -4.82 -18.38
CA SER B 389 3.98 -4.78 -17.16
C SER B 389 3.10 -4.96 -15.92
N THR B 390 3.49 -5.89 -15.05
CA THR B 390 2.78 -6.20 -13.81
C THR B 390 3.75 -6.66 -12.70
N GLU B 391 3.33 -6.46 -11.44
CA GLU B 391 4.10 -6.91 -10.27
C GLU B 391 3.97 -8.41 -10.03
N ASN B 392 2.79 -8.98 -10.35
CA ASN B 392 2.57 -10.43 -10.33
C ASN B 392 3.52 -11.14 -11.31
N GLU B 393 4.53 -11.82 -10.78
CA GLU B 393 5.49 -12.55 -11.63
C GLU B 393 4.87 -13.74 -12.38
N GLU B 394 3.76 -14.27 -11.87
CA GLU B 394 3.01 -15.33 -12.58
C GLU B 394 2.21 -14.78 -13.77
N GLN B 395 1.54 -13.64 -13.59
CA GLN B 395 0.81 -12.96 -14.68
C GLN B 395 1.78 -12.48 -15.79
N ARG B 396 2.94 -11.99 -15.36
CA ARG B 396 4.01 -11.55 -16.28
C ARG B 396 4.61 -12.74 -17.04
N LEU B 397 4.84 -13.86 -16.34
CA LEU B 397 5.33 -15.10 -16.98
C LEU B 397 4.33 -15.76 -17.94
N ALA B 398 3.04 -15.50 -17.77
CA ALA B 398 2.02 -15.95 -18.73
C ALA B 398 2.16 -15.17 -20.04
N SER B 399 2.44 -13.87 -19.92
CA SER B 399 2.76 -13.01 -21.07
C SER B 399 4.13 -13.32 -21.69
N ALA B 400 5.11 -13.65 -20.83
CA ALA B 400 6.46 -14.02 -21.31
C ALA B 400 6.47 -15.29 -22.15
N ARG B 401 5.85 -16.34 -21.63
CA ARG B 401 5.63 -17.59 -22.38
C ARG B 401 4.85 -17.38 -23.69
N ALA B 402 3.89 -16.45 -23.66
CA ALA B 402 3.06 -16.13 -24.82
C ALA B 402 3.82 -15.48 -25.99
N VAL B 403 4.84 -14.66 -25.69
CA VAL B 403 5.68 -14.06 -26.73
C VAL B 403 6.40 -15.21 -27.45
N PRO B 404 6.30 -15.28 -28.80
CA PRO B 404 6.84 -16.44 -29.50
C PRO B 404 8.34 -16.48 -29.50
N ARG B 405 8.90 -17.63 -29.83
CA ARG B 405 10.35 -17.76 -29.91
C ARG B 405 10.94 -16.99 -31.09
N ASN B 406 10.16 -16.78 -32.16
CA ASN B 406 10.64 -16.05 -33.35
C ASN B 406 10.99 -14.57 -33.12
N VAL B 407 10.20 -13.89 -32.29
CA VAL B 407 10.40 -12.48 -31.98
C VAL B 407 11.73 -12.28 -31.28
N GLN B 408 12.44 -11.23 -31.66
CA GLN B 408 13.85 -11.07 -31.30
C GLN B 408 14.30 -9.61 -31.52
N PRO B 409 15.31 -9.16 -30.75
CA PRO B 409 16.04 -7.95 -31.15
C PRO B 409 17.02 -8.19 -32.32
N TYR B 410 16.88 -7.40 -33.37
CA TYR B 410 17.78 -7.43 -34.54
C TYR B 410 18.71 -6.21 -34.54
N VAL B 411 19.96 -6.42 -34.12
CA VAL B 411 21.01 -5.40 -34.23
C VAL B 411 21.39 -5.31 -35.70
N VAL B 412 20.83 -4.30 -36.34
CA VAL B 412 20.99 -4.12 -37.76
C VAL B 412 22.39 -3.58 -38.06
N TYR B 413 22.65 -2.32 -37.70
CA TYR B 413 23.92 -1.68 -37.99
C TYR B 413 24.75 -1.55 -36.73
N GLU B 414 26.03 -1.31 -36.94
CA GLU B 414 26.98 -1.14 -35.85
C GLU B 414 28.16 -0.34 -36.34
N GLU B 415 28.64 0.60 -35.53
CA GLU B 415 29.69 1.54 -35.91
C GLU B 415 30.79 1.54 -34.85
N VAL B 416 31.98 1.07 -35.22
CA VAL B 416 33.16 1.05 -34.33
C VAL B 416 34.16 2.14 -34.75
N THR B 417 34.67 2.88 -33.77
CA THR B 417 35.69 3.91 -34.00
C THR B 417 36.69 4.00 -32.84
N ASN B 418 37.90 4.44 -33.14
CA ASN B 418 38.91 4.77 -32.13
C ASN B 418 39.02 6.28 -31.85
N VAL B 419 38.15 7.07 -32.47
CA VAL B 419 38.05 8.50 -32.21
C VAL B 419 36.80 8.66 -31.32
N TRP B 420 35.61 8.72 -31.93
CA TRP B 420 34.35 8.80 -31.20
C TRP B 420 33.18 8.78 -32.18
N ILE B 421 32.05 8.27 -31.72
CA ILE B 421 30.83 8.29 -32.52
C ILE B 421 30.12 9.63 -32.38
N ASN B 422 30.10 10.38 -33.49
CA ASN B 422 29.21 11.54 -33.64
C ASN B 422 27.81 11.04 -34.01
N VAL B 423 26.79 11.48 -33.27
CA VAL B 423 25.41 11.06 -33.55
C VAL B 423 24.89 11.76 -34.81
N HIS B 424 24.60 10.97 -35.85
CA HIS B 424 24.08 11.45 -37.13
C HIS B 424 22.60 11.12 -37.27
N ASP B 425 21.80 12.12 -37.65
CA ASP B 425 20.35 11.97 -37.82
C ASP B 425 19.93 10.85 -38.78
N ILE B 426 20.66 10.69 -39.88
CA ILE B 426 20.16 9.98 -41.07
C ILE B 426 20.02 8.46 -40.91
N PHE B 427 18.77 8.00 -40.86
CA PHE B 427 18.44 6.58 -40.86
C PHE B 427 17.05 6.42 -41.48
N TYR B 428 17.00 5.90 -42.70
CA TYR B 428 15.79 5.78 -43.49
C TYR B 428 15.51 4.32 -43.76
N PRO B 429 14.59 3.69 -42.99
CA PRO B 429 14.25 2.32 -43.37
C PRO B 429 13.35 2.30 -44.60
N PHE B 430 13.72 1.53 -45.63
CA PHE B 430 12.83 1.29 -46.76
C PHE B 430 11.77 0.26 -46.35
N PRO B 431 10.62 0.26 -47.05
CA PRO B 431 9.56 -0.71 -46.69
C PRO B 431 9.97 -2.11 -47.09
N GLN B 432 9.64 -3.09 -46.23
CA GLN B 432 10.04 -4.47 -46.44
C GLN B 432 9.09 -5.11 -47.45
N SER B 433 9.64 -5.47 -48.62
CA SER B 433 8.86 -6.01 -49.73
C SER B 433 9.43 -7.34 -50.26
N GLU B 434 10.50 -7.29 -51.06
CA GLU B 434 11.07 -8.48 -51.71
C GLU B 434 12.56 -8.28 -51.97
N ASP B 437 11.73 -10.86 -44.01
CA ASP B 437 12.95 -11.59 -43.64
C ASP B 437 14.25 -10.76 -43.75
N GLU B 438 14.23 -9.69 -44.54
CA GLU B 438 15.40 -8.79 -44.72
C GLU B 438 14.98 -7.32 -44.61
N LEU B 439 15.98 -6.43 -44.52
CA LEU B 439 15.74 -5.00 -44.26
C LEU B 439 16.74 -4.07 -44.97
N CYS B 440 16.28 -3.41 -46.03
CA CYS B 440 17.06 -2.39 -46.74
C CYS B 440 16.90 -1.04 -46.03
N PHE B 441 17.98 -0.29 -45.87
CA PHE B 441 17.92 1.09 -45.35
C PHE B 441 19.13 1.97 -45.77
N LEU B 442 18.93 3.30 -45.74
CA LEU B 442 20.00 4.27 -45.93
C LEU B 442 20.53 4.73 -44.58
N ARG B 443 21.84 4.92 -44.49
CA ARG B 443 22.48 5.34 -43.24
C ARG B 443 23.74 6.18 -43.55
N ALA B 444 23.88 7.28 -42.82
CA ALA B 444 25.08 8.11 -42.87
C ALA B 444 26.09 7.46 -41.95
N ASN B 445 27.36 7.45 -42.34
CA ASN B 445 28.39 6.73 -41.59
C ASN B 445 29.75 7.40 -41.75
N GLU B 446 30.20 8.04 -40.67
CA GLU B 446 31.50 8.74 -40.64
C GLU B 446 32.65 7.77 -40.35
N CYS B 447 32.33 6.68 -39.68
CA CYS B 447 33.34 5.76 -39.16
C CYS B 447 34.13 4.96 -40.21
N LYS B 448 33.49 4.59 -41.32
CA LYS B 448 34.09 3.66 -42.28
C LYS B 448 35.39 4.20 -42.87
N THR B 449 35.30 5.37 -43.49
CA THR B 449 36.43 6.06 -44.12
C THR B 449 37.04 7.14 -43.25
N GLY B 450 36.24 7.68 -42.35
CA GLY B 450 36.59 8.90 -41.58
C GLY B 450 35.84 10.12 -42.05
N PHE B 451 34.98 9.96 -43.06
CA PHE B 451 34.16 11.05 -43.56
C PHE B 451 32.72 10.52 -43.67
N CYS B 452 31.77 11.37 -43.34
CA CYS B 452 30.36 11.03 -43.25
C CYS B 452 29.72 10.90 -44.65
N HIS B 453 29.35 9.68 -45.01
CA HIS B 453 28.74 9.37 -46.31
C HIS B 453 27.53 8.47 -46.20
N LEU B 454 26.65 8.58 -47.18
CA LEU B 454 25.45 7.73 -47.25
C LEU B 454 25.84 6.33 -47.76
N TYR B 455 25.38 5.32 -47.04
CA TYR B 455 25.45 3.93 -47.49
C TYR B 455 24.05 3.34 -47.49
N LYS B 456 23.76 2.59 -48.56
CA LYS B 456 22.56 1.76 -48.70
C LYS B 456 22.94 0.38 -48.16
N VAL B 457 22.21 -0.08 -47.16
CA VAL B 457 22.50 -1.37 -46.49
C VAL B 457 21.29 -2.27 -46.50
N THR B 458 21.57 -3.55 -46.68
CA THR B 458 20.58 -4.60 -46.54
C THR B 458 21.19 -5.57 -45.54
N ALA B 459 20.56 -5.68 -44.37
CA ALA B 459 20.92 -6.66 -43.35
C ALA B 459 19.88 -7.78 -43.31
N VAL B 460 20.37 -8.98 -42.99
CA VAL B 460 19.53 -10.19 -42.88
C VAL B 460 18.90 -10.31 -41.48
N LEU B 461 17.57 -10.23 -41.41
CA LEU B 461 16.84 -10.50 -40.19
C LEU B 461 16.45 -11.98 -40.15
N LYS B 462 17.42 -12.84 -39.83
CA LYS B 462 17.16 -14.26 -39.66
C LYS B 462 16.75 -14.49 -38.22
N SER B 463 15.52 -14.99 -38.05
CA SER B 463 14.98 -15.27 -36.73
C SER B 463 15.69 -16.47 -36.12
N GLN B 464 16.31 -16.25 -34.95
CA GLN B 464 17.05 -17.29 -34.26
C GLN B 464 16.07 -18.22 -33.56
N GLY B 465 15.40 -17.72 -32.53
CA GLY B 465 14.53 -18.52 -31.67
C GLY B 465 15.04 -18.45 -30.24
N TYR B 466 14.20 -17.94 -29.33
CA TYR B 466 14.55 -17.78 -27.91
C TYR B 466 13.44 -18.18 -26.94
N ASP B 467 13.86 -18.72 -25.81
CA ASP B 467 12.97 -19.05 -24.70
C ASP B 467 12.87 -17.80 -23.82
N TRP B 468 11.87 -16.96 -24.11
CA TRP B 468 11.71 -15.67 -23.40
C TRP B 468 11.24 -15.78 -21.96
N SER B 469 10.60 -16.90 -21.61
CA SER B 469 10.09 -17.13 -20.26
C SER B 469 11.21 -17.30 -19.23
N GLU B 470 12.18 -18.16 -19.54
CA GLU B 470 13.36 -18.33 -18.69
C GLU B 470 14.34 -17.18 -18.96
N PRO B 471 14.77 -16.44 -17.92
CA PRO B 471 15.72 -15.36 -18.14
C PRO B 471 17.07 -15.80 -18.70
N PHE B 472 17.60 -15.04 -19.67
CA PHE B 472 18.97 -15.24 -20.18
C PHE B 472 19.71 -13.91 -20.34
N SER B 473 21.02 -14.03 -20.59
CA SER B 473 21.93 -12.88 -20.69
C SER B 473 22.96 -13.08 -21.82
N PRO B 474 22.76 -12.39 -22.97
CA PRO B 474 23.71 -12.45 -24.10
C PRO B 474 24.80 -11.37 -24.01
N GLY B 475 25.61 -11.25 -25.07
CA GLY B 475 26.65 -10.22 -25.16
C GLY B 475 27.10 -9.96 -26.59
N PHE B 479 22.56 -11.14 -31.19
CA PHE B 479 21.60 -10.35 -31.99
C PHE B 479 22.15 -9.73 -33.30
N LYS B 480 23.48 -9.63 -33.41
CA LYS B 480 24.20 -9.07 -34.56
C LYS B 480 23.77 -9.71 -35.90
N CYS B 481 22.99 -8.94 -36.67
CA CYS B 481 22.54 -9.37 -37.99
C CYS B 481 23.68 -9.46 -39.00
N PRO B 482 23.63 -10.45 -39.91
CA PRO B 482 24.50 -10.39 -41.08
C PRO B 482 24.13 -9.22 -42.00
N ILE B 483 25.15 -8.55 -42.53
CA ILE B 483 24.97 -7.50 -43.52
C ILE B 483 25.01 -8.26 -44.85
N LYS B 484 23.94 -8.18 -45.63
CA LYS B 484 23.89 -8.83 -46.96
C LYS B 484 24.61 -7.99 -48.01
N GLU B 485 24.38 -6.68 -47.98
CA GLU B 485 25.21 -5.72 -48.74
C GLU B 485 25.34 -4.34 -48.10
N GLU B 486 26.35 -3.60 -48.55
CA GLU B 486 26.70 -2.28 -48.01
C GLU B 486 27.38 -1.47 -49.11
N ILE B 487 26.57 -0.78 -49.90
CA ILE B 487 27.04 0.01 -51.04
C ILE B 487 27.35 1.45 -50.65
N ALA B 488 28.53 1.95 -51.00
CA ALA B 488 28.86 3.38 -50.83
C ALA B 488 28.21 4.17 -51.93
N LEU B 489 27.28 5.05 -51.56
CA LEU B 489 26.54 5.94 -52.48
C LEU B 489 27.31 7.24 -52.77
N THR B 490 28.02 7.70 -51.75
CA THR B 490 28.94 8.81 -51.85
C THR B 490 30.28 8.36 -51.24
N SER B 491 31.37 8.96 -51.71
CA SER B 491 32.69 8.75 -51.13
C SER B 491 33.52 9.98 -51.40
N GLY B 492 34.67 10.06 -50.73
CA GLY B 492 35.63 11.15 -50.97
C GLY B 492 36.11 11.83 -49.71
N GLU B 493 36.99 12.82 -49.91
CA GLU B 493 37.59 13.60 -48.81
C GLU B 493 36.71 14.80 -48.36
N TRP B 494 35.40 14.60 -48.37
CA TRP B 494 34.40 15.64 -48.08
C TRP B 494 33.30 14.93 -47.31
N GLU B 495 32.22 15.63 -46.95
CA GLU B 495 31.19 14.99 -46.11
C GLU B 495 29.72 15.34 -46.37
N VAL B 496 28.86 14.37 -46.05
CA VAL B 496 27.41 14.52 -46.03
C VAL B 496 27.00 15.05 -44.66
N LEU B 497 26.05 15.98 -44.65
CA LEU B 497 25.60 16.61 -43.41
C LEU B 497 24.49 15.80 -42.78
N ALA B 498 24.69 15.44 -41.51
CA ALA B 498 23.75 14.62 -40.76
C ALA B 498 23.55 14.97 -39.27
N ARG B 499 24.37 15.85 -38.70
CA ARG B 499 24.16 16.32 -37.32
C ARG B 499 23.32 17.57 -37.39
N HIS B 500 22.95 18.10 -36.22
CA HIS B 500 22.32 19.44 -36.09
C HIS B 500 21.11 19.68 -37.03
N GLY B 501 20.26 18.66 -37.16
CA GLY B 501 19.01 18.78 -37.92
C GLY B 501 19.14 18.74 -39.43
N SER B 502 20.34 18.46 -39.94
CA SER B 502 20.52 18.17 -41.36
C SER B 502 19.92 16.80 -41.60
N LYS B 503 19.41 16.60 -42.81
CA LYS B 503 18.68 15.40 -43.19
C LYS B 503 18.72 15.15 -44.68
N ILE B 504 18.38 13.92 -45.06
CA ILE B 504 18.11 13.58 -46.46
C ILE B 504 16.60 13.61 -46.71
N TRP B 505 16.27 13.65 -47.99
CA TRP B 505 14.90 13.51 -48.49
C TRP B 505 15.01 12.45 -49.56
N VAL B 506 14.25 11.36 -49.39
CA VAL B 506 14.35 10.21 -50.27
C VAL B 506 13.06 10.11 -51.08
N ASN B 507 13.16 10.20 -52.40
CA ASN B 507 12.02 10.00 -53.29
C ASN B 507 12.06 8.58 -53.78
N GLU B 508 11.01 7.81 -53.44
CA GLU B 508 10.93 6.40 -53.80
C GLU B 508 10.43 6.13 -55.22
N GLU B 509 9.65 7.05 -55.78
CA GLU B 509 9.15 6.90 -57.14
C GLU B 509 10.30 6.94 -58.15
N THR B 510 11.30 7.79 -57.89
CA THR B 510 12.44 8.02 -58.80
C THR B 510 13.77 7.36 -58.37
N LYS B 511 13.78 6.74 -57.20
CA LYS B 511 14.95 6.05 -56.63
C LYS B 511 16.14 6.97 -56.36
N LEU B 512 15.85 8.20 -55.94
CA LEU B 512 16.88 9.21 -55.65
C LEU B 512 16.90 9.61 -54.17
N VAL B 513 18.08 10.06 -53.74
CA VAL B 513 18.29 10.58 -52.38
C VAL B 513 18.95 11.96 -52.49
N TYR B 514 18.17 12.98 -52.11
CA TYR B 514 18.66 14.36 -52.04
C TYR B 514 19.35 14.60 -50.69
N PHE B 515 20.50 15.28 -50.71
CA PHE B 515 21.29 15.52 -49.51
C PHE B 515 22.16 16.78 -49.51
N GLN B 516 22.60 17.12 -48.30
CA GLN B 516 23.42 18.30 -48.04
C GLN B 516 24.89 17.85 -47.80
N GLY B 517 25.83 18.58 -48.40
CA GLY B 517 27.25 18.23 -48.28
C GLY B 517 28.25 19.31 -48.68
N THR B 518 29.52 18.97 -48.48
CA THR B 518 30.66 19.84 -48.71
C THR B 518 31.54 19.35 -49.88
N LYS B 519 30.92 18.61 -50.81
CA LYS B 519 31.66 17.98 -51.90
C LYS B 519 32.46 19.00 -52.71
N ASP B 520 31.88 20.17 -52.93
CA ASP B 520 32.55 21.25 -53.66
C ASP B 520 33.58 21.99 -52.81
N THR B 521 33.22 22.29 -51.55
CA THR B 521 34.14 23.01 -50.64
C THR B 521 33.65 22.94 -49.19
N PRO B 522 34.58 22.88 -48.20
CA PRO B 522 34.16 22.88 -46.77
C PRO B 522 33.53 24.20 -46.34
N LEU B 523 33.86 25.27 -47.07
CA LEU B 523 33.34 26.60 -46.81
C LEU B 523 31.87 26.83 -47.22
N GLU B 524 31.27 25.94 -48.01
CA GLU B 524 29.89 26.12 -48.48
C GLU B 524 29.13 24.82 -48.33
N HIS B 525 27.90 24.89 -47.83
CA HIS B 525 26.99 23.75 -47.83
C HIS B 525 26.18 23.76 -49.14
N HIS B 526 26.14 22.63 -49.85
CA HIS B 526 25.41 22.54 -51.11
C HIS B 526 24.45 21.39 -51.16
N LEU B 527 23.38 21.58 -51.94
CA LEU B 527 22.34 20.57 -52.16
C LEU B 527 22.76 19.64 -53.31
N TYR B 528 22.76 18.33 -53.04
CA TYR B 528 23.09 17.30 -54.03
C TYR B 528 21.99 16.23 -54.15
N VAL B 529 21.97 15.58 -55.31
CA VAL B 529 21.06 14.47 -55.57
C VAL B 529 21.90 13.31 -56.09
N VAL B 530 21.63 12.12 -55.59
CA VAL B 530 22.27 10.91 -56.10
C VAL B 530 21.26 9.77 -56.01
N SER B 531 21.36 8.82 -56.95
CA SER B 531 20.51 7.64 -56.96
C SER B 531 21.02 6.65 -55.91
N TYR B 532 20.10 5.93 -55.29
CA TYR B 532 20.45 4.89 -54.32
C TYR B 532 20.39 3.45 -54.89
N GLU B 533 19.81 3.27 -56.09
CA GLU B 533 19.97 2.04 -56.90
C GLU B 533 21.41 1.95 -57.40
N ALA B 534 21.77 2.96 -58.17
CA ALA B 534 23.06 3.08 -58.82
C ALA B 534 23.82 4.14 -58.07
N ALA B 535 24.91 3.74 -57.42
CA ALA B 535 25.81 4.68 -56.76
C ALA B 535 26.69 5.37 -57.81
N GLY B 536 26.10 6.33 -58.54
CA GLY B 536 26.74 6.95 -59.70
C GLY B 536 26.97 8.45 -59.57
N GLU B 537 26.43 9.20 -60.53
CA GLU B 537 26.68 10.64 -60.63
C GLU B 537 25.95 11.42 -59.53
N ILE B 538 26.73 12.23 -58.81
CA ILE B 538 26.22 13.16 -57.80
C ILE B 538 26.09 14.55 -58.45
N VAL B 539 24.85 14.99 -58.70
CA VAL B 539 24.56 16.27 -59.32
C VAL B 539 24.28 17.34 -58.25
N ARG B 540 24.91 18.51 -58.40
CA ARG B 540 24.67 19.66 -57.51
C ARG B 540 23.52 20.53 -58.00
N LEU B 541 22.65 20.93 -57.09
CA LEU B 541 21.44 21.70 -57.42
C LEU B 541 21.45 23.17 -57.00
N THR B 542 22.43 23.56 -56.19
CA THR B 542 22.56 24.91 -55.65
C THR B 542 23.80 25.52 -56.28
N THR B 543 23.79 26.83 -56.50
CA THR B 543 24.82 27.51 -57.30
C THR B 543 26.05 27.91 -56.46
N PRO B 544 27.29 27.76 -57.00
CA PRO B 544 28.46 28.06 -56.18
C PRO B 544 28.63 29.54 -55.88
N GLY B 545 29.58 29.84 -55.00
CA GLY B 545 29.73 31.18 -54.41
C GLY B 545 28.99 31.36 -53.07
N PHE B 546 28.01 30.50 -52.80
CA PHE B 546 27.14 30.62 -51.63
C PHE B 546 27.05 29.31 -50.84
N SER B 547 26.83 29.42 -49.53
CA SER B 547 26.46 28.29 -48.69
C SER B 547 24.94 28.26 -48.66
N HIS B 548 24.33 27.07 -48.65
CA HIS B 548 22.86 26.95 -48.69
C HIS B 548 22.29 26.12 -47.55
N SER B 549 21.11 26.51 -47.09
CA SER B 549 20.31 25.76 -46.14
C SER B 549 18.95 25.47 -46.78
N CYS B 550 18.84 24.30 -47.39
CA CYS B 550 17.70 23.94 -48.22
C CYS B 550 16.68 23.05 -47.52
N SER B 551 15.50 22.95 -48.13
CA SER B 551 14.44 22.06 -47.66
C SER B 551 13.55 21.67 -48.84
N MET B 552 13.22 20.39 -48.94
CA MET B 552 12.54 19.81 -50.10
C MET B 552 11.04 19.65 -49.90
N SER B 553 10.32 19.65 -51.02
CA SER B 553 8.93 19.24 -51.09
C SER B 553 8.82 17.71 -50.94
N GLN B 554 7.69 17.26 -50.38
CA GLN B 554 7.37 15.82 -50.31
C GLN B 554 7.12 15.22 -51.70
N ASN B 555 6.68 16.07 -52.64
CA ASN B 555 6.49 15.68 -54.05
C ASN B 555 7.73 15.93 -54.93
N PHE B 556 8.82 16.42 -54.32
CA PHE B 556 10.15 16.56 -54.94
C PHE B 556 10.16 17.38 -56.25
N ASP B 557 9.26 18.35 -56.33
CA ASP B 557 9.12 19.25 -57.49
C ASP B 557 9.65 20.66 -57.23
N MET B 558 9.76 21.04 -55.95
CA MET B 558 10.35 22.33 -55.55
C MET B 558 11.23 22.19 -54.31
N PHE B 559 12.01 23.23 -54.06
CA PHE B 559 12.74 23.38 -52.79
C PHE B 559 12.98 24.85 -52.50
N VAL B 560 13.09 25.18 -51.21
CA VAL B 560 13.53 26.48 -50.75
C VAL B 560 15.02 26.37 -50.36
N SER B 561 15.76 27.46 -50.54
CA SER B 561 17.15 27.57 -50.11
C SER B 561 17.43 28.92 -49.42
N HIS B 562 17.63 28.84 -48.11
CA HIS B 562 18.19 29.93 -47.31
C HIS B 562 19.70 29.85 -47.50
N TYR B 563 20.25 30.81 -48.24
CA TYR B 563 21.65 30.81 -48.61
C TYR B 563 22.25 32.21 -48.43
N SER B 564 23.58 32.27 -48.39
CA SER B 564 24.30 33.53 -48.19
C SER B 564 25.78 33.36 -48.54
N SER B 565 26.53 34.46 -48.42
CA SER B 565 27.98 34.44 -48.56
C SER B 565 28.59 35.45 -47.60
N VAL B 566 29.91 35.42 -47.51
CA VAL B 566 30.67 36.37 -46.68
C VAL B 566 30.37 37.80 -47.12
N SER B 567 30.49 38.04 -48.42
CA SER B 567 30.23 39.33 -49.03
C SER B 567 28.77 39.77 -49.02
N THR B 568 27.83 38.83 -49.09
CA THR B 568 26.41 39.15 -49.34
C THR B 568 25.48 38.63 -48.24
N PRO B 569 24.44 39.41 -47.87
CA PRO B 569 23.53 38.94 -46.83
C PRO B 569 22.59 37.88 -47.37
N PRO B 570 21.94 37.12 -46.47
CA PRO B 570 21.15 35.98 -46.94
C PRO B 570 19.94 36.28 -47.82
N CYS B 571 19.51 35.24 -48.54
CA CYS B 571 18.28 35.25 -49.33
C CYS B 571 17.56 33.91 -49.12
N VAL B 572 16.24 33.93 -49.13
CA VAL B 572 15.44 32.71 -49.13
C VAL B 572 14.68 32.61 -50.47
N HIS B 573 15.19 31.75 -51.36
CA HIS B 573 14.71 31.62 -52.74
C HIS B 573 14.05 30.28 -52.97
N VAL B 574 12.90 30.28 -53.64
CA VAL B 574 12.18 29.06 -53.99
C VAL B 574 12.52 28.67 -55.42
N TYR B 575 12.99 27.43 -55.59
CA TYR B 575 13.35 26.90 -56.89
C TYR B 575 12.40 25.76 -57.30
N LYS B 576 12.32 25.52 -58.60
CA LYS B 576 11.49 24.45 -59.16
C LYS B 576 12.38 23.49 -59.94
N LEU B 577 12.16 22.18 -59.73
CA LEU B 577 12.84 21.14 -60.49
C LEU B 577 12.05 20.82 -61.76
N SER B 578 12.68 21.09 -62.91
CA SER B 578 12.05 21.02 -64.22
C SER B 578 12.94 20.25 -65.20
N GLY B 579 12.30 19.52 -66.11
CA GLY B 579 12.99 18.68 -67.10
C GLY B 579 12.21 17.40 -67.38
N PRO B 580 12.71 16.57 -68.31
CA PRO B 580 12.06 15.29 -68.57
C PRO B 580 11.98 14.36 -67.34
N ASP B 581 10.86 13.63 -67.23
CA ASP B 581 10.61 12.66 -66.13
C ASP B 581 11.33 11.32 -66.30
N ASP B 582 11.68 10.96 -67.54
CA ASP B 582 12.47 9.75 -67.81
C ASP B 582 13.96 9.89 -67.41
N ASP B 583 14.45 11.13 -67.27
CA ASP B 583 15.80 11.45 -66.78
C ASP B 583 15.68 12.33 -65.50
N PRO B 584 15.41 11.69 -64.34
CA PRO B 584 15.05 12.44 -63.12
C PRO B 584 16.24 13.00 -62.30
N LEU B 585 17.41 12.36 -62.40
CA LEU B 585 18.62 12.81 -61.72
C LEU B 585 19.07 14.19 -62.19
N HIS B 586 18.75 14.51 -63.45
CA HIS B 586 19.22 15.72 -64.12
C HIS B 586 18.14 16.79 -64.31
N LYS B 587 17.28 16.96 -63.29
CA LYS B 587 16.31 18.06 -63.29
C LYS B 587 17.08 19.36 -63.05
N GLN B 588 16.91 20.33 -63.94
CA GLN B 588 17.54 21.64 -63.75
C GLN B 588 16.72 22.40 -62.72
N PRO B 589 17.39 22.94 -61.67
CA PRO B 589 16.68 23.75 -60.70
C PRO B 589 16.58 25.18 -61.22
N ARG B 590 15.37 25.59 -61.62
CA ARG B 590 15.11 26.93 -62.15
C ARG B 590 14.63 27.85 -61.02
N PHE B 591 15.17 29.07 -60.97
CA PHE B 591 14.66 30.09 -60.04
C PHE B 591 13.18 30.30 -60.35
N TRP B 592 12.35 30.07 -59.35
CA TRP B 592 10.90 30.23 -59.50
C TRP B 592 10.42 31.52 -58.85
N ALA B 593 10.79 31.71 -57.59
CA ALA B 593 10.36 32.88 -56.83
C ALA B 593 11.30 33.12 -55.66
N SER B 594 11.20 34.32 -55.09
CA SER B 594 11.97 34.73 -53.91
C SER B 594 11.02 35.11 -52.79
N MET B 595 11.41 34.77 -51.56
CA MET B 595 10.68 35.15 -50.36
C MET B 595 11.41 36.17 -49.50
N MET B 596 12.69 36.42 -49.76
CA MET B 596 13.46 37.41 -49.03
C MET B 596 14.72 37.79 -49.80
N GLU B 597 15.11 39.06 -49.66
CA GLU B 597 16.34 39.61 -50.24
C GLU B 597 17.02 40.43 -49.13
N ALA B 598 18.13 41.10 -49.44
CA ALA B 598 18.75 42.05 -48.51
C ALA B 598 19.74 42.97 -49.21
N ASP B 604 27.78 50.67 -42.40
CA ASP B 604 29.12 50.56 -41.82
C ASP B 604 29.87 49.24 -42.06
N TYR B 605 29.27 48.27 -42.76
CA TYR B 605 29.81 46.90 -42.83
C TYR B 605 30.89 46.72 -43.90
N VAL B 606 31.82 45.81 -43.62
CA VAL B 606 32.89 45.40 -44.54
C VAL B 606 33.16 43.92 -44.27
N PRO B 607 32.82 43.04 -45.22
CA PRO B 607 33.04 41.61 -44.96
C PRO B 607 34.52 41.25 -44.83
N PRO B 608 34.84 40.18 -44.08
CA PRO B 608 36.22 39.70 -44.05
C PRO B 608 36.52 38.90 -45.32
N GLU B 609 37.77 38.47 -45.50
CA GLU B 609 38.10 37.59 -46.63
C GLU B 609 38.66 36.30 -46.09
N ILE B 610 38.21 35.19 -46.67
CA ILE B 610 38.60 33.88 -46.18
C ILE B 610 39.95 33.61 -46.79
N PHE B 611 40.83 32.97 -46.02
CA PHE B 611 42.13 32.56 -46.51
C PHE B 611 42.48 31.18 -46.01
N HIS B 612 43.48 30.58 -46.65
CA HIS B 612 44.01 29.30 -46.23
C HIS B 612 45.51 29.39 -46.17
N PHE B 613 46.06 28.65 -45.22
CA PHE B 613 47.48 28.41 -45.09
C PHE B 613 47.68 26.96 -44.71
N HIS B 614 48.90 26.48 -44.90
CA HIS B 614 49.29 25.13 -44.47
C HIS B 614 50.15 25.20 -43.21
N THR B 615 50.05 24.16 -42.39
CA THR B 615 50.83 24.06 -41.15
C THR B 615 52.13 23.31 -41.40
N ARG B 616 53.01 23.35 -40.41
CA ARG B 616 54.29 22.60 -40.45
C ARG B 616 54.11 21.08 -40.66
N SER B 617 52.95 20.55 -40.23
CA SER B 617 52.56 19.17 -40.52
C SER B 617 51.82 18.97 -41.87
N ASP B 618 51.74 20.02 -42.67
CA ASP B 618 51.11 20.01 -44.02
C ASP B 618 49.61 19.69 -44.00
N VAL B 619 48.89 20.40 -43.14
CA VAL B 619 47.42 20.33 -43.03
C VAL B 619 46.84 21.72 -43.34
N ARG B 620 45.79 21.75 -44.16
CA ARG B 620 45.22 23.00 -44.64
C ARG B 620 44.20 23.54 -43.65
N LEU B 621 44.49 24.69 -43.06
CA LEU B 621 43.60 25.37 -42.13
C LEU B 621 43.07 26.63 -42.80
N TYR B 622 41.76 26.87 -42.65
CA TYR B 622 41.11 28.09 -43.19
C TYR B 622 41.02 29.17 -42.13
N GLY B 623 41.02 30.43 -42.58
CA GLY B 623 40.93 31.56 -41.66
C GLY B 623 40.02 32.63 -42.19
N MET B 624 39.71 33.60 -41.32
CA MET B 624 39.03 34.84 -41.69
C MET B 624 39.83 36.01 -41.16
N ILE B 625 39.81 37.12 -41.89
CA ILE B 625 40.34 38.35 -41.38
C ILE B 625 39.44 39.52 -41.74
N TYR B 626 39.12 40.30 -40.71
CA TYR B 626 38.52 41.61 -40.85
C TYR B 626 39.67 42.63 -40.94
N LYS B 627 39.76 43.33 -42.06
CA LYS B 627 40.75 44.38 -42.23
C LYS B 627 40.34 45.57 -41.38
N PRO B 628 41.31 46.34 -40.86
CA PRO B 628 40.96 47.63 -40.28
C PRO B 628 40.38 48.54 -41.35
N HIS B 629 39.32 49.26 -41.00
CA HIS B 629 38.61 50.09 -41.98
C HIS B 629 39.45 51.30 -42.33
N ALA B 630 39.42 51.66 -43.60
CA ALA B 630 40.28 52.72 -44.14
C ALA B 630 41.74 52.47 -43.72
N LEU B 631 42.29 51.39 -44.23
CA LEU B 631 43.64 50.96 -43.88
C LEU B 631 44.69 51.81 -44.57
N GLN B 632 45.79 52.07 -43.87
CA GLN B 632 46.95 52.75 -44.45
C GLN B 632 48.11 51.77 -44.49
N PRO B 633 48.37 51.16 -45.66
CA PRO B 633 49.53 50.27 -45.79
C PRO B 633 50.78 50.91 -45.21
N GLY B 634 51.45 50.18 -44.31
CA GLY B 634 52.59 50.68 -43.57
C GLY B 634 52.36 50.59 -42.08
N LYS B 635 51.14 50.89 -41.66
CA LYS B 635 50.76 50.89 -40.25
C LYS B 635 50.60 49.45 -39.74
N LYS B 636 50.85 49.25 -38.45
CA LYS B 636 50.70 47.95 -37.80
C LYS B 636 49.62 48.10 -36.72
N HIS B 637 48.50 47.40 -36.93
CA HIS B 637 47.31 47.59 -36.12
C HIS B 637 47.26 46.60 -34.97
N PRO B 638 46.57 46.99 -33.86
CA PRO B 638 46.38 46.05 -32.76
C PRO B 638 45.32 45.02 -33.13
N THR B 639 45.59 43.75 -32.80
CA THR B 639 44.83 42.63 -33.32
C THR B 639 44.08 41.83 -32.23
N VAL B 640 42.81 41.54 -32.52
CA VAL B 640 41.93 40.77 -31.66
C VAL B 640 41.70 39.40 -32.32
N LEU B 641 42.32 38.37 -31.78
CA LEU B 641 42.12 37.01 -32.29
C LEU B 641 40.83 36.41 -31.71
N PHE B 642 39.75 36.41 -32.49
CA PHE B 642 38.51 35.82 -32.01
C PHE B 642 38.57 34.30 -32.07
N VAL B 643 38.18 33.65 -30.99
CA VAL B 643 38.34 32.20 -30.90
C VAL B 643 37.12 31.43 -30.38
N TYR B 644 37.02 30.21 -30.86
CA TYR B 644 36.16 29.21 -30.29
C TYR B 644 37.04 27.99 -30.05
N GLY B 645 37.53 27.39 -31.12
CA GLY B 645 38.50 26.30 -31.05
C GLY B 645 38.06 24.93 -30.56
N GLY B 646 36.84 24.82 -30.05
CA GLY B 646 36.32 23.53 -29.63
C GLY B 646 35.83 22.68 -30.80
N PRO B 647 35.51 21.40 -30.52
CA PRO B 647 34.81 20.60 -31.51
C PRO B 647 33.35 21.00 -31.62
N GLN B 648 32.72 20.51 -32.68
CA GLN B 648 31.32 20.79 -33.03
C GLN B 648 31.08 22.19 -33.61
N VAL B 649 32.13 22.96 -33.90
CA VAL B 649 31.95 24.31 -34.49
C VAL B 649 32.95 24.60 -35.61
N GLN B 650 32.48 25.34 -36.61
CA GLN B 650 33.28 25.90 -37.68
C GLN B 650 32.87 27.36 -37.80
N LEU B 651 33.76 28.29 -37.46
CA LEU B 651 33.49 29.72 -37.61
C LEU B 651 33.84 30.24 -39.00
N VAL B 652 34.81 29.58 -39.64
CA VAL B 652 35.31 29.96 -40.96
C VAL B 652 34.62 29.15 -42.04
N ASN B 653 33.66 29.82 -42.69
CA ASN B 653 33.01 29.31 -43.89
C ASN B 653 32.43 30.47 -44.70
N ASN B 654 32.00 30.14 -45.92
CA ASN B 654 31.53 31.12 -46.89
C ASN B 654 30.03 31.34 -46.75
N SER B 655 29.69 32.10 -45.72
CA SER B 655 28.32 32.53 -45.41
C SER B 655 28.39 33.84 -44.68
N PHE B 656 27.28 34.54 -44.61
CA PHE B 656 27.30 35.89 -44.03
C PHE B 656 27.60 35.84 -42.54
N LYS B 657 28.43 36.78 -42.10
CA LYS B 657 28.84 36.88 -40.70
C LYS B 657 28.27 38.12 -39.98
N GLY B 658 27.83 39.13 -40.73
CA GLY B 658 27.48 40.44 -40.15
C GLY B 658 26.31 40.57 -39.19
N ILE B 659 25.45 39.55 -39.09
CA ILE B 659 24.34 39.53 -38.13
C ILE B 659 24.88 39.05 -36.79
N LYS B 660 25.42 37.84 -36.80
CA LYS B 660 25.89 37.17 -35.59
C LYS B 660 27.20 37.76 -35.06
N TYR B 661 28.08 38.20 -35.96
CA TYR B 661 29.42 38.68 -35.60
C TYR B 661 29.63 40.13 -36.02
N LEU B 662 28.66 40.99 -35.69
CA LEU B 662 28.74 42.43 -35.93
C LEU B 662 29.80 43.10 -35.05
N ARG B 663 29.99 42.61 -33.83
CA ARG B 663 31.00 43.16 -32.93
C ARG B 663 32.43 43.04 -33.50
N LEU B 664 32.68 42.01 -34.32
CA LEU B 664 33.96 41.88 -35.03
C LEU B 664 34.20 42.96 -36.09
N ASN B 665 33.14 43.30 -36.84
CA ASN B 665 33.19 44.45 -37.73
C ASN B 665 33.31 45.76 -36.95
N THR B 666 32.63 45.85 -35.81
CA THR B 666 32.72 47.02 -34.92
C THR B 666 34.14 47.18 -34.41
N LEU B 667 34.79 46.09 -34.02
CA LEU B 667 36.21 46.12 -33.70
C LEU B 667 37.00 46.62 -34.90
N ALA B 668 36.68 46.11 -36.09
CA ALA B 668 37.31 46.57 -37.34
C ALA B 668 37.09 48.07 -37.64
N SER B 669 35.88 48.56 -37.37
CA SER B 669 35.54 49.96 -37.57
C SER B 669 36.38 50.94 -36.71
N LEU B 670 36.85 50.48 -35.55
CA LEU B 670 37.73 51.29 -34.69
C LEU B 670 39.21 51.03 -34.98
N GLY B 671 39.50 50.18 -35.95
CA GLY B 671 40.87 49.99 -36.42
C GLY B 671 41.60 48.81 -35.82
N TYR B 672 40.87 47.91 -35.16
CA TYR B 672 41.47 46.67 -34.66
C TYR B 672 41.53 45.66 -35.81
N ALA B 673 42.59 44.88 -35.88
CA ALA B 673 42.58 43.71 -36.76
C ALA B 673 41.81 42.62 -36.02
N VAL B 674 40.94 41.92 -36.73
CA VAL B 674 40.23 40.78 -36.16
C VAL B 674 40.56 39.61 -37.06
N VAL B 675 41.21 38.61 -36.46
CA VAL B 675 41.64 37.38 -37.12
C VAL B 675 40.87 36.22 -36.49
N VAL B 676 40.33 35.34 -37.33
CA VAL B 676 39.68 34.13 -36.85
C VAL B 676 40.24 32.91 -37.57
N ILE B 677 40.68 31.91 -36.82
CA ILE B 677 41.26 30.70 -37.40
C ILE B 677 40.48 29.46 -36.95
N ASP B 678 40.14 28.59 -37.90
CA ASP B 678 39.59 27.27 -37.62
C ASP B 678 40.69 26.23 -37.61
N GLY B 679 41.26 26.03 -36.43
CA GLY B 679 42.31 25.04 -36.22
C GLY B 679 41.78 23.63 -36.11
N ARG B 680 42.72 22.67 -36.05
CA ARG B 680 42.40 21.23 -35.92
C ARG B 680 41.56 20.97 -34.69
N GLY B 681 40.62 20.05 -34.81
CA GLY B 681 39.65 19.83 -33.75
C GLY B 681 38.30 20.40 -34.11
N SER B 682 38.28 21.47 -34.91
CA SER B 682 37.06 22.09 -35.39
C SER B 682 36.28 21.16 -36.35
N CYS B 683 35.07 21.57 -36.71
CA CYS B 683 34.09 20.72 -37.43
C CYS B 683 34.20 20.80 -38.97
N GLN B 684 33.36 20.02 -39.64
CA GLN B 684 33.12 20.02 -41.11
C GLN B 684 34.23 19.40 -41.98
N ARG B 685 35.27 18.87 -41.35
CA ARG B 685 36.42 18.34 -42.07
C ARG B 685 36.71 16.86 -41.79
N GLY B 686 35.72 16.12 -41.30
CA GLY B 686 35.90 14.69 -41.08
C GLY B 686 36.67 14.35 -39.82
N LEU B 687 36.53 13.10 -39.40
CA LEU B 687 36.89 12.63 -38.06
C LEU B 687 38.36 12.75 -37.69
N ARG B 688 39.27 12.47 -38.63
CA ARG B 688 40.73 12.72 -38.46
C ARG B 688 41.04 14.10 -37.91
N PHE B 689 40.46 15.11 -38.54
CA PHE B 689 40.71 16.50 -38.24
C PHE B 689 40.15 16.89 -36.86
N GLU B 690 38.97 16.36 -36.56
CA GLU B 690 38.34 16.49 -35.24
C GLU B 690 39.16 15.75 -34.19
N GLY B 691 39.59 14.52 -34.54
CA GLY B 691 40.29 13.62 -33.64
C GLY B 691 41.62 14.08 -33.10
N ALA B 692 42.18 15.12 -33.71
CA ALA B 692 43.39 15.80 -33.21
C ALA B 692 43.31 16.26 -31.75
N LEU B 693 42.09 16.46 -31.24
CA LEU B 693 41.83 16.78 -29.83
C LEU B 693 41.85 15.61 -28.84
N LYS B 694 41.60 14.40 -29.33
CA LYS B 694 41.21 13.26 -28.49
C LYS B 694 42.16 13.15 -27.30
N ASN B 695 41.58 13.28 -26.10
CA ASN B 695 42.31 13.18 -24.82
C ASN B 695 43.46 14.19 -24.62
N GLN B 696 43.42 15.33 -25.32
CA GLN B 696 44.47 16.36 -25.26
C GLN B 696 43.91 17.79 -25.36
N MET B 697 42.76 18.05 -24.77
CA MET B 697 42.14 19.36 -24.90
C MET B 697 42.99 20.41 -24.19
N GLY B 698 43.06 21.59 -24.79
CA GLY B 698 43.95 22.67 -24.36
C GLY B 698 45.39 22.59 -24.87
N GLN B 699 45.74 21.51 -25.54
CA GLN B 699 47.15 21.22 -25.83
C GLN B 699 47.56 21.43 -27.31
N VAL B 700 46.67 21.09 -28.25
CA VAL B 700 46.94 21.26 -29.71
C VAL B 700 46.44 22.60 -30.29
N GLU B 701 45.43 23.20 -29.67
CA GLU B 701 44.63 24.25 -30.32
C GLU B 701 45.38 25.55 -30.54
N ILE B 702 46.13 26.00 -29.54
CA ILE B 702 46.78 27.32 -29.60
C ILE B 702 47.92 27.39 -30.64
N GLU B 703 48.54 26.25 -30.94
CA GLU B 703 49.60 26.20 -31.93
C GLU B 703 49.09 26.62 -33.30
N ASP B 704 48.00 25.99 -33.74
CA ASP B 704 47.36 26.35 -35.02
C ASP B 704 46.93 27.81 -35.02
N GLN B 705 46.43 28.28 -33.88
CA GLN B 705 45.96 29.66 -33.71
C GLN B 705 47.10 30.66 -33.82
N VAL B 706 48.20 30.37 -33.12
CA VAL B 706 49.42 31.17 -33.26
C VAL B 706 50.02 31.01 -34.66
N GLU B 707 49.96 29.82 -35.25
CA GLU B 707 50.44 29.57 -36.62
C GLU B 707 49.66 30.39 -37.66
N GLY B 708 48.34 30.42 -37.53
CA GLY B 708 47.51 31.25 -38.40
C GLY B 708 47.72 32.75 -38.22
N LEU B 709 48.05 33.14 -36.99
CA LEU B 709 48.31 34.53 -36.61
C LEU B 709 49.63 35.08 -37.19
N GLN B 710 50.67 34.24 -37.23
CA GLN B 710 51.96 34.58 -37.88
C GLN B 710 51.88 34.63 -39.40
N PHE B 711 51.22 33.63 -39.99
CA PHE B 711 50.88 33.63 -41.41
C PHE B 711 50.12 34.90 -41.80
N VAL B 712 49.21 35.32 -40.93
CA VAL B 712 48.39 36.52 -41.15
C VAL B 712 49.22 37.82 -41.15
N ALA B 713 50.23 37.91 -40.27
CA ALA B 713 51.14 39.05 -40.27
C ALA B 713 52.05 39.13 -41.52
N GLU B 714 52.34 37.97 -42.11
CA GLU B 714 53.12 37.89 -43.35
C GLU B 714 52.26 38.33 -44.55
N LYS B 715 51.23 37.56 -44.87
CA LYS B 715 50.34 37.81 -46.02
C LYS B 715 49.80 39.24 -46.03
N TYR B 716 49.24 39.66 -44.90
CA TYR B 716 48.69 41.02 -44.71
C TYR B 716 49.68 41.85 -43.93
N GLY B 717 49.96 43.06 -44.38
CA GLY B 717 51.04 43.84 -43.79
C GLY B 717 50.70 44.67 -42.56
N PHE B 718 49.58 44.37 -41.88
CA PHE B 718 49.00 45.30 -40.88
C PHE B 718 48.76 44.73 -39.48
N ILE B 719 49.38 43.59 -39.18
CA ILE B 719 49.28 42.95 -37.87
C ILE B 719 50.51 43.33 -37.02
N ASP B 720 50.26 44.12 -35.96
CA ASP B 720 51.25 44.38 -34.93
C ASP B 720 51.15 43.20 -33.97
N LEU B 721 52.11 42.28 -34.08
CA LEU B 721 52.15 41.08 -33.24
C LEU B 721 52.47 41.38 -31.78
N SER B 722 52.96 42.58 -31.50
CA SER B 722 53.15 43.07 -30.13
C SER B 722 51.85 43.42 -29.39
N ARG B 723 50.74 43.56 -30.12
CA ARG B 723 49.45 43.90 -29.52
C ARG B 723 48.33 42.98 -29.99
N VAL B 724 48.44 41.70 -29.62
CA VAL B 724 47.42 40.73 -29.94
C VAL B 724 46.62 40.40 -28.68
N ALA B 725 45.30 40.42 -28.81
CA ALA B 725 44.39 40.03 -27.74
C ALA B 725 43.60 38.77 -28.13
N ILE B 726 43.57 37.77 -27.26
CA ILE B 726 42.80 36.55 -27.52
C ILE B 726 41.46 36.64 -26.80
N HIS B 727 40.40 36.22 -27.46
CA HIS B 727 39.10 36.34 -26.87
C HIS B 727 38.10 35.36 -27.45
N GLY B 728 37.32 34.76 -26.56
CA GLY B 728 36.23 33.90 -26.96
C GLY B 728 35.29 33.61 -25.81
N TRP B 729 34.13 33.07 -26.16
CA TRP B 729 33.16 32.62 -25.20
C TRP B 729 33.20 31.10 -25.19
N SER B 730 32.73 30.51 -24.09
CA SER B 730 32.56 29.04 -24.00
C SER B 730 33.90 28.25 -24.13
N TYR B 731 34.04 27.38 -25.13
CA TYR B 731 35.35 26.80 -25.46
C TYR B 731 36.38 27.89 -25.80
N GLY B 732 35.91 28.96 -26.42
CA GLY B 732 36.75 30.10 -26.79
C GLY B 732 37.43 30.73 -25.60
N GLY B 733 36.66 30.97 -24.55
CA GLY B 733 37.19 31.53 -23.31
C GLY B 733 38.13 30.59 -22.59
N PHE B 734 37.94 29.29 -22.79
CA PHE B 734 38.87 28.27 -22.30
C PHE B 734 40.22 28.36 -23.05
N LEU B 735 40.16 28.45 -24.37
CA LEU B 735 41.36 28.63 -25.18
C LEU B 735 41.98 30.00 -25.07
N SER B 736 41.20 30.98 -24.61
CA SER B 736 41.71 32.31 -24.31
C SER B 736 42.60 32.24 -23.08
N LEU B 737 42.11 31.57 -22.05
CA LEU B 737 42.89 31.29 -20.85
C LEU B 737 44.08 30.38 -21.15
N MET B 738 43.89 29.36 -21.99
CA MET B 738 45.01 28.49 -22.37
C MET B 738 46.06 29.21 -23.24
N GLY B 739 45.61 30.18 -24.04
CA GLY B 739 46.50 31.07 -24.78
C GLY B 739 47.36 31.97 -23.91
N LEU B 740 46.80 32.49 -22.83
CA LEU B 740 47.54 33.35 -21.90
C LEU B 740 48.51 32.57 -21.01
N ILE B 741 48.22 31.29 -20.80
CA ILE B 741 49.09 30.39 -20.03
C ILE B 741 50.26 29.91 -20.91
N HIS B 742 49.93 29.29 -22.03
CA HIS B 742 50.93 28.63 -22.87
C HIS B 742 51.73 29.58 -23.76
N LYS B 743 51.15 30.73 -24.12
CA LYS B 743 51.80 31.70 -25.02
C LYS B 743 51.66 33.17 -24.57
N PRO B 744 52.14 33.51 -23.36
CA PRO B 744 52.02 34.89 -22.82
C PRO B 744 52.79 35.98 -23.60
N GLN B 745 53.96 35.61 -24.14
CA GLN B 745 54.72 36.43 -25.10
C GLN B 745 53.95 36.83 -26.38
N VAL B 746 52.96 36.02 -26.77
CA VAL B 746 52.17 36.22 -27.99
C VAL B 746 50.88 37.03 -27.71
N PHE B 747 50.20 36.72 -26.62
CA PHE B 747 48.93 37.38 -26.25
C PHE B 747 49.12 38.29 -25.02
N LYS B 748 48.97 39.59 -25.23
CA LYS B 748 49.12 40.57 -24.15
C LYS B 748 47.93 40.56 -23.20
N VAL B 749 46.72 40.43 -23.73
CA VAL B 749 45.52 40.28 -22.88
C VAL B 749 44.67 39.09 -23.32
N ALA B 750 43.90 38.58 -22.36
CA ALA B 750 42.88 37.57 -22.60
C ALA B 750 41.57 38.05 -22.00
N ILE B 751 40.51 38.08 -22.78
CA ILE B 751 39.18 38.35 -22.26
C ILE B 751 38.41 37.06 -22.40
N ALA B 752 38.37 36.28 -21.32
CA ALA B 752 37.85 34.91 -21.36
C ALA B 752 36.44 34.84 -20.79
N GLY B 753 35.50 34.43 -21.64
CA GLY B 753 34.08 34.37 -21.28
C GLY B 753 33.59 32.94 -21.13
N ALA B 754 32.77 32.71 -20.11
CA ALA B 754 32.15 31.40 -19.81
C ALA B 754 33.09 30.19 -19.95
N PRO B 755 34.27 30.22 -19.31
CA PRO B 755 35.20 29.15 -19.58
C PRO B 755 34.94 27.92 -18.71
N VAL B 756 35.28 26.76 -19.28
CA VAL B 756 35.41 25.52 -18.52
C VAL B 756 36.82 25.56 -17.96
N THR B 757 36.92 25.66 -16.63
CA THR B 757 38.19 25.70 -15.92
C THR B 757 38.57 24.41 -15.20
N VAL B 758 37.62 23.48 -15.11
CA VAL B 758 37.85 22.15 -14.54
C VAL B 758 37.02 21.18 -15.37
N TRP B 759 37.69 20.38 -16.20
CA TRP B 759 37.01 19.35 -16.99
C TRP B 759 36.33 18.35 -16.10
N MET B 760 36.97 18.03 -14.97
CA MET B 760 36.41 17.13 -13.95
C MET B 760 35.03 17.57 -13.42
N ALA B 761 34.73 18.86 -13.50
CA ALA B 761 33.41 19.44 -13.22
C ALA B 761 32.38 19.50 -14.38
N TYR B 762 32.77 19.24 -15.62
CA TYR B 762 31.84 19.31 -16.77
C TYR B 762 31.13 17.96 -16.95
N ASP B 763 30.10 17.85 -17.80
CA ASP B 763 29.27 16.63 -17.82
C ASP B 763 29.88 15.37 -18.48
N THR B 764 29.19 14.24 -18.31
CA THR B 764 29.58 12.95 -18.89
C THR B 764 29.61 12.94 -20.40
N GLY B 765 28.53 13.45 -20.99
CA GLY B 765 28.26 13.30 -22.42
C GLY B 765 29.33 13.91 -23.29
N TYR B 766 29.72 15.12 -22.94
CA TYR B 766 30.73 15.84 -23.66
C TYR B 766 32.12 15.39 -23.23
N THR B 767 32.48 15.56 -21.96
CA THR B 767 33.88 15.33 -21.51
C THR B 767 34.45 13.93 -21.87
N GLU B 768 33.66 12.88 -21.65
CA GLU B 768 34.09 11.49 -21.92
C GLU B 768 34.30 11.19 -23.39
N ARG B 769 33.48 11.80 -24.23
CA ARG B 769 33.58 11.62 -25.67
C ARG B 769 34.99 11.97 -26.14
N TYR B 770 35.46 13.16 -25.79
CA TYR B 770 36.73 13.71 -26.27
C TYR B 770 37.90 13.47 -25.31
N MET B 771 37.64 13.54 -24.00
CA MET B 771 38.69 13.47 -22.98
C MET B 771 38.72 12.16 -22.18
N ASP B 772 37.79 11.25 -22.46
CA ASP B 772 37.65 10.00 -21.70
C ASP B 772 37.19 10.24 -20.24
N VAL B 773 36.97 9.14 -19.53
CA VAL B 773 36.64 9.15 -18.09
C VAL B 773 37.89 9.55 -17.28
N PRO B 774 37.74 10.36 -16.19
CA PRO B 774 38.94 10.90 -15.51
C PRO B 774 39.91 9.82 -15.00
N GLU B 775 39.39 8.67 -14.60
CA GLU B 775 40.19 7.49 -14.20
C GLU B 775 41.18 6.99 -15.29
N ASN B 776 40.90 7.28 -16.57
CA ASN B 776 41.74 6.88 -17.70
C ASN B 776 42.65 7.96 -18.29
N ASN B 777 42.47 9.23 -17.89
CA ASN B 777 43.20 10.35 -18.49
C ASN B 777 43.49 11.50 -17.50
N GLN B 778 44.00 11.16 -16.32
CA GLN B 778 44.33 12.18 -15.30
C GLN B 778 45.42 13.19 -15.76
N HIS B 779 46.28 12.76 -16.69
CA HIS B 779 47.26 13.64 -17.32
C HIS B 779 46.58 14.74 -18.12
N GLY B 780 45.72 14.35 -19.05
CA GLY B 780 45.07 15.28 -19.98
C GLY B 780 44.05 16.20 -19.34
N TYR B 781 43.27 15.67 -18.40
CA TYR B 781 42.36 16.48 -17.57
C TYR B 781 43.11 17.59 -16.86
N GLU B 782 44.14 17.21 -16.12
CA GLU B 782 44.98 18.16 -15.39
C GLU B 782 45.65 19.14 -16.34
N ALA B 783 46.26 18.60 -17.40
CA ALA B 783 46.90 19.40 -18.45
C ALA B 783 45.99 20.45 -19.09
N GLY B 784 44.72 20.10 -19.29
CA GLY B 784 43.72 20.98 -19.93
C GLY B 784 42.74 21.75 -19.02
N SER B 785 42.95 21.69 -17.71
CA SER B 785 42.14 22.45 -16.74
C SER B 785 42.89 23.73 -16.37
N VAL B 786 42.44 24.85 -16.91
CA VAL B 786 43.14 26.14 -16.69
C VAL B 786 43.26 26.54 -15.21
N ALA B 787 42.34 26.06 -14.38
CA ALA B 787 42.32 26.34 -12.93
C ALA B 787 43.49 25.73 -12.18
N LEU B 788 44.03 24.63 -12.69
CA LEU B 788 45.20 24.00 -12.09
C LEU B 788 46.54 24.57 -12.58
N HIS B 789 46.51 25.44 -13.59
CA HIS B 789 47.75 26.04 -14.14
C HIS B 789 47.82 27.54 -13.92
N VAL B 790 47.15 28.00 -12.87
CA VAL B 790 47.02 29.41 -12.55
C VAL B 790 48.38 30.04 -12.24
N GLU B 791 49.31 29.28 -11.65
CA GLU B 791 50.68 29.77 -11.45
C GLU B 791 51.26 30.38 -12.74
N LYS B 792 50.96 29.78 -13.89
CA LYS B 792 51.44 30.24 -15.19
C LYS B 792 50.68 31.44 -15.79
N LEU B 793 49.64 31.94 -15.10
CA LEU B 793 48.94 33.17 -15.53
C LEU B 793 49.76 34.39 -15.13
N PRO B 794 49.52 35.55 -15.77
CA PRO B 794 50.41 36.67 -15.53
C PRO B 794 50.29 37.27 -14.15
N ASN B 795 51.40 37.80 -13.66
CA ASN B 795 51.47 38.62 -12.45
C ASN B 795 51.23 40.10 -12.76
N GLU B 796 51.17 40.45 -14.02
CA GLU B 796 50.83 41.81 -14.43
C GLU B 796 49.29 41.95 -14.46
N PRO B 797 48.74 43.02 -13.84
CA PRO B 797 47.30 43.25 -14.00
C PRO B 797 46.92 43.76 -15.39
N ASN B 798 45.63 43.87 -15.63
CA ASN B 798 45.06 44.28 -16.93
C ASN B 798 45.39 43.35 -18.13
N ARG B 799 45.65 42.07 -17.85
CA ARG B 799 45.96 41.08 -18.88
C ARG B 799 44.89 39.97 -19.00
N LEU B 800 43.88 40.00 -18.14
CA LEU B 800 42.89 38.94 -18.04
C LEU B 800 41.57 39.50 -17.51
N LEU B 801 40.56 39.55 -18.38
CA LEU B 801 39.18 39.87 -18.03
C LEU B 801 38.36 38.57 -18.04
N ILE B 802 37.64 38.28 -16.95
CA ILE B 802 36.77 37.10 -16.83
C ILE B 802 35.30 37.51 -16.94
N LEU B 803 34.56 36.86 -17.85
CA LEU B 803 33.14 37.19 -18.08
C LEU B 803 32.35 35.93 -17.85
N HIS B 804 31.29 35.98 -17.05
CA HIS B 804 30.47 34.79 -16.83
C HIS B 804 29.01 35.11 -16.47
N GLY B 805 28.10 34.29 -16.99
CA GLY B 805 26.67 34.34 -16.69
C GLY B 805 26.39 33.64 -15.38
N PHE B 806 25.87 34.40 -14.41
CA PHE B 806 25.58 33.86 -13.08
C PHE B 806 24.55 32.71 -13.08
N LEU B 807 23.53 32.82 -13.93
CA LEU B 807 22.50 31.77 -14.10
C LEU B 807 22.91 30.62 -15.05
N ASP B 808 24.19 30.52 -15.43
CA ASP B 808 24.60 29.50 -16.40
C ASP B 808 24.41 28.09 -15.82
N GLU B 809 23.52 27.33 -16.46
CA GLU B 809 23.21 25.95 -16.05
C GLU B 809 23.92 24.90 -16.95
N ASN B 810 24.61 25.38 -17.98
CA ASN B 810 25.44 24.57 -18.87
C ASN B 810 26.87 24.54 -18.33
N VAL B 811 27.63 25.63 -18.53
CA VAL B 811 28.96 25.81 -17.93
C VAL B 811 28.73 26.61 -16.65
N HIS B 812 28.80 25.95 -15.50
CA HIS B 812 28.36 26.57 -14.25
C HIS B 812 29.30 27.69 -13.80
N PHE B 813 28.74 28.72 -13.17
CA PHE B 813 29.51 29.85 -12.64
C PHE B 813 30.60 29.40 -11.68
N PHE B 814 30.41 28.24 -11.08
CA PHE B 814 31.47 27.55 -10.36
C PHE B 814 32.84 27.59 -11.07
N HIS B 815 32.84 27.44 -12.40
CA HIS B 815 34.09 27.38 -13.15
C HIS B 815 34.89 28.65 -13.02
N THR B 816 34.21 29.78 -13.19
CA THR B 816 34.77 31.09 -12.90
C THR B 816 35.10 31.19 -11.42
N ASN B 817 34.15 30.79 -10.59
CA ASN B 817 34.26 30.94 -9.14
C ASN B 817 35.51 30.25 -8.62
N PHE B 818 35.68 29.01 -9.05
CA PHE B 818 36.84 28.19 -8.71
C PHE B 818 38.16 28.71 -9.32
N LEU B 819 38.08 29.31 -10.50
CA LEU B 819 39.23 29.98 -11.13
C LEU B 819 39.74 31.19 -10.30
N VAL B 820 38.83 32.02 -9.80
CA VAL B 820 39.18 33.18 -8.98
C VAL B 820 39.83 32.73 -7.66
N SER B 821 39.26 31.69 -7.06
CA SER B 821 39.78 31.07 -5.86
C SER B 821 41.26 30.74 -6.02
N GLN B 822 41.59 30.06 -7.12
CA GLN B 822 42.96 29.66 -7.43
C GLN B 822 43.84 30.83 -7.84
N LEU B 823 43.26 31.84 -8.49
CA LEU B 823 43.97 33.11 -8.75
C LEU B 823 44.35 33.83 -7.46
N ILE B 824 43.43 33.85 -6.51
CA ILE B 824 43.64 34.47 -5.21
C ILE B 824 44.71 33.74 -4.37
N ARG B 825 44.72 32.40 -4.40
CA ARG B 825 45.75 31.59 -3.75
C ARG B 825 47.16 31.87 -4.28
N ALA B 826 47.29 31.91 -5.59
CA ALA B 826 48.57 32.21 -6.26
C ALA B 826 49.00 33.67 -6.15
N GLY B 827 48.08 34.56 -5.77
CA GLY B 827 48.33 36.00 -5.67
C GLY B 827 48.30 36.68 -7.02
N LYS B 828 47.39 36.21 -7.88
CA LYS B 828 47.31 36.66 -9.27
C LYS B 828 46.20 37.69 -9.42
N PRO B 829 46.47 38.75 -10.20
CA PRO B 829 45.43 39.73 -10.46
C PRO B 829 44.39 39.22 -11.45
N TYR B 830 43.22 39.82 -11.43
CA TYR B 830 42.19 39.56 -12.42
C TYR B 830 41.18 40.67 -12.37
N GLN B 831 40.47 40.82 -13.46
CA GLN B 831 39.25 41.60 -13.49
C GLN B 831 38.09 40.61 -13.73
N LEU B 832 36.88 41.02 -13.41
CA LEU B 832 35.70 40.15 -13.52
C LEU B 832 34.48 40.97 -13.85
N GLN B 833 33.55 40.34 -14.57
CA GLN B 833 32.22 40.88 -14.87
C GLN B 833 31.21 39.73 -14.81
N ILE B 834 30.18 39.87 -13.97
CA ILE B 834 29.07 38.91 -13.85
C ILE B 834 27.88 39.39 -14.68
N TYR B 835 27.10 38.44 -15.19
CA TYR B 835 25.84 38.72 -15.88
C TYR B 835 24.70 38.05 -15.13
N PRO B 836 24.10 38.77 -14.16
CA PRO B 836 23.13 38.23 -13.19
C PRO B 836 21.86 37.62 -13.77
N ASN B 837 21.41 38.14 -14.89
CA ASN B 837 20.17 37.69 -15.50
C ASN B 837 20.44 36.90 -16.78
N GLU B 838 21.64 36.33 -16.91
CA GLU B 838 22.07 35.60 -18.11
C GLU B 838 22.60 34.21 -17.82
N ARG B 839 22.26 33.25 -18.69
CA ARG B 839 22.78 31.89 -18.57
C ARG B 839 24.03 31.80 -19.48
N HIS B 840 24.16 30.77 -20.32
CA HIS B 840 25.39 30.56 -21.12
C HIS B 840 25.57 31.59 -22.25
N SER B 841 24.47 31.93 -22.94
CA SER B 841 24.43 33.03 -23.91
C SER B 841 23.90 34.32 -23.25
N ILE B 842 24.19 35.44 -23.89
CA ILE B 842 23.67 36.75 -23.47
C ILE B 842 22.46 37.09 -24.33
N ARG B 843 21.27 36.84 -23.78
CA ARG B 843 20.01 37.11 -24.45
C ARG B 843 19.65 38.61 -24.44
N CYS B 844 19.68 39.24 -23.26
CA CYS B 844 19.18 40.62 -23.08
C CYS B 844 20.05 41.70 -23.75
N PRO B 845 19.42 42.62 -24.55
CA PRO B 845 20.13 43.67 -25.29
C PRO B 845 21.07 44.54 -24.45
N GLU B 846 20.56 45.02 -23.33
CA GLU B 846 21.31 45.91 -22.43
C GLU B 846 22.61 45.28 -21.93
N SER B 847 22.56 43.98 -21.62
CA SER B 847 23.72 43.24 -21.14
C SER B 847 24.75 43.11 -22.24
N GLY B 848 24.31 42.69 -23.42
CA GLY B 848 25.15 42.58 -24.59
C GLY B 848 25.85 43.89 -24.92
N GLU B 849 25.11 45.00 -24.87
CA GLU B 849 25.71 46.33 -25.07
C GLU B 849 26.78 46.58 -24.01
N HIS B 850 26.44 46.30 -22.76
CA HIS B 850 27.41 46.40 -21.69
C HIS B 850 28.61 45.49 -21.92
N TYR B 851 28.35 44.26 -22.35
CA TYR B 851 29.41 43.33 -22.73
C TYR B 851 30.30 43.95 -23.82
N GLU B 852 29.70 44.56 -24.84
CA GLU B 852 30.50 45.16 -25.93
C GLU B 852 31.26 46.42 -25.53
N VAL B 853 30.70 47.21 -24.61
CA VAL B 853 31.33 48.45 -24.15
C VAL B 853 32.53 48.15 -23.25
N THR B 854 32.41 47.13 -22.40
CA THR B 854 33.52 46.63 -21.58
C THR B 854 34.68 46.14 -22.46
N LEU B 855 34.35 45.31 -23.46
CA LEU B 855 35.31 44.72 -24.38
C LEU B 855 36.17 45.79 -25.08
N LEU B 856 35.49 46.82 -25.60
CA LEU B 856 36.15 47.94 -26.28
C LEU B 856 37.02 48.77 -25.34
N HIS B 857 36.44 49.15 -24.19
CA HIS B 857 37.16 49.93 -23.18
C HIS B 857 38.39 49.16 -22.69
N PHE B 858 38.24 47.86 -22.46
CA PHE B 858 39.35 47.01 -21.99
C PHE B 858 40.52 46.97 -22.97
N LEU B 859 40.22 46.79 -24.26
CA LEU B 859 41.23 46.78 -25.34
C LEU B 859 41.89 48.15 -25.52
N GLN B 860 41.06 49.17 -25.57
CA GLN B 860 41.49 50.56 -25.67
C GLN B 860 42.48 50.90 -24.58
N GLU B 861 42.11 50.64 -23.33
CA GLU B 861 42.96 51.00 -22.19
C GLU B 861 44.23 50.17 -22.07
N TYR B 862 44.10 48.87 -22.31
CA TYR B 862 45.10 47.90 -21.88
C TYR B 862 45.81 47.10 -22.98
N LEU B 863 45.46 47.28 -24.24
CA LEU B 863 46.12 46.52 -25.28
C LEU B 863 47.42 47.20 -25.69
N PRO C 20 -51.63 -57.63 36.27
CA PRO C 20 -53.02 -57.65 36.71
C PRO C 20 -53.86 -56.57 36.02
N ALA C 21 -55.12 -56.42 36.44
CA ALA C 21 -56.00 -55.34 35.96
C ALA C 21 -55.59 -53.94 36.48
N ALA C 22 -54.74 -53.89 37.51
CA ALA C 22 -54.17 -52.64 38.04
C ALA C 22 -53.34 -51.83 37.04
N ARG C 23 -52.70 -52.51 36.07
CA ARG C 23 -51.79 -51.86 35.16
C ARG C 23 -52.59 -51.10 34.12
N PHE C 24 -52.48 -49.77 34.12
CA PHE C 24 -53.29 -48.88 33.26
C PHE C 24 -52.78 -48.76 31.84
N GLN C 25 -53.65 -49.04 30.87
CA GLN C 25 -53.32 -48.91 29.45
C GLN C 25 -53.94 -47.64 28.83
N VAL C 26 -53.09 -46.76 28.28
CA VAL C 26 -53.57 -45.57 27.58
C VAL C 26 -54.31 -46.00 26.32
N GLN C 27 -55.30 -45.22 25.89
CA GLN C 27 -56.00 -45.54 24.66
C GLN C 27 -55.08 -45.33 23.47
N LYS C 28 -54.99 -46.37 22.62
CA LYS C 28 -54.18 -46.33 21.41
C LYS C 28 -55.02 -45.71 20.31
N HIS C 29 -54.63 -44.53 19.89
CA HIS C 29 -55.23 -43.84 18.73
C HIS C 29 -54.46 -44.04 17.41
N SER C 30 -55.20 -43.96 16.31
CA SER C 30 -54.60 -43.84 14.99
C SER C 30 -53.78 -42.54 14.93
N TRP C 31 -52.85 -42.47 13.98
CA TRP C 31 -51.97 -41.30 13.84
C TRP C 31 -52.77 -40.02 13.54
N ASP C 32 -53.83 -40.13 12.74
CA ASP C 32 -54.76 -39.01 12.55
C ASP C 32 -55.48 -38.66 13.85
N GLY C 33 -55.87 -39.71 14.60
CA GLY C 33 -56.42 -39.56 15.94
C GLY C 33 -55.52 -38.79 16.90
N LEU C 34 -54.22 -39.07 16.87
CA LEU C 34 -53.25 -38.38 17.72
C LEU C 34 -53.00 -36.93 17.28
N ARG C 35 -52.93 -36.72 15.96
CA ARG C 35 -52.84 -35.38 15.38
C ARG C 35 -54.01 -34.50 15.77
N SER C 36 -55.21 -35.08 15.77
CA SER C 36 -56.42 -34.36 16.18
C SER C 36 -56.43 -34.08 17.68
N ILE C 37 -55.91 -35.01 18.48
CA ILE C 37 -55.70 -34.76 19.92
C ILE C 37 -54.75 -33.59 20.14
N ILE C 38 -53.66 -33.57 19.40
CA ILE C 38 -52.66 -32.50 19.55
C ILE C 38 -53.11 -31.18 18.94
N HIS C 39 -53.91 -31.22 17.88
CA HIS C 39 -54.47 -29.98 17.32
C HIS C 39 -55.48 -29.34 18.27
N GLY C 40 -56.31 -30.16 18.89
CA GLY C 40 -57.24 -29.70 19.93
C GLY C 40 -56.54 -29.16 21.17
N SER C 41 -55.36 -29.71 21.44
CA SER C 41 -54.47 -29.29 22.54
C SER C 41 -54.14 -27.80 22.50
N ARG C 42 -53.79 -27.31 21.31
CA ARG C 42 -53.28 -25.97 21.12
C ARG C 42 -54.38 -25.02 20.63
N LYS C 43 -55.39 -24.81 21.48
CA LYS C 43 -56.45 -23.82 21.25
C LYS C 43 -56.96 -23.28 22.59
N ALA C 52 -46.71 -11.28 26.55
CA ALA C 52 -47.13 -10.45 27.68
C ALA C 52 -46.33 -9.14 27.78
N PRO C 53 -46.86 -8.13 28.49
CA PRO C 53 -46.22 -6.80 28.61
C PRO C 53 -44.83 -6.82 29.23
N HIS C 54 -43.83 -6.33 28.51
CA HIS C 54 -42.46 -6.30 29.01
C HIS C 54 -41.65 -5.12 28.47
N ASP C 55 -40.47 -4.93 29.05
CA ASP C 55 -39.57 -3.84 28.68
C ASP C 55 -40.29 -2.50 28.95
N PHE C 56 -40.52 -2.23 30.23
CA PHE C 56 -41.28 -1.05 30.69
C PHE C 56 -40.44 0.19 30.84
N GLN C 57 -41.07 1.34 30.60
CA GLN C 57 -40.47 2.67 30.82
C GLN C 57 -41.49 3.56 31.52
N PHE C 58 -41.18 4.00 32.74
CA PHE C 58 -42.04 4.93 33.48
C PHE C 58 -41.70 6.39 33.19
N VAL C 59 -42.69 7.16 32.74
CA VAL C 59 -42.53 8.60 32.48
C VAL C 59 -43.66 9.38 33.15
N GLN C 60 -43.31 10.29 34.08
CA GLN C 60 -44.29 11.20 34.69
C GLN C 60 -44.74 12.28 33.71
N LYS C 61 -46.00 12.70 33.84
CA LYS C 61 -46.63 13.65 32.90
C LYS C 61 -46.39 15.13 33.20
N THR C 62 -46.20 15.45 34.49
CA THR C 62 -45.95 16.84 34.98
C THR C 62 -46.97 17.86 34.46
N ASP C 63 -48.24 17.45 34.49
CA ASP C 63 -49.38 18.30 34.21
C ASP C 63 -50.20 18.26 35.51
N GLU C 64 -50.02 19.29 36.32
CA GLU C 64 -50.62 19.34 37.66
C GLU C 64 -52.17 19.40 37.64
N SER C 65 -52.75 19.89 36.54
CA SER C 65 -54.21 19.90 36.33
C SER C 65 -54.74 18.75 35.43
N GLY C 66 -53.90 17.74 35.17
CA GLY C 66 -54.22 16.66 34.23
C GLY C 66 -54.69 15.36 34.88
N PRO C 67 -55.44 14.53 34.12
CA PRO C 67 -56.03 13.29 34.64
C PRO C 67 -55.03 12.15 34.90
N HIS C 68 -53.95 12.11 34.13
CA HIS C 68 -52.96 11.03 34.18
C HIS C 68 -51.69 11.46 34.92
N SER C 69 -51.26 10.62 35.86
CA SER C 69 -50.04 10.84 36.65
C SER C 69 -48.77 10.32 35.96
N HIS C 70 -48.93 9.27 35.16
CA HIS C 70 -47.82 8.65 34.43
C HIS C 70 -48.24 8.13 33.07
N ARG C 71 -47.24 7.77 32.27
CA ARG C 71 -47.39 6.90 31.12
C ARG C 71 -46.35 5.78 31.16
N LEU C 72 -46.82 4.52 31.14
CA LEU C 72 -45.96 3.35 30.93
C LEU C 72 -45.85 3.09 29.45
N TYR C 73 -44.63 2.94 28.94
CA TYR C 73 -44.37 2.48 27.58
C TYR C 73 -43.86 1.05 27.67
N TYR C 74 -44.29 0.20 26.73
CA TYR C 74 -43.90 -1.22 26.76
C TYR C 74 -44.14 -1.98 25.46
N LEU C 75 -43.55 -3.17 25.39
CA LEU C 75 -43.71 -4.09 24.25
C LEU C 75 -44.81 -5.09 24.58
N GLY C 76 -45.65 -5.41 23.60
CA GLY C 76 -46.70 -6.42 23.77
C GLY C 76 -47.38 -6.81 22.47
N MET C 77 -48.22 -7.85 22.55
CA MET C 77 -49.03 -8.35 21.42
C MET C 77 -50.54 -8.06 21.62
N PRO C 78 -51.37 -8.28 20.57
CA PRO C 78 -52.84 -8.26 20.78
C PRO C 78 -53.31 -9.49 21.58
N ARG C 82 -50.46 -11.53 17.15
CA ARG C 82 -49.97 -11.13 15.84
C ARG C 82 -48.44 -10.83 15.89
N GLU C 83 -48.08 -9.60 16.25
CA GLU C 83 -46.67 -9.18 16.37
C GLU C 83 -46.50 -8.50 17.72
N ASN C 84 -45.28 -8.59 18.25
CA ASN C 84 -44.89 -7.84 19.43
C ASN C 84 -44.48 -6.43 19.02
N SER C 85 -45.04 -5.41 19.65
CA SER C 85 -44.81 -4.00 19.26
C SER C 85 -44.97 -2.99 20.39
N LEU C 86 -44.54 -1.75 20.13
CA LEU C 86 -44.56 -0.69 21.13
C LEU C 86 -45.98 -0.23 21.41
N LEU C 87 -46.36 -0.24 22.70
CA LEU C 87 -47.67 0.19 23.17
C LEU C 87 -47.48 1.15 24.32
N TYR C 88 -48.58 1.60 24.93
CA TYR C 88 -48.53 2.32 26.20
C TYR C 88 -49.82 2.21 26.99
N SER C 89 -49.77 2.67 28.23
CA SER C 89 -50.96 2.85 29.04
C SER C 89 -50.83 4.17 29.76
N GLU C 90 -51.96 4.64 30.27
CA GLU C 90 -52.06 5.88 31.05
C GLU C 90 -52.42 5.46 32.46
N ILE C 91 -51.61 5.86 33.43
CA ILE C 91 -51.89 5.57 34.81
C ILE C 91 -52.73 6.72 35.36
N PRO C 92 -53.98 6.44 35.80
CA PRO C 92 -54.84 7.51 36.28
C PRO C 92 -54.48 8.00 37.69
N LYS C 93 -55.18 9.06 38.12
CA LYS C 93 -55.06 9.60 39.48
C LYS C 93 -56.21 9.12 40.37
N LYS C 94 -57.44 9.53 40.01
CA LYS C 94 -58.65 9.24 40.80
C LYS C 94 -59.84 8.99 39.88
N LEU C 101 -60.00 -2.12 37.89
CA LEU C 101 -59.44 -1.10 37.01
C LEU C 101 -58.36 -1.66 36.06
N LEU C 102 -58.79 -2.08 34.88
CA LEU C 102 -57.89 -2.56 33.82
C LEU C 102 -57.50 -1.37 32.95
N LEU C 103 -56.27 -1.36 32.46
CA LEU C 103 -55.78 -0.26 31.64
C LEU C 103 -55.82 -0.61 30.15
N SER C 104 -56.20 0.35 29.32
CA SER C 104 -56.13 0.22 27.87
C SER C 104 -54.69 0.08 27.40
N TRP C 105 -54.48 -0.82 26.44
CA TRP C 105 -53.22 -0.97 25.76
C TRP C 105 -53.25 -0.12 24.51
N LYS C 106 -52.80 1.14 24.66
CA LYS C 106 -52.82 2.10 23.57
C LYS C 106 -51.68 1.83 22.61
N GLN C 107 -51.96 1.93 21.32
CA GLN C 107 -50.97 1.67 20.29
C GLN C 107 -50.11 2.92 20.05
N MET C 108 -48.81 2.71 19.86
CA MET C 108 -47.86 3.78 19.52
C MET C 108 -47.80 3.99 18.01
N LEU C 109 -47.65 2.88 17.29
CA LEU C 109 -47.47 2.87 15.84
C LEU C 109 -48.77 2.46 15.16
N ASP C 110 -49.32 3.33 14.30
CA ASP C 110 -50.49 2.98 13.49
C ASP C 110 -50.12 2.04 12.32
N HIS C 111 -50.82 0.91 12.24
CA HIS C 111 -50.74 -0.06 11.12
C HIS C 111 -49.33 -0.31 10.55
N PHE C 112 -48.35 -0.42 11.46
CA PHE C 112 -46.93 -0.58 11.07
C PHE C 112 -46.50 -2.05 11.18
N GLN C 113 -46.03 -2.62 10.08
CA GLN C 113 -45.47 -3.97 10.08
C GLN C 113 -43.98 -3.95 10.49
N ALA C 114 -43.72 -4.48 11.68
CA ALA C 114 -42.37 -4.56 12.24
C ALA C 114 -41.61 -5.82 11.79
N THR C 115 -42.32 -6.92 11.53
CA THR C 115 -41.70 -8.18 11.10
C THR C 115 -41.52 -8.24 9.56
N PRO C 116 -40.41 -8.83 9.05
CA PRO C 116 -40.26 -8.95 7.58
C PRO C 116 -41.22 -9.96 6.95
N HIS C 117 -41.10 -10.14 5.63
CA HIS C 117 -42.17 -10.68 4.74
C HIS C 117 -42.90 -11.95 5.23
N HIS C 118 -42.17 -13.05 5.38
CA HIS C 118 -42.73 -14.35 5.84
C HIS C 118 -42.18 -14.68 7.24
N GLY C 119 -41.97 -13.64 8.06
CA GLY C 119 -41.26 -13.78 9.34
C GLY C 119 -39.78 -14.14 9.20
N VAL C 120 -39.23 -13.92 8.00
CA VAL C 120 -37.89 -14.39 7.66
C VAL C 120 -36.93 -13.20 7.73
N TYR C 121 -36.18 -13.14 8.83
CA TYR C 121 -35.17 -12.12 9.06
C TYR C 121 -33.88 -12.39 8.28
N SER C 122 -32.96 -11.42 8.28
CA SER C 122 -31.60 -11.62 7.78
C SER C 122 -30.84 -12.51 8.76
N ARG C 123 -29.67 -13.00 8.35
CA ARG C 123 -28.87 -13.91 9.18
C ARG C 123 -28.55 -13.30 10.55
N GLU C 124 -27.84 -12.18 10.53
CA GLU C 124 -27.32 -11.56 11.77
C GLU C 124 -28.45 -11.45 12.79
N GLU C 125 -29.55 -10.85 12.34
CA GLU C 125 -30.82 -10.67 13.08
C GLU C 125 -31.47 -12.01 13.49
N GLU C 126 -31.47 -12.98 12.58
CA GLU C 126 -31.98 -14.35 12.82
C GLU C 126 -31.18 -15.12 13.86
N LEU C 127 -29.86 -15.04 13.75
CA LEU C 127 -28.96 -15.73 14.67
C LEU C 127 -28.95 -15.05 16.03
N LEU C 128 -28.93 -13.71 16.05
CA LEU C 128 -29.10 -12.91 17.28
C LEU C 128 -30.36 -13.28 18.08
N ARG C 129 -31.42 -13.70 17.39
CA ARG C 129 -32.68 -14.20 18.03
C ARG C 129 -32.60 -15.60 18.64
N GLU C 130 -31.76 -16.48 18.09
CA GLU C 130 -31.48 -17.78 18.72
C GLU C 130 -30.65 -17.61 20.02
N ARG C 131 -29.77 -16.61 20.05
CA ARG C 131 -28.88 -16.37 21.21
C ARG C 131 -29.65 -15.81 22.41
N LYS C 132 -30.49 -14.82 22.14
CA LYS C 132 -31.40 -14.29 23.17
C LYS C 132 -32.64 -15.18 23.38
N ARG C 133 -32.87 -16.12 22.46
CA ARG C 133 -34.01 -17.06 22.50
C ARG C 133 -35.35 -16.34 22.35
N LEU C 134 -35.40 -15.46 21.35
CA LEU C 134 -36.59 -14.70 21.01
C LEU C 134 -37.42 -15.46 19.99
N GLY C 135 -38.57 -15.96 20.44
CA GLY C 135 -39.53 -16.66 19.56
C GLY C 135 -40.58 -15.77 18.89
N VAL C 136 -40.64 -14.50 19.30
CA VAL C 136 -41.77 -13.62 18.98
C VAL C 136 -41.46 -12.78 17.75
N PHE C 137 -42.46 -12.60 16.88
CA PHE C 137 -42.32 -11.71 15.73
C PHE C 137 -42.39 -10.24 16.22
N GLY C 138 -41.76 -9.34 15.46
CA GLY C 138 -41.87 -7.89 15.67
C GLY C 138 -40.75 -7.23 16.47
N ILE C 139 -41.05 -6.07 17.06
CA ILE C 139 -40.09 -5.29 17.84
C ILE C 139 -39.84 -6.02 19.15
N THR C 140 -38.64 -6.58 19.30
CA THR C 140 -38.25 -7.33 20.52
C THR C 140 -37.38 -6.52 21.49
N SER C 141 -36.65 -5.54 20.96
CA SER C 141 -35.91 -4.59 21.78
C SER C 141 -36.16 -3.19 21.26
N TYR C 142 -35.91 -2.22 22.13
CA TYR C 142 -35.86 -0.81 21.73
C TYR C 142 -34.97 0.00 22.69
N ASP C 143 -34.59 1.20 22.25
CA ASP C 143 -33.81 2.13 23.06
C ASP C 143 -34.62 3.41 23.22
N PHE C 144 -34.58 3.96 24.43
CA PHE C 144 -35.36 5.17 24.78
C PHE C 144 -34.51 6.18 25.54
N HIS C 145 -34.61 7.44 25.14
CA HIS C 145 -33.95 8.57 25.77
C HIS C 145 -35.01 9.41 26.50
N SER C 146 -34.87 9.58 27.80
CA SER C 146 -35.94 10.17 28.62
C SER C 146 -36.18 11.69 28.42
N GLU C 147 -35.13 12.50 28.27
CA GLU C 147 -35.30 13.96 28.08
C GLU C 147 -36.10 14.24 26.81
N SER C 148 -35.54 13.79 25.70
CA SER C 148 -36.05 14.01 24.35
C SER C 148 -37.26 13.16 23.95
N GLY C 149 -37.58 12.15 24.76
CA GLY C 149 -38.66 11.22 24.45
C GLY C 149 -38.39 10.36 23.23
N LEU C 150 -37.11 10.13 22.93
CA LEU C 150 -36.71 9.45 21.70
C LEU C 150 -36.81 7.94 21.85
N PHE C 151 -37.43 7.28 20.88
CA PHE C 151 -37.49 5.82 20.79
C PHE C 151 -36.73 5.36 19.56
N LEU C 152 -35.88 4.36 19.69
CA LEU C 152 -35.03 3.89 18.59
C LEU C 152 -35.06 2.37 18.58
N PHE C 153 -35.32 1.76 17.42
CA PHE C 153 -35.50 0.30 17.35
C PHE C 153 -35.35 -0.28 15.96
N GLN C 154 -35.10 -1.58 15.90
CA GLN C 154 -35.11 -2.32 14.64
C GLN C 154 -36.55 -2.72 14.27
N ALA C 155 -36.85 -2.64 12.99
CA ALA C 155 -38.13 -3.09 12.45
C ALA C 155 -37.98 -3.21 10.95
N SER C 156 -38.83 -4.04 10.36
CA SER C 156 -38.58 -4.60 9.01
C SER C 156 -37.12 -5.13 8.99
N ASN C 157 -36.36 -4.80 7.94
CA ASN C 157 -34.92 -4.99 7.96
C ASN C 157 -34.32 -3.60 7.78
N SER C 158 -34.69 -2.73 8.72
CA SER C 158 -34.28 -1.33 8.72
C SER C 158 -34.29 -0.79 10.16
N LEU C 159 -34.19 0.54 10.29
CA LEU C 159 -34.21 1.24 11.58
C LEU C 159 -35.32 2.27 11.63
N PHE C 160 -35.80 2.54 12.85
CA PHE C 160 -37.02 3.35 13.06
C PHE C 160 -36.98 4.18 14.34
N HIS C 161 -37.61 5.36 14.29
CA HIS C 161 -37.75 6.21 15.47
C HIS C 161 -39.11 6.91 15.59
N CYS C 162 -39.37 7.42 16.79
CA CYS C 162 -40.54 8.24 17.09
C CYS C 162 -40.36 8.96 18.44
N ARG C 163 -40.89 10.18 18.53
CA ARG C 163 -40.80 11.00 19.76
C ARG C 163 -42.11 11.00 20.55
N ASP C 164 -42.00 11.03 21.87
CA ASP C 164 -43.16 11.05 22.77
C ASP C 164 -42.71 11.42 24.21
N GLY C 165 -43.18 12.56 24.71
CA GLY C 165 -42.86 13.03 26.06
C GLY C 165 -41.46 13.59 26.20
N ASN C 168 -41.37 17.42 23.89
CA ASN C 168 -42.62 17.29 23.13
C ASN C 168 -43.76 16.75 23.98
N GLY C 169 -44.98 16.95 23.50
CA GLY C 169 -46.19 16.55 24.21
C GLY C 169 -46.42 15.05 24.21
N PHE C 170 -47.41 14.62 24.99
CA PHE C 170 -47.78 13.21 25.10
C PHE C 170 -48.80 12.79 24.03
N MET C 171 -48.35 11.95 23.11
CA MET C 171 -49.12 11.45 21.97
C MET C 171 -50.42 10.75 22.40
N VAL C 172 -51.53 11.18 21.81
CA VAL C 172 -52.86 10.58 22.07
C VAL C 172 -53.29 9.65 20.92
N SER C 173 -53.11 10.12 19.68
CA SER C 173 -53.41 9.35 18.48
C SER C 173 -52.11 8.74 17.92
N PRO C 174 -52.12 7.43 17.59
CA PRO C 174 -50.96 6.75 16.99
C PRO C 174 -50.25 7.52 15.88
N MET C 175 -48.92 7.49 15.92
CA MET C 175 -48.05 8.24 14.99
C MET C 175 -47.24 7.26 14.15
N LYS C 176 -46.86 7.69 12.94
CA LYS C 176 -46.07 6.87 12.03
C LYS C 176 -44.60 6.85 12.47
N PRO C 177 -43.98 5.66 12.55
CA PRO C 177 -42.56 5.60 12.88
C PRO C 177 -41.71 5.94 11.67
N LEU C 178 -40.82 6.92 11.83
CA LEU C 178 -40.04 7.45 10.71
C LEU C 178 -38.90 6.50 10.36
N GLU C 179 -38.76 6.18 9.07
CA GLU C 179 -37.63 5.38 8.57
C GLU C 179 -36.35 6.22 8.57
N ILE C 180 -35.25 5.64 9.03
CA ILE C 180 -33.94 6.29 9.01
C ILE C 180 -33.16 5.76 7.80
N LYS C 181 -32.86 6.65 6.86
CA LYS C 181 -32.20 6.31 5.60
C LYS C 181 -30.72 5.98 5.81
N THR C 182 -30.17 5.12 4.94
CA THR C 182 -28.76 4.69 5.01
C THR C 182 -28.15 4.32 3.65
N GLN C 183 -26.85 4.57 3.52
CA GLN C 183 -26.06 4.19 2.34
C GLN C 183 -25.29 2.87 2.52
N CYS C 184 -25.42 2.25 3.69
CA CYS C 184 -24.74 0.99 3.98
C CYS C 184 -25.47 -0.19 3.34
N SER C 185 -24.73 -1.27 3.11
CA SER C 185 -25.24 -2.43 2.36
C SER C 185 -26.19 -3.28 3.20
N GLY C 186 -25.66 -3.88 4.26
CA GLY C 186 -26.39 -4.87 5.04
C GLY C 186 -27.31 -4.33 6.12
N PRO C 187 -27.65 -5.18 7.11
CA PRO C 187 -28.43 -4.72 8.27
C PRO C 187 -27.69 -3.70 9.12
N ARG C 188 -28.45 -2.91 9.89
CA ARG C 188 -27.90 -2.06 10.94
C ARG C 188 -28.25 -2.67 12.29
N MET C 189 -27.22 -3.27 12.91
CA MET C 189 -27.40 -4.14 14.08
C MET C 189 -27.07 -3.36 15.33
N ASP C 190 -27.67 -3.77 16.43
CA ASP C 190 -27.38 -3.27 17.77
C ASP C 190 -27.45 -1.73 17.88
N PRO C 191 -28.56 -1.14 17.41
CA PRO C 191 -28.70 0.30 17.47
C PRO C 191 -28.90 0.83 18.89
N LYS C 192 -28.23 1.94 19.18
CA LYS C 192 -28.35 2.63 20.48
C LYS C 192 -28.29 4.14 20.29
N ILE C 193 -29.07 4.87 21.07
CA ILE C 193 -29.05 6.32 21.06
C ILE C 193 -27.85 6.78 21.89
N CYS C 194 -27.25 7.90 21.50
CA CYS C 194 -26.14 8.50 22.25
C CYS C 194 -26.70 9.16 23.52
N PRO C 195 -26.34 8.65 24.72
CA PRO C 195 -26.92 9.17 25.98
C PRO C 195 -26.65 10.66 26.22
N ALA C 196 -25.46 11.13 25.86
CA ALA C 196 -25.04 12.52 26.09
C ALA C 196 -25.62 13.53 25.09
N ASP C 197 -25.97 13.05 23.90
CA ASP C 197 -26.61 13.88 22.88
C ASP C 197 -27.56 13.01 22.07
N PRO C 198 -28.88 13.21 22.24
CA PRO C 198 -29.85 12.38 21.53
C PRO C 198 -29.93 12.62 20.01
N ALA C 199 -29.25 13.67 19.51
CA ALA C 199 -29.07 13.85 18.06
C ALA C 199 -28.36 12.68 17.36
N PHE C 200 -27.49 11.98 18.09
CA PHE C 200 -26.72 10.86 17.55
C PHE C 200 -27.21 9.47 17.98
N PHE C 201 -26.83 8.49 17.17
CA PHE C 201 -27.05 7.08 17.45
C PHE C 201 -25.95 6.28 16.78
N SER C 202 -25.90 4.99 17.11
CA SER C 202 -24.83 4.10 16.68
C SER C 202 -25.37 2.78 16.17
N PHE C 203 -24.55 2.06 15.41
CA PHE C 203 -24.92 0.72 14.92
C PHE C 203 -23.71 -0.01 14.39
N ILE C 204 -23.83 -1.33 14.32
CA ILE C 204 -22.85 -2.16 13.62
C ILE C 204 -23.36 -2.35 12.20
N ASN C 205 -22.43 -2.41 11.26
CA ASN C 205 -22.71 -2.71 9.87
C ASN C 205 -21.45 -3.35 9.28
N ASN C 206 -21.60 -4.57 8.80
CA ASN C 206 -20.45 -5.36 8.35
C ASN C 206 -19.39 -5.35 9.46
N SER C 207 -19.79 -5.81 10.65
CA SER C 207 -18.92 -5.88 11.84
C SER C 207 -17.88 -4.74 11.98
N ASP C 208 -18.37 -3.51 11.79
CA ASP C 208 -17.67 -2.30 12.23
C ASP C 208 -18.64 -1.31 12.83
N LEU C 209 -18.10 -0.37 13.60
CA LEU C 209 -18.90 0.63 14.30
C LEU C 209 -19.18 1.81 13.36
N TRP C 210 -20.46 2.19 13.29
CA TRP C 210 -20.91 3.36 12.54
C TRP C 210 -21.69 4.33 13.43
N VAL C 211 -21.49 5.63 13.21
CA VAL C 211 -22.23 6.68 13.92
C VAL C 211 -22.97 7.53 12.92
N ALA C 212 -24.28 7.68 13.13
CA ALA C 212 -25.15 8.50 12.30
C ALA C 212 -25.83 9.58 13.14
N ASN C 213 -26.66 10.40 12.49
CA ASN C 213 -27.38 11.50 13.16
C ASN C 213 -28.81 11.53 12.63
N ILE C 214 -29.79 11.25 13.50
CA ILE C 214 -31.21 11.23 13.09
C ILE C 214 -31.75 12.57 12.61
N GLU C 215 -31.15 13.69 13.07
CA GLU C 215 -31.59 15.03 12.67
C GLU C 215 -31.04 15.42 11.29
N THR C 216 -29.73 15.28 11.10
CA THR C 216 -29.07 15.72 9.87
C THR C 216 -29.05 14.66 8.76
N GLY C 217 -29.11 13.38 9.12
CA GLY C 217 -29.06 12.28 8.14
C GLY C 217 -27.64 11.80 7.79
N GLU C 218 -26.63 12.49 8.30
CA GLU C 218 -25.20 12.12 8.09
C GLU C 218 -24.84 10.80 8.78
N GLU C 219 -24.10 9.95 8.07
CA GLU C 219 -23.61 8.66 8.57
C GLU C 219 -22.10 8.64 8.48
N ARG C 220 -21.45 8.05 9.49
CA ARG C 220 -19.99 8.09 9.61
C ARG C 220 -19.40 6.83 10.25
N ARG C 221 -18.51 6.18 9.52
CA ARG C 221 -17.90 4.91 9.94
C ARG C 221 -16.72 5.15 10.84
N LEU C 222 -16.71 4.48 12.00
CA LEU C 222 -15.71 4.71 13.04
C LEU C 222 -14.55 3.71 13.06
N THR C 223 -14.86 2.42 12.89
CA THR C 223 -13.82 1.36 12.91
C THR C 223 -13.57 0.79 11.53
N PHE C 224 -12.40 0.17 11.36
CA PHE C 224 -11.95 -0.38 10.07
C PHE C 224 -11.24 -1.76 10.19
N CYS C 225 -11.91 -2.70 10.84
CA CYS C 225 -11.44 -4.08 10.97
C CYS C 225 -11.94 -5.03 9.86
N HIS C 226 -13.12 -4.74 9.33
CA HIS C 226 -13.70 -5.50 8.22
C HIS C 226 -13.21 -4.87 6.93
N GLN C 227 -13.55 -5.48 5.80
CA GLN C 227 -13.11 -5.01 4.49
C GLN C 227 -14.21 -5.19 3.46
N VAL C 232 -16.71 -13.24 5.32
CA VAL C 232 -16.01 -14.42 4.82
C VAL C 232 -14.89 -14.86 5.79
N LEU C 233 -14.18 -15.93 5.43
CA LEU C 233 -13.07 -16.49 6.24
C LEU C 233 -11.84 -15.57 6.28
N ASP C 234 -11.60 -14.86 5.19
CA ASP C 234 -10.41 -14.00 5.05
C ASP C 234 -10.48 -12.67 5.81
N ASP C 235 -11.61 -12.41 6.47
CA ASP C 235 -11.86 -11.12 7.13
C ASP C 235 -12.21 -11.37 8.62
N PRO C 236 -11.20 -11.70 9.43
CA PRO C 236 -11.41 -12.21 10.78
C PRO C 236 -11.53 -11.14 11.87
N LYS C 237 -10.88 -10.00 11.68
CA LYS C 237 -10.96 -8.91 12.64
C LYS C 237 -12.35 -8.25 12.61
N SER C 238 -12.73 -7.64 13.72
CA SER C 238 -14.04 -7.02 13.86
C SER C 238 -14.08 -6.11 15.09
N ALA C 239 -14.99 -5.15 15.06
CA ALA C 239 -15.09 -4.17 16.13
C ALA C 239 -16.54 -3.92 16.48
N GLY C 240 -16.79 -3.74 17.78
CA GLY C 240 -18.14 -3.54 18.30
C GLY C 240 -19.00 -4.80 18.49
N VAL C 241 -18.45 -5.97 18.17
CA VAL C 241 -19.24 -7.20 18.07
C VAL C 241 -18.88 -8.16 19.19
N ALA C 242 -19.89 -8.86 19.68
CA ALA C 242 -19.71 -9.93 20.64
C ALA C 242 -19.69 -11.22 19.85
N THR C 243 -18.56 -11.94 19.89
CA THR C 243 -18.43 -13.20 19.18
C THR C 243 -19.39 -14.29 19.68
N PHE C 244 -19.42 -15.42 18.97
CA PHE C 244 -20.36 -16.54 19.25
C PHE C 244 -20.46 -16.91 20.73
N VAL C 245 -19.33 -17.33 21.30
CA VAL C 245 -19.28 -17.86 22.67
C VAL C 245 -19.59 -16.80 23.72
N ILE C 246 -19.37 -15.54 23.37
CA ILE C 246 -19.77 -14.42 24.22
C ILE C 246 -21.28 -14.27 24.19
N GLN C 247 -21.88 -14.36 23.01
CA GLN C 247 -23.34 -14.34 22.93
C GLN C 247 -23.97 -15.58 23.54
N GLU C 248 -23.54 -16.77 23.10
CA GLU C 248 -24.19 -18.04 23.48
C GLU C 248 -24.01 -18.44 24.94
N GLU C 249 -22.86 -18.12 25.53
CA GLU C 249 -22.50 -18.65 26.85
C GLU C 249 -22.22 -17.60 27.92
N PHE C 250 -22.29 -16.31 27.58
CA PHE C 250 -22.07 -15.20 28.55
C PHE C 250 -23.17 -14.14 28.66
N ASP C 251 -24.26 -14.26 27.89
CA ASP C 251 -25.32 -13.26 27.87
C ASP C 251 -24.82 -11.83 27.67
N ARG C 252 -23.85 -11.67 26.77
CA ARG C 252 -23.47 -10.36 26.28
C ARG C 252 -23.74 -10.39 24.78
N PHE C 253 -24.58 -9.47 24.32
CA PHE C 253 -24.99 -9.39 22.92
C PHE C 253 -24.52 -8.08 22.24
N THR C 254 -23.69 -7.33 22.96
CA THR C 254 -23.18 -6.06 22.48
C THR C 254 -21.68 -6.06 22.67
N GLY C 255 -20.98 -5.32 21.82
CA GLY C 255 -19.52 -5.12 21.93
C GLY C 255 -19.06 -3.66 21.91
N TYR C 256 -20.00 -2.73 22.13
CA TYR C 256 -19.66 -1.34 22.32
C TYR C 256 -20.54 -0.72 23.40
N TRP C 257 -20.02 0.36 23.99
CA TRP C 257 -20.61 1.03 25.13
C TRP C 257 -20.36 2.53 24.99
N TRP C 258 -21.41 3.31 24.70
CA TRP C 258 -21.36 4.77 24.68
C TRP C 258 -20.84 5.33 26.00
N CYS C 259 -20.03 6.38 25.91
CA CYS C 259 -19.74 7.19 27.09
C CYS C 259 -21.00 8.01 27.41
N PRO C 260 -21.41 8.04 28.70
CA PRO C 260 -22.65 8.75 29.07
C PRO C 260 -22.58 10.28 29.12
N THR C 261 -21.38 10.86 28.99
CA THR C 261 -21.16 12.31 28.97
C THR C 261 -20.23 12.73 27.84
N ALA C 262 -20.20 14.05 27.60
CA ALA C 262 -19.35 14.67 26.57
C ALA C 262 -18.30 15.53 27.26
N SER C 263 -17.30 15.95 26.49
CA SER C 263 -16.29 16.91 26.94
C SER C 263 -16.07 17.98 25.88
N TRP C 264 -15.71 19.18 26.34
CA TRP C 264 -15.58 20.38 25.48
C TRP C 264 -14.12 20.66 25.12
N LEU C 270 -16.37 23.02 19.70
CA LEU C 270 -16.58 21.59 19.54
C LEU C 270 -16.88 20.84 20.86
N LYS C 271 -17.56 19.71 20.74
CA LYS C 271 -17.71 18.72 21.83
C LYS C 271 -17.40 17.32 21.31
N THR C 272 -16.89 16.46 22.18
CA THR C 272 -16.53 15.09 21.81
C THR C 272 -17.47 14.05 22.42
N LEU C 273 -17.53 12.92 21.74
CA LEU C 273 -18.35 11.79 22.14
C LEU C 273 -17.52 10.54 21.95
N ARG C 274 -17.43 9.73 22.99
CA ARG C 274 -16.61 8.51 22.99
C ARG C 274 -17.49 7.27 22.91
N ILE C 275 -16.93 6.19 22.38
CA ILE C 275 -17.52 4.88 22.48
C ILE C 275 -16.39 3.90 22.84
N LEU C 276 -16.56 3.20 23.96
CA LEU C 276 -15.74 2.03 24.28
C LEU C 276 -16.22 0.88 23.43
N TYR C 277 -15.31 0.00 23.01
CA TYR C 277 -15.66 -1.16 22.19
C TYR C 277 -14.60 -2.25 22.18
N GLU C 278 -15.04 -3.48 21.91
CA GLU C 278 -14.16 -4.66 21.89
C GLU C 278 -13.65 -4.91 20.48
N GLU C 279 -12.34 -4.79 20.27
CA GLU C 279 -11.71 -5.22 19.00
C GLU C 279 -11.44 -6.69 19.11
N VAL C 280 -11.79 -7.45 18.06
CA VAL C 280 -11.67 -8.89 18.06
C VAL C 280 -11.04 -9.43 16.79
N ASP C 281 -10.17 -10.43 16.94
CA ASP C 281 -9.53 -11.16 15.82
C ASP C 281 -9.77 -12.69 15.93
N GLU C 282 -10.58 -13.22 15.02
CA GLU C 282 -10.97 -14.64 15.03
C GLU C 282 -10.17 -15.57 14.09
N SER C 283 -9.04 -15.10 13.55
CA SER C 283 -8.17 -15.88 12.65
C SER C 283 -7.80 -17.24 13.26
N GLU C 284 -7.42 -17.19 14.53
CA GLU C 284 -7.01 -18.38 15.29
C GLU C 284 -8.11 -19.37 15.63
N VAL C 285 -9.36 -19.03 15.33
CA VAL C 285 -10.48 -19.84 15.74
C VAL C 285 -10.90 -20.81 14.65
N GLU C 286 -11.15 -22.05 15.06
CA GLU C 286 -11.63 -23.08 14.17
C GLU C 286 -12.92 -22.66 13.46
N VAL C 287 -12.96 -22.93 12.17
CA VAL C 287 -14.13 -22.65 11.35
C VAL C 287 -14.86 -23.96 11.18
N ILE C 288 -16.18 -23.88 11.23
CA ILE C 288 -17.01 -25.06 10.98
C ILE C 288 -18.15 -24.63 10.13
N HIS C 289 -18.60 -25.55 9.29
CA HIS C 289 -19.68 -25.30 8.35
C HIS C 289 -21.00 -25.87 8.87
N VAL C 290 -21.99 -24.99 9.05
CA VAL C 290 -23.35 -25.38 9.42
C VAL C 290 -24.31 -25.11 8.26
N PRO C 291 -25.24 -26.05 7.97
CA PRO C 291 -26.28 -25.86 6.93
C PRO C 291 -27.17 -24.58 7.05
N SER C 292 -27.34 -23.88 5.93
CA SER C 292 -28.15 -22.66 5.83
C SER C 292 -29.67 -22.98 5.83
N PRO C 293 -30.52 -22.04 6.33
CA PRO C 293 -31.99 -22.19 6.24
C PRO C 293 -32.56 -22.40 4.83
N ALA C 294 -31.95 -21.79 3.82
CA ALA C 294 -32.37 -21.99 2.43
C ALA C 294 -31.84 -23.34 1.94
N LEU C 295 -32.60 -24.38 2.28
CA LEU C 295 -32.24 -25.77 1.94
C LEU C 295 -32.11 -25.97 0.44
N GLU C 296 -32.83 -25.16 -0.32
CA GLU C 296 -32.87 -25.23 -1.78
C GLU C 296 -31.52 -24.78 -2.36
N GLU C 297 -30.86 -23.82 -1.71
CA GLU C 297 -29.49 -23.38 -2.11
C GLU C 297 -28.41 -24.43 -1.85
N ARG C 298 -28.64 -25.32 -0.88
CA ARG C 298 -27.68 -26.38 -0.54
C ARG C 298 -26.27 -25.84 -0.17
N LYS C 299 -26.26 -24.70 0.51
CA LYS C 299 -25.03 -24.11 0.98
C LYS C 299 -25.03 -24.12 2.50
N THR C 300 -23.87 -23.84 3.06
CA THR C 300 -23.68 -23.81 4.50
C THR C 300 -23.34 -22.40 4.87
N ASP C 301 -23.24 -22.16 6.17
CA ASP C 301 -22.65 -20.94 6.71
C ASP C 301 -21.40 -21.30 7.51
N SER C 302 -20.36 -20.49 7.33
CA SER C 302 -19.12 -20.64 8.11
C SER C 302 -19.29 -19.89 9.41
N TYR C 303 -19.07 -20.59 10.51
CA TYR C 303 -19.08 -19.99 11.85
C TYR C 303 -17.66 -20.06 12.40
N ARG C 304 -17.31 -19.13 13.27
CA ARG C 304 -16.10 -19.26 14.08
C ARG C 304 -16.48 -19.96 15.39
N TYR C 305 -16.20 -21.26 15.47
CA TYR C 305 -16.62 -22.07 16.62
C TYR C 305 -15.42 -22.62 17.38
N PRO C 306 -15.06 -21.96 18.51
CA PRO C 306 -14.01 -22.54 19.33
C PRO C 306 -14.57 -23.71 20.11
N ARG C 307 -14.23 -24.92 19.68
CA ARG C 307 -14.48 -26.12 20.45
C ARG C 307 -13.62 -26.15 21.72
N THR C 308 -14.16 -26.73 22.79
CA THR C 308 -13.45 -26.87 24.07
C THR C 308 -11.96 -27.17 23.92
N GLY C 309 -11.12 -26.34 24.53
CA GLY C 309 -9.68 -26.56 24.47
C GLY C 309 -8.92 -25.92 23.31
N SER C 310 -9.62 -25.54 22.24
CA SER C 310 -8.99 -24.80 21.14
C SER C 310 -9.03 -23.29 21.43
N LYS C 311 -8.44 -22.49 20.55
CA LYS C 311 -8.27 -21.07 20.84
C LYS C 311 -9.55 -20.27 20.74
N ASN C 312 -9.79 -19.43 21.75
CA ASN C 312 -10.79 -18.38 21.69
C ASN C 312 -10.19 -17.17 20.96
N PRO C 313 -11.03 -16.20 20.55
CA PRO C 313 -10.47 -15.03 19.83
C PRO C 313 -9.62 -14.07 20.67
N LYS C 314 -8.60 -13.45 20.05
CA LYS C 314 -7.78 -12.40 20.70
C LYS C 314 -8.54 -11.09 20.70
N ILE C 315 -8.55 -10.42 21.85
CA ILE C 315 -9.46 -9.30 22.12
C ILE C 315 -8.72 -8.09 22.70
N ALA C 316 -9.37 -6.94 22.69
CA ALA C 316 -8.91 -5.76 23.44
C ALA C 316 -10.01 -4.73 23.53
N LEU C 317 -9.90 -3.83 24.51
CA LEU C 317 -10.80 -2.69 24.64
C LEU C 317 -10.13 -1.51 23.93
N LYS C 318 -10.93 -0.75 23.20
CA LYS C 318 -10.45 0.35 22.37
C LYS C 318 -11.38 1.54 22.55
N LEU C 319 -10.83 2.75 22.48
CA LEU C 319 -11.66 3.95 22.43
C LEU C 319 -11.86 4.40 21.00
N ALA C 320 -13.10 4.82 20.68
CA ALA C 320 -13.44 5.43 19.41
C ALA C 320 -14.07 6.79 19.68
N GLU C 321 -13.25 7.83 19.57
CA GLU C 321 -13.71 9.21 19.78
C GLU C 321 -14.27 9.81 18.50
N PHE C 322 -15.12 10.83 18.66
CA PHE C 322 -15.46 11.69 17.55
C PHE C 322 -15.98 13.03 18.05
N GLN C 323 -15.52 14.09 17.41
CA GLN C 323 -15.90 15.46 17.77
C GLN C 323 -17.07 15.89 16.90
N THR C 324 -17.90 16.79 17.42
CA THR C 324 -19.04 17.36 16.67
C THR C 324 -19.10 18.88 16.88
N ASP C 325 -19.44 19.62 15.83
CA ASP C 325 -19.60 21.08 15.94
C ASP C 325 -20.97 21.45 16.50
N SER C 326 -21.20 22.74 16.67
CA SER C 326 -22.51 23.29 17.10
C SER C 326 -23.70 22.90 16.20
N GLN C 327 -23.43 22.71 14.90
CA GLN C 327 -24.43 22.26 13.92
C GLN C 327 -24.81 20.77 13.96
N GLY C 328 -24.10 19.98 14.76
CA GLY C 328 -24.31 18.53 14.81
C GLY C 328 -23.69 17.80 13.63
N LYS C 329 -22.52 18.28 13.21
CA LYS C 329 -21.82 17.78 12.05
C LYS C 329 -20.58 17.09 12.59
N ILE C 330 -20.45 15.80 12.31
CA ILE C 330 -19.28 15.05 12.77
C ILE C 330 -18.09 15.63 12.02
N VAL C 331 -17.17 16.24 12.75
CA VAL C 331 -16.01 16.93 12.16
C VAL C 331 -14.87 15.93 11.94
N SER C 332 -14.46 15.29 13.03
CA SER C 332 -13.33 14.37 13.03
C SER C 332 -13.66 13.16 13.88
N THR C 333 -12.92 12.08 13.62
CA THR C 333 -13.07 10.81 14.34
C THR C 333 -11.67 10.30 14.62
N GLN C 334 -11.57 9.21 15.39
CA GLN C 334 -10.27 8.65 15.81
C GLN C 334 -10.39 7.26 16.46
N GLU C 335 -9.70 6.26 15.91
CA GLU C 335 -9.49 4.99 16.63
C GLU C 335 -8.46 5.24 17.73
N LYS C 336 -8.63 4.59 18.88
CA LYS C 336 -7.66 4.68 19.97
C LYS C 336 -7.41 3.33 20.60
N GLU C 337 -6.19 3.15 21.11
CA GLU C 337 -5.75 1.92 21.75
C GLU C 337 -5.08 2.20 23.09
N LEU C 338 -5.12 1.21 23.96
CA LEU C 338 -4.45 1.31 25.25
C LEU C 338 -2.95 1.57 25.06
N VAL C 339 -2.38 2.50 25.83
CA VAL C 339 -0.93 2.78 25.82
C VAL C 339 -0.06 1.53 25.70
N GLN C 340 -0.42 0.46 26.42
CA GLN C 340 0.22 -0.86 26.23
C GLN C 340 -0.78 -1.82 25.62
N PRO C 341 -0.30 -2.93 25.04
CA PRO C 341 -1.24 -3.94 24.59
C PRO C 341 -2.12 -4.45 25.71
N PHE C 342 -3.39 -4.66 25.40
CA PHE C 342 -4.37 -5.23 26.34
C PHE C 342 -3.89 -6.59 26.88
N SER C 343 -3.43 -7.44 25.96
CA SER C 343 -2.93 -8.80 26.27
C SER C 343 -1.67 -8.89 27.17
N SER C 344 -0.97 -7.77 27.37
CA SER C 344 0.19 -7.71 28.29
C SER C 344 -0.08 -6.96 29.62
N LEU C 345 -0.94 -5.93 29.59
CA LEU C 345 -1.48 -5.28 30.81
C LEU C 345 -2.35 -6.23 31.63
N PHE C 346 -3.14 -7.02 30.93
CA PHE C 346 -4.02 -7.97 31.55
C PHE C 346 -3.67 -9.37 31.02
N PRO C 347 -2.51 -9.91 31.43
CA PRO C 347 -2.19 -11.28 31.06
C PRO C 347 -3.13 -12.23 31.81
N LYS C 348 -3.51 -13.33 31.16
CA LYS C 348 -4.48 -14.32 31.70
C LYS C 348 -5.98 -13.92 31.64
N VAL C 349 -6.29 -12.79 31.01
CA VAL C 349 -7.68 -12.41 30.75
C VAL C 349 -8.11 -12.98 29.42
N GLU C 350 -9.13 -13.83 29.44
CA GLU C 350 -9.57 -14.59 28.26
C GLU C 350 -10.87 -14.06 27.58
N TYR C 351 -11.87 -13.67 28.39
CA TYR C 351 -13.14 -13.19 27.88
C TYR C 351 -13.45 -11.85 28.54
N ILE C 352 -14.00 -10.91 27.77
CA ILE C 352 -14.56 -9.71 28.36
C ILE C 352 -16.01 -10.04 28.60
N ALA C 353 -16.35 -10.30 29.85
CA ALA C 353 -17.72 -10.67 30.22
C ALA C 353 -18.65 -9.47 30.05
N ARG C 354 -18.28 -8.35 30.67
CA ARG C 354 -19.10 -7.15 30.74
C ARG C 354 -18.28 -5.90 30.58
N ALA C 355 -18.99 -4.79 30.40
CA ALA C 355 -18.37 -3.48 30.34
C ALA C 355 -19.38 -2.34 30.33
N GLY C 356 -18.84 -1.13 30.44
CA GLY C 356 -19.64 0.10 30.41
C GLY C 356 -18.84 1.22 31.02
N TRP C 357 -19.54 2.25 31.52
CA TRP C 357 -18.92 3.43 32.15
C TRP C 357 -19.52 3.78 33.50
N THR C 358 -18.76 4.57 34.29
CA THR C 358 -19.32 5.29 35.43
C THR C 358 -20.29 6.32 34.89
N ARG C 359 -21.19 6.80 35.75
CA ARG C 359 -22.29 7.65 35.26
C ARG C 359 -21.76 8.99 34.72
N ASP C 360 -20.73 9.53 35.36
CA ASP C 360 -20.08 10.78 34.93
C ASP C 360 -19.16 10.70 33.68
N GLY C 361 -18.81 9.50 33.25
CA GLY C 361 -17.94 9.30 32.07
C GLY C 361 -16.46 9.30 32.40
N LYS C 362 -16.15 9.35 33.69
CA LYS C 362 -14.78 9.52 34.18
C LYS C 362 -13.95 8.27 33.91
N TYR C 363 -14.52 7.11 34.21
CA TYR C 363 -13.87 5.82 33.96
C TYR C 363 -14.78 4.91 33.12
N ALA C 364 -14.21 4.27 32.10
CA ALA C 364 -14.82 3.07 31.53
C ALA C 364 -14.54 1.90 32.48
N TRP C 365 -15.29 0.81 32.33
CA TRP C 365 -15.03 -0.40 33.11
C TRP C 365 -15.28 -1.69 32.33
N ALA C 366 -14.77 -2.79 32.89
CA ALA C 366 -14.89 -4.10 32.26
C ALA C 366 -14.73 -5.22 33.28
N MET C 367 -15.58 -6.26 33.17
CA MET C 367 -15.42 -7.50 33.94
C MET C 367 -14.63 -8.53 33.12
N PHE C 368 -13.36 -8.74 33.46
CA PHE C 368 -12.52 -9.75 32.81
C PHE C 368 -12.72 -11.12 33.43
N LEU C 369 -12.18 -12.15 32.78
CA LEU C 369 -12.27 -13.52 33.27
C LEU C 369 -11.12 -14.35 32.73
N ASP C 370 -10.66 -15.32 33.53
CA ASP C 370 -9.60 -16.24 33.09
C ASP C 370 -10.20 -17.41 32.36
N ARG C 371 -9.36 -18.15 31.64
CA ARG C 371 -9.81 -19.22 30.75
C ARG C 371 -10.59 -20.35 31.45
N PRO C 372 -10.11 -20.79 32.63
CA PRO C 372 -10.94 -21.75 33.38
C PRO C 372 -12.13 -21.13 34.09
N GLN C 373 -12.30 -19.82 33.98
CA GLN C 373 -13.43 -19.08 34.54
C GLN C 373 -13.52 -19.33 36.04
N GLN C 374 -12.43 -19.03 36.73
CA GLN C 374 -12.41 -19.04 38.18
C GLN C 374 -11.81 -17.79 38.80
N TRP C 375 -11.51 -16.78 37.99
CA TRP C 375 -10.85 -15.54 38.43
C TRP C 375 -11.42 -14.38 37.62
N LEU C 376 -12.49 -13.81 38.15
CA LEU C 376 -13.06 -12.57 37.63
C LEU C 376 -12.47 -11.36 38.35
N GLN C 377 -12.29 -10.28 37.62
CA GLN C 377 -11.71 -9.04 38.15
C GLN C 377 -12.31 -7.83 37.43
N LEU C 378 -12.78 -6.87 38.20
CA LEU C 378 -13.52 -5.75 37.66
C LEU C 378 -12.64 -4.51 37.69
N VAL C 379 -12.31 -3.97 36.51
CA VAL C 379 -11.23 -2.97 36.37
C VAL C 379 -11.75 -1.63 35.83
N LEU C 380 -11.27 -0.53 36.40
CA LEU C 380 -11.50 0.80 35.81
C LEU C 380 -10.42 1.10 34.76
N LEU C 381 -10.85 1.69 33.64
CA LEU C 381 -9.96 2.16 32.56
C LEU C 381 -10.18 3.66 32.26
N PRO C 382 -9.26 4.54 32.74
CA PRO C 382 -9.41 5.97 32.42
C PRO C 382 -9.13 6.25 30.96
N PRO C 383 -9.96 7.08 30.29
CA PRO C 383 -9.74 7.44 28.87
C PRO C 383 -8.32 7.99 28.55
N ALA C 384 -7.73 8.69 29.52
CA ALA C 384 -6.31 9.06 29.51
C ALA C 384 -5.35 7.91 29.18
N LEU C 385 -5.69 6.71 29.63
CA LEU C 385 -4.92 5.50 29.33
C LEU C 385 -4.93 5.11 27.84
N PHE C 386 -5.90 5.61 27.09
CA PHE C 386 -6.02 5.32 25.65
C PHE C 386 -5.39 6.44 24.79
N ILE C 387 -4.40 6.06 23.97
CA ILE C 387 -3.71 7.01 23.06
C ILE C 387 -4.22 6.88 21.63
N PRO C 388 -3.98 7.89 20.78
CA PRO C 388 -4.24 7.67 19.35
C PRO C 388 -3.38 6.55 18.82
N SER C 389 -4.00 5.61 18.12
CA SER C 389 -3.28 4.51 17.48
C SER C 389 -2.78 4.98 16.13
N THR C 390 -1.51 4.72 15.87
CA THR C 390 -0.84 5.14 14.65
C THR C 390 0.27 4.14 14.31
N GLU C 391 0.55 4.00 13.01
CA GLU C 391 1.60 3.11 12.54
C GLU C 391 3.00 3.61 12.95
N ASN C 392 3.22 4.93 12.80
CA ASN C 392 4.47 5.58 13.25
C ASN C 392 4.72 5.36 14.74
N GLU C 393 5.93 4.91 15.08
CA GLU C 393 6.36 4.77 16.48
C GLU C 393 6.65 6.14 17.12
N GLU C 394 7.06 7.11 16.29
CA GLU C 394 7.36 8.46 16.79
C GLU C 394 6.13 9.13 17.41
N GLN C 395 5.02 9.13 16.67
CA GLN C 395 3.74 9.63 17.20
C GLN C 395 3.16 8.74 18.31
N ARG C 396 3.46 7.44 18.26
CA ARG C 396 3.08 6.49 19.33
C ARG C 396 3.80 6.83 20.63
N LEU C 397 5.12 6.95 20.56
CA LEU C 397 5.92 7.35 21.73
C LEU C 397 5.72 8.82 22.14
N ALA C 398 5.36 9.68 21.19
CA ALA C 398 4.99 11.07 21.52
C ALA C 398 3.70 11.09 22.34
N SER C 399 2.71 10.35 21.85
CA SER C 399 1.43 10.16 22.56
C SER C 399 1.57 9.36 23.86
N ALA C 400 2.49 8.38 23.90
CA ALA C 400 2.75 7.58 25.11
C ALA C 400 3.33 8.41 26.25
N ARG C 401 4.27 9.28 25.91
CA ARG C 401 4.88 10.20 26.88
C ARG C 401 3.88 11.19 27.46
N ALA C 402 2.92 11.63 26.65
CA ALA C 402 1.89 12.57 27.11
C ALA C 402 0.89 12.01 28.15
N VAL C 403 0.78 10.70 28.28
CA VAL C 403 -0.07 10.08 29.29
C VAL C 403 0.58 10.29 30.67
N PRO C 404 -0.15 10.90 31.64
CA PRO C 404 0.36 11.12 33.00
C PRO C 404 0.89 9.88 33.69
N ARG C 405 1.87 10.08 34.57
CA ARG C 405 2.34 9.02 35.46
C ARG C 405 1.19 8.52 36.38
N ASN C 406 0.22 9.40 36.66
CA ASN C 406 -0.88 9.16 37.61
C ASN C 406 -1.77 8.00 37.10
N VAL C 407 -2.24 8.16 35.87
CA VAL C 407 -3.22 7.29 35.21
C VAL C 407 -2.79 5.82 35.14
N GLN C 408 -3.77 4.92 35.30
CA GLN C 408 -3.55 3.47 35.22
C GLN C 408 -4.87 2.67 35.29
N PRO C 409 -4.80 1.35 34.99
CA PRO C 409 -5.86 0.45 35.42
C PRO C 409 -5.88 0.20 36.94
N TYR C 410 -7.05 0.41 37.55
CA TYR C 410 -7.33 0.03 38.93
C TYR C 410 -8.35 -1.13 38.93
N VAL C 411 -7.90 -2.32 39.33
CA VAL C 411 -8.84 -3.45 39.54
C VAL C 411 -9.46 -3.25 40.92
N VAL C 412 -10.68 -2.70 40.94
CA VAL C 412 -11.41 -2.51 42.19
C VAL C 412 -11.71 -3.86 42.86
N TYR C 413 -12.58 -4.68 42.25
CA TYR C 413 -13.08 -5.88 42.88
C TYR C 413 -12.40 -7.08 42.25
N GLU C 414 -12.61 -8.24 42.84
CA GLU C 414 -12.07 -9.47 42.27
C GLU C 414 -12.66 -10.70 42.96
N GLU C 415 -13.26 -11.57 42.15
CA GLU C 415 -13.95 -12.76 42.61
C GLU C 415 -13.16 -13.99 42.23
N VAL C 416 -12.99 -14.90 43.19
CA VAL C 416 -12.19 -16.12 43.02
C VAL C 416 -12.94 -17.32 43.60
N THR C 417 -12.86 -18.48 42.95
CA THR C 417 -13.64 -19.67 43.36
C THR C 417 -13.03 -20.98 42.89
N ASN C 418 -13.16 -22.03 43.71
CA ASN C 418 -12.80 -23.40 43.28
C ASN C 418 -13.93 -24.13 42.49
N VAL C 419 -15.07 -23.46 42.29
CA VAL C 419 -16.19 -24.01 41.52
C VAL C 419 -16.21 -23.37 40.11
N TRP C 420 -16.81 -22.18 39.98
CA TRP C 420 -16.74 -21.37 38.75
C TRP C 420 -17.44 -20.06 39.01
N ILE C 421 -17.05 -19.05 38.24
CA ILE C 421 -17.70 -17.75 38.31
C ILE C 421 -18.92 -17.76 37.40
N ASN C 422 -20.10 -17.62 37.97
CA ASN C 422 -21.29 -17.28 37.20
C ASN C 422 -21.31 -15.77 37.02
N VAL C 423 -21.29 -15.29 35.78
CA VAL C 423 -21.25 -13.84 35.55
C VAL C 423 -22.59 -13.21 36.02
N HIS C 424 -22.49 -12.22 36.90
CA HIS C 424 -23.65 -11.51 37.45
C HIS C 424 -23.67 -10.12 36.88
N ASP C 425 -24.84 -9.68 36.42
CA ASP C 425 -25.02 -8.35 35.83
C ASP C 425 -24.65 -7.22 36.79
N ILE C 426 -25.09 -7.37 38.04
CA ILE C 426 -25.17 -6.25 39.00
C ILE C 426 -23.80 -5.65 39.36
N PHE C 427 -23.60 -4.42 38.89
CA PHE C 427 -22.46 -3.57 39.25
C PHE C 427 -22.97 -2.13 39.15
N TYR C 428 -22.92 -1.40 40.25
CA TYR C 428 -23.46 -0.04 40.33
C TYR C 428 -22.46 0.91 40.97
N PRO C 429 -21.70 1.67 40.15
CA PRO C 429 -20.81 2.68 40.73
C PRO C 429 -21.59 3.93 41.15
N PHE C 430 -21.32 4.39 42.36
CA PHE C 430 -21.81 5.67 42.83
C PHE C 430 -20.84 6.75 42.33
N PRO C 431 -21.27 8.04 42.36
CA PRO C 431 -20.32 9.09 42.04
C PRO C 431 -19.38 9.26 43.22
N GLN C 432 -18.14 9.62 42.94
CA GLN C 432 -17.08 9.61 43.96
C GLN C 432 -17.19 10.77 44.95
N SER C 433 -17.52 11.98 44.46
CA SER C 433 -17.68 13.20 45.29
C SER C 433 -16.34 13.69 45.86
N ASP C 437 -9.49 9.10 44.83
CA ASP C 437 -8.97 8.37 46.00
C ASP C 437 -9.88 7.22 46.52
N GLU C 438 -11.17 7.28 46.20
CA GLU C 438 -12.14 6.24 46.56
C GLU C 438 -13.15 5.99 45.43
N LEU C 439 -13.62 4.75 45.36
CA LEU C 439 -14.82 4.39 44.60
C LEU C 439 -15.74 3.47 45.42
N CYS C 440 -16.89 4.03 45.83
CA CYS C 440 -17.97 3.26 46.44
C CYS C 440 -18.83 2.69 45.30
N PHE C 441 -19.14 1.39 45.37
CA PHE C 441 -20.03 0.76 44.41
C PHE C 441 -20.77 -0.45 44.98
N LEU C 442 -21.91 -0.80 44.39
CA LEU C 442 -22.62 -2.04 44.74
C LEU C 442 -22.20 -3.14 43.78
N ARG C 443 -22.30 -4.39 44.22
CA ARG C 443 -21.84 -5.54 43.45
C ARG C 443 -22.50 -6.81 43.96
N ALA C 444 -22.91 -7.67 43.03
CA ALA C 444 -23.43 -8.99 43.37
C ALA C 444 -22.24 -9.94 43.41
N ASN C 445 -22.19 -10.82 44.41
CA ASN C 445 -21.03 -11.71 44.66
C ASN C 445 -21.53 -13.01 45.24
N GLU C 446 -21.37 -14.10 44.49
CA GLU C 446 -21.78 -15.45 44.93
C GLU C 446 -20.62 -16.23 45.54
N CYS C 447 -19.41 -15.93 45.08
CA CYS C 447 -18.21 -16.66 45.50
C CYS C 447 -17.87 -16.56 46.99
N LYS C 448 -18.21 -15.45 47.64
CA LYS C 448 -17.80 -15.20 49.02
C LYS C 448 -18.38 -16.24 49.98
N THR C 449 -19.70 -16.39 49.98
CA THR C 449 -20.40 -17.35 50.86
C THR C 449 -21.00 -18.57 50.15
N GLY C 450 -20.95 -18.61 48.82
CA GLY C 450 -21.66 -19.61 48.01
C GLY C 450 -23.03 -19.20 47.46
N PHE C 451 -23.54 -18.04 47.90
CA PHE C 451 -24.86 -17.55 47.50
C PHE C 451 -24.72 -16.08 47.06
N CYS C 452 -25.42 -15.71 45.98
CA CYS C 452 -25.33 -14.37 45.41
C CYS C 452 -25.95 -13.36 46.36
N HIS C 453 -25.17 -12.37 46.78
CA HIS C 453 -25.64 -11.31 47.70
C HIS C 453 -25.05 -9.96 47.39
N LEU C 454 -25.75 -8.94 47.87
CA LEU C 454 -25.33 -7.55 47.64
C LEU C 454 -24.29 -7.14 48.66
N TYR C 455 -23.23 -6.53 48.15
CA TYR C 455 -22.21 -5.93 48.98
C TYR C 455 -22.08 -4.46 48.55
N LYS C 456 -21.88 -3.58 49.53
CA LYS C 456 -21.42 -2.20 49.32
C LYS C 456 -19.93 -2.26 49.54
N VAL C 457 -19.17 -1.84 48.54
CA VAL C 457 -17.71 -1.94 48.53
C VAL C 457 -17.07 -0.59 48.23
N THR C 458 -16.11 -0.20 49.07
CA THR C 458 -15.26 0.94 48.80
C THR C 458 -13.84 0.43 48.53
N ALA C 459 -13.41 0.45 47.28
CA ALA C 459 -12.00 0.23 46.92
C ALA C 459 -11.27 1.57 46.99
N VAL C 460 -9.95 1.52 46.94
CA VAL C 460 -9.09 2.71 47.07
C VAL C 460 -8.20 2.81 45.84
N LEU C 461 -8.40 3.88 45.07
CA LEU C 461 -7.61 4.16 43.87
C LEU C 461 -6.41 5.03 44.26
N LYS C 462 -5.31 4.40 44.67
CA LYS C 462 -4.03 5.09 44.87
C LYS C 462 -3.08 4.73 43.74
N SER C 463 -2.46 5.76 43.17
CA SER C 463 -1.69 5.64 41.94
C SER C 463 -0.22 5.35 42.22
N GLN C 464 0.28 4.20 41.78
CA GLN C 464 1.70 3.81 41.98
C GLN C 464 2.68 4.61 41.11
N GLY C 465 2.16 5.19 40.03
CA GLY C 465 2.96 6.00 39.13
C GLY C 465 3.62 5.08 38.14
N TYR C 466 3.39 5.33 36.84
CA TYR C 466 3.87 4.43 35.79
C TYR C 466 4.47 5.16 34.56
N ASP C 467 5.59 4.63 34.08
CA ASP C 467 6.30 5.11 32.89
C ASP C 467 5.75 4.37 31.66
N TRP C 468 4.77 4.97 31.01
CA TRP C 468 4.02 4.31 29.92
C TRP C 468 4.73 4.22 28.58
N SER C 469 5.65 5.14 28.32
CA SER C 469 6.44 5.14 27.08
C SER C 469 7.36 3.92 26.97
N GLU C 470 8.00 3.54 28.08
CA GLU C 470 8.86 2.34 28.16
C GLU C 470 7.97 1.11 28.41
N PRO C 471 7.88 0.16 27.44
CA PRO C 471 7.01 -1.01 27.63
C PRO C 471 7.35 -1.86 28.85
N PHE C 472 6.32 -2.28 29.60
CA PHE C 472 6.53 -3.07 30.81
C PHE C 472 5.58 -4.27 30.96
N SER C 473 5.94 -5.14 31.89
CA SER C 473 5.32 -6.46 32.08
C SER C 473 4.93 -6.69 33.56
N PRO C 474 3.65 -6.41 33.94
CA PRO C 474 3.23 -6.49 35.37
C PRO C 474 3.12 -7.90 35.97
N GLY C 475 3.53 -8.03 37.24
CA GLY C 475 3.60 -9.31 37.96
C GLY C 475 2.28 -9.86 38.48
N GLU C 476 2.29 -10.42 39.70
CA GLU C 476 1.09 -11.07 40.27
C GLU C 476 0.03 -10.06 40.71
N ASP C 477 0.37 -9.18 41.65
CA ASP C 477 -0.55 -8.16 42.16
C ASP C 477 0.08 -6.78 42.04
N GLU C 478 -0.15 -6.13 40.90
CA GLU C 478 0.24 -4.73 40.65
C GLU C 478 -0.98 -3.81 40.82
N PHE C 479 -2.01 -4.05 40.02
CA PHE C 479 -3.20 -3.19 39.97
C PHE C 479 -4.30 -3.54 40.97
N LYS C 480 -4.14 -4.66 41.68
CA LYS C 480 -5.01 -5.00 42.79
C LYS C 480 -5.14 -3.73 43.65
N CYS C 481 -6.38 -3.27 43.85
CA CYS C 481 -6.65 -2.13 44.71
C CYS C 481 -6.91 -2.69 46.08
N PRO C 482 -6.45 -1.99 47.13
CA PRO C 482 -6.90 -2.36 48.46
C PRO C 482 -8.36 -1.94 48.68
N ILE C 483 -9.10 -2.79 49.39
CA ILE C 483 -10.54 -2.61 49.63
C ILE C 483 -10.65 -1.89 50.98
N LYS C 484 -11.19 -0.67 50.98
CA LYS C 484 -11.41 0.08 52.24
C LYS C 484 -12.54 -0.52 53.09
N GLU C 485 -13.58 -1.05 52.45
CA GLU C 485 -14.61 -1.87 53.16
C GLU C 485 -15.42 -2.76 52.22
N GLU C 486 -16.17 -3.70 52.80
CA GLU C 486 -17.01 -4.61 52.04
C GLU C 486 -18.23 -5.03 52.88
N ILE C 487 -19.25 -4.19 52.91
CA ILE C 487 -20.42 -4.44 53.73
C ILE C 487 -21.31 -5.48 53.06
N ALA C 488 -21.52 -6.61 53.72
CA ALA C 488 -22.55 -7.58 53.31
C ALA C 488 -23.95 -7.02 53.55
N LEU C 489 -24.59 -6.48 52.51
CA LEU C 489 -25.97 -5.94 52.62
C LEU C 489 -27.06 -7.01 52.75
N THR C 490 -26.82 -8.19 52.18
CA THR C 490 -27.70 -9.35 52.33
C THR C 490 -26.88 -10.61 52.66
N SER C 491 -27.55 -11.56 53.32
CA SER C 491 -26.91 -12.81 53.74
C SER C 491 -27.94 -13.90 53.90
N GLY C 492 -27.46 -15.14 53.85
CA GLY C 492 -28.28 -16.32 54.15
C GLY C 492 -28.11 -17.42 53.11
N GLU C 493 -28.93 -18.45 53.27
CA GLU C 493 -28.96 -19.62 52.37
C GLU C 493 -30.01 -19.42 51.26
N TRP C 494 -29.94 -18.27 50.59
CA TRP C 494 -30.87 -17.90 49.53
C TRP C 494 -30.11 -16.92 48.67
N GLU C 495 -30.69 -16.43 47.59
CA GLU C 495 -29.93 -15.61 46.65
C GLU C 495 -30.66 -14.47 45.95
N VAL C 496 -29.85 -13.46 45.59
CA VAL C 496 -30.25 -12.30 44.80
C VAL C 496 -30.10 -12.62 43.31
N LEU C 497 -31.17 -12.37 42.55
CA LEU C 497 -31.20 -12.69 41.11
C LEU C 497 -30.33 -11.70 40.37
N ALA C 498 -29.27 -12.17 39.73
CA ALA C 498 -28.35 -11.28 38.98
C ALA C 498 -28.02 -11.72 37.56
N ARG C 499 -28.31 -12.97 37.20
CA ARG C 499 -28.13 -13.45 35.83
C ARG C 499 -29.43 -13.26 35.06
N HIS C 500 -29.37 -13.47 33.75
CA HIS C 500 -30.55 -13.38 32.87
C HIS C 500 -31.36 -12.07 33.01
N GLY C 501 -30.66 -10.96 33.14
CA GLY C 501 -31.29 -9.65 33.11
C GLY C 501 -32.15 -9.30 34.32
N SER C 502 -31.97 -10.03 35.43
CA SER C 502 -32.39 -9.54 36.72
C SER C 502 -31.38 -8.47 37.07
N LYS C 503 -31.86 -7.45 37.75
CA LYS C 503 -31.04 -6.29 38.08
C LYS C 503 -31.51 -5.69 39.38
N ILE C 504 -30.82 -4.64 39.80
CA ILE C 504 -31.21 -3.82 40.93
C ILE C 504 -31.58 -2.42 40.45
N TRP C 505 -32.29 -1.71 41.31
CA TRP C 505 -32.69 -0.34 41.07
C TRP C 505 -32.33 0.40 42.34
N VAL C 506 -31.40 1.32 42.24
CA VAL C 506 -30.85 1.99 43.40
C VAL C 506 -31.45 3.39 43.43
N ASN C 507 -32.01 3.77 44.58
CA ASN C 507 -32.51 5.12 44.81
C ASN C 507 -31.51 5.85 45.68
N GLU C 508 -30.84 6.82 45.06
CA GLU C 508 -29.80 7.62 45.73
C GLU C 508 -30.36 8.67 46.70
N GLU C 509 -31.64 9.05 46.54
CA GLU C 509 -32.28 10.01 47.46
C GLU C 509 -32.62 9.39 48.81
N THR C 510 -33.05 8.13 48.81
CA THR C 510 -33.46 7.41 50.04
C THR C 510 -32.40 6.44 50.59
N LYS C 511 -31.33 6.24 49.82
CA LYS C 511 -30.27 5.26 50.12
C LYS C 511 -30.81 3.84 50.26
N LEU C 512 -31.66 3.45 49.30
CA LEU C 512 -32.21 2.10 49.24
C LEU C 512 -31.83 1.46 47.93
N VAL C 513 -31.72 0.14 47.97
CA VAL C 513 -31.49 -0.69 46.79
C VAL C 513 -32.64 -1.72 46.74
N TYR C 514 -33.37 -1.68 45.63
CA TYR C 514 -34.42 -2.65 45.32
C TYR C 514 -33.83 -3.82 44.51
N PHE C 515 -34.21 -5.04 44.88
CA PHE C 515 -33.68 -6.24 44.25
C PHE C 515 -34.68 -7.39 44.26
N GLN C 516 -34.42 -8.40 43.45
CA GLN C 516 -35.24 -9.62 43.44
C GLN C 516 -34.46 -10.79 44.06
N GLY C 517 -35.18 -11.69 44.71
CA GLY C 517 -34.52 -12.82 45.34
C GLY C 517 -35.40 -13.99 45.72
N THR C 518 -34.74 -14.99 46.32
CA THR C 518 -35.38 -16.25 46.73
C THR C 518 -35.44 -16.39 48.28
N LYS C 519 -35.51 -15.26 48.97
CA LYS C 519 -35.38 -15.23 50.43
C LYS C 519 -36.53 -15.97 51.08
N ASP C 520 -37.73 -15.82 50.55
CA ASP C 520 -38.88 -16.54 51.09
C ASP C 520 -38.84 -18.02 50.72
N THR C 521 -38.52 -18.31 49.46
CA THR C 521 -38.45 -19.69 48.97
C THR C 521 -37.71 -19.74 47.63
N PRO C 522 -37.02 -20.87 47.32
CA PRO C 522 -36.43 -21.04 45.98
C PRO C 522 -37.46 -21.15 44.84
N LEU C 523 -38.70 -21.48 45.20
CA LEU C 523 -39.79 -21.64 44.24
C LEU C 523 -40.49 -20.34 43.81
N GLU C 524 -40.16 -19.21 44.42
CA GLU C 524 -40.82 -17.94 44.12
C GLU C 524 -39.81 -16.81 44.05
N HIS C 525 -39.78 -16.08 42.94
CA HIS C 525 -38.97 -14.86 42.83
C HIS C 525 -39.71 -13.66 43.41
N HIS C 526 -39.26 -13.13 44.54
CA HIS C 526 -39.92 -11.96 45.17
C HIS C 526 -39.08 -10.70 45.11
N LEU C 527 -39.78 -9.56 45.15
CA LEU C 527 -39.17 -8.24 45.13
C LEU C 527 -38.95 -7.79 46.56
N TYR C 528 -37.71 -7.39 46.84
CA TYR C 528 -37.31 -6.89 48.17
C TYR C 528 -36.70 -5.47 48.10
N VAL C 529 -36.54 -4.87 49.28
CA VAL C 529 -35.84 -3.60 49.42
C VAL C 529 -34.96 -3.64 50.68
N VAL C 530 -33.82 -2.98 50.59
CA VAL C 530 -32.92 -2.84 51.73
C VAL C 530 -32.04 -1.59 51.54
N SER C 531 -31.70 -0.95 52.64
CA SER C 531 -30.82 0.22 52.64
C SER C 531 -29.41 -0.23 52.32
N TYR C 532 -28.63 0.66 51.70
CA TYR C 532 -27.20 0.41 51.54
C TYR C 532 -26.31 1.24 52.48
N GLU C 533 -26.90 2.13 53.29
CA GLU C 533 -26.17 2.75 54.41
C GLU C 533 -25.94 1.70 55.47
N ALA C 534 -27.05 1.12 55.89
CA ALA C 534 -27.10 0.08 56.90
C ALA C 534 -27.61 -1.19 56.26
N ALA C 535 -26.95 -2.30 56.55
CA ALA C 535 -27.45 -3.64 56.20
C ALA C 535 -28.54 -4.00 57.21
N GLY C 536 -29.71 -3.39 57.02
CA GLY C 536 -30.82 -3.48 57.96
C GLY C 536 -31.78 -4.57 57.58
N GLU C 537 -33.04 -4.40 57.98
CA GLU C 537 -34.09 -5.36 57.63
C GLU C 537 -34.38 -5.31 56.15
N ILE C 538 -34.80 -6.46 55.62
CA ILE C 538 -35.15 -6.62 54.23
C ILE C 538 -36.68 -6.78 54.15
N VAL C 539 -37.36 -5.77 53.59
CA VAL C 539 -38.83 -5.76 53.48
C VAL C 539 -39.28 -6.26 52.10
N ARG C 540 -40.14 -7.27 52.11
CA ARG C 540 -40.70 -7.84 50.89
C ARG C 540 -41.84 -6.95 50.39
N LEU C 541 -41.95 -6.83 49.07
CA LEU C 541 -42.96 -5.98 48.44
C LEU C 541 -43.97 -6.71 47.56
N THR C 542 -43.66 -7.94 47.17
CA THR C 542 -44.57 -8.77 46.40
C THR C 542 -45.22 -9.78 47.37
N THR C 543 -46.42 -10.25 47.04
CA THR C 543 -47.21 -11.08 47.95
C THR C 543 -46.95 -12.59 47.73
N PRO C 544 -46.74 -13.37 48.82
CA PRO C 544 -46.56 -14.82 48.73
C PRO C 544 -47.65 -15.59 47.97
N GLY C 545 -47.32 -16.81 47.55
CA GLY C 545 -48.17 -17.64 46.69
C GLY C 545 -47.91 -17.48 45.19
N PHE C 546 -47.04 -16.54 44.81
CA PHE C 546 -46.81 -16.20 43.41
C PHE C 546 -45.34 -15.86 43.20
N SER C 547 -44.78 -16.31 42.09
CA SER C 547 -43.43 -15.92 41.67
C SER C 547 -43.54 -14.68 40.82
N HIS C 548 -42.78 -13.64 41.14
CA HIS C 548 -42.92 -12.33 40.48
C HIS C 548 -41.71 -11.95 39.63
N SER C 549 -41.98 -11.22 38.54
CA SER C 549 -40.97 -10.66 37.65
C SER C 549 -41.20 -9.16 37.51
N CYS C 550 -40.35 -8.38 38.19
CA CYS C 550 -40.65 -6.96 38.49
C CYS C 550 -39.73 -5.96 37.80
N SER C 551 -40.20 -4.72 37.80
CA SER C 551 -39.49 -3.59 37.21
C SER C 551 -39.98 -2.28 37.83
N MET C 552 -39.04 -1.45 38.26
CA MET C 552 -39.33 -0.22 39.02
C MET C 552 -39.29 1.01 38.11
N SER C 553 -40.06 2.02 38.50
CA SER C 553 -39.98 3.36 37.92
C SER C 553 -38.63 4.01 38.25
N GLN C 554 -38.10 4.80 37.31
CA GLN C 554 -36.88 5.61 37.56
C GLN C 554 -37.07 6.55 38.78
N ASN C 555 -38.29 7.05 38.94
CA ASN C 555 -38.71 7.93 40.06
C ASN C 555 -39.17 7.16 41.33
N PHE C 556 -39.08 5.83 41.30
CA PHE C 556 -39.18 4.94 42.49
C PHE C 556 -40.50 5.05 43.30
N ASP C 557 -41.60 5.29 42.58
CA ASP C 557 -42.93 5.45 43.18
C ASP C 557 -43.95 4.37 42.80
N MET C 558 -43.77 3.77 41.63
CA MET C 558 -44.58 2.65 41.17
C MET C 558 -43.70 1.56 40.56
N PHE C 559 -44.11 0.31 40.71
CA PHE C 559 -43.54 -0.79 39.94
C PHE C 559 -44.61 -1.66 39.26
N VAL C 560 -44.17 -2.38 38.23
CA VAL C 560 -44.95 -3.46 37.62
C VAL C 560 -44.44 -4.77 38.21
N SER C 561 -45.32 -5.78 38.19
CA SER C 561 -44.92 -7.16 38.50
C SER C 561 -45.70 -8.20 37.70
N HIS C 562 -44.96 -8.95 36.88
CA HIS C 562 -45.48 -10.04 36.08
C HIS C 562 -45.31 -11.30 36.91
N TYR C 563 -46.42 -11.86 37.39
CA TYR C 563 -46.38 -12.95 38.34
C TYR C 563 -47.39 -14.03 37.99
N SER C 564 -47.30 -15.13 38.73
CA SER C 564 -48.10 -16.33 38.51
C SER C 564 -47.76 -17.42 39.53
N SER C 565 -48.60 -18.46 39.59
CA SER C 565 -48.36 -19.66 40.39
C SER C 565 -48.50 -20.91 39.52
N VAL C 566 -48.26 -22.08 40.10
CA VAL C 566 -48.44 -23.36 39.41
C VAL C 566 -49.90 -23.54 38.97
N SER C 567 -50.82 -23.20 39.87
CA SER C 567 -52.26 -23.36 39.65
C SER C 567 -52.96 -22.20 38.93
N THR C 568 -52.40 -21.00 39.05
CA THR C 568 -53.03 -19.78 38.50
C THR C 568 -52.25 -19.26 37.30
N PRO C 569 -52.95 -18.84 36.22
CA PRO C 569 -52.24 -18.21 35.09
C PRO C 569 -51.57 -16.86 35.47
N PRO C 570 -50.93 -16.17 34.50
CA PRO C 570 -50.18 -14.96 34.86
C PRO C 570 -50.91 -13.64 34.66
N CYS C 571 -50.77 -12.76 35.66
CA CYS C 571 -51.21 -11.37 35.62
C CYS C 571 -50.01 -10.43 35.47
N VAL C 572 -50.29 -9.21 35.05
CA VAL C 572 -49.34 -8.09 35.15
C VAL C 572 -50.06 -6.94 35.90
N HIS C 573 -49.75 -6.78 37.18
CA HIS C 573 -50.34 -5.76 38.05
C HIS C 573 -49.37 -4.59 38.28
N VAL C 574 -49.94 -3.42 38.48
CA VAL C 574 -49.17 -2.19 38.69
C VAL C 574 -49.43 -1.75 40.13
N TYR C 575 -48.36 -1.63 40.91
CA TYR C 575 -48.44 -1.26 42.33
C TYR C 575 -47.80 0.10 42.60
N LYS C 576 -48.34 0.81 43.59
CA LYS C 576 -47.87 2.12 43.99
C LYS C 576 -47.26 2.04 45.39
N LEU C 577 -46.07 2.61 45.56
CA LEU C 577 -45.43 2.75 46.87
C LEU C 577 -45.95 4.00 47.57
N SER C 578 -46.68 3.77 48.66
CA SER C 578 -47.43 4.81 49.35
C SER C 578 -47.15 4.77 50.84
N GLY C 579 -46.79 5.92 51.41
CA GLY C 579 -46.51 6.01 52.84
C GLY C 579 -45.78 7.28 53.24
N PRO C 580 -45.37 7.38 54.52
CA PRO C 580 -44.58 8.53 54.98
C PRO C 580 -43.18 8.55 54.34
N ASP C 581 -42.73 9.73 53.92
CA ASP C 581 -41.39 9.92 53.33
C ASP C 581 -40.25 9.90 54.35
N ASP C 582 -40.57 10.13 55.63
CA ASP C 582 -39.59 9.95 56.72
C ASP C 582 -39.24 8.47 57.00
N ASP C 583 -40.11 7.56 56.58
CA ASP C 583 -39.92 6.10 56.71
C ASP C 583 -39.95 5.42 55.31
N PRO C 584 -38.82 5.45 54.58
CA PRO C 584 -38.85 5.05 53.16
C PRO C 584 -38.80 3.53 52.88
N LEU C 585 -38.09 2.78 53.73
CA LEU C 585 -37.97 1.33 53.58
C LEU C 585 -39.31 0.63 53.74
N HIS C 586 -40.22 1.26 54.49
CA HIS C 586 -41.51 0.68 54.84
C HIS C 586 -42.68 1.30 54.08
N LYS C 587 -42.46 1.67 52.81
CA LYS C 587 -43.55 2.08 51.93
C LYS C 587 -44.37 0.84 51.58
N GLN C 588 -45.69 0.95 51.64
CA GLN C 588 -46.57 -0.17 51.34
C GLN C 588 -46.83 -0.23 49.84
N PRO C 589 -46.62 -1.40 49.21
CA PRO C 589 -47.06 -1.57 47.84
C PRO C 589 -48.57 -1.79 47.83
N ARG C 590 -49.31 -0.80 47.33
CA ARG C 590 -50.77 -0.89 47.21
C ARG C 590 -51.13 -1.05 45.74
N PHE C 591 -51.96 -2.06 45.45
CA PHE C 591 -52.51 -2.30 44.10
C PHE C 591 -53.10 -1.02 43.52
N TRP C 592 -52.57 -0.59 42.38
CA TRP C 592 -53.10 0.57 41.68
C TRP C 592 -53.98 0.17 40.51
N ALA C 593 -53.48 -0.74 39.67
CA ALA C 593 -54.19 -1.18 38.48
C ALA C 593 -53.65 -2.48 37.91
N SER C 594 -54.48 -3.12 37.09
CA SER C 594 -54.13 -4.33 36.35
C SER C 594 -53.92 -4.02 34.86
N MET C 595 -53.20 -4.92 34.19
CA MET C 595 -52.93 -4.82 32.74
C MET C 595 -53.16 -6.12 31.96
N MET C 596 -52.92 -7.25 32.60
CA MET C 596 -53.25 -8.56 32.04
C MET C 596 -54.13 -9.28 33.07
N GLU C 597 -54.82 -10.32 32.62
CA GLU C 597 -55.56 -11.20 33.51
C GLU C 597 -55.67 -12.57 32.83
N ALA C 598 -55.85 -13.63 33.63
CA ALA C 598 -55.86 -15.03 33.15
C ALA C 598 -56.71 -15.27 31.89
N ASP C 604 -59.35 -27.65 29.45
CA ASP C 604 -58.77 -28.96 29.76
C ASP C 604 -57.53 -28.99 30.67
N TYR C 605 -57.03 -27.83 31.10
CA TYR C 605 -55.79 -27.75 31.87
C TYR C 605 -55.95 -28.11 33.36
N VAL C 606 -54.99 -28.86 33.87
CA VAL C 606 -54.91 -29.30 35.26
C VAL C 606 -53.46 -29.13 35.75
N PRO C 607 -53.20 -28.17 36.66
CA PRO C 607 -51.83 -27.86 37.02
C PRO C 607 -51.13 -28.99 37.76
N PRO C 608 -49.78 -29.07 37.64
CA PRO C 608 -49.13 -30.11 38.42
C PRO C 608 -49.06 -29.69 39.86
N GLU C 609 -48.37 -30.47 40.70
CA GLU C 609 -48.23 -30.12 42.10
C GLU C 609 -46.78 -30.25 42.52
N ILE C 610 -46.30 -29.27 43.27
CA ILE C 610 -44.91 -29.24 43.71
C ILE C 610 -44.76 -30.15 44.94
N PHE C 611 -43.64 -30.85 44.98
CA PHE C 611 -43.27 -31.70 46.11
C PHE C 611 -41.76 -31.64 46.34
N HIS C 612 -41.34 -32.14 47.49
CA HIS C 612 -39.93 -32.22 47.80
C HIS C 612 -39.65 -33.47 48.60
N PHE C 613 -38.42 -33.92 48.54
CA PHE C 613 -37.96 -35.08 49.28
C PHE C 613 -36.49 -34.88 49.59
N HIS C 614 -35.89 -35.86 50.27
CA HIS C 614 -34.46 -35.83 50.57
C HIS C 614 -33.74 -37.04 49.99
N THR C 615 -32.51 -36.81 49.58
CA THR C 615 -31.61 -37.88 49.17
C THR C 615 -31.01 -38.53 50.42
N ARG C 616 -30.28 -39.63 50.24
CA ARG C 616 -29.49 -40.22 51.34
C ARG C 616 -28.45 -39.25 51.92
N SER C 617 -27.94 -38.35 51.06
CA SER C 617 -27.03 -37.28 51.46
C SER C 617 -27.67 -36.16 52.30
N ASP C 618 -29.00 -36.22 52.51
CA ASP C 618 -29.80 -35.22 53.25
C ASP C 618 -29.82 -33.84 52.56
N VAL C 619 -30.02 -33.86 51.25
CA VAL C 619 -30.16 -32.67 50.41
C VAL C 619 -31.60 -32.58 49.93
N ARG C 620 -32.18 -31.39 50.01
CA ARG C 620 -33.59 -31.18 49.63
C ARG C 620 -33.73 -30.95 48.12
N LEU C 621 -34.30 -31.92 47.42
CA LEU C 621 -34.58 -31.78 45.99
C LEU C 621 -36.06 -31.49 45.85
N TYR C 622 -36.40 -30.56 44.95
CA TYR C 622 -37.79 -30.27 44.66
C TYR C 622 -38.17 -31.01 43.40
N GLY C 623 -39.46 -31.24 43.24
CA GLY C 623 -39.95 -31.98 42.11
C GLY C 623 -41.34 -31.53 41.79
N MET C 624 -41.83 -31.99 40.66
CA MET C 624 -43.15 -31.62 40.20
C MET C 624 -43.76 -32.85 39.59
N ILE C 625 -45.05 -33.04 39.81
CA ILE C 625 -45.73 -34.18 39.21
C ILE C 625 -47.05 -33.76 38.58
N TYR C 626 -47.36 -34.40 37.47
CA TYR C 626 -48.62 -34.20 36.76
C TYR C 626 -49.40 -35.48 36.98
N LYS C 627 -50.58 -35.36 37.54
CA LYS C 627 -51.40 -36.54 37.78
C LYS C 627 -52.19 -36.91 36.55
N PRO C 628 -52.35 -38.24 36.34
CA PRO C 628 -53.25 -38.62 35.25
C PRO C 628 -54.66 -38.09 35.49
N HIS C 629 -55.31 -37.64 34.44
CA HIS C 629 -56.62 -37.00 34.56
C HIS C 629 -57.65 -38.09 34.79
N ALA C 630 -58.69 -37.76 35.55
CA ALA C 630 -59.66 -38.76 36.00
C ALA C 630 -58.95 -39.98 36.64
N LEU C 631 -58.04 -39.69 37.57
CA LEU C 631 -57.23 -40.71 38.24
C LEU C 631 -58.12 -41.66 39.06
N GLN C 632 -57.96 -42.96 38.85
CA GLN C 632 -58.70 -43.99 39.58
C GLN C 632 -57.73 -44.69 40.53
N PRO C 633 -57.77 -44.39 41.85
CA PRO C 633 -56.80 -44.99 42.78
C PRO C 633 -56.77 -46.52 42.73
N GLY C 634 -55.56 -47.09 42.78
CA GLY C 634 -55.34 -48.53 42.60
C GLY C 634 -54.61 -48.86 41.30
N LYS C 635 -54.83 -48.04 40.28
CA LYS C 635 -54.20 -48.22 38.98
C LYS C 635 -52.76 -47.70 39.04
N LYS C 636 -51.88 -48.35 38.29
CA LYS C 636 -50.51 -47.93 38.14
C LYS C 636 -50.31 -47.55 36.67
N HIS C 637 -49.87 -46.31 36.45
CA HIS C 637 -49.88 -45.70 35.12
C HIS C 637 -48.48 -45.65 34.51
N PRO C 638 -48.41 -45.62 33.17
CA PRO C 638 -47.10 -45.48 32.56
C PRO C 638 -46.63 -44.02 32.71
N THR C 639 -45.35 -43.87 33.01
CA THR C 639 -44.81 -42.62 33.52
C THR C 639 -43.73 -42.06 32.61
N VAL C 640 -43.78 -40.74 32.38
CA VAL C 640 -42.82 -40.04 31.53
C VAL C 640 -42.02 -39.09 32.41
N LEU C 641 -40.74 -39.38 32.56
CA LEU C 641 -39.85 -38.53 33.33
C LEU C 641 -39.27 -37.45 32.43
N PHE C 642 -39.78 -36.24 32.55
CA PHE C 642 -39.28 -35.11 31.76
C PHE C 642 -38.01 -34.58 32.41
N VAL C 643 -37.02 -34.24 31.58
CA VAL C 643 -35.75 -33.81 32.12
C VAL C 643 -35.08 -32.66 31.40
N TYR C 644 -34.12 -32.11 32.12
CA TYR C 644 -33.13 -31.19 31.63
C TYR C 644 -31.93 -31.58 32.49
N GLY C 645 -31.91 -31.12 33.74
CA GLY C 645 -30.87 -31.52 34.68
C GLY C 645 -29.51 -30.88 34.54
N GLY C 646 -29.36 -29.98 33.58
CA GLY C 646 -28.10 -29.27 33.37
C GLY C 646 -27.98 -27.97 34.14
N PRO C 647 -26.80 -27.34 34.11
CA PRO C 647 -26.62 -26.06 34.78
C PRO C 647 -27.39 -24.94 34.09
N GLN C 648 -27.70 -23.92 34.88
CA GLN C 648 -28.37 -22.69 34.42
C GLN C 648 -29.90 -22.81 34.35
N VAL C 649 -30.47 -23.89 34.89
CA VAL C 649 -31.93 -24.11 34.77
C VAL C 649 -32.57 -24.53 36.10
N GLN C 650 -33.80 -24.07 36.32
CA GLN C 650 -34.69 -24.55 37.38
C GLN C 650 -36.08 -24.70 36.75
N LEU C 651 -36.52 -25.93 36.58
CA LEU C 651 -37.82 -26.21 35.99
C LEU C 651 -38.90 -26.22 37.05
N VAL C 652 -38.57 -26.73 38.22
CA VAL C 652 -39.51 -26.84 39.32
C VAL C 652 -39.42 -25.58 40.17
N ASN C 653 -40.45 -24.75 40.01
CA ASN C 653 -40.67 -23.58 40.83
C ASN C 653 -42.15 -23.27 40.78
N ASN C 654 -42.56 -22.23 41.49
CA ASN C 654 -43.95 -21.88 41.66
C ASN C 654 -44.30 -20.72 40.73
N SER C 655 -44.41 -21.06 39.46
CA SER C 655 -44.98 -20.19 38.42
C SER C 655 -45.74 -21.08 37.45
N PHE C 656 -46.51 -20.45 36.56
CA PHE C 656 -47.40 -21.19 35.66
C PHE C 656 -46.59 -21.93 34.62
N LYS C 657 -46.91 -23.21 34.46
CA LYS C 657 -46.24 -24.11 33.55
C LYS C 657 -47.05 -24.45 32.30
N GLY C 658 -48.33 -24.06 32.27
CA GLY C 658 -49.24 -24.49 31.20
C GLY C 658 -49.05 -23.89 29.82
N ILE C 659 -47.96 -23.14 29.59
CA ILE C 659 -47.68 -22.49 28.32
C ILE C 659 -46.55 -23.22 27.60
N LYS C 660 -45.37 -23.20 28.21
CA LYS C 660 -44.15 -23.79 27.64
C LYS C 660 -44.14 -25.34 27.82
N TYR C 661 -44.88 -25.84 28.81
CA TYR C 661 -44.94 -27.28 29.11
C TYR C 661 -46.38 -27.79 29.02
N LEU C 662 -47.04 -27.34 27.95
CA LEU C 662 -48.42 -27.68 27.61
C LEU C 662 -48.53 -29.15 27.21
N ARG C 663 -47.47 -29.65 26.57
CA ARG C 663 -47.43 -31.06 26.16
C ARG C 663 -47.38 -32.04 27.34
N LEU C 664 -46.92 -31.59 28.51
CA LEU C 664 -46.92 -32.42 29.71
C LEU C 664 -48.34 -32.63 30.26
N ASN C 665 -49.15 -31.58 30.24
CA ASN C 665 -50.57 -31.74 30.52
C ASN C 665 -51.29 -32.58 29.46
N THR C 666 -50.90 -32.43 28.19
CA THR C 666 -51.44 -33.29 27.11
C THR C 666 -51.10 -34.75 27.39
N LEU C 667 -49.84 -35.03 27.71
CA LEU C 667 -49.42 -36.35 28.21
C LEU C 667 -50.30 -36.79 29.37
N ALA C 668 -50.43 -35.95 30.38
CA ALA C 668 -51.29 -36.24 31.54
C ALA C 668 -52.74 -36.57 31.15
N SER C 669 -53.31 -35.76 30.25
CA SER C 669 -54.69 -35.96 29.77
C SER C 669 -54.94 -37.32 29.10
N LEU C 670 -53.90 -37.97 28.57
CA LEU C 670 -54.02 -39.33 28.00
C LEU C 670 -53.67 -40.43 29.00
N GLY C 671 -53.35 -40.06 30.24
CA GLY C 671 -53.13 -41.04 31.31
C GLY C 671 -51.70 -41.30 31.72
N TYR C 672 -50.77 -40.52 31.20
CA TYR C 672 -49.36 -40.64 31.55
C TYR C 672 -49.10 -39.89 32.85
N ALA C 673 -48.20 -40.42 33.66
CA ALA C 673 -47.72 -39.70 34.85
C ALA C 673 -46.50 -38.95 34.37
N VAL C 674 -46.50 -37.64 34.55
CA VAL C 674 -45.37 -36.83 34.10
C VAL C 674 -44.69 -36.29 35.32
N VAL C 675 -43.46 -36.74 35.56
CA VAL C 675 -42.68 -36.37 36.73
C VAL C 675 -41.50 -35.49 36.34
N VAL C 676 -41.24 -34.46 37.15
CA VAL C 676 -40.12 -33.55 36.90
C VAL C 676 -39.35 -33.30 38.18
N ILE C 677 -38.04 -33.45 38.12
CA ILE C 677 -37.21 -33.33 39.30
C ILE C 677 -36.03 -32.44 38.99
N ASP C 678 -35.85 -31.38 39.77
CA ASP C 678 -34.61 -30.62 39.79
C ASP C 678 -33.55 -31.33 40.63
N GLY C 679 -32.73 -32.13 39.98
CA GLY C 679 -31.55 -32.72 40.62
C GLY C 679 -30.47 -31.69 40.96
N ARG C 680 -29.46 -32.15 41.71
CA ARG C 680 -28.34 -31.31 42.11
C ARG C 680 -27.53 -30.96 40.90
N GLY C 681 -27.16 -29.69 40.77
CA GLY C 681 -26.58 -29.18 39.52
C GLY C 681 -27.46 -28.11 38.89
N SER C 682 -28.77 -28.26 39.07
CA SER C 682 -29.75 -27.26 38.66
C SER C 682 -29.54 -25.89 39.36
N CYS C 683 -30.27 -24.88 38.88
CA CYS C 683 -30.08 -23.47 39.23
C CYS C 683 -30.83 -23.02 40.51
N GLN C 684 -30.54 -21.80 40.93
CA GLN C 684 -31.24 -21.05 41.99
C GLN C 684 -31.15 -21.61 43.42
N ARG C 685 -30.12 -22.41 43.69
CA ARG C 685 -29.90 -23.01 45.01
C ARG C 685 -28.51 -22.74 45.57
N GLY C 686 -27.78 -21.81 44.96
CA GLY C 686 -26.41 -21.49 45.39
C GLY C 686 -25.37 -22.31 44.67
N LEU C 687 -24.13 -21.85 44.75
CA LEU C 687 -23.01 -22.40 43.97
C LEU C 687 -22.70 -23.91 44.17
N ARG C 688 -22.73 -24.41 45.41
CA ARG C 688 -22.31 -25.80 45.71
C ARG C 688 -23.30 -26.87 45.30
N PHE C 689 -24.58 -26.52 45.29
CA PHE C 689 -25.64 -27.35 44.73
C PHE C 689 -25.44 -27.54 43.23
N GLU C 690 -25.16 -26.43 42.56
CA GLU C 690 -24.79 -26.41 41.13
C GLU C 690 -23.46 -27.14 40.90
N GLY C 691 -22.51 -26.89 41.81
CA GLY C 691 -21.20 -27.52 41.81
C GLY C 691 -21.12 -29.03 41.89
N ALA C 692 -22.21 -29.71 42.26
CA ALA C 692 -22.30 -31.18 42.17
C ALA C 692 -21.84 -31.77 40.82
N LEU C 693 -22.10 -31.03 39.73
CA LEU C 693 -21.67 -31.39 38.37
C LEU C 693 -20.18 -31.39 38.15
N LYS C 694 -19.48 -30.43 38.77
CA LYS C 694 -18.12 -30.05 38.38
C LYS C 694 -17.28 -31.26 37.96
N ASN C 695 -16.87 -31.27 36.70
CA ASN C 695 -16.00 -32.31 36.11
C ASN C 695 -16.59 -33.74 35.98
N GLN C 696 -17.84 -33.95 36.38
CA GLN C 696 -18.50 -35.25 36.37
C GLN C 696 -19.87 -35.19 35.68
N MET C 697 -20.00 -34.38 34.62
CA MET C 697 -21.28 -34.23 33.95
C MET C 697 -21.70 -35.55 33.37
N GLY C 698 -22.96 -35.90 33.56
CA GLY C 698 -23.51 -37.22 33.23
C GLY C 698 -23.47 -38.28 34.32
N GLN C 699 -22.66 -38.07 35.35
CA GLN C 699 -22.39 -39.11 36.35
C GLN C 699 -23.27 -39.00 37.61
N VAL C 700 -23.65 -37.78 37.96
CA VAL C 700 -24.35 -37.49 39.22
C VAL C 700 -25.86 -37.38 39.07
N GLU C 701 -26.33 -36.96 37.90
CA GLU C 701 -27.69 -36.43 37.72
C GLU C 701 -28.78 -37.47 37.65
N ILE C 702 -28.49 -38.67 37.15
CA ILE C 702 -29.48 -39.75 37.06
C ILE C 702 -29.80 -40.40 38.42
N GLU C 703 -28.84 -40.42 39.36
CA GLU C 703 -29.12 -40.79 40.75
C GLU C 703 -30.35 -40.04 41.25
N ASP C 704 -30.23 -38.70 41.28
CA ASP C 704 -31.28 -37.81 41.79
C ASP C 704 -32.61 -37.99 41.07
N GLN C 705 -32.54 -38.25 39.76
CA GLN C 705 -33.72 -38.48 38.93
C GLN C 705 -34.37 -39.78 39.32
N VAL C 706 -33.56 -40.82 39.46
CA VAL C 706 -34.05 -42.13 39.93
C VAL C 706 -34.56 -42.07 41.38
N GLU C 707 -33.85 -41.35 42.25
CA GLU C 707 -34.31 -41.15 43.63
C GLU C 707 -35.68 -40.46 43.71
N GLY C 708 -35.83 -39.37 42.97
CA GLY C 708 -37.08 -38.59 42.96
C GLY C 708 -38.24 -39.33 42.34
N LEU C 709 -37.95 -40.12 41.32
CA LEU C 709 -38.90 -41.00 40.65
C LEU C 709 -39.43 -42.11 41.61
N GLN C 710 -38.52 -42.75 42.35
CA GLN C 710 -38.90 -43.75 43.37
C GLN C 710 -39.73 -43.14 44.50
N PHE C 711 -39.30 -41.98 44.98
CA PHE C 711 -40.05 -41.20 45.97
C PHE C 711 -41.48 -40.88 45.51
N VAL C 712 -41.64 -40.63 44.21
CA VAL C 712 -42.94 -40.32 43.63
C VAL C 712 -43.88 -41.53 43.65
N ALA C 713 -43.34 -42.71 43.38
CA ALA C 713 -44.13 -43.96 43.48
C ALA C 713 -44.61 -44.31 44.91
N GLU C 714 -43.89 -43.84 45.92
CA GLU C 714 -44.22 -44.08 47.32
C GLU C 714 -45.28 -43.08 47.81
N LYS C 715 -45.04 -41.79 47.57
CA LYS C 715 -45.96 -40.72 47.96
C LYS C 715 -47.31 -40.84 47.23
N TYR C 716 -47.22 -40.88 45.91
CA TYR C 716 -48.40 -40.96 45.04
C TYR C 716 -48.56 -42.42 44.68
N GLY C 717 -49.79 -42.88 44.61
CA GLY C 717 -50.01 -44.32 44.45
C GLY C 717 -50.07 -44.85 43.03
N PHE C 718 -49.82 -44.00 42.03
CA PHE C 718 -50.10 -44.31 40.61
C PHE C 718 -48.92 -44.47 39.65
N ILE C 719 -47.73 -44.76 40.16
CA ILE C 719 -46.55 -44.88 39.29
C ILE C 719 -46.24 -46.37 39.00
N ASP C 720 -46.37 -46.77 37.73
CA ASP C 720 -45.92 -48.07 37.28
C ASP C 720 -44.47 -47.95 36.85
N LEU C 721 -43.56 -48.27 37.76
CA LEU C 721 -42.11 -48.18 37.51
C LEU C 721 -41.60 -49.14 36.43
N SER C 722 -42.44 -50.10 36.04
CA SER C 722 -42.18 -50.96 34.88
C SER C 722 -42.30 -50.23 33.52
N ARG C 723 -43.00 -49.10 33.50
CA ARG C 723 -43.25 -48.36 32.27
C ARG C 723 -42.94 -46.89 32.44
N VAL C 724 -41.66 -46.60 32.62
CA VAL C 724 -41.19 -45.22 32.74
C VAL C 724 -40.32 -44.86 31.54
N ALA C 725 -40.58 -43.70 30.96
CA ALA C 725 -39.81 -43.16 29.83
C ALA C 725 -39.04 -41.91 30.27
N ILE C 726 -37.82 -41.79 29.80
CA ILE C 726 -37.00 -40.61 30.08
C ILE C 726 -37.03 -39.77 28.81
N HIS C 727 -37.25 -38.48 28.95
CA HIS C 727 -37.32 -37.63 27.79
C HIS C 727 -36.91 -36.20 28.09
N GLY C 728 -36.19 -35.61 27.15
CA GLY C 728 -35.76 -34.23 27.28
C GLY C 728 -35.09 -33.71 26.03
N TRP C 729 -34.90 -32.40 25.99
CA TRP C 729 -34.26 -31.75 24.88
C TRP C 729 -32.98 -31.13 25.36
N SER C 730 -32.02 -31.00 24.46
CA SER C 730 -30.76 -30.38 24.81
C SER C 730 -29.98 -31.14 25.93
N TYR C 731 -29.71 -30.53 27.09
CA TYR C 731 -29.13 -31.26 28.22
C TYR C 731 -30.00 -32.45 28.66
N GLY C 732 -31.31 -32.29 28.49
CA GLY C 732 -32.27 -33.33 28.79
C GLY C 732 -32.12 -34.56 27.93
N GLY C 733 -31.80 -34.36 26.66
CA GLY C 733 -31.56 -35.44 25.72
C GLY C 733 -30.24 -36.15 25.95
N PHE C 734 -29.24 -35.38 26.37
CA PHE C 734 -27.99 -35.93 26.90
C PHE C 734 -28.26 -36.82 28.12
N LEU C 735 -29.03 -36.30 29.07
CA LEU C 735 -29.39 -37.08 30.23
C LEU C 735 -30.43 -38.15 29.96
N SER C 736 -31.06 -38.12 28.79
CA SER C 736 -32.01 -39.15 28.42
C SER C 736 -31.27 -40.34 27.90
N LEU C 737 -30.13 -40.07 27.26
CA LEU C 737 -29.19 -41.11 26.81
C LEU C 737 -28.38 -41.72 27.97
N MET C 738 -27.98 -40.91 28.95
CA MET C 738 -27.31 -41.44 30.16
C MET C 738 -28.25 -42.28 31.03
N GLY C 739 -29.51 -41.88 31.05
CA GLY C 739 -30.56 -42.69 31.69
C GLY C 739 -30.69 -44.07 31.10
N LEU C 740 -30.58 -44.17 29.79
CA LEU C 740 -30.67 -45.45 29.08
C LEU C 740 -29.36 -46.24 29.14
N ILE C 741 -28.24 -45.56 29.33
CA ILE C 741 -26.94 -46.20 29.48
C ILE C 741 -26.77 -46.73 30.89
N HIS C 742 -26.91 -45.84 31.86
CA HIS C 742 -26.63 -46.14 33.27
C HIS C 742 -27.78 -46.82 34.04
N LYS C 743 -29.01 -46.73 33.52
CA LYS C 743 -30.16 -47.32 34.21
C LYS C 743 -31.19 -47.92 33.23
N PRO C 744 -30.78 -48.88 32.38
CA PRO C 744 -31.72 -49.53 31.44
C PRO C 744 -32.84 -50.36 32.10
N GLN C 745 -32.58 -50.87 33.31
CA GLN C 745 -33.59 -51.53 34.15
C GLN C 745 -34.73 -50.59 34.63
N VAL C 746 -34.44 -49.30 34.75
CA VAL C 746 -35.40 -48.29 35.21
C VAL C 746 -36.18 -47.72 34.03
N PHE C 747 -35.45 -47.17 33.06
CA PHE C 747 -36.04 -46.49 31.91
C PHE C 747 -36.21 -47.45 30.74
N LYS C 748 -37.47 -47.62 30.34
CA LYS C 748 -37.83 -48.54 29.26
C LYS C 748 -37.53 -47.95 27.89
N VAL C 749 -37.74 -46.64 27.73
CA VAL C 749 -37.39 -45.95 26.50
C VAL C 749 -36.74 -44.63 26.81
N ALA C 750 -35.92 -44.16 25.88
CA ALA C 750 -35.38 -42.83 25.89
C ALA C 750 -35.83 -42.13 24.63
N ILE C 751 -36.06 -40.83 24.73
CA ILE C 751 -36.38 -39.98 23.59
C ILE C 751 -35.51 -38.75 23.78
N ALA C 752 -34.34 -38.80 23.15
CA ALA C 752 -33.29 -37.82 23.34
C ALA C 752 -33.36 -36.79 22.24
N GLY C 753 -33.55 -35.53 22.63
CA GLY C 753 -33.65 -34.41 21.69
C GLY C 753 -32.42 -33.55 21.77
N ALA C 754 -31.87 -33.19 20.62
CA ALA C 754 -30.70 -32.31 20.52
C ALA C 754 -29.61 -32.54 21.59
N PRO C 755 -29.05 -33.76 21.65
CA PRO C 755 -28.12 -34.08 22.70
C PRO C 755 -26.69 -33.70 22.32
N VAL C 756 -25.90 -33.35 23.34
CA VAL C 756 -24.44 -33.25 23.22
C VAL C 756 -23.94 -34.66 23.49
N THR C 757 -23.46 -35.29 22.43
CA THR C 757 -22.95 -36.65 22.47
C THR C 757 -21.43 -36.74 22.57
N VAL C 758 -20.76 -35.60 22.42
CA VAL C 758 -19.31 -35.53 22.44
C VAL C 758 -18.99 -34.19 23.07
N TRP C 759 -18.46 -34.21 24.29
CA TRP C 759 -18.06 -32.98 24.99
C TRP C 759 -16.90 -32.27 24.27
N MET C 760 -15.95 -33.05 23.74
CA MET C 760 -14.86 -32.51 22.90
C MET C 760 -15.31 -31.68 21.69
N ALA C 761 -16.51 -31.97 21.17
CA ALA C 761 -17.13 -31.20 20.08
C ALA C 761 -17.84 -29.90 20.50
N TYR C 762 -18.19 -29.75 21.77
CA TYR C 762 -18.95 -28.55 22.24
C TYR C 762 -17.97 -27.40 22.55
N ASP C 763 -18.47 -26.21 22.86
CA ASP C 763 -17.58 -25.03 22.93
C ASP C 763 -16.70 -24.90 24.21
N THR C 764 -15.80 -23.91 24.18
CA THR C 764 -14.96 -23.50 25.30
C THR C 764 -15.79 -23.02 26.47
N GLY C 765 -16.56 -21.96 26.22
CA GLY C 765 -17.21 -21.17 27.28
C GLY C 765 -17.97 -21.99 28.27
N TYR C 766 -18.85 -22.85 27.76
CA TYR C 766 -19.65 -23.74 28.56
C TYR C 766 -18.84 -24.94 29.04
N THR C 767 -18.20 -25.65 28.12
CA THR C 767 -17.60 -26.95 28.49
C THR C 767 -16.48 -26.79 29.54
N GLU C 768 -15.59 -25.82 29.34
CA GLU C 768 -14.46 -25.58 30.23
C GLU C 768 -14.89 -25.20 31.63
N ARG C 769 -15.83 -24.26 31.70
CA ARG C 769 -16.42 -23.83 32.96
C ARG C 769 -16.82 -25.00 33.85
N TYR C 770 -17.66 -25.89 33.33
CA TYR C 770 -18.20 -27.00 34.12
C TYR C 770 -17.31 -28.23 34.09
N MET C 771 -16.69 -28.52 32.95
CA MET C 771 -15.90 -29.75 32.74
C MET C 771 -14.39 -29.60 32.62
N ASP C 772 -13.87 -28.38 32.75
CA ASP C 772 -12.45 -28.07 32.55
C ASP C 772 -11.99 -28.32 31.10
N VAL C 773 -10.72 -28.01 30.84
CA VAL C 773 -10.09 -28.25 29.52
C VAL C 773 -9.85 -29.77 29.34
N PRO C 774 -10.03 -30.32 28.11
CA PRO C 774 -9.97 -31.79 27.93
C PRO C 774 -8.73 -32.47 28.49
N GLU C 775 -7.56 -31.90 28.23
CA GLU C 775 -6.28 -32.41 28.78
C GLU C 775 -6.13 -32.35 30.33
N ASN C 776 -7.06 -31.73 31.04
CA ASN C 776 -7.12 -31.79 32.52
C ASN C 776 -8.17 -32.77 33.04
N ASN C 777 -9.08 -33.22 32.17
CA ASN C 777 -10.18 -34.11 32.59
C ASN C 777 -10.63 -35.13 31.53
N GLN C 778 -9.67 -35.79 30.87
CA GLN C 778 -10.02 -36.76 29.82
C GLN C 778 -10.92 -37.90 30.34
N HIS C 779 -10.80 -38.23 31.62
CA HIS C 779 -11.68 -39.20 32.26
C HIS C 779 -13.14 -38.72 32.33
N GLY C 780 -13.36 -37.47 32.73
CA GLY C 780 -14.71 -36.90 32.82
C GLY C 780 -15.37 -36.67 31.48
N TYR C 781 -14.62 -36.08 30.55
CA TYR C 781 -15.04 -35.95 29.15
C TYR C 781 -15.50 -37.30 28.58
N GLU C 782 -14.67 -38.33 28.72
CA GLU C 782 -15.01 -39.67 28.26
C GLU C 782 -16.24 -40.26 28.96
N ALA C 783 -16.28 -40.14 30.29
CA ALA C 783 -17.38 -40.69 31.08
C ALA C 783 -18.76 -40.13 30.70
N GLY C 784 -18.80 -38.82 30.40
CA GLY C 784 -20.04 -38.09 30.07
C GLY C 784 -20.32 -37.85 28.60
N SER C 785 -19.52 -38.45 27.72
CA SER C 785 -19.77 -38.43 26.27
C SER C 785 -20.55 -39.68 25.90
N VAL C 786 -21.85 -39.51 25.67
CA VAL C 786 -22.72 -40.67 25.42
C VAL C 786 -22.37 -41.48 24.17
N ALA C 787 -21.74 -40.83 23.20
CA ALA C 787 -21.29 -41.48 21.95
C ALA C 787 -20.19 -42.52 22.16
N LEU C 788 -19.39 -42.34 23.21
CA LEU C 788 -18.34 -43.30 23.52
C LEU C 788 -18.80 -44.48 24.38
N HIS C 789 -20.04 -44.46 24.87
CA HIS C 789 -20.59 -45.59 25.65
C HIS C 789 -21.78 -46.22 24.94
N VAL C 790 -21.75 -46.13 23.62
CA VAL C 790 -22.80 -46.64 22.77
C VAL C 790 -23.02 -48.15 22.96
N GLU C 791 -21.95 -48.89 23.24
CA GLU C 791 -22.04 -50.33 23.52
C GLU C 791 -23.03 -50.66 24.65
N LYS C 792 -23.12 -49.77 25.64
CA LYS C 792 -24.07 -49.92 26.75
C LYS C 792 -25.54 -49.57 26.41
N LEU C 793 -25.83 -49.11 25.19
CA LEU C 793 -27.21 -48.84 24.76
C LEU C 793 -27.94 -50.16 24.42
N PRO C 794 -29.28 -50.11 24.31
CA PRO C 794 -30.00 -51.39 24.21
C PRO C 794 -29.82 -52.12 22.90
N ASN C 795 -29.86 -53.44 22.96
CA ASN C 795 -30.00 -54.29 21.77
C ASN C 795 -31.44 -54.36 21.31
N GLU C 796 -32.36 -54.01 22.21
CA GLU C 796 -33.76 -53.98 21.87
C GLU C 796 -34.05 -52.70 21.05
N PRO C 797 -34.66 -52.86 19.86
CA PRO C 797 -35.18 -51.67 19.16
C PRO C 797 -36.41 -51.12 19.86
N ASN C 798 -36.87 -49.98 19.40
CA ASN C 798 -37.98 -49.25 20.03
C ASN C 798 -37.72 -48.80 21.49
N ARG C 799 -36.46 -48.61 21.85
CA ARG C 799 -36.12 -48.10 23.18
C ARG C 799 -35.33 -46.79 23.16
N LEU C 800 -35.16 -46.21 21.97
CA LEU C 800 -34.32 -45.03 21.78
C LEU C 800 -34.73 -44.31 20.50
N LEU C 801 -35.22 -43.08 20.67
CA LEU C 801 -35.65 -42.21 19.59
C LEU C 801 -34.79 -40.95 19.65
N ILE C 802 -34.12 -40.61 18.55
CA ILE C 802 -33.27 -39.43 18.47
C ILE C 802 -33.96 -38.32 17.66
N LEU C 803 -33.99 -37.10 18.20
CA LEU C 803 -34.63 -35.95 17.55
C LEU C 803 -33.59 -34.85 17.43
N HIS C 804 -33.46 -34.23 16.25
CA HIS C 804 -32.47 -33.15 16.08
C HIS C 804 -32.86 -32.19 14.94
N GLY C 805 -32.73 -30.89 15.22
CA GLY C 805 -32.88 -29.85 14.21
C GLY C 805 -31.65 -29.82 13.31
N PHE C 806 -31.86 -30.00 12.00
CA PHE C 806 -30.75 -30.07 11.03
C PHE C 806 -29.86 -28.80 10.96
N LEU C 807 -30.50 -27.64 11.13
CA LEU C 807 -29.83 -26.34 11.12
C LEU C 807 -29.30 -25.92 12.50
N ASP C 808 -29.24 -26.83 13.48
CA ASP C 808 -28.83 -26.48 14.83
C ASP C 808 -27.35 -26.07 14.85
N GLU C 809 -27.12 -24.79 15.15
CA GLU C 809 -25.78 -24.19 15.16
C GLU C 809 -25.20 -24.05 16.59
N ASN C 810 -25.97 -24.51 17.57
CA ASN C 810 -25.56 -24.50 18.96
C ASN C 810 -25.00 -25.90 19.24
N VAL C 811 -25.89 -26.88 19.29
CA VAL C 811 -25.54 -28.27 19.41
C VAL C 811 -25.61 -28.78 17.98
N HIS C 812 -24.47 -28.80 17.30
CA HIS C 812 -24.40 -29.16 15.89
C HIS C 812 -25.00 -30.53 15.63
N PHE C 813 -25.69 -30.66 14.51
CA PHE C 813 -26.28 -31.95 14.12
C PHE C 813 -25.25 -33.07 14.15
N PHE C 814 -23.99 -32.71 13.92
CA PHE C 814 -22.85 -33.57 14.18
C PHE C 814 -23.04 -34.56 15.36
N HIS C 815 -23.51 -34.07 16.50
CA HIS C 815 -23.62 -34.93 17.68
C HIS C 815 -24.53 -36.13 17.49
N THR C 816 -25.67 -35.90 16.83
CA THR C 816 -26.57 -36.98 16.41
C THR C 816 -25.85 -37.84 15.36
N ASN C 817 -25.21 -37.17 14.40
CA ASN C 817 -24.58 -37.87 13.28
C ASN C 817 -23.47 -38.81 13.75
N PHE C 818 -22.72 -38.35 14.74
CA PHE C 818 -21.63 -39.10 15.33
C PHE C 818 -22.12 -40.19 16.28
N LEU C 819 -23.25 -39.96 16.94
CA LEU C 819 -23.90 -40.99 17.76
C LEU C 819 -24.44 -42.14 16.91
N VAL C 820 -25.07 -41.83 15.77
CA VAL C 820 -25.61 -42.83 14.86
C VAL C 820 -24.45 -43.65 14.28
N SER C 821 -23.46 -42.92 13.79
CA SER C 821 -22.20 -43.49 13.33
C SER C 821 -21.72 -44.58 14.26
N GLN C 822 -21.67 -44.25 15.56
CA GLN C 822 -21.27 -45.20 16.61
C GLN C 822 -22.31 -46.30 16.91
N LEU C 823 -23.59 -45.96 16.91
CA LEU C 823 -24.67 -46.98 17.05
C LEU C 823 -24.59 -48.05 15.98
N ILE C 824 -24.34 -47.62 14.74
CA ILE C 824 -24.14 -48.52 13.59
C ILE C 824 -22.91 -49.43 13.79
N ARG C 825 -21.79 -48.84 14.21
CA ARG C 825 -20.56 -49.59 14.48
C ARG C 825 -20.75 -50.69 15.52
N ALA C 826 -21.49 -50.37 16.58
CA ALA C 826 -21.77 -51.32 17.66
C ALA C 826 -22.94 -52.25 17.38
N GLY C 827 -23.53 -52.14 16.18
CA GLY C 827 -24.70 -52.93 15.78
C GLY C 827 -25.95 -52.66 16.60
N LYS C 828 -26.16 -51.40 16.97
CA LYS C 828 -27.27 -50.97 17.81
C LYS C 828 -28.43 -50.38 17.00
N PRO C 829 -29.68 -50.73 17.37
CA PRO C 829 -30.85 -50.19 16.69
C PRO C 829 -31.13 -48.75 17.12
N TYR C 830 -31.73 -47.97 16.25
CA TYR C 830 -32.19 -46.64 16.61
C TYR C 830 -33.31 -46.19 15.67
N GLN C 831 -34.20 -45.36 16.21
CA GLN C 831 -35.11 -44.57 15.40
C GLN C 831 -34.63 -43.12 15.42
N LEU C 832 -34.96 -42.36 14.37
CA LEU C 832 -34.50 -41.00 14.21
C LEU C 832 -35.54 -40.11 13.54
N GLN C 833 -35.61 -38.86 13.98
CA GLN C 833 -36.43 -37.83 13.36
C GLN C 833 -35.62 -36.53 13.20
N ILE C 834 -35.50 -36.05 11.96
CA ILE C 834 -34.85 -34.79 11.63
C ILE C 834 -35.89 -33.68 11.61
N TYR C 835 -35.48 -32.46 12.01
CA TYR C 835 -36.28 -31.25 11.77
C TYR C 835 -35.46 -30.40 10.80
N PRO C 836 -35.75 -30.53 9.49
CA PRO C 836 -34.91 -29.87 8.48
C PRO C 836 -34.85 -28.34 8.49
N ASN C 837 -35.88 -27.68 9.02
CA ASN C 837 -35.92 -26.21 9.05
C ASN C 837 -35.75 -25.60 10.44
N GLU C 838 -35.42 -26.45 11.43
CA GLU C 838 -35.32 -26.01 12.82
C GLU C 838 -33.89 -26.02 13.29
N ARG C 839 -33.53 -25.03 14.11
CA ARG C 839 -32.21 -24.97 14.73
C ARG C 839 -32.28 -25.69 16.08
N HIS C 840 -32.01 -25.04 17.20
CA HIS C 840 -32.00 -25.72 18.50
C HIS C 840 -33.39 -25.93 19.11
N SER C 841 -34.24 -24.90 19.07
CA SER C 841 -35.65 -25.00 19.49
C SER C 841 -36.55 -25.28 18.27
N ILE C 842 -37.72 -25.89 18.50
CA ILE C 842 -38.69 -26.10 17.41
C ILE C 842 -39.57 -24.86 17.31
N ARG C 843 -39.13 -23.93 16.49
CA ARG C 843 -39.83 -22.67 16.26
C ARG C 843 -41.17 -22.86 15.52
N CYS C 844 -41.11 -23.37 14.28
CA CYS C 844 -42.32 -23.51 13.43
C CYS C 844 -43.36 -24.49 14.03
N PRO C 845 -44.63 -24.06 14.12
CA PRO C 845 -45.68 -24.84 14.80
C PRO C 845 -46.10 -26.16 14.13
N GLU C 846 -45.93 -26.28 12.81
CA GLU C 846 -46.18 -27.56 12.11
C GLU C 846 -45.17 -28.63 12.56
N SER C 847 -43.90 -28.25 12.64
CA SER C 847 -42.83 -29.12 13.12
C SER C 847 -43.06 -29.53 14.57
N GLY C 848 -43.42 -28.56 15.41
CA GLY C 848 -43.76 -28.83 16.82
C GLY C 848 -44.95 -29.77 16.97
N GLU C 849 -45.94 -29.59 16.10
CA GLU C 849 -47.13 -30.45 16.11
C GLU C 849 -46.75 -31.88 15.76
N HIS C 850 -45.93 -32.03 14.71
CA HIS C 850 -45.36 -33.34 14.31
C HIS C 850 -44.49 -33.97 15.41
N TYR C 851 -43.69 -33.13 16.06
CA TYR C 851 -42.89 -33.55 17.21
C TYR C 851 -43.76 -34.19 18.27
N GLU C 852 -44.84 -33.53 18.65
CA GLU C 852 -45.71 -34.06 19.71
C GLU C 852 -46.45 -35.36 19.32
N VAL C 853 -46.77 -35.50 18.03
CA VAL C 853 -47.49 -36.69 17.55
C VAL C 853 -46.61 -37.94 17.55
N THR C 854 -45.36 -37.83 17.06
CA THR C 854 -44.39 -38.96 17.11
C THR C 854 -44.13 -39.40 18.54
N LEU C 855 -43.97 -38.41 19.43
CA LEU C 855 -43.78 -38.68 20.86
C LEU C 855 -44.90 -39.55 21.46
N LEU C 856 -46.14 -39.18 21.17
CA LEU C 856 -47.31 -39.88 21.71
C LEU C 856 -47.44 -41.25 21.08
N HIS C 857 -47.25 -41.31 19.77
CA HIS C 857 -47.21 -42.56 19.05
C HIS C 857 -46.08 -43.46 19.60
N PHE C 858 -44.91 -42.89 19.81
CA PHE C 858 -43.77 -43.64 20.31
C PHE C 858 -44.04 -44.22 21.71
N LEU C 859 -44.73 -43.43 22.54
CA LEU C 859 -45.12 -43.85 23.89
C LEU C 859 -46.30 -44.84 23.88
N GLN C 860 -47.20 -44.67 22.92
CA GLN C 860 -48.33 -45.57 22.72
C GLN C 860 -47.81 -46.96 22.33
N GLU C 861 -47.06 -47.03 21.25
CA GLU C 861 -46.66 -48.32 20.68
C GLU C 861 -45.61 -49.06 21.53
N TYR C 862 -44.72 -48.31 22.18
CA TYR C 862 -43.52 -48.86 22.82
C TYR C 862 -43.32 -48.66 24.34
N LEU C 863 -44.26 -48.00 25.02
CA LEU C 863 -44.27 -47.92 26.49
C LEU C 863 -45.59 -48.44 27.05
N PRO D 20 -55.98 -66.83 2.93
CA PRO D 20 -56.69 -67.72 3.85
C PRO D 20 -56.01 -67.88 5.24
N ALA D 21 -56.30 -68.97 5.96
CA ALA D 21 -55.66 -69.29 7.25
C ALA D 21 -54.22 -69.83 7.14
N ALA D 22 -53.79 -70.15 5.90
CA ALA D 22 -52.41 -70.59 5.60
C ALA D 22 -51.52 -69.48 4.96
N ARG D 23 -51.61 -68.27 5.49
CA ARG D 23 -50.62 -67.23 5.23
C ARG D 23 -49.36 -67.64 5.99
N PHE D 24 -48.24 -67.77 5.28
CA PHE D 24 -46.95 -68.04 5.92
C PHE D 24 -46.45 -66.81 6.68
N GLN D 25 -46.18 -67.00 7.97
CA GLN D 25 -45.73 -65.95 8.87
C GLN D 25 -44.22 -66.16 9.13
N VAL D 26 -43.40 -65.13 8.88
CA VAL D 26 -41.94 -65.27 9.05
C VAL D 26 -41.60 -65.34 10.55
N GLN D 27 -40.53 -66.05 10.90
CA GLN D 27 -40.07 -66.15 12.31
C GLN D 27 -39.66 -64.79 12.88
N LYS D 28 -40.20 -64.45 14.05
CA LYS D 28 -39.84 -63.21 14.73
C LYS D 28 -38.53 -63.47 15.47
N HIS D 29 -37.45 -62.93 14.93
CA HIS D 29 -36.16 -62.91 15.61
C HIS D 29 -35.94 -61.61 16.38
N SER D 30 -35.21 -61.72 17.48
CA SER D 30 -34.71 -60.55 18.21
C SER D 30 -33.63 -59.86 17.38
N TRP D 31 -33.27 -58.65 17.76
CA TRP D 31 -32.25 -57.89 17.03
C TRP D 31 -30.89 -58.59 17.00
N ASP D 32 -30.48 -59.17 18.13
CA ASP D 32 -29.24 -59.96 18.17
C ASP D 32 -29.35 -61.17 17.22
N GLY D 33 -30.52 -61.81 17.21
CA GLY D 33 -30.81 -62.91 16.32
C GLY D 33 -30.76 -62.54 14.85
N LEU D 34 -31.30 -61.37 14.51
CA LEU D 34 -31.23 -60.86 13.14
C LEU D 34 -29.79 -60.51 12.74
N ARG D 35 -29.06 -59.88 13.63
CA ARG D 35 -27.63 -59.59 13.41
C ARG D 35 -26.81 -60.85 13.15
N SER D 36 -27.08 -61.91 13.91
CA SER D 36 -26.36 -63.17 13.76
C SER D 36 -26.71 -63.87 12.45
N ILE D 37 -27.98 -63.80 12.06
CA ILE D 37 -28.43 -64.31 10.76
C ILE D 37 -27.63 -63.63 9.65
N ILE D 38 -27.56 -62.31 9.68
CA ILE D 38 -26.88 -61.54 8.64
C ILE D 38 -25.36 -61.70 8.67
N HIS D 39 -24.77 -61.77 9.85
CA HIS D 39 -23.32 -62.02 9.97
C HIS D 39 -22.94 -63.35 9.30
N GLY D 40 -23.73 -64.38 9.58
CA GLY D 40 -23.52 -65.71 9.01
C GLY D 40 -23.85 -65.87 7.53
N SER D 41 -24.55 -64.91 6.94
CA SER D 41 -24.82 -64.88 5.50
C SER D 41 -23.64 -64.31 4.70
N ARG D 42 -22.75 -63.59 5.37
CA ARG D 42 -21.62 -62.91 4.73
C ARG D 42 -20.28 -63.55 5.15
N LYS D 43 -20.02 -64.72 4.58
CA LYS D 43 -18.75 -65.45 4.76
C LYS D 43 -17.69 -64.96 3.76
N ALA D 52 -12.12 -60.33 -9.09
CA ALA D 52 -11.95 -61.30 -10.17
C ALA D 52 -11.01 -60.75 -11.28
N PRO D 53 -10.31 -61.64 -12.01
CA PRO D 53 -9.34 -61.19 -13.02
C PRO D 53 -9.89 -60.26 -14.09
N HIS D 54 -9.22 -59.13 -14.27
CA HIS D 54 -9.66 -58.11 -15.21
C HIS D 54 -8.50 -57.21 -15.63
N ASP D 55 -8.75 -56.39 -16.65
CA ASP D 55 -7.80 -55.40 -17.14
C ASP D 55 -6.60 -56.17 -17.76
N PHE D 56 -6.90 -57.04 -18.73
CA PHE D 56 -5.91 -57.95 -19.31
C PHE D 56 -4.99 -57.30 -20.32
N GLN D 57 -3.81 -57.89 -20.51
CA GLN D 57 -2.88 -57.54 -21.59
C GLN D 57 -2.24 -58.83 -22.08
N PHE D 58 -2.35 -59.07 -23.39
CA PHE D 58 -1.68 -60.20 -24.01
C PHE D 58 -0.35 -59.76 -24.61
N VAL D 59 0.73 -60.44 -24.24
CA VAL D 59 2.04 -60.24 -24.87
C VAL D 59 2.63 -61.60 -25.21
N GLN D 60 3.06 -61.76 -26.45
CA GLN D 60 3.75 -62.98 -26.89
C GLN D 60 5.20 -62.97 -26.41
N LYS D 61 5.84 -64.14 -26.44
CA LYS D 61 7.22 -64.31 -25.95
C LYS D 61 8.30 -64.38 -27.04
N THR D 62 7.96 -64.95 -28.20
CA THR D 62 8.89 -65.13 -29.34
C THR D 62 10.16 -65.94 -28.98
N ASP D 63 9.94 -67.20 -28.59
CA ASP D 63 10.99 -68.17 -28.25
C ASP D 63 10.62 -69.50 -28.94
N GLU D 64 11.23 -69.75 -30.10
CA GLU D 64 10.94 -70.92 -30.94
C GLU D 64 11.58 -72.19 -30.35
N GLY D 66 11.25 -72.07 -25.82
CA GLY D 66 10.66 -71.88 -24.49
C GLY D 66 9.32 -72.61 -24.30
N PRO D 67 8.84 -72.72 -23.05
CA PRO D 67 7.59 -73.43 -22.75
C PRO D 67 6.29 -72.58 -22.89
N HIS D 68 6.38 -71.26 -22.70
CA HIS D 68 5.20 -70.39 -22.70
C HIS D 68 5.08 -69.54 -23.96
N SER D 69 3.89 -69.53 -24.55
CA SER D 69 3.59 -68.76 -25.76
C SER D 69 3.35 -67.28 -25.46
N HIS D 70 2.51 -67.02 -24.47
CA HIS D 70 2.21 -65.65 -24.04
C HIS D 70 2.38 -65.49 -22.53
N ARG D 71 2.53 -64.25 -22.12
CA ARG D 71 2.30 -63.85 -20.74
C ARG D 71 1.02 -63.02 -20.73
N LEU D 72 0.08 -63.41 -19.86
CA LEU D 72 -1.16 -62.68 -19.70
C LEU D 72 -1.07 -61.84 -18.41
N TYR D 73 -1.04 -60.52 -18.56
CA TYR D 73 -0.99 -59.58 -17.44
C TYR D 73 -2.39 -59.08 -17.07
N TYR D 74 -2.69 -58.93 -15.79
CA TYR D 74 -4.04 -58.53 -15.34
C TYR D 74 -4.12 -58.09 -13.88
N LEU D 75 -5.27 -57.51 -13.51
CA LEU D 75 -5.52 -57.05 -12.14
C LEU D 75 -6.31 -58.11 -11.39
N GLY D 76 -5.99 -58.30 -10.10
CA GLY D 76 -6.70 -59.31 -9.30
C GLY D 76 -6.34 -59.38 -7.83
N MET D 77 -7.07 -60.23 -7.11
CA MET D 77 -6.97 -60.42 -5.65
C MET D 77 -6.67 -61.90 -5.25
N PRO D 78 -6.22 -62.14 -4.00
CA PRO D 78 -6.00 -63.53 -3.53
C PRO D 78 -7.28 -64.28 -3.18
N ARG D 82 -7.84 -59.60 -0.26
CA ARG D 82 -6.95 -58.61 0.33
C ARG D 82 -7.00 -57.27 -0.42
N GLU D 83 -6.40 -57.23 -1.60
CA GLU D 83 -6.10 -55.97 -2.30
C GLU D 83 -5.92 -56.26 -3.77
N ASN D 84 -6.54 -55.44 -4.61
CA ASN D 84 -6.39 -55.55 -6.05
C ASN D 84 -4.96 -55.16 -6.45
N SER D 85 -4.28 -56.02 -7.21
CA SER D 85 -2.90 -55.75 -7.62
C SER D 85 -2.53 -56.34 -8.98
N LEU D 86 -1.37 -55.92 -9.47
CA LEU D 86 -0.83 -56.42 -10.74
C LEU D 86 -0.32 -57.85 -10.59
N LEU D 87 -0.89 -58.75 -11.40
CA LEU D 87 -0.52 -60.16 -11.44
C LEU D 87 -0.22 -60.57 -12.86
N TYR D 88 0.23 -61.82 -13.04
CA TYR D 88 0.32 -62.42 -14.37
C TYR D 88 0.16 -63.94 -14.34
N SER D 89 -0.18 -64.49 -15.50
CA SER D 89 -0.16 -65.92 -15.71
C SER D 89 0.81 -66.24 -16.84
N GLU D 90 1.14 -67.52 -16.95
CA GLU D 90 2.08 -68.03 -17.94
C GLU D 90 1.33 -69.03 -18.82
N ILE D 91 0.94 -68.60 -20.01
CA ILE D 91 0.13 -69.42 -20.92
C ILE D 91 1.06 -70.42 -21.61
N PRO D 92 0.80 -71.73 -21.43
CA PRO D 92 1.67 -72.77 -22.02
C PRO D 92 1.40 -73.08 -23.51
N LYS D 93 2.26 -73.92 -24.08
CA LYS D 93 2.11 -74.42 -25.46
C LYS D 93 1.44 -75.79 -25.51
N LEU D 101 -6.48 -77.95 -17.04
CA LEU D 101 -5.52 -77.36 -16.11
C LEU D 101 -5.74 -75.84 -15.89
N LEU D 102 -5.28 -75.38 -14.73
CA LEU D 102 -5.60 -74.07 -14.18
C LEU D 102 -4.32 -73.27 -13.99
N LEU D 103 -4.29 -72.05 -14.54
CA LEU D 103 -3.08 -71.24 -14.56
C LEU D 103 -2.78 -70.62 -13.19
N SER D 104 -1.50 -70.53 -12.85
CA SER D 104 -1.03 -69.87 -11.62
C SER D 104 -1.18 -68.36 -11.74
N TRP D 105 -1.54 -67.72 -10.63
CA TRP D 105 -1.59 -66.26 -10.55
C TRP D 105 -0.29 -65.79 -9.95
N LYS D 106 0.66 -65.46 -10.81
CA LYS D 106 2.00 -65.02 -10.39
C LYS D 106 1.96 -63.56 -9.96
N GLN D 107 2.36 -63.28 -8.72
CA GLN D 107 2.52 -61.90 -8.26
C GLN D 107 3.70 -61.21 -8.97
N MET D 108 3.44 -60.00 -9.44
CA MET D 108 4.41 -59.16 -10.17
C MET D 108 5.05 -58.13 -9.25
N LEU D 109 4.25 -57.55 -8.36
CA LEU D 109 4.74 -56.70 -7.26
C LEU D 109 4.90 -57.57 -6.02
N ASP D 110 5.76 -57.12 -5.10
CA ASP D 110 6.10 -57.91 -3.89
C ASP D 110 5.97 -57.08 -2.62
N HIS D 111 5.16 -57.60 -1.70
CA HIS D 111 4.95 -56.98 -0.38
C HIS D 111 4.66 -55.49 -0.50
N PHE D 112 3.88 -55.14 -1.53
CA PHE D 112 3.67 -53.75 -1.93
C PHE D 112 2.30 -53.26 -1.45
N GLN D 113 2.31 -52.46 -0.38
CA GLN D 113 1.10 -51.86 0.18
C GLN D 113 0.65 -50.70 -0.73
N ALA D 114 -0.10 -51.09 -1.76
CA ALA D 114 -0.62 -50.14 -2.77
C ALA D 114 -1.79 -49.30 -2.26
N THR D 115 -2.51 -49.80 -1.25
CA THR D 115 -3.60 -49.06 -0.61
C THR D 115 -3.02 -48.12 0.48
N PRO D 116 -3.61 -46.92 0.69
CA PRO D 116 -3.21 -46.08 1.82
C PRO D 116 -3.63 -46.66 3.17
N HIS D 117 -3.11 -46.06 4.25
CA HIS D 117 -3.37 -46.55 5.62
C HIS D 117 -4.87 -46.52 5.96
N HIS D 118 -5.46 -47.72 6.08
CA HIS D 118 -6.93 -47.93 6.26
C HIS D 118 -7.78 -47.43 5.07
N GLY D 119 -7.20 -47.43 3.87
CA GLY D 119 -7.89 -47.00 2.66
C GLY D 119 -8.41 -45.57 2.57
N VAL D 120 -7.88 -44.67 3.41
CA VAL D 120 -8.27 -43.25 3.33
C VAL D 120 -7.44 -42.59 2.22
N TYR D 121 -8.00 -42.64 1.01
CA TYR D 121 -7.42 -41.97 -0.15
C TYR D 121 -7.58 -40.45 -0.03
N SER D 122 -6.92 -39.72 -0.93
CA SER D 122 -7.13 -38.27 -1.07
C SER D 122 -8.52 -38.02 -1.65
N ARG D 123 -9.06 -36.82 -1.41
CA ARG D 123 -10.43 -36.47 -1.85
C ARG D 123 -10.63 -36.67 -3.36
N GLU D 124 -9.74 -36.11 -4.15
CA GLU D 124 -9.77 -36.23 -5.61
C GLU D 124 -9.81 -37.70 -6.03
N GLU D 125 -8.95 -38.52 -5.40
CA GLU D 125 -8.87 -39.95 -5.71
C GLU D 125 -10.04 -40.76 -5.13
N GLU D 126 -10.53 -40.43 -3.95
CA GLU D 126 -11.71 -41.10 -3.39
C GLU D 126 -13.02 -40.69 -4.08
N LEU D 127 -13.01 -39.53 -4.74
CA LEU D 127 -14.13 -39.12 -5.62
C LEU D 127 -13.99 -39.66 -7.04
N LEU D 128 -12.77 -39.82 -7.51
CA LEU D 128 -12.47 -40.58 -8.73
C LEU D 128 -13.05 -42.01 -8.63
N ARG D 129 -12.96 -42.60 -7.44
CA ARG D 129 -13.46 -43.96 -7.17
C ARG D 129 -14.98 -44.09 -7.03
N GLU D 130 -15.64 -43.01 -6.63
CA GLU D 130 -17.11 -42.94 -6.62
C GLU D 130 -17.72 -42.87 -8.03
N ARG D 131 -17.10 -42.07 -8.89
CA ARG D 131 -17.55 -41.88 -10.28
C ARG D 131 -17.38 -43.16 -11.11
N LYS D 132 -16.22 -43.80 -11.00
CA LYS D 132 -16.00 -45.11 -11.62
C LYS D 132 -16.71 -46.28 -10.90
N ARG D 133 -17.28 -46.02 -9.71
CA ARG D 133 -17.92 -47.05 -8.87
C ARG D 133 -16.98 -48.21 -8.55
N LEU D 134 -15.81 -47.84 -8.00
CA LEU D 134 -14.76 -48.78 -7.66
C LEU D 134 -14.82 -49.06 -6.17
N GLY D 135 -15.13 -50.31 -5.82
CA GLY D 135 -15.19 -50.77 -4.42
C GLY D 135 -13.90 -51.35 -3.86
N VAL D 136 -13.11 -51.99 -4.73
CA VAL D 136 -11.97 -52.80 -4.31
C VAL D 136 -10.80 -51.87 -3.96
N PHE D 137 -10.05 -52.23 -2.92
CA PHE D 137 -8.84 -51.48 -2.52
C PHE D 137 -7.61 -52.01 -3.29
N GLY D 138 -6.65 -51.12 -3.57
CA GLY D 138 -5.43 -51.46 -4.32
C GLY D 138 -5.31 -50.75 -5.67
N ILE D 139 -4.55 -51.34 -6.60
CA ILE D 139 -4.34 -50.75 -7.94
C ILE D 139 -5.57 -51.04 -8.80
N THR D 140 -6.38 -50.02 -9.06
CA THR D 140 -7.66 -50.17 -9.75
C THR D 140 -7.57 -49.96 -11.25
N SER D 141 -6.65 -49.10 -11.68
CA SER D 141 -6.29 -48.97 -13.09
C SER D 141 -4.78 -48.93 -13.27
N TYR D 142 -4.33 -49.29 -14.46
CA TYR D 142 -2.92 -49.20 -14.83
C TYR D 142 -2.77 -48.94 -16.32
N ASP D 143 -1.67 -48.28 -16.67
CA ASP D 143 -1.30 -48.01 -18.05
C ASP D 143 -0.11 -48.88 -18.43
N PHE D 144 -0.07 -49.31 -19.70
CA PHE D 144 0.94 -50.24 -20.22
C PHE D 144 1.41 -49.77 -21.59
N HIS D 145 2.66 -50.09 -21.91
CA HIS D 145 3.25 -49.78 -23.21
C HIS D 145 3.96 -51.05 -23.73
N SER D 146 3.56 -51.51 -24.91
CA SER D 146 3.99 -52.81 -25.42
C SER D 146 5.50 -52.92 -25.66
N GLU D 147 6.07 -51.98 -26.41
CA GLU D 147 7.45 -52.12 -26.89
C GLU D 147 8.48 -52.14 -25.75
N SER D 148 8.50 -51.06 -24.96
CA SER D 148 9.36 -50.94 -23.75
C SER D 148 8.92 -51.83 -22.59
N GLY D 149 7.64 -52.21 -22.56
CA GLY D 149 7.10 -53.03 -21.47
C GLY D 149 6.86 -52.24 -20.21
N LEU D 150 6.39 -51.00 -20.37
CA LEU D 150 6.29 -50.04 -19.26
C LEU D 150 4.89 -50.05 -18.65
N PHE D 151 4.83 -50.27 -17.34
CA PHE D 151 3.59 -50.23 -16.54
C PHE D 151 3.58 -48.95 -15.71
N LEU D 152 2.45 -48.26 -15.67
CA LEU D 152 2.31 -46.99 -14.94
C LEU D 152 0.96 -46.95 -14.27
N PHE D 153 0.97 -46.64 -12.97
CA PHE D 153 -0.23 -46.76 -12.14
C PHE D 153 -0.17 -45.90 -10.90
N GLN D 154 -1.32 -45.76 -10.25
CA GLN D 154 -1.40 -45.10 -8.94
C GLN D 154 -1.25 -46.17 -7.82
N ALA D 155 -0.65 -45.75 -6.72
CA ALA D 155 -0.58 -46.56 -5.50
C ALA D 155 -0.16 -45.62 -4.36
N SER D 156 -0.79 -45.82 -3.22
CA SER D 156 -0.77 -44.86 -2.09
C SER D 156 -1.39 -43.51 -2.52
N ASN D 157 -0.71 -42.41 -2.23
CA ASN D 157 -1.06 -41.11 -2.80
C ASN D 157 0.15 -40.67 -3.60
N SER D 158 0.52 -41.51 -4.56
CA SER D 158 1.62 -41.24 -5.49
C SER D 158 1.53 -42.15 -6.73
N LEU D 159 2.51 -42.01 -7.62
CA LEU D 159 2.64 -42.82 -8.84
C LEU D 159 3.76 -43.85 -8.74
N PHE D 160 3.68 -44.86 -9.60
CA PHE D 160 4.64 -45.97 -9.61
C PHE D 160 4.82 -46.56 -11.01
N HIS D 161 5.95 -47.21 -11.23
CA HIS D 161 6.21 -47.93 -12.47
C HIS D 161 7.07 -49.18 -12.29
N CYS D 162 6.94 -50.09 -13.25
CA CYS D 162 7.76 -51.30 -13.32
C CYS D 162 7.95 -51.73 -14.77
N ARG D 163 8.96 -52.58 -14.98
CA ARG D 163 9.48 -52.91 -16.31
C ARG D 163 9.45 -54.42 -16.53
N ASP D 164 8.73 -54.87 -17.56
CA ASP D 164 8.61 -56.31 -17.86
C ASP D 164 8.03 -56.53 -19.25
N GLY D 165 8.43 -57.63 -19.88
CA GLY D 165 7.82 -58.06 -21.15
C GLY D 165 8.20 -57.21 -22.35
N GLY D 166 9.50 -57.08 -22.58
CA GLY D 166 10.02 -56.38 -23.75
C GLY D 166 11.51 -56.63 -23.89
N LYS D 167 12.26 -55.56 -24.16
CA LYS D 167 13.73 -55.61 -24.18
C LYS D 167 14.33 -55.74 -22.77
N ASN D 168 13.52 -55.48 -21.75
CA ASN D 168 13.89 -55.74 -20.35
C ASN D 168 14.02 -57.23 -20.03
N GLY D 169 13.17 -58.05 -20.67
CA GLY D 169 13.11 -59.49 -20.39
C GLY D 169 12.06 -59.79 -19.34
N PHE D 170 11.56 -61.02 -19.35
CA PHE D 170 10.48 -61.44 -18.45
C PHE D 170 11.01 -61.80 -17.05
N MET D 171 10.32 -61.31 -16.02
CA MET D 171 10.62 -61.68 -14.62
C MET D 171 10.03 -63.06 -14.34
N VAL D 172 10.69 -63.83 -13.48
CA VAL D 172 10.15 -65.08 -12.94
C VAL D 172 9.72 -64.95 -11.46
N SER D 173 10.29 -63.95 -10.76
CA SER D 173 9.82 -63.54 -9.43
C SER D 173 9.41 -62.05 -9.45
N PRO D 174 8.62 -61.59 -8.46
CA PRO D 174 8.21 -60.19 -8.43
C PRO D 174 9.35 -59.20 -8.21
N MET D 175 9.13 -57.97 -8.68
CA MET D 175 10.06 -56.85 -8.50
C MET D 175 9.38 -55.75 -7.69
N LYS D 176 10.18 -54.98 -6.95
CA LYS D 176 9.66 -53.77 -6.28
C LYS D 176 9.40 -52.70 -7.34
N PRO D 177 8.20 -52.05 -7.29
CA PRO D 177 7.89 -51.01 -8.27
C PRO D 177 8.60 -49.72 -7.91
N LEU D 178 9.14 -49.05 -8.93
CA LEU D 178 10.03 -47.90 -8.73
C LEU D 178 9.20 -46.65 -8.47
N GLU D 179 9.54 -45.89 -7.43
CA GLU D 179 8.86 -44.62 -7.14
C GLU D 179 9.31 -43.50 -8.09
N ILE D 180 8.36 -42.64 -8.49
CA ILE D 180 8.63 -41.47 -9.33
C ILE D 180 8.37 -40.21 -8.50
N LYS D 181 9.44 -39.45 -8.24
CA LYS D 181 9.39 -38.29 -7.35
C LYS D 181 8.73 -37.10 -8.05
N THR D 182 8.37 -36.09 -7.25
CA THR D 182 7.67 -34.90 -7.77
C THR D 182 7.90 -33.62 -6.95
N GLN D 183 8.01 -32.50 -7.67
CA GLN D 183 8.00 -31.15 -7.11
C GLN D 183 6.65 -30.82 -6.47
N CYS D 184 5.60 -31.08 -7.25
CA CYS D 184 4.22 -30.79 -6.86
C CYS D 184 3.89 -31.60 -5.62
N SER D 185 3.32 -30.94 -4.61
CA SER D 185 3.10 -31.59 -3.31
C SER D 185 1.68 -32.17 -3.13
N GLY D 186 0.81 -31.98 -4.15
CA GLY D 186 -0.51 -32.63 -4.17
C GLY D 186 -0.49 -33.98 -4.90
N PRO D 187 -1.68 -34.62 -5.05
CA PRO D 187 -1.76 -35.87 -5.84
C PRO D 187 -1.60 -35.67 -7.36
N ARG D 188 -1.12 -36.72 -8.02
CA ARG D 188 -0.98 -36.77 -9.48
C ARG D 188 -2.00 -37.76 -10.03
N MET D 189 -2.99 -37.22 -10.71
CA MET D 189 -4.15 -37.95 -11.11
C MET D 189 -4.03 -38.27 -12.59
N ASP D 190 -4.78 -39.30 -13.02
CA ASP D 190 -4.98 -39.62 -14.42
C ASP D 190 -3.68 -39.81 -15.21
N PRO D 191 -2.76 -40.63 -14.69
CA PRO D 191 -1.49 -40.83 -15.38
C PRO D 191 -1.61 -41.65 -16.66
N LYS D 192 -0.84 -41.29 -17.68
CA LYS D 192 -0.80 -41.98 -18.99
C LYS D 192 0.60 -41.88 -19.61
N ILE D 193 1.11 -43.00 -20.13
CA ILE D 193 2.41 -43.03 -20.79
C ILE D 193 2.23 -42.48 -22.20
N CYS D 194 3.21 -41.72 -22.68
CA CYS D 194 3.17 -41.14 -24.03
C CYS D 194 3.36 -42.24 -25.09
N PRO D 195 2.36 -42.45 -25.97
CA PRO D 195 2.45 -43.54 -26.97
C PRO D 195 3.65 -43.45 -27.90
N ALA D 196 3.96 -42.23 -28.36
CA ALA D 196 5.07 -42.00 -29.28
C ALA D 196 6.46 -42.18 -28.64
N ASP D 197 6.59 -41.79 -27.37
CA ASP D 197 7.85 -41.87 -26.64
C ASP D 197 7.63 -42.29 -25.17
N PRO D 198 7.99 -43.54 -24.81
CA PRO D 198 7.69 -44.07 -23.48
C PRO D 198 8.51 -43.47 -22.31
N ALA D 199 9.60 -42.77 -22.61
CA ALA D 199 10.33 -41.99 -21.59
C ALA D 199 9.42 -41.00 -20.84
N PHE D 200 8.44 -40.46 -21.57
CA PHE D 200 7.50 -39.47 -21.05
C PHE D 200 6.15 -40.03 -20.59
N PHE D 201 5.60 -39.40 -19.56
CA PHE D 201 4.24 -39.62 -19.10
C PHE D 201 3.64 -38.28 -18.70
N SER D 202 2.36 -38.31 -18.38
CA SER D 202 1.57 -37.11 -18.11
C SER D 202 0.64 -37.34 -16.91
N PHE D 203 0.30 -36.26 -16.21
CA PHE D 203 -0.67 -36.33 -15.11
C PHE D 203 -1.33 -34.99 -14.88
N ILE D 204 -2.40 -35.02 -14.11
CA ILE D 204 -3.05 -33.81 -13.61
C ILE D 204 -2.52 -33.62 -12.21
N ASN D 205 -2.11 -32.39 -11.93
CA ASN D 205 -1.74 -31.94 -10.60
C ASN D 205 -2.37 -30.56 -10.44
N ASN D 206 -3.24 -30.40 -9.45
CA ASN D 206 -3.94 -29.13 -9.24
C ASN D 206 -4.54 -28.59 -10.56
N SER D 207 -5.50 -29.36 -11.08
CA SER D 207 -6.27 -29.03 -12.28
C SER D 207 -5.47 -28.40 -13.43
N ASP D 208 -4.24 -28.85 -13.63
CA ASP D 208 -3.47 -28.47 -14.81
C ASP D 208 -2.77 -29.67 -15.39
N LEU D 209 -2.35 -29.52 -16.65
CA LEU D 209 -1.64 -30.58 -17.37
C LEU D 209 -0.15 -30.51 -17.06
N TRP D 210 0.43 -31.65 -16.68
CA TRP D 210 1.86 -31.78 -16.46
C TRP D 210 2.47 -32.88 -17.35
N VAL D 211 3.77 -32.77 -17.58
CA VAL D 211 4.54 -33.79 -18.29
C VAL D 211 5.85 -33.96 -17.54
N ALA D 212 6.30 -35.20 -17.46
CA ALA D 212 7.54 -35.56 -16.80
C ALA D 212 8.29 -36.59 -17.63
N ASN D 213 9.44 -37.04 -17.15
CA ASN D 213 10.27 -38.02 -17.84
C ASN D 213 10.78 -39.03 -16.81
N ILE D 214 10.33 -40.29 -16.91
CA ILE D 214 10.72 -41.32 -15.92
C ILE D 214 12.24 -41.55 -15.89
N GLU D 215 12.88 -41.46 -17.05
CA GLU D 215 14.31 -41.79 -17.19
C GLU D 215 15.23 -40.70 -16.61
N THR D 216 14.80 -39.44 -16.66
CA THR D 216 15.57 -38.31 -16.09
C THR D 216 15.01 -37.81 -14.76
N GLY D 217 13.69 -37.66 -14.68
CA GLY D 217 13.03 -37.13 -13.47
C GLY D 217 12.62 -35.66 -13.58
N GLU D 218 12.83 -35.06 -14.76
CA GLU D 218 12.38 -33.70 -15.04
C GLU D 218 10.87 -33.65 -15.14
N GLU D 219 10.29 -32.61 -14.54
CA GLU D 219 8.87 -32.29 -14.63
C GLU D 219 8.67 -30.97 -15.36
N ARG D 220 7.50 -30.80 -15.96
CA ARG D 220 7.19 -29.57 -16.68
C ARG D 220 5.68 -29.35 -16.80
N ARG D 221 5.22 -28.22 -16.28
CA ARG D 221 3.82 -27.81 -16.38
C ARG D 221 3.53 -27.27 -17.76
N LEU D 222 2.32 -27.55 -18.28
CA LEU D 222 1.92 -27.17 -19.66
C LEU D 222 0.71 -26.22 -19.79
N THR D 223 -0.25 -26.31 -18.86
CA THR D 223 -1.40 -25.40 -18.80
C THR D 223 -1.31 -24.56 -17.53
N PHE D 224 -1.94 -23.38 -17.55
CA PHE D 224 -1.91 -22.46 -16.39
C PHE D 224 -3.28 -21.82 -16.08
N CYS D 225 -4.31 -22.65 -15.99
CA CYS D 225 -5.66 -22.22 -15.59
C CYS D 225 -5.88 -22.09 -14.08
N HIS D 226 -5.05 -22.80 -13.31
CA HIS D 226 -5.19 -22.90 -11.85
C HIS D 226 -4.08 -22.07 -11.20
N GLN D 227 -4.12 -21.97 -9.88
CA GLN D 227 -3.06 -21.33 -9.11
C GLN D 227 -2.87 -22.04 -7.77
N VAL D 232 -10.36 -21.45 -2.40
CA VAL D 232 -11.44 -22.43 -2.52
C VAL D 232 -12.22 -22.18 -3.83
N LEU D 233 -13.18 -21.24 -3.78
CA LEU D 233 -14.15 -21.00 -4.87
C LEU D 233 -13.62 -20.07 -5.96
N ASP D 234 -12.63 -19.25 -5.62
CA ASP D 234 -12.15 -18.19 -6.51
C ASP D 234 -11.63 -18.74 -7.83
N ASP D 235 -10.72 -19.71 -7.74
CA ASP D 235 -10.07 -20.29 -8.92
C ASP D 235 -11.01 -21.32 -9.58
N PRO D 236 -11.53 -21.01 -10.78
CA PRO D 236 -12.56 -21.86 -11.35
C PRO D 236 -12.19 -22.56 -12.67
N LYS D 237 -10.95 -22.39 -13.13
CA LYS D 237 -10.57 -22.80 -14.47
C LYS D 237 -9.66 -24.01 -14.41
N SER D 238 -9.92 -24.96 -15.29
CA SER D 238 -9.32 -26.29 -15.23
C SER D 238 -8.82 -26.66 -16.62
N ALA D 239 -7.84 -27.54 -16.67
CA ALA D 239 -7.27 -28.02 -17.93
C ALA D 239 -6.82 -29.46 -17.79
N GLY D 240 -7.28 -30.31 -18.71
CA GLY D 240 -7.06 -31.76 -18.65
C GLY D 240 -8.06 -32.54 -17.81
N VAL D 241 -9.04 -31.85 -17.23
CA VAL D 241 -9.97 -32.45 -16.29
C VAL D 241 -11.35 -32.63 -16.92
N ALA D 242 -12.00 -33.71 -16.54
CA ALA D 242 -13.42 -33.92 -16.81
C ALA D 242 -14.18 -33.40 -15.60
N THR D 243 -15.09 -32.46 -15.82
CA THR D 243 -15.90 -31.91 -14.72
C THR D 243 -16.89 -32.95 -14.16
N PHE D 244 -17.58 -32.58 -13.07
CA PHE D 244 -18.53 -33.46 -12.37
C PHE D 244 -19.52 -34.21 -13.29
N VAL D 245 -20.40 -33.48 -13.97
CA VAL D 245 -21.45 -34.11 -14.81
C VAL D 245 -20.85 -35.05 -15.86
N ILE D 246 -19.66 -34.73 -16.34
CA ILE D 246 -19.00 -35.50 -17.39
C ILE D 246 -18.51 -36.83 -16.88
N GLN D 247 -17.99 -36.88 -15.66
CA GLN D 247 -17.68 -38.16 -15.01
C GLN D 247 -18.91 -38.95 -14.62
N GLU D 248 -19.95 -38.26 -14.13
CA GLU D 248 -21.17 -38.92 -13.58
C GLU D 248 -22.16 -39.40 -14.61
N GLU D 249 -22.37 -38.61 -15.66
CA GLU D 249 -23.47 -38.84 -16.59
C GLU D 249 -23.05 -39.15 -18.04
N PHE D 250 -21.78 -38.93 -18.34
CA PHE D 250 -21.19 -39.27 -19.65
C PHE D 250 -20.06 -40.32 -19.61
N ASP D 251 -19.58 -40.68 -18.43
CA ASP D 251 -18.53 -41.69 -18.27
C ASP D 251 -17.26 -41.40 -19.08
N ARG D 252 -16.81 -40.17 -18.96
CA ARG D 252 -15.49 -39.75 -19.39
C ARG D 252 -14.81 -39.31 -18.10
N PHE D 253 -13.68 -39.93 -17.79
CA PHE D 253 -12.93 -39.66 -16.54
C PHE D 253 -11.59 -38.95 -16.80
N THR D 254 -11.40 -38.55 -18.05
CA THR D 254 -10.23 -37.85 -18.50
C THR D 254 -10.66 -36.67 -19.37
N GLY D 255 -9.80 -35.66 -19.42
CA GLY D 255 -10.01 -34.48 -20.26
C GLY D 255 -8.77 -34.08 -21.04
N TYR D 256 -7.87 -35.06 -21.27
CA TYR D 256 -6.66 -34.86 -22.07
C TYR D 256 -6.29 -36.14 -22.81
N TRP D 257 -5.65 -35.99 -23.96
CA TRP D 257 -5.43 -37.12 -24.87
C TRP D 257 -4.08 -36.97 -25.60
N TRP D 258 -3.16 -37.92 -25.36
CA TRP D 258 -1.82 -37.90 -25.98
C TRP D 258 -1.94 -38.11 -27.46
N CYS D 259 -1.09 -37.45 -28.24
CA CYS D 259 -0.99 -37.71 -29.67
C CYS D 259 -0.21 -39.01 -29.85
N PRO D 260 -0.69 -39.92 -30.72
CA PRO D 260 -0.01 -41.21 -30.88
C PRO D 260 1.35 -41.14 -31.60
N THR D 261 1.61 -40.05 -32.32
CA THR D 261 2.85 -39.84 -33.07
C THR D 261 3.59 -38.58 -32.62
N ALA D 262 4.85 -38.51 -33.03
CA ALA D 262 5.74 -37.40 -32.70
C ALA D 262 6.14 -36.67 -33.97
N SER D 263 6.04 -35.33 -33.94
CA SER D 263 6.44 -34.47 -35.06
C SER D 263 7.91 -34.03 -34.97
N TRP D 264 8.42 -33.55 -36.10
CA TRP D 264 9.80 -33.04 -36.22
C TRP D 264 9.78 -31.73 -37.02
N GLU D 265 8.79 -30.87 -36.77
CA GLU D 265 8.58 -29.63 -37.55
C GLU D 265 9.61 -28.53 -37.22
N GLY D 266 9.55 -27.43 -37.98
CA GLY D 266 10.42 -26.28 -37.75
C GLY D 266 10.35 -25.25 -38.85
N LEU D 270 14.81 -31.12 -33.30
CA LEU D 270 13.94 -31.18 -32.12
C LEU D 270 12.70 -32.05 -32.35
N LYS D 271 12.64 -33.20 -31.67
CA LYS D 271 11.42 -34.02 -31.59
C LYS D 271 10.31 -33.23 -30.89
N THR D 272 9.05 -33.48 -31.25
CA THR D 272 7.93 -32.81 -30.58
C THR D 272 6.65 -33.65 -30.46
N LEU D 273 5.95 -33.39 -29.37
CA LEU D 273 4.83 -34.21 -28.93
C LEU D 273 3.66 -33.30 -28.61
N ARG D 274 2.46 -33.84 -28.70
CA ARG D 274 1.20 -33.09 -28.54
C ARG D 274 0.21 -33.79 -27.61
N ILE D 275 -0.51 -32.99 -26.85
CA ILE D 275 -1.61 -33.47 -26.02
C ILE D 275 -2.82 -32.61 -26.36
N LEU D 276 -3.88 -33.26 -26.82
CA LEU D 276 -5.19 -32.62 -26.96
C LEU D 276 -5.74 -32.55 -25.56
N TYR D 277 -6.41 -31.45 -25.21
CA TYR D 277 -7.02 -31.34 -23.90
C TYR D 277 -8.19 -30.40 -23.89
N GLU D 278 -9.08 -30.62 -22.92
CA GLU D 278 -10.22 -29.77 -22.71
C GLU D 278 -9.83 -28.77 -21.64
N GLU D 279 -10.01 -27.48 -21.96
CA GLU D 279 -9.97 -26.42 -20.97
C GLU D 279 -11.40 -26.17 -20.52
N VAL D 280 -11.55 -25.78 -19.26
CA VAL D 280 -12.85 -25.72 -18.61
C VAL D 280 -12.94 -24.46 -17.77
N ASP D 281 -14.14 -23.86 -17.76
CA ASP D 281 -14.44 -22.66 -16.96
C ASP D 281 -15.78 -22.82 -16.22
N GLU D 282 -15.68 -23.08 -14.92
CA GLU D 282 -16.84 -23.41 -14.09
C GLU D 282 -17.35 -22.19 -13.28
N SER D 283 -16.94 -20.99 -13.66
CA SER D 283 -17.31 -19.77 -12.92
C SER D 283 -18.83 -19.61 -12.77
N GLU D 284 -19.55 -19.70 -13.88
CA GLU D 284 -21.01 -19.50 -13.91
C GLU D 284 -21.83 -20.75 -13.52
N VAL D 285 -21.16 -21.80 -13.06
CA VAL D 285 -21.82 -22.98 -12.56
C VAL D 285 -22.08 -22.80 -11.07
N GLU D 286 -23.25 -23.27 -10.62
CA GLU D 286 -23.63 -23.14 -9.21
C GLU D 286 -22.81 -24.03 -8.26
N VAL D 287 -22.62 -23.51 -7.05
CA VAL D 287 -21.82 -24.16 -6.02
C VAL D 287 -22.73 -24.65 -4.91
N ILE D 288 -22.55 -25.92 -4.53
CA ILE D 288 -23.31 -26.50 -3.43
C ILE D 288 -22.35 -27.21 -2.50
N HIS D 289 -22.61 -27.08 -1.20
CA HIS D 289 -21.73 -27.62 -0.17
C HIS D 289 -22.16 -29.00 0.33
N VAL D 290 -21.25 -29.96 0.33
CA VAL D 290 -21.57 -31.31 0.74
C VAL D 290 -20.69 -31.68 1.92
N PRO D 291 -21.26 -32.26 2.99
CA PRO D 291 -20.49 -32.68 4.14
C PRO D 291 -19.24 -33.50 3.79
N SER D 292 -18.11 -33.15 4.42
CA SER D 292 -16.84 -33.86 4.26
C SER D 292 -16.89 -35.20 5.01
N PRO D 293 -16.11 -36.21 4.55
CA PRO D 293 -16.05 -37.45 5.34
C PRO D 293 -15.41 -37.29 6.72
N ALA D 294 -14.59 -36.25 6.90
CA ALA D 294 -13.95 -35.98 8.18
C ALA D 294 -14.93 -35.32 9.15
N LEU D 295 -15.85 -36.14 9.68
CA LEU D 295 -17.00 -35.65 10.44
C LEU D 295 -16.60 -34.78 11.62
N GLU D 296 -15.50 -35.15 12.27
CA GLU D 296 -14.98 -34.43 13.44
C GLU D 296 -14.59 -32.99 13.10
N GLU D 297 -14.10 -32.78 11.87
CA GLU D 297 -13.70 -31.46 11.38
C GLU D 297 -14.91 -30.56 11.13
N ARG D 298 -16.06 -31.15 10.85
CA ARG D 298 -17.34 -30.44 10.64
C ARG D 298 -17.27 -29.43 9.49
N LYS D 299 -16.52 -29.79 8.46
CA LYS D 299 -16.39 -28.96 7.27
C LYS D 299 -17.13 -29.62 6.12
N THR D 300 -17.08 -29.00 4.93
CA THR D 300 -17.80 -29.47 3.75
C THR D 300 -16.89 -29.31 2.54
N ASP D 301 -17.38 -29.75 1.39
CA ASP D 301 -16.72 -29.56 0.13
C ASP D 301 -17.62 -28.71 -0.78
N SER D 302 -17.04 -27.67 -1.37
CA SER D 302 -17.70 -26.89 -2.42
C SER D 302 -17.61 -27.71 -3.69
N TYR D 303 -18.74 -28.00 -4.31
CA TYR D 303 -18.79 -28.69 -5.59
C TYR D 303 -19.38 -27.74 -6.62
N ARG D 304 -18.80 -27.73 -7.82
CA ARG D 304 -19.45 -27.07 -8.95
C ARG D 304 -20.56 -28.00 -9.48
N TYR D 305 -21.79 -27.82 -8.98
CA TYR D 305 -22.93 -28.72 -9.33
C TYR D 305 -23.94 -28.08 -10.30
N PRO D 306 -23.89 -28.43 -11.60
CA PRO D 306 -24.94 -27.94 -12.48
C PRO D 306 -26.22 -28.70 -12.19
N ARG D 307 -27.20 -28.02 -11.60
CA ARG D 307 -28.55 -28.57 -11.50
C ARG D 307 -29.25 -28.36 -12.83
N THR D 308 -30.26 -29.19 -13.11
CA THR D 308 -31.03 -29.11 -14.35
C THR D 308 -31.51 -27.69 -14.63
N GLY D 309 -31.31 -27.24 -15.87
CA GLY D 309 -31.71 -25.90 -16.27
C GLY D 309 -30.69 -24.81 -15.96
N SER D 310 -29.83 -25.02 -14.96
CA SER D 310 -28.76 -24.07 -14.64
C SER D 310 -27.60 -24.24 -15.63
N LYS D 311 -26.59 -23.39 -15.51
CA LYS D 311 -25.52 -23.35 -16.50
C LYS D 311 -24.54 -24.52 -16.35
N ASN D 312 -24.23 -25.14 -17.48
CA ASN D 312 -23.12 -26.09 -17.59
C ASN D 312 -21.84 -25.32 -17.86
N PRO D 313 -20.67 -25.90 -17.52
CA PRO D 313 -19.41 -25.17 -17.66
C PRO D 313 -19.03 -24.81 -19.11
N LYS D 314 -18.29 -23.70 -19.27
CA LYS D 314 -17.79 -23.26 -20.58
C LYS D 314 -16.57 -24.08 -21.00
N ILE D 315 -16.64 -24.66 -22.20
CA ILE D 315 -15.68 -25.68 -22.63
C ILE D 315 -14.88 -25.25 -23.86
N ALA D 316 -13.74 -25.92 -24.06
CA ALA D 316 -12.86 -25.67 -25.23
C ALA D 316 -11.90 -26.83 -25.40
N LEU D 317 -11.59 -27.18 -26.65
CA LEU D 317 -10.52 -28.12 -26.97
C LEU D 317 -9.29 -27.30 -27.37
N LYS D 318 -8.14 -27.68 -26.85
CA LYS D 318 -6.90 -26.93 -27.04
C LYS D 318 -5.76 -27.88 -27.24
N LEU D 319 -4.71 -27.39 -27.89
CA LEU D 319 -3.55 -28.20 -28.17
C LEU D 319 -2.40 -27.73 -27.32
N ALA D 320 -1.89 -28.60 -26.46
CA ALA D 320 -0.66 -28.34 -25.72
C ALA D 320 0.48 -29.11 -26.36
N GLU D 321 1.42 -28.38 -26.96
CA GLU D 321 2.63 -28.98 -27.56
C GLU D 321 3.85 -28.86 -26.66
N PHE D 322 4.81 -29.74 -26.87
CA PHE D 322 6.14 -29.52 -26.34
C PHE D 322 7.19 -30.25 -27.16
N GLN D 323 8.37 -29.65 -27.25
CA GLN D 323 9.53 -30.22 -27.96
C GLN D 323 10.46 -30.89 -26.96
N THR D 324 11.24 -31.84 -27.48
CA THR D 324 12.29 -32.54 -26.71
C THR D 324 13.55 -32.73 -27.57
N ASP D 325 14.73 -32.50 -27.00
CA ASP D 325 15.99 -32.81 -27.69
C ASP D 325 16.32 -34.29 -27.56
N SER D 326 17.47 -34.70 -28.08
CA SER D 326 17.88 -36.12 -28.12
C SER D 326 18.08 -36.75 -26.74
N GLN D 327 18.37 -35.94 -25.71
CA GLN D 327 18.55 -36.43 -24.34
C GLN D 327 17.25 -36.52 -23.52
N GLY D 328 16.10 -36.31 -24.16
CA GLY D 328 14.80 -36.37 -23.47
C GLY D 328 14.56 -35.15 -22.58
N LYS D 329 15.11 -34.02 -23.01
CA LYS D 329 15.06 -32.78 -22.23
C LYS D 329 13.94 -31.96 -22.85
N ILE D 330 12.95 -31.58 -22.05
CA ILE D 330 11.84 -30.74 -22.51
C ILE D 330 12.42 -29.34 -22.72
N VAL D 331 12.53 -28.94 -23.99
CA VAL D 331 13.18 -27.69 -24.40
C VAL D 331 12.23 -26.50 -24.30
N SER D 332 11.07 -26.62 -24.95
CA SER D 332 10.05 -25.57 -24.97
C SER D 332 8.68 -26.18 -24.77
N THR D 333 7.71 -25.33 -24.44
CA THR D 333 6.30 -25.71 -24.32
C THR D 333 5.41 -24.64 -24.94
N GLN D 334 4.38 -25.08 -25.66
CA GLN D 334 3.40 -24.19 -26.30
C GLN D 334 1.96 -24.61 -25.94
N GLU D 335 1.14 -23.65 -25.51
CA GLU D 335 -0.33 -23.82 -25.44
C GLU D 335 -0.92 -23.26 -26.73
N LYS D 336 -1.86 -23.99 -27.32
CA LYS D 336 -2.52 -23.54 -28.54
C LYS D 336 -4.02 -23.60 -28.41
N GLU D 337 -4.69 -22.78 -29.23
CA GLU D 337 -6.13 -22.73 -29.27
C GLU D 337 -6.60 -22.68 -30.71
N LEU D 338 -7.86 -23.05 -30.90
CA LEU D 338 -8.50 -23.04 -32.21
C LEU D 338 -8.48 -21.62 -32.76
N VAL D 339 -8.26 -21.51 -34.07
CA VAL D 339 -8.05 -20.20 -34.73
C VAL D 339 -9.11 -19.22 -34.27
N GLN D 340 -10.37 -19.62 -34.38
CA GLN D 340 -11.49 -18.89 -33.75
C GLN D 340 -11.96 -19.64 -32.49
N PRO D 341 -12.73 -18.96 -31.62
CA PRO D 341 -13.30 -19.58 -30.44
C PRO D 341 -13.99 -20.92 -30.70
N PHE D 342 -13.95 -21.80 -29.70
CA PHE D 342 -14.67 -23.06 -29.75
C PHE D 342 -16.20 -22.83 -29.83
N SER D 343 -16.75 -21.89 -29.07
CA SER D 343 -18.19 -21.67 -29.03
C SER D 343 -18.79 -20.93 -30.25
N SER D 344 -17.95 -20.38 -31.11
CA SER D 344 -18.41 -19.79 -32.39
C SER D 344 -18.23 -20.73 -33.58
N LEU D 345 -17.12 -21.47 -33.60
CA LEU D 345 -16.91 -22.56 -34.58
C LEU D 345 -17.99 -23.63 -34.46
N PHE D 346 -18.40 -23.89 -33.22
CA PHE D 346 -19.35 -24.94 -32.91
C PHE D 346 -20.42 -24.40 -31.97
N PRO D 347 -21.31 -23.53 -32.48
CA PRO D 347 -22.44 -23.11 -31.63
C PRO D 347 -23.32 -24.32 -31.33
N LYS D 348 -24.05 -24.28 -30.22
CA LYS D 348 -24.99 -25.36 -29.83
C LYS D 348 -24.35 -26.70 -29.35
N VAL D 349 -23.03 -26.75 -29.20
CA VAL D 349 -22.34 -27.88 -28.57
C VAL D 349 -22.21 -27.62 -27.08
N GLU D 350 -22.87 -28.44 -26.27
CA GLU D 350 -22.90 -28.29 -24.81
C GLU D 350 -21.89 -29.20 -24.06
N TYR D 351 -21.64 -30.40 -24.58
CA TYR D 351 -20.79 -31.38 -23.88
C TYR D 351 -19.81 -32.02 -24.84
N ILE D 352 -18.56 -32.15 -24.43
CA ILE D 352 -17.62 -33.01 -25.18
C ILE D 352 -17.78 -34.37 -24.57
N ALA D 353 -18.43 -35.27 -25.30
CA ALA D 353 -18.65 -36.63 -24.84
C ALA D 353 -17.34 -37.38 -24.76
N ARG D 354 -16.61 -37.40 -25.87
CA ARG D 354 -15.38 -38.18 -26.02
C ARG D 354 -14.40 -37.43 -26.87
N ALA D 355 -13.16 -37.89 -26.89
CA ALA D 355 -12.17 -37.40 -27.82
C ALA D 355 -11.00 -38.36 -27.99
N GLY D 356 -10.23 -38.12 -29.04
CA GLY D 356 -9.02 -38.90 -29.27
C GLY D 356 -8.29 -38.40 -30.48
N TRP D 357 -7.46 -39.27 -31.05
CA TRP D 357 -6.74 -38.99 -32.31
C TRP D 357 -6.95 -40.13 -33.32
N THR D 358 -6.64 -39.84 -34.59
CA THR D 358 -6.47 -40.87 -35.61
C THR D 358 -5.15 -41.56 -35.32
N ARG D 359 -4.96 -42.74 -35.90
CA ARG D 359 -3.79 -43.57 -35.59
C ARG D 359 -2.45 -42.91 -35.97
N ASP D 360 -2.45 -42.15 -37.06
CA ASP D 360 -1.24 -41.45 -37.55
C ASP D 360 -0.97 -40.06 -36.95
N GLY D 361 -1.91 -39.53 -36.16
CA GLY D 361 -1.82 -38.18 -35.61
C GLY D 361 -2.26 -37.08 -36.56
N LYS D 362 -2.87 -37.45 -37.69
CA LYS D 362 -3.26 -36.51 -38.73
C LYS D 362 -4.47 -35.68 -38.32
N TYR D 363 -5.27 -36.21 -37.38
CA TYR D 363 -6.38 -35.48 -36.81
C TYR D 363 -6.62 -35.91 -35.36
N ALA D 364 -6.88 -34.94 -34.49
CA ALA D 364 -7.57 -35.19 -33.23
C ALA D 364 -9.06 -35.21 -33.54
N TRP D 365 -9.86 -35.87 -32.72
CA TRP D 365 -11.30 -35.95 -32.95
C TRP D 365 -12.08 -35.78 -31.66
N ALA D 366 -13.37 -35.49 -31.79
CA ALA D 366 -14.23 -35.30 -30.63
C ALA D 366 -15.71 -35.53 -30.98
N MET D 367 -16.40 -36.27 -30.10
CA MET D 367 -17.86 -36.37 -30.13
C MET D 367 -18.43 -35.18 -29.37
N PHE D 368 -19.27 -34.41 -30.05
CA PHE D 368 -19.96 -33.26 -29.46
C PHE D 368 -21.43 -33.61 -29.26
N LEU D 369 -22.03 -33.09 -28.21
CA LEU D 369 -23.47 -33.19 -27.97
C LEU D 369 -24.11 -31.83 -27.67
N ASP D 370 -25.41 -31.72 -27.98
CA ASP D 370 -26.17 -30.53 -27.66
C ASP D 370 -26.90 -30.69 -26.30
N ARG D 371 -27.36 -29.57 -25.77
CA ARG D 371 -27.95 -29.51 -24.43
C ARG D 371 -29.14 -30.49 -24.23
N PRO D 372 -30.06 -30.55 -25.22
CA PRO D 372 -31.11 -31.59 -25.13
C PRO D 372 -30.63 -33.01 -25.44
N GLN D 373 -29.42 -33.13 -25.98
CA GLN D 373 -28.75 -34.41 -26.23
C GLN D 373 -29.57 -35.23 -27.18
N GLN D 374 -29.81 -34.65 -28.35
CA GLN D 374 -30.54 -35.32 -29.41
C GLN D 374 -29.88 -35.13 -30.77
N TRP D 375 -28.61 -34.75 -30.74
CA TRP D 375 -27.87 -34.28 -31.91
C TRP D 375 -26.42 -34.44 -31.54
N LEU D 376 -25.86 -35.57 -31.91
CA LEU D 376 -24.43 -35.83 -31.72
C LEU D 376 -23.71 -35.67 -33.04
N GLN D 377 -22.46 -35.25 -32.99
CA GLN D 377 -21.65 -35.18 -34.20
C GLN D 377 -20.16 -35.44 -33.94
N LEU D 378 -19.54 -36.21 -34.83
CA LEU D 378 -18.13 -36.53 -34.76
C LEU D 378 -17.39 -35.59 -35.68
N VAL D 379 -16.33 -34.99 -35.15
CA VAL D 379 -15.56 -34.00 -35.88
C VAL D 379 -14.08 -34.39 -35.84
N LEU D 380 -13.33 -34.04 -36.88
CA LEU D 380 -11.87 -34.11 -36.88
C LEU D 380 -11.36 -32.69 -36.75
N LEU D 381 -10.34 -32.53 -35.92
CA LEU D 381 -9.69 -31.25 -35.69
C LEU D 381 -8.24 -31.38 -36.11
N PRO D 382 -7.91 -30.97 -37.36
CA PRO D 382 -6.50 -31.04 -37.79
C PRO D 382 -5.62 -30.07 -36.99
N PRO D 383 -4.43 -30.53 -36.53
CA PRO D 383 -3.53 -29.74 -35.64
C PRO D 383 -3.17 -28.31 -36.09
N ALA D 384 -3.11 -28.09 -37.40
CA ALA D 384 -2.90 -26.76 -37.96
C ALA D 384 -4.12 -25.84 -37.82
N LEU D 385 -5.28 -26.36 -37.39
CA LEU D 385 -6.39 -25.52 -36.90
C LEU D 385 -6.08 -24.80 -35.57
N PHE D 386 -5.00 -25.20 -34.89
CA PHE D 386 -4.60 -24.63 -33.61
C PHE D 386 -3.35 -23.73 -33.72
N ILE D 387 -3.44 -22.50 -33.20
CA ILE D 387 -2.35 -21.50 -33.24
C ILE D 387 -1.97 -21.03 -31.83
N PRO D 388 -0.69 -20.64 -31.59
CA PRO D 388 -0.33 -20.24 -30.23
C PRO D 388 -1.15 -19.05 -29.71
N SER D 389 -1.92 -19.27 -28.66
CA SER D 389 -2.68 -18.19 -28.04
C SER D 389 -1.74 -17.22 -27.32
N THR D 390 -1.91 -15.94 -27.59
CA THR D 390 -1.17 -14.88 -26.93
C THR D 390 -2.12 -13.72 -26.62
N GLU D 391 -1.62 -12.74 -25.87
CA GLU D 391 -2.42 -11.56 -25.49
C GLU D 391 -2.59 -10.58 -26.66
N ASN D 392 -1.53 -10.40 -27.46
CA ASN D 392 -1.55 -9.44 -28.58
C ASN D 392 -2.56 -9.87 -29.65
N GLU D 393 -3.53 -9.00 -29.94
CA GLU D 393 -4.48 -9.24 -31.02
C GLU D 393 -3.87 -9.00 -32.41
N GLU D 394 -2.75 -8.26 -32.46
CA GLU D 394 -1.92 -8.18 -33.68
C GLU D 394 -1.27 -9.55 -33.97
N GLN D 395 -0.82 -10.22 -32.92
CA GLN D 395 -0.32 -11.60 -33.01
C GLN D 395 -1.44 -12.59 -33.34
N ARG D 396 -2.62 -12.40 -32.75
CA ARG D 396 -3.77 -13.29 -32.99
C ARG D 396 -4.10 -13.37 -34.47
N LEU D 397 -4.18 -12.21 -35.11
CA LEU D 397 -4.38 -12.13 -36.55
C LEU D 397 -3.16 -12.62 -37.34
N ALA D 398 -1.95 -12.32 -36.85
CA ALA D 398 -0.73 -12.77 -37.52
C ALA D 398 -0.77 -14.27 -37.82
N SER D 399 -0.87 -15.09 -36.79
CA SER D 399 -0.92 -16.55 -36.95
C SER D 399 -2.27 -17.08 -37.45
N ALA D 400 -3.36 -16.34 -37.21
CA ALA D 400 -4.66 -16.64 -37.84
C ALA D 400 -4.64 -16.44 -39.35
N ARG D 401 -3.84 -15.49 -39.82
CA ARG D 401 -3.63 -15.24 -41.25
C ARG D 401 -2.76 -16.33 -41.87
N ALA D 402 -1.79 -16.81 -41.11
CA ALA D 402 -0.90 -17.89 -41.54
C ALA D 402 -1.49 -19.31 -41.61
N VAL D 403 -2.74 -19.53 -41.18
CA VAL D 403 -3.35 -20.86 -41.23
C VAL D 403 -3.84 -21.16 -42.67
N PRO D 404 -3.41 -22.31 -43.26
CA PRO D 404 -3.87 -22.72 -44.60
C PRO D 404 -5.38 -22.62 -44.80
N ARG D 405 -5.80 -22.03 -45.92
CA ARG D 405 -7.23 -21.80 -46.22
C ARG D 405 -8.02 -23.12 -46.39
N ASN D 406 -7.33 -24.17 -46.83
CA ASN D 406 -7.96 -25.51 -47.00
C ASN D 406 -8.16 -26.28 -45.67
N VAL D 407 -7.23 -26.12 -44.73
CA VAL D 407 -7.37 -26.70 -43.38
C VAL D 407 -8.69 -26.25 -42.73
N GLN D 408 -9.35 -27.18 -42.03
CA GLN D 408 -10.62 -26.92 -41.34
C GLN D 408 -11.09 -28.10 -40.47
N PRO D 409 -12.12 -27.87 -39.65
CA PRO D 409 -12.82 -29.01 -39.05
C PRO D 409 -13.79 -29.70 -40.03
N TYR D 410 -13.80 -31.03 -39.98
CA TYR D 410 -14.63 -31.86 -40.83
C TYR D 410 -15.62 -32.65 -39.95
N VAL D 411 -16.89 -32.24 -39.95
CA VAL D 411 -17.95 -32.99 -39.26
C VAL D 411 -18.29 -34.26 -40.05
N VAL D 412 -17.57 -35.31 -39.69
CA VAL D 412 -17.70 -36.63 -40.28
C VAL D 412 -19.09 -37.30 -40.09
N TYR D 413 -19.41 -37.72 -38.86
CA TYR D 413 -20.66 -38.46 -38.59
C TYR D 413 -21.61 -37.52 -37.90
N GLU D 414 -22.90 -37.86 -37.90
CA GLU D 414 -23.90 -37.07 -37.18
C GLU D 414 -25.16 -37.90 -36.86
N GLU D 415 -25.27 -38.27 -35.59
CA GLU D 415 -26.39 -39.05 -35.07
C GLU D 415 -27.48 -38.11 -34.56
N VAL D 416 -28.75 -38.41 -34.87
CA VAL D 416 -29.89 -37.55 -34.53
C VAL D 416 -31.08 -38.40 -34.08
N THR D 417 -31.93 -37.86 -33.20
CA THR D 417 -33.03 -38.66 -32.60
C THR D 417 -34.12 -37.79 -31.98
N ASN D 418 -35.32 -38.36 -31.83
CA ASN D 418 -36.40 -37.74 -31.01
C ASN D 418 -36.52 -38.38 -29.60
N VAL D 419 -35.62 -39.30 -29.25
CA VAL D 419 -35.63 -39.95 -27.94
C VAL D 419 -34.45 -39.31 -27.16
N TRP D 420 -33.24 -39.86 -27.32
CA TRP D 420 -32.01 -39.24 -26.81
C TRP D 420 -30.82 -40.03 -27.30
N ILE D 421 -29.68 -39.33 -27.39
CA ILE D 421 -28.39 -39.96 -27.68
C ILE D 421 -27.82 -40.56 -26.40
N ASN D 422 -27.53 -41.85 -26.46
CA ASN D 422 -26.67 -42.51 -25.51
C ASN D 422 -25.26 -42.55 -26.09
N VAL D 423 -24.27 -42.08 -25.35
CA VAL D 423 -22.90 -42.01 -25.86
C VAL D 423 -22.35 -43.44 -25.95
N HIS D 424 -21.92 -43.81 -27.16
CA HIS D 424 -21.33 -45.11 -27.43
C HIS D 424 -19.85 -44.91 -27.63
N ASP D 425 -19.06 -45.73 -26.96
CA ASP D 425 -17.62 -45.57 -26.98
C ASP D 425 -16.94 -45.85 -28.33
N ILE D 426 -17.52 -46.76 -29.12
CA ILE D 426 -16.87 -47.34 -30.31
C ILE D 426 -16.73 -46.41 -31.53
N PHE D 427 -15.49 -46.11 -31.91
CA PHE D 427 -15.17 -45.25 -33.05
C PHE D 427 -13.77 -45.59 -33.54
N TYR D 428 -13.67 -46.46 -34.54
CA TYR D 428 -12.39 -46.96 -35.05
C TYR D 428 -12.03 -46.39 -36.45
N PRO D 429 -11.25 -45.29 -36.48
CA PRO D 429 -10.83 -44.77 -37.79
C PRO D 429 -9.72 -45.59 -38.38
N PHE D 430 -9.91 -46.04 -39.61
CA PHE D 430 -8.84 -46.66 -40.39
C PHE D 430 -7.89 -45.58 -40.91
N PRO D 431 -6.71 -45.99 -41.38
CA PRO D 431 -5.86 -45.05 -42.09
C PRO D 431 -6.48 -44.65 -43.42
N GLN D 432 -6.09 -43.48 -43.92
CA GLN D 432 -6.57 -42.95 -45.20
C GLN D 432 -5.64 -43.48 -46.28
N SER D 433 -5.79 -44.78 -46.55
CA SER D 433 -4.86 -45.56 -47.36
C SER D 433 -5.24 -45.51 -48.85
N GLU D 436 -5.61 -39.43 -49.16
CA GLU D 436 -5.62 -38.24 -48.29
C GLU D 436 -6.98 -37.56 -48.12
N ASP D 437 -7.84 -37.63 -49.15
CA ASP D 437 -9.06 -36.82 -49.29
C ASP D 437 -10.39 -37.55 -48.95
N GLU D 438 -10.35 -38.44 -47.96
CA GLU D 438 -11.54 -39.17 -47.47
C GLU D 438 -11.23 -39.84 -46.10
N LEU D 439 -12.22 -40.49 -45.48
CA LEU D 439 -11.98 -41.26 -44.26
C LEU D 439 -13.03 -42.34 -44.02
N CYS D 440 -12.51 -43.57 -43.87
CA CYS D 440 -13.29 -44.78 -43.56
C CYS D 440 -13.07 -45.15 -42.08
N PHE D 441 -14.17 -45.42 -41.36
CA PHE D 441 -14.12 -45.79 -39.94
C PHE D 441 -15.32 -46.63 -39.49
N LEU D 442 -15.16 -47.31 -38.35
CA LEU D 442 -16.27 -48.04 -37.70
C LEU D 442 -16.88 -47.20 -36.58
N ARG D 443 -18.20 -47.29 -36.43
CA ARG D 443 -18.92 -46.51 -35.45
C ARG D 443 -20.17 -47.30 -35.03
N ALA D 444 -20.43 -47.34 -33.73
CA ALA D 444 -21.65 -47.93 -33.20
C ALA D 444 -22.73 -46.87 -33.23
N ASN D 445 -23.95 -47.25 -33.59
CA ASN D 445 -25.05 -46.31 -33.84
C ASN D 445 -26.40 -46.96 -33.52
N GLU D 446 -27.17 -46.33 -32.65
CA GLU D 446 -28.47 -46.83 -32.17
C GLU D 446 -29.66 -46.07 -32.73
N CYS D 447 -29.52 -44.77 -32.95
CA CYS D 447 -30.65 -43.95 -33.39
C CYS D 447 -31.11 -44.18 -34.85
N LYS D 448 -30.23 -44.70 -35.70
CA LYS D 448 -30.62 -44.98 -37.10
C LYS D 448 -31.83 -45.92 -37.15
N THR D 449 -31.68 -47.12 -36.60
CA THR D 449 -32.75 -48.15 -36.59
C THR D 449 -33.55 -48.25 -35.28
N GLY D 450 -32.92 -47.94 -34.15
CA GLY D 450 -33.50 -48.16 -32.82
C GLY D 450 -32.70 -49.13 -31.93
N PHE D 451 -31.76 -49.87 -32.51
CA PHE D 451 -30.82 -50.73 -31.78
C PHE D 451 -29.39 -50.41 -32.17
N CYS D 452 -28.46 -50.53 -31.22
CA CYS D 452 -27.04 -50.22 -31.42
C CYS D 452 -26.37 -51.27 -32.30
N HIS D 453 -25.87 -50.83 -33.46
CA HIS D 453 -25.24 -51.72 -34.43
C HIS D 453 -24.01 -51.10 -35.09
N LEU D 454 -23.13 -51.97 -35.58
CA LEU D 454 -21.92 -51.52 -36.25
C LEU D 454 -22.23 -51.11 -37.69
N TYR D 455 -21.68 -49.96 -38.07
CA TYR D 455 -21.70 -49.51 -39.45
C TYR D 455 -20.25 -49.28 -39.87
N LYS D 456 -19.98 -49.48 -41.17
CA LYS D 456 -18.77 -48.99 -41.82
C LYS D 456 -19.21 -47.74 -42.57
N VAL D 457 -18.54 -46.63 -42.30
CA VAL D 457 -18.85 -45.35 -42.91
C VAL D 457 -17.62 -44.77 -43.55
N THR D 458 -17.72 -44.38 -44.82
CA THR D 458 -16.68 -43.56 -45.48
C THR D 458 -17.18 -42.13 -45.66
N ALA D 459 -16.54 -41.17 -45.00
CA ALA D 459 -16.84 -39.75 -45.21
C ALA D 459 -15.87 -39.13 -46.19
N VAL D 460 -16.29 -38.05 -46.84
CA VAL D 460 -15.47 -37.33 -47.83
C VAL D 460 -15.12 -35.92 -47.32
N LEU D 461 -13.83 -35.73 -47.05
CA LEU D 461 -13.27 -34.47 -46.59
C LEU D 461 -12.91 -33.66 -47.81
N LYS D 462 -13.87 -32.91 -48.34
CA LYS D 462 -13.57 -31.91 -49.35
C LYS D 462 -13.67 -30.52 -48.69
N SER D 463 -12.54 -29.80 -48.73
CA SER D 463 -12.36 -28.52 -48.04
C SER D 463 -12.95 -27.33 -48.80
N GLN D 464 -13.90 -26.63 -48.19
CA GLN D 464 -14.55 -25.44 -48.79
C GLN D 464 -13.66 -24.19 -48.94
N GLY D 465 -12.52 -24.14 -48.24
CA GLY D 465 -11.60 -23.01 -48.27
C GLY D 465 -12.10 -21.85 -47.44
N TYR D 466 -11.47 -21.59 -46.30
CA TYR D 466 -11.93 -20.55 -45.35
C TYR D 466 -10.91 -19.42 -45.03
N ASP D 467 -11.44 -18.22 -44.79
CA ASP D 467 -10.66 -17.04 -44.41
C ASP D 467 -10.56 -16.99 -42.88
N TRP D 468 -9.54 -17.65 -42.34
CA TRP D 468 -9.42 -17.81 -40.88
C TRP D 468 -8.93 -16.58 -40.10
N SER D 469 -8.35 -15.60 -40.79
CA SER D 469 -8.04 -14.31 -40.16
C SER D 469 -9.31 -13.47 -39.90
N GLU D 470 -10.26 -13.53 -40.85
CA GLU D 470 -11.57 -12.88 -40.73
C GLU D 470 -12.53 -13.77 -39.93
N PRO D 471 -13.07 -13.28 -38.79
CA PRO D 471 -14.04 -14.11 -38.03
C PRO D 471 -15.34 -14.41 -38.79
N PHE D 472 -15.95 -15.56 -38.48
CA PHE D 472 -17.26 -15.93 -39.03
C PHE D 472 -18.03 -16.89 -38.12
N SER D 473 -19.36 -16.80 -38.19
CA SER D 473 -20.27 -17.75 -37.55
C SER D 473 -20.90 -18.64 -38.64
N PRO D 474 -20.73 -19.97 -38.54
CA PRO D 474 -21.16 -20.89 -39.61
C PRO D 474 -22.67 -21.06 -39.75
N GLY D 475 -23.09 -21.59 -40.90
CA GLY D 475 -24.52 -21.79 -41.24
C GLY D 475 -25.10 -23.09 -40.71
N GLU D 476 -26.17 -23.57 -41.37
CA GLU D 476 -26.96 -24.71 -40.87
C GLU D 476 -26.20 -26.04 -40.91
N ASP D 477 -25.57 -26.35 -42.04
CA ASP D 477 -24.72 -27.54 -42.18
C ASP D 477 -23.40 -27.10 -42.83
N GLU D 478 -22.51 -26.53 -42.02
CA GLU D 478 -21.28 -25.90 -42.52
C GLU D 478 -20.21 -26.93 -42.81
N PHE D 479 -19.83 -27.67 -41.78
CA PHE D 479 -18.72 -28.63 -41.84
C PHE D 479 -19.18 -30.08 -42.01
N LYS D 480 -20.50 -30.28 -42.12
CA LYS D 480 -21.08 -31.61 -42.38
C LYS D 480 -20.50 -32.22 -43.67
N CYS D 481 -19.66 -33.24 -43.50
CA CYS D 481 -19.02 -33.90 -44.63
C CYS D 481 -20.05 -34.69 -45.41
N PRO D 482 -19.86 -34.80 -46.74
CA PRO D 482 -20.67 -35.76 -47.49
C PRO D 482 -20.28 -37.20 -47.14
N ILE D 483 -21.27 -38.02 -46.85
CA ILE D 483 -21.08 -39.43 -46.50
C ILE D 483 -21.01 -40.17 -47.82
N LYS D 484 -19.82 -40.65 -48.18
CA LYS D 484 -19.67 -41.42 -49.43
C LYS D 484 -20.48 -42.73 -49.38
N GLU D 485 -20.30 -43.51 -48.32
CA GLU D 485 -21.13 -44.69 -48.04
C GLU D 485 -21.29 -44.95 -46.54
N GLU D 486 -22.18 -45.89 -46.23
CA GLU D 486 -22.53 -46.24 -44.86
C GLU D 486 -23.13 -47.65 -44.84
N ILE D 487 -22.26 -48.66 -44.76
CA ILE D 487 -22.69 -50.06 -44.79
C ILE D 487 -23.13 -50.46 -43.39
N ALA D 488 -24.28 -51.14 -43.28
CA ALA D 488 -24.75 -51.72 -42.02
C ALA D 488 -24.17 -53.10 -41.79
N LEU D 489 -23.16 -53.19 -40.93
CA LEU D 489 -22.47 -54.47 -40.61
C LEU D 489 -23.31 -55.44 -39.77
N THR D 490 -24.14 -54.90 -38.89
CA THR D 490 -25.05 -55.71 -38.06
C THR D 490 -26.46 -55.11 -38.10
N SER D 491 -27.46 -55.98 -37.93
CA SER D 491 -28.87 -55.57 -37.94
C SER D 491 -29.72 -56.57 -37.17
N GLY D 492 -30.90 -56.11 -36.76
CA GLY D 492 -31.86 -56.92 -36.04
C GLY D 492 -32.40 -56.21 -34.80
N GLU D 493 -33.34 -56.89 -34.13
CA GLU D 493 -33.95 -56.39 -32.89
C GLU D 493 -33.10 -56.84 -31.68
N TRP D 494 -31.85 -56.42 -31.67
CA TRP D 494 -30.86 -56.80 -30.66
C TRP D 494 -29.72 -55.80 -30.72
N GLU D 495 -28.98 -55.65 -29.64
CA GLU D 495 -27.94 -54.61 -29.60
C GLU D 495 -26.49 -55.07 -29.37
N VAL D 496 -25.61 -54.40 -30.11
CA VAL D 496 -24.15 -54.49 -29.95
C VAL D 496 -23.80 -53.59 -28.79
N LEU D 497 -23.00 -54.10 -27.84
CA LEU D 497 -22.66 -53.35 -26.63
C LEU D 497 -21.61 -52.32 -26.95
N ALA D 498 -21.89 -51.05 -26.66
CA ALA D 498 -20.91 -49.99 -26.86
C ALA D 498 -20.69 -49.09 -25.65
N ARG D 499 -21.40 -49.36 -24.56
CA ARG D 499 -21.27 -48.53 -23.36
C ARG D 499 -20.70 -49.40 -22.27
N HIS D 500 -20.27 -48.77 -21.19
CA HIS D 500 -19.73 -49.49 -20.02
C HIS D 500 -18.39 -50.13 -20.29
N GLY D 501 -17.66 -49.58 -21.25
CA GLY D 501 -16.36 -50.10 -21.61
C GLY D 501 -16.46 -51.35 -22.46
N SER D 502 -17.65 -51.57 -23.04
CA SER D 502 -17.81 -52.60 -24.03
C SER D 502 -17.13 -51.96 -25.21
N LYS D 503 -16.57 -52.76 -26.07
CA LYS D 503 -15.82 -52.23 -27.18
C LYS D 503 -15.66 -53.24 -28.27
N ILE D 504 -14.95 -52.84 -29.31
CA ILE D 504 -14.63 -53.74 -30.40
C ILE D 504 -13.12 -53.92 -30.50
N TRP D 505 -12.75 -55.01 -31.16
CA TRP D 505 -11.39 -55.28 -31.51
C TRP D 505 -11.42 -55.54 -32.99
N VAL D 506 -10.62 -54.76 -33.72
CA VAL D 506 -10.62 -54.77 -35.16
C VAL D 506 -9.29 -55.36 -35.63
N ASN D 507 -9.34 -56.51 -36.29
CA ASN D 507 -8.16 -57.13 -36.91
C ASN D 507 -8.13 -56.66 -38.35
N GLU D 508 -7.08 -55.91 -38.69
CA GLU D 508 -6.92 -55.33 -40.04
C GLU D 508 -6.33 -56.29 -41.08
N GLU D 509 -5.54 -57.27 -40.62
CA GLU D 509 -5.02 -58.31 -41.49
C GLU D 509 -6.19 -59.08 -42.09
N THR D 510 -7.05 -59.61 -41.22
CA THR D 510 -8.17 -60.48 -41.61
C THR D 510 -9.47 -59.78 -42.03
N LYS D 511 -9.52 -58.45 -41.85
CA LYS D 511 -10.69 -57.62 -42.12
C LYS D 511 -11.93 -58.08 -41.32
N LEU D 512 -11.70 -58.39 -40.05
CA LEU D 512 -12.75 -58.84 -39.14
C LEU D 512 -12.87 -57.85 -38.00
N VAL D 513 -14.10 -57.65 -37.54
CA VAL D 513 -14.36 -56.85 -36.36
C VAL D 513 -15.02 -57.74 -35.31
N TYR D 514 -14.39 -57.82 -34.15
CA TYR D 514 -14.83 -58.65 -33.05
C TYR D 514 -15.61 -57.78 -32.08
N PHE D 515 -16.81 -58.22 -31.72
CA PHE D 515 -17.69 -57.41 -30.86
C PHE D 515 -18.57 -58.25 -29.92
N GLN D 516 -19.04 -57.61 -28.88
CA GLN D 516 -19.83 -58.24 -27.85
C GLN D 516 -21.29 -57.87 -28.14
N GLY D 517 -22.23 -58.77 -27.84
CA GLY D 517 -23.63 -58.48 -28.15
C GLY D 517 -24.70 -59.37 -27.54
N THR D 518 -25.95 -59.01 -27.82
CA THR D 518 -27.15 -59.70 -27.33
C THR D 518 -27.92 -60.53 -28.40
N LYS D 519 -27.34 -60.70 -29.58
CA LYS D 519 -28.00 -61.36 -30.74
C LYS D 519 -28.77 -62.62 -30.38
N ASP D 520 -28.18 -63.47 -29.56
CA ASP D 520 -28.84 -64.69 -29.13
C ASP D 520 -29.97 -64.42 -28.16
N THR D 521 -29.76 -63.52 -27.21
CA THR D 521 -30.80 -63.17 -26.25
C THR D 521 -30.37 -61.92 -25.47
N PRO D 522 -31.34 -61.09 -25.02
CA PRO D 522 -31.00 -59.95 -24.15
C PRO D 522 -30.56 -60.35 -22.75
N LEU D 523 -30.89 -61.59 -22.35
CA LEU D 523 -30.42 -62.16 -21.09
C LEU D 523 -28.94 -62.54 -21.06
N GLU D 524 -28.24 -62.53 -22.21
CA GLU D 524 -26.88 -63.06 -22.29
C GLU D 524 -25.98 -62.24 -23.20
N HIS D 525 -24.86 -61.77 -22.64
CA HIS D 525 -23.84 -61.05 -23.40
C HIS D 525 -22.90 -62.04 -24.08
N HIS D 526 -22.86 -62.06 -25.41
CA HIS D 526 -22.02 -62.99 -26.16
C HIS D 526 -21.05 -62.32 -27.12
N LEU D 527 -19.91 -62.96 -27.31
CA LEU D 527 -18.88 -62.50 -28.25
C LEU D 527 -19.20 -62.97 -29.67
N TYR D 528 -19.13 -62.02 -30.62
CA TYR D 528 -19.33 -62.26 -32.07
C TYR D 528 -18.19 -61.72 -32.93
N VAL D 529 -18.09 -62.24 -34.15
CA VAL D 529 -17.16 -61.72 -35.16
C VAL D 529 -17.93 -61.48 -36.47
N VAL D 530 -17.48 -60.49 -37.24
CA VAL D 530 -18.05 -60.23 -38.56
C VAL D 530 -17.02 -59.49 -39.42
N SER D 531 -17.02 -59.78 -40.73
CA SER D 531 -16.10 -59.12 -41.66
C SER D 531 -16.58 -57.72 -41.88
N TYR D 532 -15.68 -56.75 -41.83
CA TYR D 532 -16.05 -55.37 -42.19
C TYR D 532 -15.92 -55.04 -43.69
N GLU D 533 -15.33 -55.94 -44.48
CA GLU D 533 -15.39 -55.84 -45.95
C GLU D 533 -16.84 -56.03 -46.34
N ALA D 534 -17.33 -57.23 -46.04
CA ALA D 534 -18.64 -57.71 -46.45
C ALA D 534 -19.46 -57.99 -45.21
N ALA D 535 -20.48 -57.15 -44.99
CA ALA D 535 -21.44 -57.36 -43.89
C ALA D 535 -22.23 -58.66 -44.11
N GLY D 536 -21.64 -59.77 -43.68
CA GLY D 536 -22.21 -61.09 -43.93
C GLY D 536 -22.51 -61.86 -42.67
N GLU D 537 -21.90 -63.05 -42.57
CA GLU D 537 -22.19 -64.00 -41.52
C GLU D 537 -21.54 -63.59 -40.20
N ILE D 538 -22.31 -63.72 -39.13
CA ILE D 538 -21.87 -63.39 -37.79
C ILE D 538 -21.67 -64.71 -37.07
N VAL D 539 -20.43 -65.01 -36.69
CA VAL D 539 -20.10 -66.20 -35.90
C VAL D 539 -20.04 -65.84 -34.41
N ARG D 540 -20.91 -66.47 -33.61
CA ARG D 540 -20.83 -66.41 -32.16
C ARG D 540 -19.65 -67.25 -31.69
N LEU D 541 -18.93 -66.75 -30.69
CA LEU D 541 -17.72 -67.41 -30.18
C LEU D 541 -17.76 -67.88 -28.73
N THR D 542 -18.82 -67.52 -28.01
CA THR D 542 -18.99 -67.86 -26.61
C THR D 542 -20.16 -68.87 -26.49
N THR D 543 -20.04 -69.83 -25.57
CA THR D 543 -21.01 -70.94 -25.51
C THR D 543 -22.27 -70.52 -24.80
N PRO D 544 -23.44 -70.73 -25.40
CA PRO D 544 -24.72 -70.28 -24.81
C PRO D 544 -25.05 -70.97 -23.48
N GLY D 545 -25.95 -70.33 -22.71
CA GLY D 545 -26.28 -70.76 -21.35
C GLY D 545 -25.63 -69.91 -20.26
N PHE D 546 -24.57 -69.19 -20.63
CA PHE D 546 -23.89 -68.25 -19.75
C PHE D 546 -23.87 -66.89 -20.42
N SER D 547 -23.47 -65.88 -19.63
CA SER D 547 -23.28 -64.50 -20.10
C SER D 547 -21.83 -64.15 -19.90
N HIS D 548 -21.21 -63.55 -20.93
CA HIS D 548 -19.75 -63.44 -21.02
C HIS D 548 -19.25 -61.99 -21.05
N SER D 549 -18.08 -61.78 -20.46
CA SER D 549 -17.38 -60.51 -20.49
C SER D 549 -15.97 -60.73 -21.01
N CYS D 550 -15.72 -60.35 -22.26
CA CYS D 550 -14.53 -60.82 -23.01
C CYS D 550 -13.49 -59.75 -23.29
N SER D 551 -12.32 -60.20 -23.71
CA SER D 551 -11.21 -59.33 -24.13
C SER D 551 -10.19 -60.09 -24.98
N MET D 552 -9.83 -59.53 -26.14
CA MET D 552 -9.00 -60.21 -27.15
C MET D 552 -7.51 -59.91 -26.95
N SER D 553 -6.68 -60.79 -27.50
CA SER D 553 -5.26 -60.52 -27.72
C SER D 553 -5.13 -59.52 -28.87
N GLN D 554 -4.23 -58.54 -28.72
CA GLN D 554 -3.83 -57.62 -29.82
C GLN D 554 -3.43 -58.37 -31.12
N ASN D 555 -2.83 -59.56 -30.95
CA ASN D 555 -2.49 -60.49 -32.05
C ASN D 555 -3.65 -61.47 -32.44
N PHE D 556 -4.85 -61.27 -31.90
CA PHE D 556 -6.09 -61.99 -32.27
C PHE D 556 -5.99 -63.52 -32.33
N ASP D 557 -5.20 -64.11 -31.42
CA ASP D 557 -4.99 -65.58 -31.34
C ASP D 557 -5.71 -66.23 -30.15
N MET D 558 -5.49 -65.66 -28.96
CA MET D 558 -6.14 -66.10 -27.71
C MET D 558 -7.16 -65.03 -27.30
N PHE D 559 -8.26 -65.43 -26.67
CA PHE D 559 -9.11 -64.48 -25.90
C PHE D 559 -9.56 -65.00 -24.53
N VAL D 560 -9.78 -64.07 -23.60
CA VAL D 560 -10.30 -64.35 -22.25
C VAL D 560 -11.82 -64.18 -22.24
N SER D 561 -12.51 -65.00 -21.45
CA SER D 561 -13.92 -64.71 -21.12
C SER D 561 -14.29 -64.96 -19.66
N HIS D 562 -14.60 -63.87 -18.96
CA HIS D 562 -15.17 -63.90 -17.61
C HIS D 562 -16.67 -64.08 -17.74
N TYR D 563 -17.18 -65.26 -17.37
CA TYR D 563 -18.60 -65.59 -17.56
C TYR D 563 -19.18 -66.26 -16.36
N SER D 564 -20.51 -66.34 -16.37
CA SER D 564 -21.30 -66.83 -15.24
C SER D 564 -22.73 -67.09 -15.71
N SER D 565 -23.59 -67.58 -14.80
CA SER D 565 -25.03 -67.78 -15.08
C SER D 565 -25.85 -67.58 -13.82
N VAL D 566 -27.18 -67.56 -13.99
CA VAL D 566 -28.11 -67.36 -12.87
C VAL D 566 -27.98 -68.45 -11.81
N SER D 567 -27.67 -69.67 -12.24
CA SER D 567 -27.52 -70.83 -11.35
C SER D 567 -26.07 -71.24 -11.04
N THR D 568 -25.14 -71.01 -11.97
CA THR D 568 -23.73 -71.36 -11.73
C THR D 568 -22.89 -70.11 -11.43
N PRO D 569 -21.92 -70.20 -10.49
CA PRO D 569 -21.04 -69.04 -10.19
C PRO D 569 -20.14 -68.59 -11.37
N PRO D 570 -19.20 -67.63 -11.13
CA PRO D 570 -18.35 -67.14 -12.24
C PRO D 570 -17.00 -67.85 -12.49
N CYS D 571 -16.73 -68.13 -13.77
CA CYS D 571 -15.46 -68.65 -14.26
C CYS D 571 -14.74 -67.60 -15.11
N VAL D 572 -13.42 -67.74 -15.23
CA VAL D 572 -12.62 -66.97 -16.20
C VAL D 572 -11.75 -67.96 -17.00
N HIS D 573 -12.18 -68.24 -18.23
CA HIS D 573 -11.51 -69.19 -19.11
C HIS D 573 -10.80 -68.47 -20.26
N VAL D 574 -9.75 -69.12 -20.77
CA VAL D 574 -8.89 -68.59 -21.82
C VAL D 574 -9.04 -69.50 -23.04
N TYR D 575 -9.49 -68.92 -24.16
CA TYR D 575 -9.81 -69.66 -25.38
C TYR D 575 -8.84 -69.28 -26.50
N LYS D 576 -8.44 -70.28 -27.28
CA LYS D 576 -7.53 -70.10 -28.40
C LYS D 576 -8.28 -70.31 -29.70
N LEU D 577 -8.18 -69.34 -30.60
CA LEU D 577 -8.76 -69.44 -31.95
C LEU D 577 -7.86 -70.30 -32.85
N SER D 578 -8.34 -71.49 -33.18
CA SER D 578 -7.64 -72.45 -34.03
C SER D 578 -8.47 -72.76 -35.27
N GLY D 579 -7.80 -72.82 -36.42
CA GLY D 579 -8.45 -73.13 -37.70
C GLY D 579 -7.62 -72.77 -38.91
N PRO D 580 -8.05 -73.22 -40.11
CA PRO D 580 -7.41 -72.81 -41.37
C PRO D 580 -7.29 -71.30 -41.48
N ASP D 581 -6.10 -70.80 -41.76
CA ASP D 581 -5.85 -69.35 -41.84
C ASP D 581 -6.45 -68.69 -43.11
N ASP D 582 -6.80 -69.49 -44.12
CA ASP D 582 -7.52 -68.97 -45.30
C ASP D 582 -9.01 -68.61 -45.03
N ASP D 583 -9.60 -69.17 -43.98
CA ASP D 583 -11.01 -68.89 -43.63
C ASP D 583 -11.10 -68.29 -42.21
N PRO D 584 -10.67 -67.03 -42.05
CA PRO D 584 -10.42 -66.50 -40.70
C PRO D 584 -11.68 -66.27 -39.85
N LEU D 585 -12.83 -66.09 -40.49
CA LEU D 585 -14.10 -65.93 -39.78
C LEU D 585 -14.48 -67.15 -38.95
N HIS D 586 -14.10 -68.34 -39.40
CA HIS D 586 -14.57 -69.60 -38.80
C HIS D 586 -13.48 -70.36 -38.00
N LYS D 587 -12.54 -69.63 -37.41
CA LYS D 587 -11.59 -70.24 -36.48
C LYS D 587 -12.33 -70.57 -35.19
N GLN D 588 -12.33 -71.84 -34.79
CA GLN D 588 -13.11 -72.27 -33.63
C GLN D 588 -12.42 -71.92 -32.31
N PRO D 589 -13.21 -71.45 -31.31
CA PRO D 589 -12.64 -71.17 -30.00
C PRO D 589 -12.45 -72.45 -29.20
N ARG D 590 -11.20 -72.88 -29.05
CA ARG D 590 -10.85 -74.03 -28.23
C ARG D 590 -10.56 -73.57 -26.81
N PHE D 591 -11.18 -74.22 -25.82
CA PHE D 591 -10.79 -74.03 -24.41
C PHE D 591 -9.29 -74.31 -24.27
N TRP D 592 -8.50 -73.29 -23.96
CA TRP D 592 -7.06 -73.48 -23.72
C TRP D 592 -6.81 -73.72 -22.23
N ALA D 593 -7.15 -72.74 -21.41
CA ALA D 593 -6.93 -72.83 -19.96
C ALA D 593 -8.02 -72.17 -19.14
N SER D 594 -8.04 -72.55 -17.86
CA SER D 594 -8.90 -71.93 -16.85
C SER D 594 -8.05 -71.01 -15.96
N MET D 595 -8.70 -70.02 -15.37
CA MET D 595 -8.06 -69.06 -14.44
C MET D 595 -8.76 -68.91 -13.11
N MET D 596 -10.09 -68.94 -13.12
CA MET D 596 -10.89 -68.99 -11.92
C MET D 596 -11.94 -70.06 -12.16
N GLU D 597 -12.47 -70.62 -11.08
CA GLU D 597 -13.38 -71.76 -11.20
C GLU D 597 -14.38 -71.84 -10.04
N ALA D 598 -15.60 -71.38 -10.30
CA ALA D 598 -16.78 -71.63 -9.42
C ALA D 598 -16.66 -71.00 -8.02
N ALA D 599 -17.54 -71.43 -7.10
CA ALA D 599 -17.44 -71.15 -5.65
C ALA D 599 -18.63 -71.80 -4.90
N ASP D 604 -26.48 -71.03 2.76
CA ASP D 604 -26.52 -71.65 1.45
C ASP D 604 -27.47 -70.90 0.51
N TYR D 605 -27.08 -70.84 -0.77
CA TYR D 605 -27.70 -69.99 -1.81
C TYR D 605 -28.50 -70.81 -2.84
N VAL D 606 -29.82 -70.59 -2.87
CA VAL D 606 -30.67 -71.08 -3.97
C VAL D 606 -30.89 -69.96 -5.00
N PRO D 607 -30.41 -70.17 -6.26
CA PRO D 607 -30.55 -69.04 -7.21
C PRO D 607 -31.95 -68.70 -7.67
N PRO D 608 -32.11 -67.49 -8.25
CA PRO D 608 -33.44 -67.15 -8.68
C PRO D 608 -33.78 -67.82 -9.99
N GLU D 609 -35.02 -67.66 -10.40
CA GLU D 609 -35.49 -68.25 -11.64
C GLU D 609 -35.96 -67.15 -12.57
N ILE D 610 -35.41 -67.10 -13.78
CA ILE D 610 -35.82 -66.09 -14.74
C ILE D 610 -37.09 -66.57 -15.42
N PHE D 611 -38.03 -65.65 -15.58
CA PHE D 611 -39.29 -65.89 -16.27
C PHE D 611 -39.59 -64.69 -17.15
N HIS D 612 -40.69 -64.75 -17.90
CA HIS D 612 -41.10 -63.61 -18.69
C HIS D 612 -42.58 -63.64 -18.93
N PHE D 613 -43.13 -62.46 -19.16
CA PHE D 613 -44.56 -62.29 -19.39
C PHE D 613 -44.78 -61.14 -20.36
N HIS D 614 -46.03 -60.97 -20.75
CA HIS D 614 -46.44 -59.91 -21.68
C HIS D 614 -47.40 -58.93 -20.99
N THR D 615 -47.33 -57.67 -21.40
CA THR D 615 -48.22 -56.62 -20.88
C THR D 615 -49.53 -56.60 -21.66
N ARG D 616 -50.53 -55.95 -21.07
CA ARG D 616 -51.80 -55.65 -21.77
C ARG D 616 -51.55 -54.89 -23.08
N SER D 617 -50.50 -54.07 -23.12
CA SER D 617 -50.05 -53.38 -24.36
C SER D 617 -49.07 -54.18 -25.26
N ASP D 618 -49.03 -55.50 -25.07
CA ASP D 618 -48.41 -56.47 -26.02
C ASP D 618 -46.88 -56.48 -26.05
N VAL D 619 -46.22 -56.17 -24.93
CA VAL D 619 -44.73 -56.09 -24.88
C VAL D 619 -44.13 -57.07 -23.88
N ARG D 620 -43.07 -57.77 -24.29
CA ARG D 620 -42.41 -58.77 -23.44
C ARG D 620 -41.58 -58.12 -22.34
N LEU D 621 -41.81 -58.53 -21.10
CA LEU D 621 -41.02 -58.09 -19.96
C LEU D 621 -40.42 -59.30 -19.29
N TYR D 622 -39.14 -59.21 -18.94
CA TYR D 622 -38.46 -60.27 -18.20
C TYR D 622 -38.46 -59.92 -16.72
N GLY D 623 -38.37 -60.95 -15.88
CA GLY D 623 -38.37 -60.76 -14.44
C GLY D 623 -37.65 -61.88 -13.78
N MET D 624 -37.39 -61.72 -12.49
CA MET D 624 -36.76 -62.77 -11.68
C MET D 624 -37.58 -63.03 -10.45
N ILE D 625 -37.34 -64.19 -9.84
CA ILE D 625 -38.00 -64.54 -8.61
C ILE D 625 -37.09 -65.40 -7.75
N TYR D 626 -37.10 -65.12 -6.45
CA TYR D 626 -36.39 -65.92 -5.47
C TYR D 626 -37.45 -66.69 -4.72
N LYS D 627 -37.46 -68.01 -4.89
CA LYS D 627 -38.45 -68.83 -4.23
C LYS D 627 -38.14 -68.93 -2.75
N PRO D 628 -39.21 -68.76 -1.91
CA PRO D 628 -39.02 -68.99 -0.49
C PRO D 628 -38.37 -70.36 -0.23
N HIS D 629 -37.36 -70.40 0.62
CA HIS D 629 -36.58 -71.61 0.81
C HIS D 629 -37.42 -72.60 1.59
N ALA D 630 -37.31 -73.88 1.21
CA ALA D 630 -38.14 -74.94 1.79
C ALA D 630 -39.64 -74.59 1.66
N LEU D 631 -40.07 -74.41 0.42
CA LEU D 631 -41.43 -73.96 0.11
C LEU D 631 -42.43 -75.09 0.30
N GLN D 632 -43.50 -74.80 1.05
CA GLN D 632 -44.69 -75.68 1.16
C GLN D 632 -45.79 -75.19 0.19
N PRO D 633 -46.01 -75.89 -0.95
CA PRO D 633 -47.12 -75.48 -1.82
C PRO D 633 -48.44 -75.43 -1.06
N GLY D 634 -49.22 -74.39 -1.33
CA GLY D 634 -50.44 -74.08 -0.58
C GLY D 634 -50.31 -72.89 0.36
N LYS D 635 -49.08 -72.58 0.77
CA LYS D 635 -48.81 -71.42 1.61
C LYS D 635 -48.64 -70.20 0.73
N LYS D 636 -49.08 -69.06 1.22
CA LYS D 636 -48.84 -67.78 0.56
C LYS D 636 -47.87 -66.97 1.42
N HIS D 637 -46.85 -66.40 0.79
CA HIS D 637 -45.73 -65.76 1.47
C HIS D 637 -45.75 -64.25 1.33
N PRO D 638 -45.16 -63.52 2.31
CA PRO D 638 -45.04 -62.08 2.18
C PRO D 638 -43.96 -61.74 1.14
N THR D 639 -44.22 -60.74 0.31
CA THR D 639 -43.43 -60.55 -0.88
C THR D 639 -42.71 -59.21 -0.84
N VAL D 640 -41.44 -59.22 -1.25
CA VAL D 640 -40.63 -58.01 -1.36
C VAL D 640 -40.32 -57.84 -2.84
N LEU D 641 -40.86 -56.78 -3.42
CA LEU D 641 -40.58 -56.42 -4.79
C LEU D 641 -39.31 -55.58 -4.81
N PHE D 642 -38.23 -56.12 -5.37
CA PHE D 642 -36.98 -55.37 -5.45
C PHE D 642 -36.97 -54.53 -6.70
N VAL D 643 -36.43 -53.33 -6.59
CA VAL D 643 -36.52 -52.38 -7.69
C VAL D 643 -35.32 -51.50 -7.98
N TYR D 644 -35.41 -50.98 -9.20
CA TYR D 644 -34.62 -49.91 -9.72
C TYR D 644 -35.47 -49.30 -10.83
N GLY D 645 -35.51 -49.98 -11.98
CA GLY D 645 -36.35 -49.61 -13.11
C GLY D 645 -36.20 -48.22 -13.70
N GLY D 646 -34.97 -47.85 -13.99
CA GLY D 646 -34.63 -46.54 -14.54
C GLY D 646 -33.55 -46.67 -15.58
N PRO D 647 -33.28 -45.61 -16.37
CA PRO D 647 -32.34 -45.76 -17.48
C PRO D 647 -30.95 -46.25 -17.06
N GLN D 648 -30.31 -46.97 -17.98
CA GLN D 648 -28.92 -47.41 -17.90
C GLN D 648 -28.73 -48.77 -17.17
N VAL D 649 -29.82 -49.43 -16.77
CA VAL D 649 -29.73 -50.66 -15.95
C VAL D 649 -30.64 -51.78 -16.50
N GLN D 650 -30.14 -53.02 -16.40
CA GLN D 650 -30.94 -54.24 -16.57
C GLN D 650 -30.52 -55.20 -15.45
N LEU D 651 -31.43 -55.45 -14.53
CA LEU D 651 -31.18 -56.34 -13.40
C LEU D 651 -31.38 -57.81 -13.77
N VAL D 652 -32.42 -58.09 -14.57
CA VAL D 652 -32.74 -59.45 -15.00
C VAL D 652 -31.97 -59.81 -16.26
N ASN D 653 -30.99 -60.69 -16.06
CA ASN D 653 -30.26 -61.34 -17.13
C ASN D 653 -29.67 -62.62 -16.55
N ASN D 654 -29.04 -63.42 -17.39
CA ASN D 654 -28.52 -64.73 -17.00
C ASN D 654 -27.04 -64.66 -16.69
N SER D 655 -26.75 -64.05 -15.54
CA SER D 655 -25.44 -64.11 -14.89
C SER D 655 -25.68 -64.24 -13.38
N PHE D 656 -24.62 -64.63 -12.67
CA PHE D 656 -24.70 -64.98 -11.25
C PHE D 656 -25.01 -63.75 -10.42
N LYS D 657 -26.09 -63.83 -9.65
CA LYS D 657 -26.54 -62.68 -8.87
C LYS D 657 -26.15 -62.77 -7.39
N GLY D 658 -25.60 -63.92 -6.98
CA GLY D 658 -25.43 -64.24 -5.55
C GLY D 658 -24.42 -63.45 -4.75
N ILE D 659 -23.73 -62.49 -5.38
CA ILE D 659 -22.68 -61.69 -4.73
C ILE D 659 -23.24 -60.32 -4.32
N LYS D 660 -23.67 -59.55 -5.31
CA LYS D 660 -24.24 -58.21 -5.08
C LYS D 660 -25.66 -58.25 -4.49
N TYR D 661 -26.40 -59.32 -4.79
CA TYR D 661 -27.77 -59.51 -4.27
C TYR D 661 -27.86 -60.73 -3.35
N LEU D 662 -26.81 -60.95 -2.55
CA LEU D 662 -26.80 -61.92 -1.46
C LEU D 662 -27.95 -61.63 -0.49
N ARG D 663 -28.09 -60.34 -0.18
CA ARG D 663 -29.22 -59.75 0.55
C ARG D 663 -30.57 -60.38 0.16
N LEU D 664 -30.82 -60.54 -1.14
CA LEU D 664 -32.10 -61.07 -1.64
C LEU D 664 -32.28 -62.55 -1.36
N ASN D 665 -31.20 -63.30 -1.47
CA ASN D 665 -31.21 -64.69 -1.04
C ASN D 665 -31.44 -64.81 0.49
N THR D 666 -30.87 -63.91 1.29
CA THR D 666 -31.11 -63.90 2.75
C THR D 666 -32.59 -63.70 3.02
N LEU D 667 -33.15 -62.66 2.39
CA LEU D 667 -34.59 -62.45 2.41
C LEU D 667 -35.29 -63.77 2.11
N ALA D 668 -34.95 -64.38 0.98
CA ALA D 668 -35.59 -65.63 0.55
C ALA D 668 -35.48 -66.72 1.61
N SER D 669 -34.28 -66.91 2.16
CA SER D 669 -34.03 -67.94 3.17
C SER D 669 -34.95 -67.85 4.40
N LEU D 670 -35.37 -66.64 4.77
CA LEU D 670 -36.29 -66.42 5.89
C LEU D 670 -37.75 -66.58 5.54
N GLY D 671 -38.09 -66.71 4.26
CA GLY D 671 -39.47 -66.93 3.81
C GLY D 671 -40.12 -65.84 2.98
N TYR D 672 -39.37 -64.78 2.68
CA TYR D 672 -39.86 -63.72 1.82
C TYR D 672 -39.79 -64.18 0.37
N ALA D 673 -40.81 -63.85 -0.42
CA ALA D 673 -40.72 -64.01 -1.89
C ALA D 673 -40.13 -62.73 -2.40
N VAL D 674 -39.07 -62.81 -3.19
CA VAL D 674 -38.41 -61.62 -3.72
C VAL D 674 -38.56 -61.64 -5.23
N VAL D 675 -39.08 -60.55 -5.78
CA VAL D 675 -39.39 -60.48 -7.19
C VAL D 675 -38.73 -59.26 -7.80
N VAL D 676 -38.06 -59.47 -8.93
CA VAL D 676 -37.40 -58.40 -9.68
C VAL D 676 -38.01 -58.36 -11.08
N ILE D 677 -38.23 -57.16 -11.58
CA ILE D 677 -38.89 -56.97 -12.85
C ILE D 677 -38.16 -55.87 -13.61
N ASP D 678 -37.67 -56.21 -14.80
CA ASP D 678 -37.17 -55.20 -15.71
C ASP D 678 -38.33 -54.62 -16.49
N GLY D 679 -38.92 -53.58 -15.91
CA GLY D 679 -39.97 -52.80 -16.56
C GLY D 679 -39.44 -51.98 -17.73
N ARG D 680 -40.36 -51.35 -18.45
CA ARG D 680 -40.01 -50.54 -19.61
C ARG D 680 -39.26 -49.30 -19.15
N GLY D 681 -38.19 -48.98 -19.87
CA GLY D 681 -37.23 -47.97 -19.41
C GLY D 681 -35.85 -48.56 -19.15
N SER D 682 -35.80 -49.83 -18.75
CA SER D 682 -34.55 -50.54 -18.45
C SER D 682 -33.68 -50.74 -19.70
N CYS D 683 -32.41 -51.05 -19.49
CA CYS D 683 -31.40 -51.13 -20.56
C CYS D 683 -31.54 -52.41 -21.44
N GLN D 684 -30.61 -52.55 -22.40
CA GLN D 684 -30.39 -53.78 -23.25
C GLN D 684 -31.53 -54.25 -24.16
N ARG D 685 -32.56 -53.40 -24.35
CA ARG D 685 -33.71 -53.71 -25.21
C ARG D 685 -33.93 -52.70 -26.33
N GLY D 686 -32.98 -51.78 -26.52
CA GLY D 686 -33.08 -50.77 -27.59
C GLY D 686 -33.72 -49.48 -27.13
N LEU D 687 -33.63 -48.47 -28.00
CA LEU D 687 -33.99 -47.09 -27.65
C LEU D 687 -35.46 -46.84 -27.30
N ARG D 688 -36.39 -47.53 -27.96
CA ARG D 688 -37.84 -47.28 -27.78
C ARG D 688 -38.34 -47.77 -26.43
N PHE D 689 -37.89 -48.96 -26.05
CA PHE D 689 -38.18 -49.58 -24.75
C PHE D 689 -37.74 -48.66 -23.61
N GLU D 690 -36.46 -48.28 -23.67
CA GLU D 690 -35.83 -47.29 -22.79
C GLU D 690 -36.61 -45.99 -22.83
N GLY D 691 -36.92 -45.54 -24.05
CA GLY D 691 -37.66 -44.32 -24.30
C GLY D 691 -39.08 -44.19 -23.77
N ALA D 692 -39.65 -45.29 -23.28
CA ALA D 692 -40.95 -45.29 -22.60
C ALA D 692 -41.10 -44.28 -21.44
N LEU D 693 -39.97 -43.87 -20.85
CA LEU D 693 -39.94 -42.90 -19.76
C LEU D 693 -39.84 -41.45 -20.17
N LYS D 694 -39.60 -41.18 -21.46
CA LYS D 694 -39.25 -39.84 -21.91
C LYS D 694 -40.22 -38.76 -21.36
N ASN D 695 -39.66 -37.83 -20.57
CA ASN D 695 -40.40 -36.72 -19.92
C ASN D 695 -41.51 -37.12 -18.95
N GLN D 696 -41.45 -38.35 -18.44
CA GLN D 696 -42.60 -38.99 -17.78
C GLN D 696 -42.13 -39.98 -16.69
N MET D 697 -41.14 -39.57 -15.89
CA MET D 697 -40.51 -40.48 -14.93
C MET D 697 -41.34 -40.67 -13.67
N GLY D 698 -41.22 -41.87 -13.11
CA GLY D 698 -42.09 -42.33 -12.01
C GLY D 698 -43.52 -42.76 -12.34
N GLN D 699 -43.92 -42.65 -13.61
CA GLN D 699 -45.32 -42.84 -14.01
C GLN D 699 -45.56 -44.20 -14.68
N VAL D 700 -44.77 -44.49 -15.72
CA VAL D 700 -44.90 -45.73 -16.48
C VAL D 700 -44.29 -46.95 -15.76
N GLU D 701 -43.39 -46.71 -14.80
CA GLU D 701 -42.56 -47.78 -14.21
C GLU D 701 -43.33 -48.72 -13.27
N ILE D 702 -44.10 -48.15 -12.35
CA ILE D 702 -44.86 -48.89 -11.34
C ILE D 702 -45.97 -49.81 -11.90
N GLU D 703 -46.56 -49.41 -13.03
CA GLU D 703 -47.62 -50.20 -13.68
C GLU D 703 -47.08 -51.54 -14.22
N ASP D 704 -45.92 -51.49 -14.87
CA ASP D 704 -45.19 -52.71 -15.26
C ASP D 704 -44.81 -53.57 -14.06
N GLN D 705 -44.39 -52.93 -12.98
CA GLN D 705 -44.03 -53.61 -11.73
C GLN D 705 -45.23 -54.34 -11.12
N VAL D 706 -46.38 -53.68 -11.12
CA VAL D 706 -47.62 -54.30 -10.64
C VAL D 706 -48.04 -55.50 -11.54
N GLU D 707 -47.97 -55.32 -12.87
CA GLU D 707 -48.28 -56.42 -13.81
C GLU D 707 -47.41 -57.67 -13.63
N GLY D 708 -46.10 -57.47 -13.48
CA GLY D 708 -45.18 -58.58 -13.19
C GLY D 708 -45.47 -59.25 -11.86
N LEU D 709 -45.84 -58.44 -10.87
CA LEU D 709 -46.20 -58.92 -9.55
C LEU D 709 -47.48 -59.80 -9.59
N GLN D 710 -48.51 -59.32 -10.28
CA GLN D 710 -49.73 -60.11 -10.54
C GLN D 710 -49.45 -61.40 -11.34
N PHE D 711 -48.60 -61.28 -12.37
CA PHE D 711 -48.21 -62.43 -13.16
C PHE D 711 -47.52 -63.48 -12.28
N VAL D 712 -46.64 -63.01 -11.42
CA VAL D 712 -45.88 -63.89 -10.53
C VAL D 712 -46.83 -64.63 -9.58
N ALA D 713 -47.85 -63.93 -9.10
CA ALA D 713 -48.88 -64.54 -8.27
C ALA D 713 -49.69 -65.60 -9.01
N GLU D 714 -49.90 -65.41 -10.32
CA GLU D 714 -50.65 -66.37 -11.13
C GLU D 714 -49.74 -67.55 -11.46
N LYS D 715 -48.56 -67.28 -12.03
CA LYS D 715 -47.66 -68.35 -12.48
C LYS D 715 -47.24 -69.24 -11.31
N TYR D 716 -46.65 -68.63 -10.30
CA TYR D 716 -46.19 -69.32 -9.10
C TYR D 716 -47.32 -69.31 -8.09
N GLY D 717 -47.29 -70.23 -7.15
CA GLY D 717 -48.41 -70.37 -6.21
C GLY D 717 -48.26 -69.74 -4.84
N PHE D 718 -47.16 -69.03 -4.60
CA PHE D 718 -46.78 -68.62 -3.24
C PHE D 718 -46.74 -67.14 -2.86
N ILE D 719 -47.21 -66.26 -3.72
CA ILE D 719 -47.20 -64.81 -3.41
C ILE D 719 -48.48 -64.45 -2.66
N ASP D 720 -48.34 -63.74 -1.53
CA ASP D 720 -49.48 -63.14 -0.85
C ASP D 720 -49.53 -61.66 -1.22
N LEU D 721 -50.43 -61.34 -2.15
CA LEU D 721 -50.58 -59.97 -2.66
C LEU D 721 -51.09 -58.95 -1.63
N SER D 722 -51.55 -59.40 -0.46
CA SER D 722 -51.92 -58.50 0.63
C SER D 722 -50.75 -58.12 1.54
N ARG D 723 -49.57 -58.72 1.32
CA ARG D 723 -48.35 -58.38 2.05
C ARG D 723 -47.18 -58.15 1.07
N VAL D 724 -47.16 -56.97 0.47
CA VAL D 724 -46.11 -56.67 -0.50
C VAL D 724 -45.30 -55.42 -0.10
N ALA D 725 -43.98 -55.56 -0.09
CA ALA D 725 -43.07 -54.50 0.26
C ALA D 725 -42.25 -54.11 -0.97
N ILE D 726 -42.23 -52.83 -1.29
CA ILE D 726 -41.47 -52.34 -2.42
C ILE D 726 -40.19 -51.74 -1.83
N HIS D 727 -39.04 -52.17 -2.33
CA HIS D 727 -37.76 -51.72 -1.81
C HIS D 727 -36.74 -51.58 -2.91
N GLY D 728 -35.98 -50.49 -2.86
CA GLY D 728 -34.93 -50.26 -3.84
C GLY D 728 -34.02 -49.14 -3.40
N TRP D 729 -32.89 -49.01 -4.08
CA TRP D 729 -31.94 -47.95 -3.81
C TRP D 729 -31.84 -47.02 -5.01
N SER D 730 -31.39 -45.79 -4.78
CA SER D 730 -31.18 -44.83 -5.86
C SER D 730 -32.48 -44.52 -6.68
N TYR D 731 -32.53 -44.81 -7.98
CA TYR D 731 -33.80 -44.78 -8.75
C TYR D 731 -34.85 -45.70 -8.11
N GLY D 732 -34.38 -46.80 -7.52
CA GLY D 732 -35.20 -47.75 -6.80
C GLY D 732 -35.95 -47.17 -5.62
N GLY D 733 -35.28 -46.33 -4.85
CA GLY D 733 -35.90 -45.65 -3.72
C GLY D 733 -36.91 -44.62 -4.20
N PHE D 734 -36.58 -43.95 -5.28
CA PHE D 734 -37.52 -43.06 -5.98
C PHE D 734 -38.78 -43.80 -6.41
N LEU D 735 -38.62 -44.97 -7.01
CA LEU D 735 -39.75 -45.81 -7.38
C LEU D 735 -40.50 -46.37 -6.18
N SER D 736 -39.76 -46.79 -5.17
CA SER D 736 -40.38 -47.28 -3.95
C SER D 736 -41.37 -46.27 -3.35
N LEU D 737 -41.03 -44.98 -3.45
CA LEU D 737 -41.90 -43.88 -3.00
C LEU D 737 -43.08 -43.60 -3.95
N MET D 738 -42.92 -43.80 -5.26
CA MET D 738 -44.05 -43.66 -6.21
C MET D 738 -45.00 -44.86 -6.14
N GLY D 739 -44.45 -46.04 -5.92
CA GLY D 739 -45.24 -47.22 -5.59
C GLY D 739 -46.21 -46.93 -4.47
N LEU D 740 -45.71 -46.36 -3.38
CA LEU D 740 -46.52 -46.09 -2.19
C LEU D 740 -47.47 -44.92 -2.37
N ILE D 741 -47.13 -43.98 -3.27
CA ILE D 741 -48.01 -42.89 -3.65
C ILE D 741 -49.14 -43.43 -4.53
N HIS D 742 -48.78 -43.95 -5.69
CA HIS D 742 -49.76 -44.33 -6.72
C HIS D 742 -50.51 -45.61 -6.40
N LYS D 743 -49.83 -46.58 -5.79
CA LYS D 743 -50.40 -47.91 -5.52
C LYS D 743 -50.33 -48.32 -4.03
N PRO D 744 -50.95 -47.53 -3.13
CA PRO D 744 -50.93 -47.85 -1.68
C PRO D 744 -51.74 -49.10 -1.29
N GLN D 745 -52.74 -49.47 -2.09
CA GLN D 745 -53.48 -50.71 -1.92
C GLN D 745 -52.66 -51.97 -2.31
N VAL D 746 -51.67 -51.81 -3.20
CA VAL D 746 -50.74 -52.89 -3.59
C VAL D 746 -49.60 -53.07 -2.57
N PHE D 747 -48.90 -51.97 -2.29
CA PHE D 747 -47.71 -51.96 -1.44
C PHE D 747 -47.99 -51.51 -0.01
N LYS D 748 -47.98 -52.49 0.90
CA LYS D 748 -48.14 -52.26 2.36
C LYS D 748 -47.07 -51.37 2.99
N VAL D 749 -45.81 -51.65 2.67
CA VAL D 749 -44.69 -50.85 3.18
C VAL D 749 -43.77 -50.48 2.03
N ALA D 750 -42.88 -49.51 2.31
CA ALA D 750 -41.83 -49.11 1.36
C ALA D 750 -40.55 -48.77 2.11
N ILE D 751 -39.43 -49.36 1.70
CA ILE D 751 -38.11 -48.93 2.17
C ILE D 751 -37.40 -48.24 1.00
N ALA D 752 -37.40 -46.91 1.03
CA ALA D 752 -36.76 -46.08 -0.01
C ALA D 752 -35.35 -45.70 0.39
N GLY D 753 -34.38 -46.03 -0.49
CA GLY D 753 -32.97 -45.67 -0.30
C GLY D 753 -32.45 -44.68 -1.36
N ALA D 754 -31.78 -43.64 -0.89
CA ALA D 754 -31.18 -42.59 -1.74
C ALA D 754 -32.04 -42.11 -2.92
N PRO D 755 -33.30 -41.72 -2.66
CA PRO D 755 -34.18 -41.30 -3.73
C PRO D 755 -33.87 -39.89 -4.21
N VAL D 756 -34.22 -39.63 -5.47
CA VAL D 756 -34.36 -38.28 -5.99
C VAL D 756 -35.82 -37.89 -5.74
N THR D 757 -36.02 -37.01 -4.76
CA THR D 757 -37.33 -36.47 -4.39
C THR D 757 -37.76 -35.22 -5.17
N VAL D 758 -36.81 -34.34 -5.46
CA VAL D 758 -37.01 -33.18 -6.31
C VAL D 758 -36.15 -33.34 -7.55
N TRP D 759 -36.78 -33.48 -8.73
CA TRP D 759 -36.02 -33.56 -10.00
C TRP D 759 -35.25 -32.29 -10.34
N MET D 760 -35.84 -31.13 -10.02
CA MET D 760 -35.16 -29.82 -10.15
C MET D 760 -33.85 -29.70 -9.39
N ALA D 761 -33.70 -30.41 -8.28
CA ALA D 761 -32.45 -30.43 -7.52
C ALA D 761 -31.39 -31.41 -8.04
N TYR D 762 -31.74 -32.25 -9.03
CA TYR D 762 -30.78 -33.15 -9.68
C TYR D 762 -30.10 -32.43 -10.87
N ASP D 763 -29.11 -33.07 -11.48
CA ASP D 763 -28.22 -32.38 -12.45
C ASP D 763 -28.73 -32.21 -13.92
N THR D 764 -27.97 -31.47 -14.72
CA THR D 764 -28.23 -31.29 -16.15
C THR D 764 -28.20 -32.57 -16.95
N GLY D 765 -27.01 -33.17 -17.04
CA GLY D 765 -26.74 -34.29 -17.94
C GLY D 765 -27.76 -35.41 -17.89
N TYR D 766 -28.09 -35.83 -16.68
CA TYR D 766 -29.04 -36.90 -16.45
C TYR D 766 -30.47 -36.44 -16.69
N THR D 767 -30.88 -35.44 -15.93
CA THR D 767 -32.28 -35.04 -15.90
C THR D 767 -32.75 -34.50 -17.26
N GLU D 768 -31.96 -33.59 -17.85
CA GLU D 768 -32.34 -32.94 -19.11
C GLU D 768 -32.52 -33.96 -20.23
N ARG D 769 -31.60 -34.91 -20.30
CA ARG D 769 -31.64 -36.03 -21.24
C ARG D 769 -32.94 -36.88 -21.21
N TYR D 770 -33.42 -37.23 -20.02
CA TYR D 770 -34.65 -38.06 -19.86
C TYR D 770 -35.94 -37.27 -19.60
N MET D 771 -35.82 -36.05 -19.06
CA MET D 771 -36.98 -35.23 -18.68
C MET D 771 -37.13 -33.89 -19.40
N ASP D 772 -36.15 -33.50 -20.22
CA ASP D 772 -36.07 -32.14 -20.80
C ASP D 772 -35.75 -31.09 -19.74
N VAL D 773 -35.61 -29.83 -20.17
CA VAL D 773 -35.39 -28.67 -19.29
C VAL D 773 -36.69 -28.36 -18.48
N PRO D 774 -36.59 -27.78 -17.25
CA PRO D 774 -37.81 -27.45 -16.47
C PRO D 774 -38.82 -26.52 -17.19
N GLU D 775 -38.31 -25.45 -17.81
CA GLU D 775 -39.08 -24.56 -18.70
C GLU D 775 -39.98 -25.28 -19.73
N ASN D 776 -39.53 -26.43 -20.23
CA ASN D 776 -40.25 -27.17 -21.27
C ASN D 776 -41.14 -28.32 -20.76
N ASN D 777 -41.04 -28.68 -19.48
CA ASN D 777 -41.79 -29.83 -18.95
C ASN D 777 -42.25 -29.63 -17.50
N GLN D 778 -43.08 -28.61 -17.28
CA GLN D 778 -43.59 -28.27 -15.94
C GLN D 778 -44.34 -29.46 -15.33
N HIS D 779 -45.17 -30.10 -16.15
CA HIS D 779 -46.02 -31.22 -15.73
C HIS D 779 -45.20 -32.47 -15.38
N GLY D 780 -44.27 -32.84 -16.25
CA GLY D 780 -43.45 -34.04 -16.05
C GLY D 780 -42.51 -33.96 -14.85
N TYR D 781 -41.92 -32.78 -14.64
CA TYR D 781 -41.07 -32.53 -13.48
C TYR D 781 -41.84 -32.64 -12.17
N GLU D 782 -43.03 -32.05 -12.12
CA GLU D 782 -43.86 -32.12 -10.92
C GLU D 782 -44.49 -33.48 -10.71
N ALA D 783 -44.95 -34.13 -11.77
CA ALA D 783 -45.58 -35.45 -11.67
C ALA D 783 -44.63 -36.52 -11.10
N GLY D 784 -43.35 -36.45 -11.47
CA GLY D 784 -42.31 -37.41 -11.03
C GLY D 784 -41.45 -37.00 -9.83
N SER D 785 -41.75 -35.87 -9.20
CA SER D 785 -41.07 -35.44 -7.99
C SER D 785 -41.88 -35.88 -6.79
N VAL D 786 -41.37 -36.85 -6.03
CA VAL D 786 -42.13 -37.43 -4.91
C VAL D 786 -42.41 -36.48 -3.75
N ALA D 787 -41.55 -35.48 -3.55
CA ALA D 787 -41.72 -34.52 -2.45
C ALA D 787 -42.91 -33.57 -2.66
N LEU D 788 -43.28 -33.33 -3.91
CA LEU D 788 -44.42 -32.48 -4.23
C LEU D 788 -45.77 -33.19 -4.14
N HIS D 789 -45.77 -34.52 -3.96
CA HIS D 789 -46.99 -35.30 -3.78
C HIS D 789 -47.00 -36.04 -2.45
N VAL D 790 -46.51 -35.37 -1.41
CA VAL D 790 -46.38 -35.96 -0.09
C VAL D 790 -47.73 -36.20 0.56
N GLU D 791 -48.71 -35.32 0.31
CA GLU D 791 -50.10 -35.50 0.79
C GLU D 791 -50.68 -36.90 0.47
N LYS D 792 -50.25 -37.50 -0.63
CA LYS D 792 -50.64 -38.86 -1.02
C LYS D 792 -49.92 -40.03 -0.29
N LEU D 793 -48.85 -39.75 0.46
CA LEU D 793 -48.20 -40.78 1.29
C LEU D 793 -49.06 -41.13 2.49
N PRO D 794 -48.89 -42.34 3.07
CA PRO D 794 -49.89 -42.83 4.03
C PRO D 794 -50.04 -42.02 5.33
N ASN D 795 -51.26 -41.99 5.86
CA ASN D 795 -51.55 -41.48 7.21
C ASN D 795 -51.19 -42.48 8.31
N GLU D 796 -50.94 -43.73 7.93
CA GLU D 796 -50.51 -44.74 8.85
C GLU D 796 -48.98 -44.70 9.01
N PRO D 797 -48.49 -44.80 10.26
CA PRO D 797 -47.04 -44.99 10.48
C PRO D 797 -46.60 -46.41 10.21
N ASN D 798 -45.29 -46.64 10.24
CA ASN D 798 -44.66 -47.94 9.96
C ASN D 798 -44.88 -48.51 8.54
N ARG D 799 -45.13 -47.61 7.59
CA ARG D 799 -45.35 -47.97 6.18
C ARG D 799 -44.29 -47.39 5.23
N LEU D 800 -43.37 -46.59 5.75
CA LEU D 800 -42.37 -45.88 4.94
C LEU D 800 -41.11 -45.72 5.78
N LEU D 801 -39.99 -46.25 5.26
CA LEU D 801 -38.69 -46.16 5.90
C LEU D 801 -37.74 -45.53 4.89
N ILE D 802 -37.12 -44.42 5.29
CA ILE D 802 -36.24 -43.64 4.41
C ILE D 802 -34.79 -43.91 4.81
N LEU D 803 -33.94 -44.20 3.84
CA LEU D 803 -32.53 -44.40 4.10
C LEU D 803 -31.77 -43.43 3.24
N HIS D 804 -30.73 -42.83 3.78
CA HIS D 804 -29.84 -41.98 2.99
C HIS D 804 -28.42 -41.91 3.58
N GLY D 805 -27.43 -41.80 2.69
CA GLY D 805 -26.03 -41.55 3.06
C GLY D 805 -25.82 -40.06 3.23
N PHE D 806 -25.13 -39.68 4.30
CA PHE D 806 -24.96 -38.26 4.66
C PHE D 806 -23.95 -37.56 3.77
N LEU D 807 -22.97 -38.30 3.29
CA LEU D 807 -21.92 -37.77 2.46
C LEU D 807 -22.24 -37.89 0.97
N ASP D 808 -23.45 -38.34 0.61
CA ASP D 808 -23.83 -38.58 -0.80
C ASP D 808 -23.71 -37.29 -1.61
N GLU D 809 -22.71 -37.24 -2.49
CA GLU D 809 -22.46 -36.08 -3.38
C GLU D 809 -23.13 -36.18 -4.77
N ASN D 810 -23.92 -37.22 -4.98
CA ASN D 810 -24.59 -37.47 -6.24
C ASN D 810 -26.04 -37.11 -6.02
N VAL D 811 -26.73 -37.92 -5.21
CA VAL D 811 -28.07 -37.62 -4.75
C VAL D 811 -27.87 -36.99 -3.38
N HIS D 812 -27.97 -35.67 -3.31
CA HIS D 812 -27.66 -34.96 -2.08
C HIS D 812 -28.64 -35.35 -0.98
N PHE D 813 -28.16 -35.37 0.26
CA PHE D 813 -29.00 -35.69 1.43
C PHE D 813 -30.23 -34.78 1.46
N PHE D 814 -30.06 -33.56 0.97
CA PHE D 814 -31.15 -32.63 0.70
C PHE D 814 -32.45 -33.32 0.25
N HIS D 815 -32.36 -34.26 -0.69
CA HIS D 815 -33.56 -34.90 -1.22
C HIS D 815 -34.39 -35.51 -0.11
N THR D 816 -33.73 -36.29 0.77
CA THR D 816 -34.36 -36.83 1.99
C THR D 816 -34.71 -35.71 2.95
N ASN D 817 -33.80 -34.76 3.12
CA ASN D 817 -34.02 -33.59 3.97
C ASN D 817 -35.25 -32.76 3.56
N PHE D 818 -35.49 -32.68 2.25
CA PHE D 818 -36.63 -31.96 1.68
C PHE D 818 -37.92 -32.81 1.74
N LEU D 819 -37.80 -34.11 1.53
CA LEU D 819 -38.94 -35.00 1.72
C LEU D 819 -39.42 -34.98 3.18
N VAL D 820 -38.50 -34.96 4.15
CA VAL D 820 -38.89 -34.99 5.57
C VAL D 820 -39.62 -33.70 5.91
N SER D 821 -39.10 -32.57 5.42
CA SER D 821 -39.67 -31.27 5.73
C SER D 821 -41.10 -31.20 5.19
N GLN D 822 -41.28 -31.71 3.97
CA GLN D 822 -42.61 -31.86 3.36
C GLN D 822 -43.56 -32.84 4.09
N LEU D 823 -43.05 -34.02 4.46
CA LEU D 823 -43.78 -34.98 5.33
C LEU D 823 -44.25 -34.37 6.65
N ILE D 824 -43.41 -33.53 7.25
CA ILE D 824 -43.75 -32.79 8.47
C ILE D 824 -44.86 -31.76 8.25
N ARG D 825 -44.78 -31.01 7.15
CA ARG D 825 -45.82 -30.01 6.83
C ARG D 825 -47.17 -30.68 6.53
N ALA D 826 -47.14 -31.83 5.87
CA ALA D 826 -48.35 -32.64 5.57
C ALA D 826 -48.81 -33.53 6.72
N GLY D 827 -48.10 -33.51 7.86
CA GLY D 827 -48.43 -34.30 9.05
C GLY D 827 -48.26 -35.80 8.91
N LYS D 828 -47.38 -36.24 8.01
CA LYS D 828 -47.19 -37.66 7.72
C LYS D 828 -46.10 -38.28 8.59
N PRO D 829 -46.32 -39.53 9.03
CA PRO D 829 -45.29 -40.24 9.78
C PRO D 829 -44.18 -40.75 8.86
N TYR D 830 -43.03 -41.00 9.44
CA TYR D 830 -41.89 -41.55 8.71
C TYR D 830 -40.88 -42.16 9.69
N GLN D 831 -40.14 -43.15 9.23
CA GLN D 831 -38.92 -43.60 9.91
C GLN D 831 -37.73 -43.27 9.02
N LEU D 832 -36.64 -42.80 9.62
CA LEU D 832 -35.43 -42.40 8.89
C LEU D 832 -34.19 -43.07 9.47
N GLN D 833 -33.27 -43.46 8.58
CA GLN D 833 -31.96 -43.98 8.96
C GLN D 833 -30.86 -43.28 8.14
N ILE D 834 -29.91 -42.68 8.82
CA ILE D 834 -28.76 -42.02 8.19
C ILE D 834 -27.52 -42.94 8.18
N TYR D 835 -26.69 -42.80 7.15
CA TYR D 835 -25.36 -43.39 7.15
C TYR D 835 -24.41 -42.20 7.13
N PRO D 836 -23.82 -41.86 8.29
CA PRO D 836 -22.96 -40.68 8.40
C PRO D 836 -21.66 -40.74 7.61
N ASN D 837 -21.14 -41.94 7.38
CA ASN D 837 -19.84 -42.14 6.72
C ASN D 837 -19.95 -42.72 5.30
N GLU D 838 -21.15 -42.72 4.70
CA GLU D 838 -21.37 -43.31 3.38
C GLU D 838 -21.97 -42.32 2.39
N ARG D 839 -21.46 -42.32 1.16
CA ARG D 839 -21.98 -41.49 0.09
C ARG D 839 -23.17 -42.24 -0.58
N HIS D 840 -23.17 -42.45 -1.89
CA HIS D 840 -24.33 -43.03 -2.59
C HIS D 840 -24.48 -44.56 -2.48
N SER D 841 -23.36 -45.27 -2.44
CA SER D 841 -23.32 -46.71 -2.18
C SER D 841 -23.13 -46.93 -0.69
N ILE D 842 -23.07 -48.17 -0.23
CA ILE D 842 -22.66 -48.45 1.15
C ILE D 842 -21.37 -49.29 1.15
N ARG D 843 -20.24 -48.63 1.34
CA ARG D 843 -18.92 -49.26 1.23
C ARG D 843 -18.62 -50.15 2.44
N CYS D 844 -18.52 -49.54 3.63
CA CYS D 844 -18.04 -50.19 4.88
C CYS D 844 -19.04 -51.25 5.39
N PRO D 845 -18.53 -52.47 5.71
CA PRO D 845 -19.43 -53.58 6.02
C PRO D 845 -20.36 -53.35 7.21
N GLU D 846 -19.84 -52.76 8.29
CA GLU D 846 -20.61 -52.49 9.52
C GLU D 846 -21.91 -51.75 9.25
N SER D 847 -21.83 -50.73 8.38
CA SER D 847 -23.01 -50.08 7.83
C SER D 847 -23.84 -51.12 7.09
N GLY D 848 -23.27 -51.71 6.02
CA GLY D 848 -23.95 -52.73 5.22
C GLY D 848 -24.76 -53.73 6.03
N GLU D 849 -24.14 -54.24 7.10
CA GLU D 849 -24.79 -55.22 7.98
C GLU D 849 -25.94 -54.58 8.73
N HIS D 850 -25.69 -53.42 9.32
CA HIS D 850 -26.73 -52.67 10.01
C HIS D 850 -27.93 -52.41 9.11
N TYR D 851 -27.64 -51.99 7.88
CA TYR D 851 -28.67 -51.72 6.85
C TYR D 851 -29.55 -52.96 6.63
N GLU D 852 -28.91 -54.11 6.45
CA GLU D 852 -29.65 -55.36 6.26
C GLU D 852 -30.44 -55.80 7.50
N VAL D 853 -29.93 -55.51 8.69
CA VAL D 853 -30.61 -55.88 9.94
C VAL D 853 -31.87 -55.04 10.15
N THR D 854 -31.80 -53.74 9.88
CA THR D 854 -32.97 -52.86 9.97
C THR D 854 -34.02 -53.21 8.90
N LEU D 855 -33.56 -53.71 7.76
CA LEU D 855 -34.47 -54.13 6.68
C LEU D 855 -35.27 -55.36 7.12
N LEU D 856 -34.57 -56.38 7.63
CA LEU D 856 -35.22 -57.63 8.10
C LEU D 856 -36.14 -57.40 9.29
N HIS D 857 -35.72 -56.56 10.21
CA HIS D 857 -36.55 -56.13 11.32
C HIS D 857 -37.79 -55.35 10.84
N PHE D 858 -37.58 -54.38 9.95
CA PHE D 858 -38.69 -53.57 9.45
C PHE D 858 -39.79 -54.41 8.77
N LEU D 859 -39.39 -55.40 7.96
CA LEU D 859 -40.35 -56.32 7.27
C LEU D 859 -41.03 -57.30 8.23
N GLN D 860 -40.27 -57.76 9.23
CA GLN D 860 -40.76 -58.66 10.27
C GLN D 860 -41.92 -58.06 11.08
N GLU D 861 -41.69 -56.87 11.62
CA GLU D 861 -42.69 -56.21 12.46
C GLU D 861 -43.86 -55.65 11.65
N TYR D 862 -43.59 -55.11 10.46
CA TYR D 862 -44.54 -54.25 9.73
C TYR D 862 -45.10 -54.76 8.39
N LEU D 863 -44.71 -55.94 7.94
CA LEU D 863 -45.33 -56.57 6.77
C LEU D 863 -46.03 -57.87 7.16
#